data_7VB7
#
_entry.id   7VB7
#
_cell.length_a   1.00
_cell.length_b   1.00
_cell.length_c   1.00
_cell.angle_alpha   90.00
_cell.angle_beta   90.00
_cell.angle_gamma   90.00
#
_symmetry.space_group_name_H-M   'P 1'
#
loop_
_entity.id
_entity.type
_entity.pdbx_description
1 polymer 'NADH dehydrogenase [ubiquinone] flavoprotein 1, mitochondrial'
2 polymer 'NADH dehydrogenase [ubiquinone] iron-sulfur protein 8, mitochondrial'
3 polymer 'NADH dehydrogenase [ubiquinone] iron-sulfur protein 7, mitochondrial'
4 polymer 'NADH dehydrogenase [ubiquinone] 1 alpha subcomplex subunit 6'
5 polymer 'NADH dehydrogenase [ubiquinone] 1 alpha subcomplex subunit 2'
6 polymer 'Acyl carrier protein, mitochondrial'
7 polymer 'NADH dehydrogenase [ubiquinone] 1 alpha subcomplex subunit 5'
8 polymer 'NADH dehydrogenase [ubiquinone] 1 alpha subcomplex subunit 7'
9 polymer 'NADH dehydrogenase ubiquinone 1 alpha subcomplex subunit 9, mitochondrial'
10 polymer 'NADH dehydrogenase [ubiquinone] flavoprotein 3, mitochondrial'
11 polymer 'NADH dehydrogenase [ubiquinone] iron-sulfur protein 4, mitochondrial'
12 polymer 'NADH-ubiquinone oxidoreductase 75 kDa subunit, mitochondrial'
13 polymer 'NADH dehydrogenase [ubiquinone] 1 alpha subcomplex subunit 12'
14 polymer 'NADH dehydrogenase [ubiquinone] flavoprotein 2, mitochondrial'
15 polymer 'NADH dehydrogenase [ubiquinone] iron-sulfur protein 3, mitochondrial'
16 polymer 'NADH dehydrogenase [ubiquinone] iron-sulfur protein 2, mitochondrial'
17 polymer 'NADH dehydrogenase [ubiquinone] iron-sulfur protein 6, mitochondrial'
18 polymer 'NADH dehydrogenase [ubiquinone] 1 alpha subcomplex subunit 13'
19 non-polymer 'IRON/SULFUR CLUSTER'
20 non-polymer 'FLAVIN MONONUCLEOTIDE'
21 non-polymer '1,4-DIHYDRONICOTINAMIDE ADENINE DINUCLEOTIDE'
22 non-polymer 1,2-dioleoyl-sn-glycero-3-phosphoethanolamine
23 non-polymer (9R,11S)-9-({[(1S)-1-HYDROXYHEXADECYL]OXY}METHYL)-2,2-DIMETHYL-5,7,10-TRIOXA-2LAMBDA~5~-AZA-6LAMBDA~5~-PHOSPHAOCTACOSANE-6,6,11-TRIOL
24 non-polymer 'S-[2-({N-[(2R)-2-hydroxy-3,3-dimethyl-4-(phosphonooxy)butanoyl]-beta-alanyl}amino)ethyl] dodecanethioate'
25 non-polymer CARDIOLIPIN
26 non-polymer 'NADPH DIHYDRO-NICOTINAMIDE-ADENINE-DINUCLEOTIDE PHOSPHATE'
27 non-polymer 'Coenzyme Q10, (2Z,6E,10Z,14E,18E,22E,26Z)-isomer'
28 non-polymer 'FE2/S2 (INORGANIC) CLUSTER'
29 non-polymer 'MAGNESIUM ION'
30 non-polymer 2-decyl-5,6-dimethoxy-3-methylcyclohexa-2,5-diene-1,4-dione
31 non-polymer 'ZINC ION'
32 water water
#
loop_
_entity_poly.entity_id
_entity_poly.type
_entity_poly.pdbx_seq_one_letter_code
_entity_poly.pdbx_strand_id
1 'polypeptide(L)'
;APKKTSFGSLKDEDRIFTNLYGRHDWRLKGAQSRGDWYKTKEILLKGPDWILGEVKTSGLRGRGGAGFPTGLKWSFMNKP
SDGRPKYLVVNADEGEPGTCKDREIIRHDPHKLVEGCLVGGRAMGARAAYIYIRGEFYNEASNLQVAIREAYEAGLIGKN
ACGSGYDFDVFVVRGAGAYICGEETALIESIEGKQGKPRLKPPFPADVGVFGCPTTVANVETVAVSPTICRRGGAWFASF
GRERNSGTKLFNISGHVNHPCTVEEEMSVPLKELIEKHAGGVIGGWDNLLAVIPGGSSTPLIPKSVCETVLMDFDALVQA
QTGLGTAAVIVMDRSTDIVKAIARLIEFYKHESCGQCTPCREGVDWMNKVMARFVKGDARPAEIDSLWEISKQIEGHTIC
ALGDGAAWPVQGLIRHFRPELEERMQQFALQHQ
;
A
2 'polypeptide(L)'
;TYKFVNMREPSMDMKSVTDRAAQTLLWTELVRGLGMTLSYLFREPATINYPFEKGPLSPRFRGEHALRRYPSGEERCIAC
KLCEAVCPAQAITIEAEPRADGSRRTTRYDIDMTKCIYCGFCQEACPVDAIVEGPNFEFSTETHEELLYNKEKLLNNGDK
WEAEIAANIQADYLYR
;
B
3 'polypeptide(L)'
;SRGEYVVAKLDDLVNWARRSSLWPMTFGLACCAVEMMHMAAPRYDMDRFGVVFRASPRQSDVMIVAGTLTNKMAPALRKV
YDQMPEPRYVVSMGSCANGGGYYHYSYSVVRGCDRIVPVDIYVPGCPPTAEALLYGILQLQRKIKREKRLRIWYRR
;
C
4 'polypeptide(L)'
;GTSVKPIFSRDMNEAKRRVRELYRAWYREVPNTVHLFQLDISVKQGRDKVREMFMKNAHVTDPRVVDLLVIKGKMELEET
INVWKQRTHIMRFFHETEAPRPTDFLSKFYVGHDP
;
E
5 'polypeptide(L)'
;LGLREIRIHLCQRSPGSQGVRDFIEKRYVELKKANPDLPILIRECSDVQPKLWARYAFGQEKNVSLNNFSADQVTRTLEN
VLSGKA
;
F
6 'polypeptide(L)'
;SDAPPLTLEAIKDRVLYVLKLYDKIDPEKLSVNSHFMKDLGLDSLDQVEIIMAMEDEFGFEIPDIDAEKLMCPQEIVDYI
ADKKDVYE
;
G
7 'polypeptide(L)'
;LKKTTGLVGLAVCETPHERLKILYTKILDVLGQIPKNAAYRKYTEQITNEKLGMVKAEPDVKKLEEQLQGGQIEEVILQA
ENELSLARKMLRWKPWEPLVEEPPANQWKWPI
;
H
8 'polypeptide(L)'
;ASATRVIQLLRNWASGRDLQAKLQLRYQEISKRTQPPPKLPVGPSHKLSNNYYCTRDGRREAMPPSIVMSSQKVLASGKP
AESSAVAETEKKAVTPAPPIKRWELSKDQPYL
;
I
9 'polypeptide(L)'
;LHHALIPHGKGGRSSVSGIVATVFGATGFLGRYVVNHLGRMGSQVIVPYRCEPYDTMHLRPMGDLGQIIFMEWNGKDKDS
IRKVVEHSNVVINLVGREWETKNFDFEDVFVKIPHAIAQVSKEAGVEKLIHISHLNADIKSPSRYLRSKAVGEKEVRAAF
PEATIIKPSDIFGREDRFLNYFASMRWFGGVPLISLGKETVKQPVYIVDVSKGIINAIKDPDAKGKTFAFVGPNRYLLFD
LVQYIFAVAYRPFLPYPLPHFAYRWVGRLFEVSPFEPWTTRDKVERVHMSDMTLPHLPGLEDLGIQATPLELKAIEVLRR
HRTYRWLTSEMEDVKPAKTVNI
;
J
10 'polypeptide(L)' FDNSTYRNLQHHEYSTYTFLDLNVELSKFRMPQPSSGRQSPRH K
11 'polypeptide(L)'
;QLIAVDEKLDITTLTGVPEEHIKTRKVRIFVPARNNMQSGVNNTKKWKMEFDTRERWENPLMGWSSTADPLSNLVLTFST
KEDAVAFAEKNGWSFDVEERKVPKPKSKSYGANFSWNKRTRVSTK
;
L
12 'polypeptide(L)'
;SNLIEVFVDGQSVMVEPGTTVLQACEKVGMQIPRFCYHERLSVAGNCRMCLVEIEKAPKVVAACAMPVMKGWNILTNSEK
SKKAREGVMEFLLANHPLDCPICDQGGECDLQDQSMMFGSDRSRFLEGKRAVEDKNIGPLVKTIMTRCIQCTRCIRFASE
IAGVDDLGTTGRGNDMQVGTYIEKMFMSELSGNIIDICPVGALTSKPYAFTARPWETRKTESIDVMDAVGSNIVVSTRTG
EVMRILPRMHEDINEEWISDKTRFAYDGLKRQRLTQPMIRNEKGLLTYTTWEDALSRVAGMLQSFQGNDVAAIAGGLVDA
EALVALKDLLNRVDSDSLCTEEVFPTAGAGTDLRSNYLLNTTIAGVEEADVILLVGTNPRFEAPLFNARIRKSWLHNDLK
VALIGSPVDLTYRYDHLGDSPKILQDIASGNHPFSQILKEAKKPMVVLGSSALQRSDGTAILAAVSNIAQNIRLSSGVTG
DWKVMNILHRIASQVAALDLGYKPGVEAIRKNPPKVLFLLGADGGCITRQDLPKDCFIIYQGHHGDVGAPMADVILPGAA
YTEKSATYVNTEGRAQQTKVAVTPPGLAREDWKIIRALSEIAGMTLPYDTLDQVRSRLEEVSPNLVRYDDVEGANYFQQA
NELSKLVNQQLLADPLVPPQLTIKDFYMTDSISRASQTMAKCVKAVTEGI
;
M
13 'polypeptide(L)'
;ELVQVLRRGLQQVSGHGGLRGYLRVLFRANDVRVGTLVGEDKYGNKYYEDNKQFFGRHRWVIYTTEMNGRDTFWDVDGSM
VPPEWHRWLHCMTDDPPTTKPPTARKYIWTNHKFNVSGTPQQYVPYSTTRKKIQEWVPPSTPYK
;
N
14 'polypeptide(L)'
;GAGGALFVHRDTPENNPDTPFDFTPENYKRIEAIVKNYPEGHKAAAVLPVLDLAQRQNGWLPISAMNKVAEILQVPPMRV
YEVATFYTMYNRKPVGKYHIQVCTTTPCMLRNSDSILEAIQKKLGIKVGETTPDKLFTLIEVECLGACVNAPMVQINDNY
YEDLTPKDIEEIIDELKAGKIPKPGPRSGRFSCEPAGGLTSLTEPPKGPGFGVQAGL
;
O
15 'polypeptide(L)'
;TRPTIRPRNDVVHKQLSAFGQYVAEILPKYVQQVQVSCFNELEIFIHPDGVIPVLTFLRDHTNAQFKSLADLTAVDVPTR
QNRFEIVYNLLSLRFNSRIRVKTYTDELTPIESSVTVYKAANWYEREIWDMFGVFFANHPDLRRILTDYGFEGHPFRKDF
PLSGYVELRYDDEVKRVVAEPVELAQEFRKFDLNSPWEAFPAYRQPPE
;
P
16 'polypeptide(L)'
;SNLTLNFGPQHPAAHGVLRLVMELSGEMVRKCDPHIGLLH(2MR)GTEKLIEYKTYLQALPYFDRLDYVSMMCNEQAYSL
AVEKLLNIQPPPRAQWIRVLFGEITRLLNHIMAVTTHALDIGAMTPFFWMFEEREKMFEFYERVSGARMHAAYIRPGGVH
QDLPLGLLDDIYEFSKNFSFRIDELEEMLTNNRIWRNRTVDIGVVTAEDALNYGFSGVMLRGSGIQWDLRKTQPYDVYDQ
VEFDVPIGSRGDCYDRYLCRVEEMRQSLRIISQCLNKMPPGEIKVDDAKVSPPKRAEMKTSMESLIHHFKLYTEGYQVPP
GATYTAIEAPKGEFGVYLVSDGSSRPYRCKIKAPGFAHLAGLDKMSKGHMLADVVAIIGTQDIVFGEVDR
;
Q
17 'polypeptide(L)'
;GVRTSPTGEKVTHTGQAYDDGDYRRVRFSDRQKEVNENFAIDLIAEQPVSEVGSRVISCDGGGGALGHPRVYINLDKETK
TGTCGYCGLQFRQPHH
;
T
18 'polypeptide(L)' ASKVKQDMPPPGGYGPIDYKRNLPRRGLS W
#
# COMPACT_ATOMS: atom_id res chain seq x y z
N ALA A 1 -11.95 5.67 82.40
CA ALA A 1 -10.86 5.62 81.42
C ALA A 1 -11.39 5.73 80.00
N PRO A 2 -11.06 6.82 79.32
CA PRO A 2 -11.47 7.01 77.94
C PRO A 2 -10.55 6.24 76.99
N LYS A 3 -10.88 6.30 75.70
CA LYS A 3 -10.07 5.70 74.64
C LYS A 3 -9.90 4.20 74.86
N LYS A 4 -11.04 3.51 74.76
CA LYS A 4 -11.09 2.06 74.89
C LYS A 4 -9.98 1.41 74.05
N THR A 5 -9.28 0.45 74.64
CA THR A 5 -8.23 -0.28 73.95
C THR A 5 -8.64 -1.70 73.59
N SER A 6 -9.67 -2.25 74.23
CA SER A 6 -10.22 -3.55 73.90
C SER A 6 -11.65 -3.35 73.42
N PHE A 7 -12.02 -4.05 72.35
CA PHE A 7 -13.33 -3.91 71.75
C PHE A 7 -13.99 -5.28 71.63
N GLY A 8 -15.31 -5.28 71.75
CA GLY A 8 -16.09 -6.49 71.84
C GLY A 8 -16.95 -6.49 73.09
N SER A 9 -17.49 -7.67 73.40
CA SER A 9 -18.44 -7.85 74.51
C SER A 9 -19.54 -6.80 74.46
N LEU A 10 -20.11 -6.60 73.27
CA LEU A 10 -21.21 -5.65 73.11
C LEU A 10 -22.42 -6.11 73.91
N LYS A 11 -23.09 -5.15 74.55
CA LYS A 11 -24.23 -5.47 75.38
C LYS A 11 -25.53 -5.45 74.58
N ASP A 12 -26.55 -6.10 75.15
CA ASP A 12 -27.84 -6.18 74.46
C ASP A 12 -28.54 -4.83 74.44
N GLU A 13 -28.29 -3.99 75.46
CA GLU A 13 -28.93 -2.69 75.48
C GLU A 13 -28.36 -1.77 74.41
N ASP A 14 -27.11 -2.03 73.99
CA ASP A 14 -26.48 -1.17 73.00
C ASP A 14 -26.65 -1.71 71.59
N ARG A 15 -27.21 -2.90 71.45
CA ARG A 15 -27.43 -3.47 70.12
C ARG A 15 -28.54 -2.74 69.40
N ILE A 16 -28.37 -2.54 68.10
CA ILE A 16 -29.34 -1.79 67.31
C ILE A 16 -30.43 -2.72 66.78
N PHE A 17 -30.02 -3.77 66.07
CA PHE A 17 -30.97 -4.73 65.50
C PHE A 17 -31.30 -5.77 66.57
N THR A 18 -32.32 -5.45 67.35
CA THR A 18 -32.72 -6.23 68.51
C THR A 18 -33.59 -7.43 68.16
N ASN A 19 -34.14 -7.49 66.95
CA ASN A 19 -34.90 -8.64 66.48
C ASN A 19 -34.16 -9.31 65.34
N LEU A 20 -32.85 -9.49 65.50
CA LEU A 20 -32.04 -10.11 64.45
C LEU A 20 -32.50 -11.53 64.15
N TYR A 21 -32.91 -12.26 65.17
CA TYR A 21 -33.25 -13.67 65.04
C TYR A 21 -34.74 -13.91 64.87
N GLY A 22 -35.54 -12.86 64.80
CA GLY A 22 -36.97 -12.97 64.59
C GLY A 22 -37.68 -13.73 65.69
N ARG A 23 -37.22 -13.56 66.94
CA ARG A 23 -37.88 -14.16 68.09
C ARG A 23 -39.00 -13.30 68.63
N HIS A 24 -39.14 -12.07 68.13
CA HIS A 24 -40.22 -11.18 68.53
C HIS A 24 -41.00 -10.77 67.28
N ASP A 25 -42.17 -10.16 67.51
CA ASP A 25 -43.04 -9.77 66.42
C ASP A 25 -42.37 -8.74 65.53
N TRP A 26 -42.29 -9.03 64.24
CA TRP A 26 -41.70 -8.12 63.27
C TRP A 26 -42.68 -7.09 62.74
N ARG A 27 -43.94 -7.16 63.14
CA ARG A 27 -44.94 -6.22 62.68
C ARG A 27 -44.73 -4.85 63.33
N LEU A 28 -45.63 -3.91 63.02
CA LEU A 28 -45.51 -2.54 63.50
C LEU A 28 -45.63 -2.44 65.01
N LYS A 29 -46.55 -3.19 65.61
CA LYS A 29 -46.75 -3.12 67.05
C LYS A 29 -45.51 -3.60 67.80
N GLY A 30 -44.90 -4.69 67.35
CA GLY A 30 -43.70 -5.18 67.99
C GLY A 30 -42.53 -4.24 67.82
N ALA A 31 -42.39 -3.64 66.62
CA ALA A 31 -41.33 -2.67 66.39
C ALA A 31 -41.49 -1.44 67.27
N GLN A 32 -42.73 -0.96 67.41
CA GLN A 32 -42.98 0.18 68.28
C GLN A 32 -42.69 -0.16 69.74
N SER A 33 -43.03 -1.39 70.15
CA SER A 33 -42.70 -1.82 71.51
C SER A 33 -41.20 -1.93 71.73
N ARG A 34 -40.42 -2.01 70.64
CA ARG A 34 -38.98 -2.12 70.76
C ARG A 34 -38.25 -0.79 70.58
N GLY A 35 -38.96 0.30 70.31
CA GLY A 35 -38.35 1.60 70.16
C GLY A 35 -38.40 2.20 68.77
N ASP A 36 -39.04 1.53 67.81
CA ASP A 36 -39.11 2.05 66.45
C ASP A 36 -40.26 3.04 66.32
N TRP A 37 -40.08 4.00 65.41
CA TRP A 37 -41.07 5.06 65.17
C TRP A 37 -41.34 5.87 66.43
N TYR A 38 -40.32 6.06 67.26
CA TYR A 38 -40.44 6.84 68.49
C TYR A 38 -39.89 8.24 68.23
N LYS A 39 -40.74 9.25 68.38
CA LYS A 39 -40.38 10.64 68.19
C LYS A 39 -39.72 10.86 66.82
N THR A 40 -40.27 10.20 65.80
CA THR A 40 -39.80 10.44 64.44
C THR A 40 -40.18 11.84 63.97
N LYS A 41 -41.33 12.34 64.42
CA LYS A 41 -41.76 13.68 64.05
C LYS A 41 -40.77 14.74 64.52
N GLU A 42 -40.26 14.59 65.75
CA GLU A 42 -39.29 15.54 66.26
C GLU A 42 -37.96 15.43 65.52
N ILE A 43 -37.59 14.23 65.08
CA ILE A 43 -36.37 14.08 64.29
C ILE A 43 -36.52 14.78 62.94
N LEU A 44 -37.68 14.62 62.29
CA LEU A 44 -37.91 15.29 61.01
C LEU A 44 -38.02 16.80 61.17
N LEU A 45 -38.60 17.26 62.28
CA LEU A 45 -38.75 18.68 62.51
C LEU A 45 -37.43 19.36 62.91
N LYS A 46 -36.42 18.57 63.30
CA LYS A 46 -35.11 19.14 63.57
C LYS A 46 -34.43 19.65 62.31
N GLY A 47 -34.85 19.18 61.13
CA GLY A 47 -34.31 19.68 59.89
C GLY A 47 -33.24 18.79 59.31
N PRO A 48 -33.04 18.88 58.00
CA PRO A 48 -31.99 18.07 57.35
C PRO A 48 -30.60 18.34 57.89
N ASP A 49 -30.26 19.60 58.21
CA ASP A 49 -28.90 19.91 58.66
C ASP A 49 -28.59 19.23 59.98
N TRP A 50 -29.55 19.23 60.91
CA TRP A 50 -29.34 18.56 62.19
C TRP A 50 -29.12 17.06 62.02
N ILE A 51 -29.91 16.43 61.15
CA ILE A 51 -29.76 14.99 60.91
C ILE A 51 -28.41 14.68 60.27
N LEU A 52 -28.02 15.48 59.26
CA LEU A 52 -26.73 15.26 58.64
C LEU A 52 -25.59 15.50 59.62
N GLY A 53 -25.75 16.46 60.52
CA GLY A 53 -24.75 16.66 61.56
C GLY A 53 -24.65 15.48 62.51
N GLU A 54 -25.79 14.90 62.88
CA GLU A 54 -25.77 13.71 63.73
C GLU A 54 -25.08 12.55 63.03
N VAL A 55 -25.34 12.37 61.74
CA VAL A 55 -24.69 11.28 61.00
C VAL A 55 -23.19 11.53 60.86
N LYS A 56 -22.80 12.78 60.62
CA LYS A 56 -21.38 13.11 60.52
C LYS A 56 -20.66 12.90 61.84
N THR A 57 -21.26 13.35 62.94
CA THR A 57 -20.67 13.15 64.25
C THR A 57 -20.59 11.67 64.60
N SER A 58 -21.58 10.90 64.13
CA SER A 58 -21.64 9.48 64.45
C SER A 58 -20.44 8.72 63.91
N GLY A 59 -19.80 9.25 62.86
CA GLY A 59 -18.69 8.57 62.24
C GLY A 59 -19.08 7.33 61.46
N LEU A 60 -20.34 7.21 61.06
CA LEU A 60 -20.81 6.04 60.35
C LEU A 60 -20.19 5.98 58.96
N ARG A 61 -19.65 4.82 58.61
CA ARG A 61 -19.12 4.56 57.28
C ARG A 61 -20.02 3.57 56.57
N GLY A 62 -19.98 3.60 55.24
CA GLY A 62 -20.89 2.81 54.43
C GLY A 62 -20.84 1.32 54.69
N ARG A 63 -21.92 0.78 55.23
CA ARG A 63 -22.01 -0.65 55.54
C ARG A 63 -22.20 -1.52 54.31
N GLY A 64 -22.28 -0.94 53.12
CA GLY A 64 -22.34 -1.73 51.91
C GLY A 64 -21.02 -2.37 51.55
N GLY A 65 -19.93 -1.95 52.19
CA GLY A 65 -18.66 -2.60 51.97
C GLY A 65 -17.50 -1.68 51.69
N ALA A 66 -17.78 -0.51 51.11
CA ALA A 66 -16.72 0.43 50.77
C ALA A 66 -16.32 1.34 51.92
N GLY A 67 -17.20 1.53 52.89
CA GLY A 67 -16.88 2.35 54.05
C GLY A 67 -16.69 3.82 53.76
N PHE A 68 -17.42 4.37 52.81
CA PHE A 68 -17.40 5.82 52.60
C PHE A 68 -18.14 6.50 53.75
N PRO A 69 -17.63 7.64 54.25
CA PRO A 69 -18.32 8.32 55.35
C PRO A 69 -19.73 8.71 54.97
N THR A 70 -20.70 8.27 55.77
CA THR A 70 -22.11 8.38 55.41
C THR A 70 -22.59 9.82 55.45
N GLY A 71 -22.19 10.57 56.48
CA GLY A 71 -22.62 11.97 56.56
C GLY A 71 -22.13 12.79 55.38
N LEU A 72 -20.85 12.63 55.02
CA LEU A 72 -20.31 13.35 53.88
C LEU A 72 -21.06 12.97 52.60
N LYS A 73 -21.33 11.67 52.41
CA LYS A 73 -21.98 11.22 51.19
C LYS A 73 -23.42 11.74 51.11
N TRP A 74 -24.12 11.77 52.24
CA TRP A 74 -25.50 12.25 52.23
C TRP A 74 -25.56 13.77 52.11
N SER A 75 -24.48 14.46 52.49
CA SER A 75 -24.46 15.91 52.38
C SER A 75 -24.47 16.38 50.93
N PHE A 76 -24.12 15.51 49.98
CA PHE A 76 -24.07 15.93 48.59
C PHE A 76 -25.46 16.30 48.06
N MET A 77 -26.51 15.83 48.70
CA MET A 77 -27.88 16.14 48.29
C MET A 77 -28.48 17.34 49.02
N ASN A 78 -27.70 18.04 49.85
CA ASN A 78 -28.18 19.19 50.59
C ASN A 78 -28.17 20.47 49.75
N LYS A 79 -28.04 20.35 48.43
CA LYS A 79 -28.07 21.48 47.54
C LYS A 79 -29.50 21.92 47.28
N PRO A 80 -29.71 23.16 46.84
CA PRO A 80 -31.05 23.57 46.40
C PRO A 80 -31.47 22.82 45.15
N SER A 81 -32.78 22.63 45.00
CA SER A 81 -33.32 21.91 43.86
C SER A 81 -33.13 22.72 42.57
N ASP A 82 -33.10 22.00 41.44
CA ASP A 82 -32.96 22.61 40.13
C ASP A 82 -34.16 22.29 39.23
N GLY A 83 -35.26 21.84 39.84
CA GLY A 83 -36.47 21.47 39.12
C GLY A 83 -36.66 19.98 38.97
N ARG A 84 -35.67 19.19 39.35
CA ARG A 84 -35.88 17.75 39.29
C ARG A 84 -36.22 17.21 40.67
N PRO A 85 -36.99 16.12 40.74
CA PRO A 85 -37.21 15.45 42.02
C PRO A 85 -35.94 14.79 42.53
N LYS A 86 -35.90 14.56 43.84
CA LYS A 86 -34.76 13.94 44.51
C LYS A 86 -35.16 12.59 45.06
N TYR A 87 -34.21 11.64 45.03
CA TYR A 87 -34.54 10.26 45.35
C TYR A 87 -33.50 9.62 46.24
N LEU A 88 -33.99 8.80 47.16
CA LEU A 88 -33.19 7.89 47.95
C LEU A 88 -33.41 6.48 47.43
N VAL A 89 -32.33 5.78 47.12
CA VAL A 89 -32.36 4.39 46.70
C VAL A 89 -31.69 3.58 47.79
N VAL A 90 -32.38 2.57 48.30
CA VAL A 90 -31.84 1.70 49.33
C VAL A 90 -31.43 0.39 48.67
N ASN A 91 -30.17 0.03 48.87
CA ASN A 91 -29.55 -1.13 48.22
C ASN A 91 -29.77 -2.36 49.08
N ALA A 92 -30.66 -3.25 48.64
CA ALA A 92 -30.88 -4.53 49.30
C ALA A 92 -30.58 -5.71 48.37
N ASP A 93 -29.59 -5.55 47.48
CA ASP A 93 -29.28 -6.62 46.54
C ASP A 93 -28.56 -7.78 47.23
N GLU A 94 -27.59 -7.49 48.08
CA GLU A 94 -26.89 -8.51 48.89
C GLU A 94 -26.43 -9.69 48.03
N GLY A 95 -25.46 -9.42 47.15
CA GLY A 95 -25.02 -10.46 46.24
C GLY A 95 -23.72 -11.12 46.66
N GLU A 96 -23.02 -10.54 47.63
CA GLU A 96 -21.67 -11.01 47.95
C GLU A 96 -21.73 -12.38 48.62
N PRO A 97 -20.94 -13.36 48.13
CA PRO A 97 -20.87 -14.65 48.82
C PRO A 97 -20.41 -14.50 50.26
N GLY A 98 -21.11 -15.22 51.13
CA GLY A 98 -20.84 -15.21 52.55
C GLY A 98 -21.54 -14.09 53.29
N THR A 99 -22.32 -13.29 52.56
CA THR A 99 -23.03 -12.18 53.17
C THR A 99 -24.55 -12.36 53.13
N CYS A 100 -25.16 -12.45 54.30
CA CYS A 100 -26.60 -12.59 54.42
C CYS A 100 -27.21 -11.63 55.45
N LYS A 101 -26.45 -10.60 55.82
CA LYS A 101 -26.88 -9.62 56.83
C LYS A 101 -28.12 -8.78 56.49
N ASP A 102 -28.22 -8.32 55.25
CA ASP A 102 -29.35 -7.49 54.83
C ASP A 102 -30.69 -8.21 54.90
N ARG A 103 -30.69 -9.48 54.48
CA ARG A 103 -31.87 -10.34 54.47
C ARG A 103 -32.53 -10.40 55.84
N GLU A 104 -31.72 -10.56 56.89
CA GLU A 104 -32.27 -10.60 58.24
C GLU A 104 -32.86 -9.25 58.64
N ILE A 105 -32.20 -8.16 58.24
CA ILE A 105 -32.76 -6.83 58.52
C ILE A 105 -34.12 -6.68 57.84
N ILE A 106 -34.22 -7.10 56.58
CA ILE A 106 -35.47 -6.94 55.84
C ILE A 106 -36.58 -7.80 56.43
N ARG A 107 -36.29 -9.08 56.72
CA ARG A 107 -37.35 -9.98 57.13
C ARG A 107 -37.77 -9.78 58.58
N HIS A 108 -36.84 -9.40 59.47
CA HIS A 108 -37.16 -9.35 60.88
C HIS A 108 -37.25 -7.93 61.45
N ASP A 109 -36.63 -6.94 60.82
CA ASP A 109 -36.73 -5.56 61.25
C ASP A 109 -37.05 -4.64 60.07
N PRO A 110 -38.20 -4.84 59.43
CA PRO A 110 -38.49 -3.99 58.26
C PRO A 110 -38.84 -2.56 58.63
N HIS A 111 -39.48 -2.35 59.79
CA HIS A 111 -39.86 -1.00 60.17
C HIS A 111 -38.65 -0.15 60.49
N LYS A 112 -37.56 -0.76 60.94
CA LYS A 112 -36.31 -0.03 61.09
C LYS A 112 -35.85 0.53 59.75
N LEU A 113 -35.89 -0.30 58.70
CA LEU A 113 -35.50 0.16 57.37
C LEU A 113 -36.45 1.23 56.86
N VAL A 114 -37.75 1.10 57.14
CA VAL A 114 -38.71 2.09 56.66
C VAL A 114 -38.50 3.44 57.33
N GLU A 115 -38.33 3.43 58.66
CA GLU A 115 -38.08 4.68 59.36
C GLU A 115 -36.74 5.27 58.96
N GLY A 116 -35.74 4.43 58.70
CA GLY A 116 -34.48 4.93 58.19
C GLY A 116 -34.63 5.57 56.82
N CYS A 117 -35.47 4.98 55.97
CA CYS A 117 -35.77 5.58 54.67
C CYS A 117 -36.36 6.97 54.86
N LEU A 118 -37.33 7.09 55.77
CA LEU A 118 -37.95 8.39 56.01
C LEU A 118 -36.93 9.41 56.51
N VAL A 119 -36.11 9.02 57.48
CA VAL A 119 -35.17 9.97 58.09
C VAL A 119 -34.09 10.37 57.10
N GLY A 120 -33.52 9.40 56.39
CA GLY A 120 -32.52 9.72 55.39
C GLY A 120 -33.04 10.54 54.24
N GLY A 121 -34.27 10.25 53.78
CA GLY A 121 -34.87 11.04 52.73
C GLY A 121 -35.15 12.46 53.16
N ARG A 122 -35.57 12.65 54.41
CA ARG A 122 -35.72 14.00 54.92
C ARG A 122 -34.39 14.72 54.99
N ALA A 123 -33.34 14.04 55.44
CA ALA A 123 -32.02 14.66 55.52
C ALA A 123 -31.51 15.05 54.15
N MET A 124 -31.80 14.22 53.14
CA MET A 124 -31.35 14.48 51.78
C MET A 124 -32.38 15.23 50.94
N GLY A 125 -33.49 15.62 51.55
CA GLY A 125 -34.54 16.33 50.84
C GLY A 125 -35.08 15.52 49.68
N ALA A 126 -35.22 14.21 49.89
CA ALA A 126 -35.72 13.31 48.87
C ALA A 126 -37.22 13.05 48.99
N ARG A 127 -37.91 13.18 47.86
CA ARG A 127 -39.35 12.97 47.79
C ARG A 127 -39.81 11.55 48.12
N ALA A 128 -39.05 10.55 47.68
CA ALA A 128 -39.48 9.18 47.89
C ALA A 128 -38.24 8.28 47.97
N ALA A 129 -38.46 7.06 48.44
CA ALA A 129 -37.43 6.04 48.51
C ALA A 129 -37.80 4.85 47.67
N TYR A 130 -36.85 4.36 46.88
CA TYR A 130 -37.00 3.12 46.13
C TYR A 130 -36.07 2.08 46.76
N ILE A 131 -36.66 1.00 47.27
CA ILE A 131 -35.89 -0.10 47.86
C ILE A 131 -35.73 -1.17 46.79
N TYR A 132 -34.49 -1.45 46.41
CA TYR A 132 -34.18 -2.46 45.42
C TYR A 132 -33.70 -3.71 46.15
N ILE A 133 -34.46 -4.79 46.02
CA ILE A 133 -34.17 -6.06 46.69
C ILE A 133 -34.01 -7.14 45.63
N ARG A 134 -33.06 -8.04 45.86
CA ARG A 134 -32.85 -9.13 44.91
C ARG A 134 -34.09 -10.01 44.82
N GLY A 135 -34.37 -10.48 43.60
CA GLY A 135 -35.59 -11.21 43.33
C GLY A 135 -35.71 -12.55 44.02
N GLU A 136 -34.59 -13.10 44.48
CA GLU A 136 -34.65 -14.36 45.22
C GLU A 136 -35.25 -14.17 46.61
N PHE A 137 -35.24 -12.95 47.13
CA PHE A 137 -35.79 -12.65 48.45
C PHE A 137 -37.28 -12.30 48.32
N TYR A 138 -38.06 -13.26 47.86
CA TYR A 138 -39.48 -13.00 47.62
C TYR A 138 -40.25 -12.85 48.93
N ASN A 139 -40.05 -13.76 49.88
CA ASN A 139 -40.74 -13.66 51.16
C ASN A 139 -40.27 -12.45 51.97
N GLU A 140 -38.97 -12.14 51.91
CA GLU A 140 -38.46 -10.94 52.57
C GLU A 140 -39.09 -9.69 51.99
N ALA A 141 -39.19 -9.63 50.66
CA ALA A 141 -39.83 -8.47 50.02
C ALA A 141 -41.30 -8.38 50.36
N SER A 142 -41.99 -9.52 50.47
CA SER A 142 -43.40 -9.48 50.87
C SER A 142 -43.56 -8.99 52.30
N ASN A 143 -42.68 -9.43 53.21
CA ASN A 143 -42.72 -8.90 54.57
C ASN A 143 -42.47 -7.40 54.59
N LEU A 144 -41.51 -6.95 53.78
CA LEU A 144 -41.24 -5.51 53.69
C LEU A 144 -42.46 -4.75 53.18
N GLN A 145 -43.15 -5.30 52.18
CA GLN A 145 -44.36 -4.65 51.67
C GLN A 145 -45.45 -4.58 52.73
N VAL A 146 -45.59 -5.65 53.53
CA VAL A 146 -46.57 -5.63 54.61
C VAL A 146 -46.23 -4.54 55.62
N ALA A 147 -44.96 -4.42 55.98
CA ALA A 147 -44.54 -3.37 56.91
C ALA A 147 -44.79 -1.98 56.33
N ILE A 148 -44.54 -1.81 55.04
CA ILE A 148 -44.78 -0.52 54.39
C ILE A 148 -46.27 -0.20 54.39
N ARG A 149 -47.12 -1.20 54.15
CA ARG A 149 -48.56 -0.99 54.22
C ARG A 149 -48.98 -0.59 55.62
N GLU A 150 -48.40 -1.22 56.64
CA GLU A 150 -48.72 -0.85 58.02
C GLU A 150 -48.32 0.59 58.31
N ALA A 151 -47.13 0.99 57.83
CA ALA A 151 -46.69 2.37 58.05
C ALA A 151 -47.57 3.36 57.30
N TYR A 152 -48.05 2.99 56.11
CA TYR A 152 -48.96 3.85 55.36
C TYR A 152 -50.29 4.01 56.08
N GLU A 153 -50.83 2.91 56.62
CA GLU A 153 -52.13 2.98 57.30
C GLU A 153 -52.04 3.77 58.60
N ALA A 154 -50.91 3.70 59.28
CA ALA A 154 -50.73 4.43 60.53
C ALA A 154 -50.31 5.87 60.32
N GLY A 155 -50.14 6.31 59.08
CA GLY A 155 -49.74 7.67 58.81
C GLY A 155 -48.28 7.96 59.03
N LEU A 156 -47.45 6.94 59.19
CA LEU A 156 -46.03 7.15 59.44
C LEU A 156 -45.29 7.59 58.19
N ILE A 157 -45.70 7.11 57.02
CA ILE A 157 -45.16 7.55 55.75
C ILE A 157 -46.32 8.00 54.86
N GLY A 158 -45.99 8.53 53.70
CA GLY A 158 -46.98 9.03 52.79
C GLY A 158 -47.16 10.52 52.88
N LYS A 159 -48.39 10.96 52.67
CA LYS A 159 -48.72 12.37 52.82
C LYS A 159 -48.68 12.76 54.29
N ASN A 160 -48.05 13.90 54.58
CA ASN A 160 -47.91 14.40 55.95
C ASN A 160 -47.31 13.32 56.86
N ALA A 161 -46.13 12.84 56.48
CA ALA A 161 -45.53 11.70 57.16
C ALA A 161 -45.27 12.02 58.63
N CYS A 162 -45.82 11.19 59.51
CA CYS A 162 -45.71 11.32 60.96
C CYS A 162 -46.28 12.63 61.48
N GLY A 163 -47.11 13.32 60.70
CA GLY A 163 -47.58 14.63 61.07
C GLY A 163 -46.56 15.74 60.92
N SER A 164 -45.43 15.46 60.27
CA SER A 164 -44.35 16.44 60.20
C SER A 164 -44.53 17.42 59.05
N GLY A 165 -45.53 17.17 58.19
CA GLY A 165 -45.76 18.02 57.04
C GLY A 165 -44.89 17.74 55.85
N TYR A 166 -44.15 16.62 55.85
CA TYR A 166 -43.24 16.27 54.78
C TYR A 166 -43.77 15.01 54.10
N ASP A 167 -43.84 15.03 52.76
CA ASP A 167 -44.40 13.92 52.02
C ASP A 167 -43.30 12.99 51.53
N PHE A 168 -43.43 11.71 51.84
CA PHE A 168 -42.42 10.73 51.49
C PHE A 168 -43.09 9.41 51.13
N ASP A 169 -42.64 8.81 50.04
CA ASP A 169 -43.16 7.53 49.56
C ASP A 169 -42.05 6.49 49.65
N VAL A 170 -42.45 5.23 49.86
CA VAL A 170 -41.52 4.11 49.89
C VAL A 170 -41.98 3.08 48.89
N PHE A 171 -41.14 2.82 47.88
CA PHE A 171 -41.44 1.86 46.83
C PHE A 171 -40.46 0.70 46.92
N VAL A 172 -40.95 -0.50 46.64
CA VAL A 172 -40.10 -1.68 46.58
C VAL A 172 -40.07 -2.19 45.14
N VAL A 173 -38.87 -2.29 44.58
CA VAL A 173 -38.67 -2.84 43.26
C VAL A 173 -37.81 -4.09 43.41
N ARG A 174 -38.20 -5.17 42.74
CA ARG A 174 -37.50 -6.44 42.84
C ARG A 174 -36.61 -6.64 41.62
N GLY A 175 -35.37 -7.04 41.86
CA GLY A 175 -34.50 -7.43 40.79
C GLY A 175 -34.80 -8.82 40.28
N ALA A 176 -34.05 -9.24 39.27
CA ALA A 176 -34.20 -10.59 38.70
C ALA A 176 -32.81 -11.22 38.52
N GLY A 177 -32.29 -11.82 39.58
CA GLY A 177 -31.08 -12.61 39.48
C GLY A 177 -29.89 -11.96 38.80
N ALA A 178 -29.29 -10.97 39.45
CA ALA A 178 -28.07 -10.35 38.93
C ALA A 178 -27.26 -9.79 40.10
N TYR A 179 -26.04 -10.31 40.28
CA TYR A 179 -25.18 -9.83 41.34
C TYR A 179 -24.62 -8.44 41.04
N ILE A 180 -24.38 -8.14 39.76
CA ILE A 180 -23.85 -6.82 39.39
C ILE A 180 -24.83 -5.72 39.75
N CYS A 181 -26.12 -6.02 39.80
CA CYS A 181 -27.12 -4.99 40.10
C CYS A 181 -27.04 -4.49 41.54
N GLY A 182 -26.08 -4.93 42.34
CA GLY A 182 -25.84 -4.34 43.63
C GLY A 182 -24.91 -3.14 43.55
N GLU A 183 -24.14 -3.06 42.47
CA GLU A 183 -23.40 -1.84 42.17
C GLU A 183 -24.39 -0.70 41.96
N GLU A 184 -24.11 0.45 42.57
CA GLU A 184 -25.13 1.48 42.73
C GLU A 184 -25.62 2.01 41.38
N THR A 185 -24.69 2.27 40.45
CA THR A 185 -25.12 2.75 39.14
C THR A 185 -25.78 1.65 38.32
N ALA A 186 -25.30 0.40 38.46
CA ALA A 186 -25.99 -0.72 37.83
C ALA A 186 -27.37 -0.91 38.42
N LEU A 187 -27.50 -0.69 39.74
CA LEU A 187 -28.82 -0.74 40.37
C LEU A 187 -29.75 0.33 39.82
N ILE A 188 -29.23 1.55 39.63
CA ILE A 188 -30.02 2.63 39.08
C ILE A 188 -30.47 2.28 37.66
N GLU A 189 -29.56 1.74 36.85
CA GLU A 189 -29.91 1.34 35.50
C GLU A 189 -30.94 0.22 35.49
N SER A 190 -30.84 -0.71 36.44
CA SER A 190 -31.82 -1.78 36.55
C SER A 190 -33.20 -1.24 36.91
N ILE A 191 -33.26 -0.25 37.80
CA ILE A 191 -34.55 0.34 38.14
C ILE A 191 -35.22 0.95 36.92
N GLU A 192 -34.45 1.60 36.05
CA GLU A 192 -34.98 2.25 34.86
C GLU A 192 -35.34 1.25 33.76
N GLY A 193 -35.33 -0.04 34.05
CA GLY A 193 -35.75 -1.04 33.08
C GLY A 193 -34.73 -1.39 32.03
N LYS A 194 -33.44 -1.22 32.31
CA LYS A 194 -32.38 -1.58 31.38
C LYS A 194 -31.57 -2.74 31.95
N GLN A 195 -30.60 -3.18 31.15
CA GLN A 195 -29.63 -4.14 31.64
C GLN A 195 -28.85 -3.54 32.80
N GLY A 196 -28.48 -4.39 33.76
CA GLY A 196 -27.74 -3.93 34.91
C GLY A 196 -26.28 -3.68 34.63
N LYS A 197 -25.99 -2.71 33.77
CA LYS A 197 -24.63 -2.34 33.44
C LYS A 197 -24.26 -1.04 34.16
N PRO A 198 -23.17 -1.02 34.91
CA PRO A 198 -22.80 0.19 35.64
C PRO A 198 -22.48 1.36 34.72
N ARG A 199 -22.74 2.56 35.21
CA ARG A 199 -22.40 3.79 34.52
C ARG A 199 -21.03 4.29 34.97
N LEU A 200 -20.35 4.98 34.08
CA LEU A 200 -19.09 5.63 34.43
C LEU A 200 -19.36 6.81 35.37
N LYS A 201 -18.41 7.05 36.27
CA LYS A 201 -18.46 8.22 37.13
C LYS A 201 -17.23 9.08 36.92
N PRO A 202 -17.39 10.41 36.83
CA PRO A 202 -18.60 11.22 36.93
C PRO A 202 -19.55 11.05 35.73
N PRO A 203 -20.81 11.47 35.86
CA PRO A 203 -21.42 12.12 37.02
C PRO A 203 -21.73 11.15 38.16
N PHE A 204 -21.57 11.61 39.37
CA PHE A 204 -21.97 10.83 40.52
C PHE A 204 -23.49 10.86 40.68
N PRO A 205 -24.08 9.89 41.38
CA PRO A 205 -25.54 9.83 41.47
C PRO A 205 -26.18 11.09 42.05
N ALA A 206 -25.49 11.79 42.95
CA ALA A 206 -26.05 13.00 43.53
C ALA A 206 -26.29 14.08 42.48
N ASP A 207 -25.58 14.04 41.35
CA ASP A 207 -25.84 14.92 40.23
C ASP A 207 -26.83 14.32 39.24
N VAL A 208 -26.52 13.15 38.69
CA VAL A 208 -27.41 12.44 37.77
C VAL A 208 -27.57 11.02 38.30
N GLY A 209 -28.77 10.67 38.72
CA GLY A 209 -29.04 9.35 39.23
C GLY A 209 -30.23 8.68 38.57
N VAL A 210 -31.14 8.13 39.38
CA VAL A 210 -32.29 7.43 38.84
C VAL A 210 -33.21 8.41 38.13
N PHE A 211 -33.65 8.02 36.93
CA PHE A 211 -34.43 8.87 36.03
C PHE A 211 -33.71 10.18 35.71
N GLY A 212 -32.38 10.20 35.85
CA GLY A 212 -31.61 11.40 35.65
C GLY A 212 -31.71 12.43 36.74
N CYS A 213 -32.20 12.06 37.90
CA CYS A 213 -32.46 12.97 39.01
C CYS A 213 -31.42 12.80 40.09
N PRO A 214 -31.23 13.82 40.95
CA PRO A 214 -30.35 13.65 42.10
C PRO A 214 -30.79 12.49 42.97
N THR A 215 -29.85 11.60 43.28
CA THR A 215 -30.13 10.34 43.92
C THR A 215 -28.99 9.98 44.86
N THR A 216 -29.34 9.35 45.98
CA THR A 216 -28.34 8.76 46.86
C THR A 216 -28.64 7.28 47.03
N VAL A 217 -27.65 6.45 46.73
CA VAL A 217 -27.75 5.00 46.94
C VAL A 217 -27.06 4.66 48.25
N ALA A 218 -27.81 4.03 49.16
CA ALA A 218 -27.29 3.72 50.48
C ALA A 218 -27.65 2.29 50.85
N ASN A 219 -26.68 1.58 51.44
CA ASN A 219 -26.91 0.22 51.88
C ASN A 219 -27.96 0.16 52.98
N VAL A 220 -28.71 -0.93 53.00
CA VAL A 220 -29.83 -1.09 53.93
C VAL A 220 -29.39 -1.01 55.37
N GLU A 221 -28.26 -1.63 55.70
CA GLU A 221 -27.76 -1.55 57.07
C GLU A 221 -27.38 -0.12 57.42
N THR A 222 -26.80 0.61 56.47
CA THR A 222 -26.51 2.03 56.68
C THR A 222 -27.78 2.82 56.92
N VAL A 223 -28.84 2.56 56.16
CA VAL A 223 -30.10 3.28 56.30
C VAL A 223 -30.77 2.96 57.63
N ALA A 224 -30.75 1.69 58.04
CA ALA A 224 -31.56 1.22 59.16
C ALA A 224 -30.98 1.58 60.52
N VAL A 225 -29.74 2.06 60.59
CA VAL A 225 -29.17 2.53 61.85
C VAL A 225 -29.28 4.03 62.02
N SER A 226 -29.64 4.76 60.96
CA SER A 226 -29.74 6.21 61.07
C SER A 226 -30.81 6.70 62.04
N PRO A 227 -32.03 6.15 62.08
CA PRO A 227 -33.00 6.64 63.08
C PRO A 227 -32.52 6.41 64.51
N THR A 228 -31.90 5.26 64.79
CA THR A 228 -31.34 5.01 66.11
C THR A 228 -30.19 5.95 66.41
N ILE A 229 -29.37 6.26 65.40
CA ILE A 229 -28.27 7.19 65.58
C ILE A 229 -28.79 8.57 65.93
N CYS A 230 -29.83 9.01 65.24
CA CYS A 230 -30.42 10.32 65.53
C CYS A 230 -31.02 10.37 66.93
N ARG A 231 -31.75 9.32 67.31
CA ARG A 231 -32.37 9.26 68.63
C ARG A 231 -31.40 9.21 69.81
N ARG A 232 -30.36 8.39 69.71
CA ARG A 232 -29.39 8.25 70.79
C ARG A 232 -28.24 9.22 70.64
N GLY A 233 -28.16 9.87 69.48
CA GLY A 233 -27.11 10.83 69.20
C GLY A 233 -25.90 10.23 68.52
N GLY A 234 -25.15 11.08 67.83
CA GLY A 234 -23.94 10.68 67.14
C GLY A 234 -22.85 10.17 68.06
N ALA A 235 -22.73 10.82 69.21
CA ALA A 235 -21.70 10.47 70.19
C ALA A 235 -21.80 9.05 70.74
N TRP A 236 -23.02 8.57 70.99
CA TRP A 236 -23.20 7.23 71.52
C TRP A 236 -22.67 6.20 70.52
N PHE A 237 -22.98 6.40 69.25
CA PHE A 237 -22.52 5.52 68.17
C PHE A 237 -21.01 5.61 68.03
N ALA A 238 -20.49 6.81 68.19
CA ALA A 238 -19.06 7.12 68.07
C ALA A 238 -18.15 6.42 69.07
N SER A 239 -18.62 6.24 70.30
CA SER A 239 -17.81 5.62 71.35
C SER A 239 -17.36 4.20 71.00
N PHE A 240 -18.23 3.42 70.38
CA PHE A 240 -17.88 2.06 69.98
C PHE A 240 -16.84 2.01 68.87
N GLY A 241 -15.92 1.05 68.96
CA GLY A 241 -14.89 0.83 67.96
C GLY A 241 -13.72 1.79 68.08
N ARG A 242 -12.69 1.57 67.27
CA ARG A 242 -11.56 2.48 67.23
C ARG A 242 -11.98 3.82 66.63
N GLU A 243 -11.06 4.78 66.65
CA GLU A 243 -11.31 6.06 66.00
C GLU A 243 -11.39 5.86 64.49
N ARG A 244 -12.36 6.55 63.86
CA ARG A 244 -12.68 6.47 62.44
C ARG A 244 -13.22 5.10 62.03
N ASN A 245 -13.53 4.23 62.99
CA ASN A 245 -14.10 2.91 62.76
C ASN A 245 -15.25 2.67 63.72
N SER A 246 -16.16 3.64 63.78
CA SER A 246 -17.12 3.74 64.88
C SER A 246 -18.33 2.82 64.69
N GLY A 247 -18.98 2.52 65.81
CA GLY A 247 -20.29 1.90 65.81
C GLY A 247 -20.25 0.39 65.95
N THR A 248 -21.40 -0.20 65.68
CA THR A 248 -21.58 -1.66 65.71
C THR A 248 -21.64 -2.20 64.30
N LYS A 249 -21.65 -3.53 64.19
CA LYS A 249 -21.56 -4.15 62.89
C LYS A 249 -22.19 -5.54 62.95
N LEU A 250 -22.87 -5.90 61.85
CA LEU A 250 -23.45 -7.22 61.67
C LEU A 250 -22.44 -8.12 60.98
N PHE A 251 -22.15 -9.27 61.59
CA PHE A 251 -21.17 -10.22 61.09
C PHE A 251 -21.86 -11.52 60.73
N ASN A 252 -21.53 -12.07 59.56
CA ASN A 252 -22.00 -13.38 59.14
C ASN A 252 -20.82 -14.33 59.10
N ILE A 253 -20.80 -15.30 60.02
CA ILE A 253 -19.71 -16.26 60.12
C ILE A 253 -20.20 -17.57 59.52
N SER A 254 -19.53 -18.00 58.45
CA SER A 254 -19.90 -19.19 57.70
C SER A 254 -18.64 -19.98 57.36
N GLY A 255 -18.84 -21.18 56.83
CA GLY A 255 -17.75 -22.04 56.44
C GLY A 255 -17.47 -23.12 57.48
N HIS A 256 -16.21 -23.27 57.84
CA HIS A 256 -15.79 -24.36 58.73
C HIS A 256 -15.75 -23.88 60.18
N VAL A 257 -16.94 -23.55 60.68
CA VAL A 257 -17.15 -23.23 62.08
C VAL A 257 -18.24 -24.15 62.61
N ASN A 258 -18.28 -24.28 63.93
CA ASN A 258 -19.23 -25.19 64.55
C ASN A 258 -20.66 -24.65 64.51
N HIS A 259 -20.84 -23.35 64.69
CA HIS A 259 -22.16 -22.72 64.67
C HIS A 259 -22.13 -21.51 63.76
N PRO A 260 -22.25 -21.71 62.44
CA PRO A 260 -22.36 -20.58 61.53
C PRO A 260 -23.59 -19.74 61.86
N CYS A 261 -23.43 -18.42 61.86
CA CYS A 261 -24.49 -17.58 62.40
C CYS A 261 -24.28 -16.13 61.97
N THR A 262 -25.33 -15.35 62.15
CA THR A 262 -25.28 -13.90 62.02
C THR A 262 -25.42 -13.28 63.40
N VAL A 263 -24.51 -12.36 63.73
CA VAL A 263 -24.44 -11.78 65.07
C VAL A 263 -24.18 -10.29 64.94
N GLU A 264 -24.47 -9.55 65.99
CA GLU A 264 -24.12 -8.14 66.09
C GLU A 264 -23.00 -7.95 67.10
N GLU A 265 -22.00 -7.15 66.75
CA GLU A 265 -20.83 -7.02 67.58
C GLU A 265 -20.20 -5.64 67.37
N GLU A 266 -19.37 -5.24 68.32
CA GLU A 266 -18.66 -3.97 68.18
C GLU A 266 -17.71 -4.03 66.99
N MET A 267 -17.42 -2.86 66.43
CA MET A 267 -16.66 -2.74 65.19
C MET A 267 -15.30 -3.43 65.28
N SER A 268 -14.43 -2.98 66.19
CA SER A 268 -13.04 -3.37 66.18
C SER A 268 -12.76 -4.64 66.98
N VAL A 269 -13.73 -5.54 67.09
CA VAL A 269 -13.55 -6.81 67.79
C VAL A 269 -12.50 -7.64 67.07
N PRO A 270 -11.60 -8.31 67.79
CA PRO A 270 -10.66 -9.22 67.11
C PRO A 270 -11.40 -10.38 66.45
N LEU A 271 -10.83 -10.84 65.32
CA LEU A 271 -11.46 -11.90 64.54
C LEU A 271 -11.54 -13.21 65.33
N LYS A 272 -10.46 -13.55 66.04
CA LYS A 272 -10.44 -14.77 66.84
C LYS A 272 -11.52 -14.73 67.93
N GLU A 273 -11.67 -13.59 68.59
CA GLU A 273 -12.70 -13.44 69.61
C GLU A 273 -14.08 -13.68 69.01
N LEU A 274 -14.35 -13.08 67.85
CA LEU A 274 -15.63 -13.25 67.19
C LEU A 274 -15.90 -14.71 66.87
N ILE A 275 -14.93 -15.37 66.24
CA ILE A 275 -15.14 -16.75 65.79
C ILE A 275 -15.34 -17.69 66.98
N GLU A 276 -14.49 -17.56 68.00
CA GLU A 276 -14.57 -18.48 69.13
C GLU A 276 -15.73 -18.17 70.07
N LYS A 277 -16.22 -16.93 70.09
CA LYS A 277 -17.30 -16.59 71.00
C LYS A 277 -18.67 -16.86 70.37
N HIS A 278 -18.92 -16.29 69.19
CA HIS A 278 -20.26 -16.35 68.60
C HIS A 278 -20.46 -17.54 67.67
N ALA A 279 -19.43 -17.95 66.94
CA ALA A 279 -19.57 -19.04 65.99
C ALA A 279 -19.20 -20.39 66.57
N GLY A 280 -18.82 -20.45 67.85
CA GLY A 280 -18.48 -21.71 68.48
C GLY A 280 -17.06 -22.18 68.24
N GLY A 281 -16.26 -21.44 67.46
CA GLY A 281 -14.91 -21.83 67.17
C GLY A 281 -14.77 -22.53 65.82
N VAL A 282 -13.51 -22.73 65.43
CA VAL A 282 -13.21 -23.41 64.18
C VAL A 282 -13.46 -24.90 64.33
N ILE A 283 -13.98 -25.52 63.27
CA ILE A 283 -14.23 -26.95 63.30
C ILE A 283 -12.93 -27.70 63.53
N GLY A 284 -12.87 -28.45 64.63
CA GLY A 284 -11.67 -29.18 64.97
C GLY A 284 -10.65 -28.39 65.76
N GLY A 285 -11.00 -27.23 66.31
CA GLY A 285 -10.09 -26.45 67.09
C GLY A 285 -9.51 -25.28 66.31
N TRP A 286 -8.91 -24.34 67.04
CA TRP A 286 -8.32 -23.17 66.40
C TRP A 286 -7.08 -23.53 65.61
N ASP A 287 -6.31 -24.51 66.07
CA ASP A 287 -5.12 -24.94 65.35
C ASP A 287 -5.44 -25.59 64.01
N ASN A 288 -6.70 -25.97 63.78
CA ASN A 288 -7.12 -26.55 62.51
C ASN A 288 -7.41 -25.48 61.45
N LEU A 289 -7.37 -24.21 61.82
CA LEU A 289 -7.69 -23.13 60.89
C LEU A 289 -6.64 -23.02 59.81
N LEU A 290 -7.07 -22.95 58.56
CA LEU A 290 -6.17 -22.73 57.43
C LEU A 290 -6.21 -21.29 56.92
N ALA A 291 -7.40 -20.77 56.65
CA ALA A 291 -7.50 -19.42 56.11
C ALA A 291 -8.88 -18.85 56.42
N VAL A 292 -8.96 -17.53 56.34
CA VAL A 292 -10.21 -16.80 56.56
C VAL A 292 -10.33 -15.73 55.49
N ILE A 293 -11.50 -15.64 54.87
CA ILE A 293 -11.88 -14.50 54.05
C ILE A 293 -12.74 -13.58 54.91
N PRO A 294 -12.25 -12.40 55.31
CA PRO A 294 -12.93 -11.67 56.40
C PRO A 294 -14.09 -10.82 55.95
N GLY A 295 -14.13 -10.38 54.70
CA GLY A 295 -15.13 -9.41 54.30
C GLY A 295 -15.92 -9.75 53.05
N GLY A 296 -16.25 -11.03 52.86
CA GLY A 296 -16.92 -11.46 51.66
C GLY A 296 -15.93 -11.83 50.56
N SER A 297 -16.48 -12.40 49.50
CA SER A 297 -15.65 -13.03 48.47
C SER A 297 -14.69 -12.04 47.81
N SER A 298 -14.99 -10.74 47.86
CA SER A 298 -14.12 -9.76 47.23
C SER A 298 -12.93 -9.39 48.10
N THR A 299 -12.86 -9.86 49.34
CA THR A 299 -11.66 -9.47 50.06
C THR A 299 -10.62 -10.59 50.01
N PRO A 300 -9.34 -10.24 49.90
CA PRO A 300 -8.29 -11.26 49.87
C PRO A 300 -8.25 -12.05 51.17
N LEU A 301 -7.93 -13.33 51.06
CA LEU A 301 -7.83 -14.19 52.22
C LEU A 301 -6.58 -13.87 53.02
N ILE A 302 -6.61 -14.22 54.31
CA ILE A 302 -5.44 -14.09 55.18
C ILE A 302 -5.20 -15.44 55.86
N PRO A 303 -3.95 -15.86 56.01
CA PRO A 303 -3.66 -17.15 56.63
C PRO A 303 -3.87 -17.09 58.14
N LYS A 304 -3.69 -18.24 58.79
CA LYS A 304 -4.00 -18.34 60.22
C LYS A 304 -3.13 -17.39 61.05
N SER A 305 -1.85 -17.26 60.68
CA SER A 305 -0.92 -16.44 61.46
C SER A 305 -1.33 -14.97 61.53
N VAL A 306 -2.15 -14.51 60.59
CA VAL A 306 -2.60 -13.12 60.57
C VAL A 306 -3.93 -13.00 61.31
N CYS A 307 -4.77 -14.04 61.18
CA CYS A 307 -6.10 -14.00 61.79
C CYS A 307 -6.07 -14.00 63.31
N GLU A 308 -4.93 -14.37 63.92
CA GLU A 308 -4.87 -14.51 65.37
C GLU A 308 -4.97 -13.19 66.11
N THR A 309 -4.47 -12.09 65.54
CA THR A 309 -4.46 -10.82 66.23
C THR A 309 -5.13 -9.70 65.46
N VAL A 310 -5.65 -9.96 64.27
CA VAL A 310 -6.23 -8.92 63.43
C VAL A 310 -7.57 -8.49 64.00
N LEU A 311 -7.89 -7.21 63.84
CA LEU A 311 -9.15 -6.63 64.28
C LEU A 311 -10.08 -6.49 63.09
N MET A 312 -11.39 -6.52 63.35
CA MET A 312 -12.39 -6.53 62.29
C MET A 312 -12.93 -5.13 62.03
N ASP A 313 -12.03 -4.24 61.60
CA ASP A 313 -12.44 -2.91 61.20
C ASP A 313 -11.84 -2.60 59.83
N PHE A 314 -12.20 -1.45 59.28
CA PHE A 314 -11.71 -1.07 57.96
C PHE A 314 -10.19 -0.93 57.95
N ASP A 315 -9.65 -0.13 58.87
CA ASP A 315 -8.25 0.25 58.79
C ASP A 315 -7.33 -0.92 59.14
N ALA A 316 -7.68 -1.70 60.17
CA ALA A 316 -6.85 -2.84 60.55
C ALA A 316 -6.79 -3.87 59.44
N LEU A 317 -7.93 -4.19 58.83
CA LEU A 317 -7.93 -5.18 57.76
C LEU A 317 -7.25 -4.65 56.50
N VAL A 318 -7.32 -3.33 56.28
CA VAL A 318 -6.53 -2.74 55.20
C VAL A 318 -5.05 -2.93 55.47
N GLN A 319 -4.62 -2.72 56.72
CA GLN A 319 -3.23 -2.96 57.08
C GLN A 319 -2.85 -4.43 56.91
N ALA A 320 -3.81 -5.34 57.08
CA ALA A 320 -3.57 -6.76 56.88
C ALA A 320 -3.67 -7.19 55.42
N GLN A 321 -3.56 -6.23 54.49
CA GLN A 321 -3.61 -6.50 53.05
C GLN A 321 -4.93 -7.15 52.63
N THR A 322 -6.03 -6.72 53.26
CA THR A 322 -7.36 -7.18 52.91
C THR A 322 -8.34 -6.05 53.20
N GLY A 323 -9.62 -6.39 53.31
CA GLY A 323 -10.65 -5.40 53.54
C GLY A 323 -11.71 -5.90 54.49
N LEU A 324 -12.42 -4.94 55.09
CA LEU A 324 -13.55 -5.28 55.94
C LEU A 324 -14.75 -5.73 55.10
N GLY A 325 -14.92 -5.13 53.92
CA GLY A 325 -15.96 -5.56 53.01
C GLY A 325 -17.33 -5.53 53.63
N THR A 326 -18.06 -6.62 53.48
CA THR A 326 -19.38 -6.79 54.07
C THR A 326 -19.32 -7.41 55.46
N ALA A 327 -18.12 -7.62 56.01
CA ALA A 327 -17.91 -8.28 57.29
C ALA A 327 -18.47 -9.70 57.29
N ALA A 328 -18.31 -10.39 56.17
CA ALA A 328 -18.73 -11.78 56.02
C ALA A 328 -17.50 -12.67 56.16
N VAL A 329 -17.39 -13.35 57.30
CA VAL A 329 -16.22 -14.15 57.62
C VAL A 329 -16.46 -15.59 57.15
N ILE A 330 -15.71 -16.00 56.13
CA ILE A 330 -15.74 -17.36 55.63
C ILE A 330 -14.49 -18.07 56.13
N VAL A 331 -14.69 -19.12 56.93
CA VAL A 331 -13.61 -19.84 57.59
C VAL A 331 -13.33 -21.13 56.85
N MET A 332 -12.06 -21.41 56.59
CA MET A 332 -11.64 -22.64 55.94
C MET A 332 -10.58 -23.33 56.79
N ASP A 333 -10.84 -24.58 57.17
CA ASP A 333 -9.91 -25.33 57.99
C ASP A 333 -8.85 -26.01 57.12
N ARG A 334 -7.94 -26.75 57.76
CA ARG A 334 -6.80 -27.33 57.06
C ARG A 334 -7.17 -28.47 56.13
N SER A 335 -8.43 -28.87 56.12
CA SER A 335 -8.87 -29.94 55.22
C SER A 335 -9.39 -29.36 53.91
N THR A 336 -9.32 -28.03 53.77
CA THR A 336 -9.85 -27.36 52.59
C THR A 336 -8.82 -27.39 51.45
N ASP A 337 -9.30 -27.66 50.24
CA ASP A 337 -8.51 -27.42 49.03
C ASP A 337 -8.55 -25.91 48.75
N ILE A 338 -7.54 -25.20 49.23
CA ILE A 338 -7.55 -23.74 49.15
C ILE A 338 -7.57 -23.23 47.71
N VAL A 339 -6.96 -23.97 46.78
CA VAL A 339 -6.98 -23.55 45.39
C VAL A 339 -8.38 -23.69 44.80
N LYS A 340 -9.08 -24.77 45.15
CA LYS A 340 -10.40 -25.04 44.59
C LYS A 340 -11.43 -24.03 45.05
N ALA A 341 -11.37 -23.60 46.32
CA ALA A 341 -12.31 -22.62 46.83
C ALA A 341 -12.18 -21.28 46.11
N ILE A 342 -10.94 -20.82 45.93
CA ILE A 342 -10.72 -19.56 45.21
C ILE A 342 -11.10 -19.73 43.75
N ALA A 343 -10.88 -20.90 43.16
CA ALA A 343 -11.31 -21.14 41.79
C ALA A 343 -12.83 -21.05 41.67
N ARG A 344 -13.55 -21.56 42.69
CA ARG A 344 -15.01 -21.44 42.69
C ARG A 344 -15.44 -19.97 42.79
N LEU A 345 -14.74 -19.18 43.61
CA LEU A 345 -15.06 -17.75 43.67
C LEU A 345 -14.81 -17.07 42.33
N ILE A 346 -13.72 -17.43 41.65
CA ILE A 346 -13.44 -16.85 40.35
C ILE A 346 -14.49 -17.27 39.33
N GLU A 347 -14.99 -18.50 39.42
CA GLU A 347 -16.08 -18.93 38.54
C GLU A 347 -17.35 -18.13 38.82
N PHE A 348 -17.62 -17.85 40.10
CA PHE A 348 -18.73 -16.96 40.44
C PHE A 348 -18.60 -15.61 39.75
N TYR A 349 -17.42 -14.99 39.86
CA TYR A 349 -17.22 -13.70 39.21
C TYR A 349 -17.33 -13.80 37.69
N LYS A 350 -16.88 -14.91 37.11
CA LYS A 350 -17.04 -15.12 35.68
C LYS A 350 -18.51 -15.19 35.29
N HIS A 351 -19.34 -15.81 36.11
CA HIS A 351 -20.77 -15.90 35.81
C HIS A 351 -21.54 -14.64 36.18
N GLU A 352 -20.95 -13.72 36.94
CA GLU A 352 -21.66 -12.51 37.34
C GLU A 352 -21.25 -11.26 36.57
N SER A 353 -20.14 -11.30 35.82
CA SER A 353 -19.70 -10.15 35.05
C SER A 353 -20.78 -9.68 34.07
N CYS A 354 -21.02 -8.38 34.03
CA CYS A 354 -22.05 -7.86 33.14
C CYS A 354 -21.57 -7.84 31.70
N GLY A 355 -20.26 -7.91 31.48
CA GLY A 355 -19.69 -7.97 30.15
C GLY A 355 -19.53 -6.66 29.44
N GLN A 356 -19.76 -5.53 30.12
CA GLN A 356 -19.73 -4.24 29.43
C GLN A 356 -18.32 -3.85 28.99
N CYS A 357 -17.34 -3.95 29.89
CA CYS A 357 -16.01 -3.42 29.61
C CYS A 357 -15.01 -4.54 29.37
N THR A 358 -14.06 -4.25 28.47
CA THR A 358 -13.12 -5.26 28.01
C THR A 358 -12.34 -5.96 29.13
N PRO A 359 -11.71 -5.26 30.09
CA PRO A 359 -10.89 -5.98 31.07
C PRO A 359 -11.68 -7.00 31.87
N CYS A 360 -12.83 -6.64 32.42
CA CYS A 360 -13.62 -7.64 33.14
C CYS A 360 -14.10 -8.74 32.20
N ARG A 361 -14.74 -8.37 31.09
CA ARG A 361 -15.40 -9.32 30.20
C ARG A 361 -14.43 -10.39 29.70
N GLU A 362 -13.21 -10.00 29.35
CA GLU A 362 -12.25 -10.97 28.85
C GLU A 362 -11.36 -11.55 29.96
N GLY A 363 -10.78 -10.69 30.81
CA GLY A 363 -9.80 -11.15 31.77
C GLY A 363 -10.36 -11.98 32.89
N VAL A 364 -11.62 -11.75 33.31
CA VAL A 364 -12.16 -12.58 34.37
C VAL A 364 -12.36 -14.01 33.88
N ASP A 365 -12.85 -14.17 32.64
CA ASP A 365 -12.97 -15.49 32.04
C ASP A 365 -11.59 -16.13 31.82
N TRP A 366 -10.61 -15.33 31.40
CA TRP A 366 -9.25 -15.83 31.26
C TRP A 366 -8.70 -16.34 32.59
N MET A 367 -8.89 -15.57 33.65
CA MET A 367 -8.42 -15.98 34.98
C MET A 367 -9.17 -17.21 35.46
N ASN A 368 -10.46 -17.32 35.12
CA ASN A 368 -11.21 -18.51 35.48
C ASN A 368 -10.62 -19.76 34.81
N LYS A 369 -10.28 -19.66 33.53
CA LYS A 369 -9.65 -20.80 32.85
C LYS A 369 -8.30 -21.14 33.48
N VAL A 370 -7.49 -20.12 33.77
CA VAL A 370 -6.18 -20.36 34.36
C VAL A 370 -6.32 -21.00 35.74
N MET A 371 -7.29 -20.56 36.54
CA MET A 371 -7.48 -21.12 37.86
C MET A 371 -8.03 -22.55 37.80
N ALA A 372 -8.89 -22.82 36.82
CA ALA A 372 -9.36 -24.19 36.62
C ALA A 372 -8.20 -25.11 36.27
N ARG A 373 -7.25 -24.63 35.49
CA ARG A 373 -6.05 -25.43 35.23
C ARG A 373 -5.16 -25.53 36.47
N PHE A 374 -5.09 -24.46 37.27
CA PHE A 374 -4.27 -24.47 38.47
C PHE A 374 -4.76 -25.49 39.48
N VAL A 375 -6.09 -25.71 39.54
CA VAL A 375 -6.63 -26.69 40.47
C VAL A 375 -6.07 -28.08 40.16
N LYS A 376 -6.01 -28.45 38.88
CA LYS A 376 -5.45 -29.73 38.49
C LYS A 376 -3.93 -29.76 38.59
N GLY A 377 -3.28 -28.61 38.50
CA GLY A 377 -1.84 -28.54 38.43
C GLY A 377 -1.28 -28.60 37.02
N ASP A 378 -2.12 -28.45 36.00
CA ASP A 378 -1.73 -28.59 34.61
C ASP A 378 -0.69 -27.58 34.16
N ALA A 379 -0.60 -26.43 34.81
CA ALA A 379 0.22 -25.32 34.34
C ALA A 379 1.68 -25.49 34.78
N ARG A 380 2.49 -24.48 34.49
CA ARG A 380 3.88 -24.34 34.89
C ARG A 380 4.01 -23.22 35.92
N PRO A 381 5.02 -23.27 36.79
CA PRO A 381 5.15 -22.23 37.83
C PRO A 381 5.24 -20.82 37.30
N ALA A 382 5.90 -20.60 36.15
CA ALA A 382 6.00 -19.26 35.57
C ALA A 382 4.63 -18.62 35.38
N GLU A 383 3.63 -19.40 34.96
CA GLU A 383 2.29 -18.89 34.76
C GLU A 383 1.73 -18.22 36.01
N ILE A 384 2.16 -18.65 37.21
CA ILE A 384 1.72 -17.98 38.43
C ILE A 384 1.97 -16.48 38.32
N ASP A 385 3.21 -16.09 38.02
CA ASP A 385 3.50 -14.67 37.89
C ASP A 385 2.68 -14.06 36.76
N SER A 386 2.55 -14.79 35.65
CA SER A 386 1.67 -14.34 34.58
C SER A 386 0.28 -14.03 35.11
N LEU A 387 -0.28 -14.95 35.88
CA LEU A 387 -1.62 -14.73 36.44
C LEU A 387 -1.64 -13.45 37.26
N TRP A 388 -0.63 -13.23 38.09
CA TRP A 388 -0.58 -12.02 38.90
C TRP A 388 -0.68 -10.79 37.99
N GLU A 389 0.13 -10.75 36.93
CA GLU A 389 0.10 -9.60 36.04
C GLU A 389 -1.27 -9.42 35.42
N ILE A 390 -1.93 -10.53 35.05
CA ILE A 390 -3.26 -10.42 34.48
C ILE A 390 -4.19 -9.71 35.44
N SER A 391 -4.12 -10.07 36.72
CA SER A 391 -4.98 -9.41 37.71
C SER A 391 -4.69 -7.93 37.77
N LYS A 392 -3.41 -7.55 37.71
CA LYS A 392 -3.06 -6.14 37.76
C LYS A 392 -3.58 -5.40 36.54
N GLN A 393 -3.63 -6.08 35.40
CA GLN A 393 -4.15 -5.44 34.20
C GLN A 393 -5.63 -5.15 34.36
N ILE A 394 -6.36 -6.11 34.93
CA ILE A 394 -7.79 -5.96 35.17
C ILE A 394 -8.13 -4.90 36.22
N GLU A 395 -7.36 -4.89 37.31
CA GLU A 395 -7.61 -3.97 38.41
C GLU A 395 -7.31 -2.51 38.08
N GLY A 396 -8.29 -1.66 38.36
CA GLY A 396 -8.19 -0.23 38.12
C GLY A 396 -8.46 0.24 36.69
N HIS A 397 -8.76 -0.71 35.81
CA HIS A 397 -9.02 -0.43 34.41
C HIS A 397 -10.45 -0.73 34.00
N THR A 398 -11.31 -0.99 34.99
CA THR A 398 -12.70 -1.34 34.72
C THR A 398 -13.67 -0.27 35.19
N ILE A 399 -14.84 -0.22 34.56
CA ILE A 399 -15.86 0.76 34.91
C ILE A 399 -16.30 0.66 36.37
N CYS A 400 -16.47 -0.55 36.87
CA CYS A 400 -16.87 -0.72 38.26
C CYS A 400 -15.91 -1.65 38.98
N ALA A 401 -16.19 -1.89 40.27
CA ALA A 401 -15.26 -2.58 41.14
C ALA A 401 -15.42 -4.10 41.12
N LEU A 402 -16.26 -4.65 40.24
CA LEU A 402 -16.30 -6.10 40.09
C LEU A 402 -14.96 -6.63 39.59
N GLY A 403 -14.26 -5.86 38.76
CA GLY A 403 -12.92 -6.23 38.36
C GLY A 403 -11.96 -6.28 39.53
N ASP A 404 -12.04 -5.29 40.42
CA ASP A 404 -11.25 -5.33 41.65
C ASP A 404 -11.60 -6.56 42.47
N GLY A 405 -12.90 -6.85 42.59
CA GLY A 405 -13.34 -7.99 43.37
C GLY A 405 -12.99 -9.33 42.77
N ALA A 406 -12.71 -9.39 41.47
CA ALA A 406 -12.22 -10.62 40.88
C ALA A 406 -10.70 -10.72 40.97
N ALA A 407 -10.01 -9.59 40.90
CA ALA A 407 -8.54 -9.62 40.95
C ALA A 407 -8.01 -9.87 42.36
N TRP A 408 -8.69 -9.35 43.39
CA TRP A 408 -8.15 -9.43 44.75
C TRP A 408 -8.03 -10.85 45.32
N PRO A 409 -9.05 -11.72 45.22
CA PRO A 409 -8.87 -13.07 45.78
C PRO A 409 -7.74 -13.87 45.15
N VAL A 410 -7.53 -13.72 43.83
CA VAL A 410 -6.40 -14.36 43.17
C VAL A 410 -5.09 -13.84 43.74
N GLN A 411 -5.00 -12.52 43.95
CA GLN A 411 -3.79 -11.95 44.52
C GLN A 411 -3.54 -12.47 45.93
N GLY A 412 -4.60 -12.60 46.74
CA GLY A 412 -4.43 -13.16 48.07
C GLY A 412 -3.94 -14.61 48.03
N LEU A 413 -4.52 -15.41 47.15
CA LEU A 413 -4.10 -16.81 47.02
C LEU A 413 -2.64 -16.91 46.60
N ILE A 414 -2.22 -16.09 45.62
CA ILE A 414 -0.84 -16.12 45.18
C ILE A 414 0.09 -15.62 46.29
N ARG A 415 -0.34 -14.60 47.03
CA ARG A 415 0.50 -14.04 48.07
C ARG A 415 0.74 -15.03 49.20
N HIS A 416 -0.28 -15.80 49.58
CA HIS A 416 -0.17 -16.63 50.77
C HIS A 416 -0.06 -18.12 50.52
N PHE A 417 -0.35 -18.60 49.31
CA PHE A 417 -0.36 -20.04 49.04
C PHE A 417 0.31 -20.38 47.72
N ARG A 418 1.36 -19.64 47.37
CA ARG A 418 2.15 -20.00 46.20
C ARG A 418 2.79 -21.39 46.31
N PRO A 419 3.36 -21.81 47.45
CA PRO A 419 3.89 -23.17 47.54
C PRO A 419 2.87 -24.25 47.22
N GLU A 420 1.59 -24.06 47.60
CA GLU A 420 0.58 -25.05 47.28
C GLU A 420 0.39 -25.17 45.77
N LEU A 421 0.35 -24.05 45.06
CA LEU A 421 0.22 -24.08 43.61
C LEU A 421 1.40 -24.78 42.97
N GLU A 422 2.61 -24.42 43.39
CA GLU A 422 3.80 -25.04 42.81
C GLU A 422 3.86 -26.52 43.11
N GLU A 423 3.42 -26.90 44.31
CA GLU A 423 3.45 -28.29 44.73
C GLU A 423 2.45 -29.12 43.92
N ARG A 424 1.26 -28.57 43.68
CA ARG A 424 0.28 -29.23 42.83
C ARG A 424 0.80 -29.38 41.39
N MET A 425 1.45 -28.34 40.87
CA MET A 425 2.03 -28.45 39.53
C MET A 425 3.11 -29.53 39.48
N GLN A 426 3.91 -29.63 40.53
CA GLN A 426 4.92 -30.68 40.60
C GLN A 426 4.27 -32.06 40.56
N GLN A 427 3.18 -32.26 41.31
CA GLN A 427 2.50 -33.55 41.28
C GLN A 427 1.94 -33.86 39.90
N PHE A 428 1.31 -32.86 39.26
CA PHE A 428 0.76 -33.11 37.93
C PHE A 428 1.85 -33.47 36.94
N ALA A 429 2.98 -32.76 36.98
CA ALA A 429 4.07 -33.08 36.07
C ALA A 429 4.65 -34.45 36.36
N LEU A 430 4.67 -34.86 37.63
CA LEU A 430 5.21 -36.16 37.99
C LEU A 430 4.31 -37.29 37.48
N GLN A 431 3.00 -37.19 37.73
CA GLN A 431 2.12 -38.30 37.43
C GLN A 431 1.91 -38.46 35.92
N HIS A 432 1.92 -37.36 35.19
CA HIS A 432 1.75 -37.41 33.74
C HIS A 432 3.06 -37.61 33.00
N GLN A 433 4.18 -37.70 33.73
CA GLN A 433 5.49 -37.96 33.14
C GLN A 433 5.83 -36.98 32.02
N THR B 1 46.71 -4.03 14.18
CA THR B 1 47.89 -4.86 14.01
C THR B 1 48.03 -5.22 12.54
N TYR B 2 49.24 -5.08 12.00
CA TYR B 2 49.46 -5.11 10.56
C TYR B 2 50.76 -5.81 10.25
N LYS B 3 50.95 -6.11 8.96
CA LYS B 3 52.19 -6.70 8.47
C LYS B 3 52.54 -6.07 7.13
N PHE B 4 53.83 -6.11 6.80
CA PHE B 4 54.32 -5.67 5.49
C PHE B 4 54.34 -6.84 4.53
N VAL B 5 53.99 -6.58 3.27
CA VAL B 5 53.96 -7.64 2.26
C VAL B 5 55.17 -7.63 1.34
N ASN B 6 55.83 -6.48 1.17
CA ASN B 6 56.92 -6.37 0.20
C ASN B 6 58.08 -5.55 0.78
N MET B 7 58.50 -5.88 1.99
CA MET B 7 59.54 -5.14 2.69
C MET B 7 60.66 -6.07 3.14
N ARG B 8 61.16 -6.90 2.24
CA ARG B 8 62.27 -7.80 2.53
C ARG B 8 63.51 -7.38 1.74
N GLU B 9 64.67 -7.87 2.19
CA GLU B 9 65.93 -7.52 1.56
C GLU B 9 66.71 -8.77 1.17
N PRO B 10 67.37 -8.78 0.02
CA PRO B 10 68.17 -9.94 -0.38
C PRO B 10 69.59 -9.89 0.16
N SER B 11 70.08 -11.06 0.56
CA SER B 11 71.45 -11.16 1.07
C SER B 11 72.45 -11.06 -0.07
N MET B 12 73.51 -10.30 0.14
CA MET B 12 74.48 -10.00 -0.90
C MET B 12 75.73 -10.88 -0.83
N ASP B 13 75.66 -12.03 -0.15
CA ASP B 13 76.77 -12.96 -0.19
C ASP B 13 76.88 -13.59 -1.57
N MET B 14 78.08 -14.09 -1.89
CA MET B 14 78.31 -14.65 -3.22
C MET B 14 77.42 -15.85 -3.50
N LYS B 15 77.05 -16.59 -2.45
CA LYS B 15 76.18 -17.75 -2.65
C LYS B 15 74.80 -17.30 -3.13
N SER B 16 74.19 -16.34 -2.44
CA SER B 16 72.86 -15.86 -2.83
C SER B 16 72.90 -15.12 -4.16
N VAL B 17 73.96 -14.35 -4.42
CA VAL B 17 74.06 -13.64 -5.69
C VAL B 17 74.22 -14.62 -6.83
N THR B 18 75.04 -15.66 -6.65
CA THR B 18 75.20 -16.68 -7.68
C THR B 18 73.92 -17.48 -7.88
N ASP B 19 73.18 -17.74 -6.80
CA ASP B 19 71.89 -18.39 -6.95
C ASP B 19 70.91 -17.53 -7.74
N ARG B 20 70.91 -16.22 -7.48
CA ARG B 20 70.07 -15.31 -8.25
C ARG B 20 70.49 -15.29 -9.72
N ALA B 21 71.79 -15.30 -9.99
CA ALA B 21 72.27 -15.33 -11.37
C ALA B 21 71.85 -16.62 -12.07
N ALA B 22 71.95 -17.75 -11.37
CA ALA B 22 71.51 -19.01 -11.94
C ALA B 22 70.01 -19.03 -12.20
N GLN B 23 69.22 -18.42 -11.31
CA GLN B 23 67.79 -18.28 -11.57
C GLN B 23 67.54 -17.41 -12.79
N THR B 24 68.30 -16.33 -12.94
CA THR B 24 68.11 -15.43 -14.08
C THR B 24 68.46 -16.12 -15.38
N LEU B 25 69.53 -16.91 -15.40
CA LEU B 25 70.02 -17.49 -16.65
C LEU B 25 69.37 -18.82 -16.97
N LEU B 26 68.87 -19.55 -15.97
CA LEU B 26 68.34 -20.88 -16.18
C LEU B 26 66.85 -21.01 -15.90
N TRP B 27 66.19 -19.91 -15.55
CA TRP B 27 64.72 -19.81 -15.52
C TRP B 27 64.10 -20.86 -14.60
N THR B 28 64.45 -20.76 -13.30
CA THR B 28 64.00 -21.78 -12.37
C THR B 28 62.55 -21.60 -11.95
N GLU B 29 62.10 -20.35 -11.75
CA GLU B 29 60.73 -20.12 -11.32
C GLU B 29 59.73 -20.41 -12.45
N LEU B 30 60.14 -20.19 -13.70
CA LEU B 30 59.31 -20.59 -14.83
C LEU B 30 59.14 -22.10 -14.88
N VAL B 31 60.22 -22.84 -14.60
CA VAL B 31 60.13 -24.29 -14.50
C VAL B 31 59.24 -24.70 -13.33
N ARG B 32 59.25 -23.95 -12.23
CA ARG B 32 58.35 -24.24 -11.12
C ARG B 32 56.89 -24.10 -11.55
N GLY B 33 56.57 -23.03 -12.27
CA GLY B 33 55.21 -22.87 -12.78
C GLY B 33 54.82 -23.99 -13.73
N LEU B 34 55.75 -24.40 -14.60
CA LEU B 34 55.48 -25.53 -15.49
C LEU B 34 55.21 -26.80 -14.69
N GLY B 35 55.98 -27.01 -13.62
CA GLY B 35 55.73 -28.16 -12.77
C GLY B 35 54.37 -28.13 -12.10
N MET B 36 53.93 -26.94 -11.67
CA MET B 36 52.59 -26.84 -11.10
C MET B 36 51.51 -27.20 -12.10
N THR B 37 51.61 -26.68 -13.33
CA THR B 37 50.61 -27.04 -14.34
C THR B 37 50.68 -28.53 -14.69
N LEU B 38 51.89 -29.10 -14.75
CA LEU B 38 52.02 -30.53 -15.00
C LEU B 38 51.37 -31.35 -13.89
N SER B 39 51.52 -30.91 -12.64
CA SER B 39 50.89 -31.59 -11.52
C SER B 39 49.38 -31.54 -11.64
N TYR B 40 48.83 -30.38 -12.02
CA TYR B 40 47.39 -30.30 -12.22
C TYR B 40 46.92 -31.18 -13.37
N LEU B 41 47.76 -31.38 -14.37
CA LEU B 41 47.36 -32.20 -15.52
C LEU B 41 47.01 -33.63 -15.11
N PHE B 42 47.72 -34.17 -14.12
CA PHE B 42 47.50 -35.55 -13.70
C PHE B 42 46.50 -35.67 -12.56
N ARG B 43 45.86 -34.57 -12.15
CA ARG B 43 44.80 -34.64 -11.16
C ARG B 43 43.46 -34.96 -11.84
N GLU B 44 42.57 -35.56 -11.07
CA GLU B 44 41.23 -35.86 -11.58
C GLU B 44 40.44 -34.57 -11.75
N PRO B 45 39.80 -34.36 -12.90
CA PRO B 45 39.04 -33.12 -13.11
C PRO B 45 37.76 -33.09 -12.30
N ALA B 46 37.26 -31.87 -12.10
CA ALA B 46 36.07 -31.61 -11.31
C ALA B 46 34.79 -31.57 -12.12
N THR B 47 34.85 -31.88 -13.41
CA THR B 47 33.68 -31.78 -14.28
C THR B 47 32.69 -32.90 -14.00
N ILE B 48 31.42 -32.54 -13.88
CA ILE B 48 30.34 -33.51 -13.74
C ILE B 48 29.73 -33.74 -15.12
N ASN B 49 29.12 -34.91 -15.29
CA ASN B 49 28.60 -35.33 -16.59
C ASN B 49 27.14 -34.91 -16.75
N TYR B 50 26.94 -33.60 -16.86
CA TYR B 50 25.61 -33.05 -17.10
C TYR B 50 25.12 -33.45 -18.49
N PRO B 51 23.82 -33.76 -18.67
CA PRO B 51 22.73 -33.77 -17.70
C PRO B 51 22.52 -35.10 -16.97
N PHE B 52 23.42 -36.06 -17.18
CA PHE B 52 23.32 -37.32 -16.47
C PHE B 52 23.70 -37.18 -15.01
N GLU B 53 24.48 -36.15 -14.67
CA GLU B 53 24.82 -35.81 -13.30
C GLU B 53 24.46 -34.35 -13.05
N LYS B 54 24.04 -34.06 -11.82
CA LYS B 54 23.53 -32.74 -11.48
C LYS B 54 24.31 -32.18 -10.29
N GLY B 55 24.28 -30.85 -10.16
CA GLY B 55 24.85 -30.18 -9.02
C GLY B 55 23.97 -30.30 -7.80
N PRO B 56 24.60 -30.37 -6.63
CA PRO B 56 23.83 -30.51 -5.39
C PRO B 56 23.05 -29.24 -5.06
N LEU B 57 21.86 -29.44 -4.49
CA LEU B 57 20.99 -28.34 -4.09
C LEU B 57 20.43 -28.64 -2.70
N SER B 58 19.97 -27.60 -2.04
CA SER B 58 19.42 -27.63 -0.70
C SER B 58 17.91 -27.74 -0.74
N PRO B 59 17.28 -28.22 0.32
CA PRO B 59 15.81 -28.14 0.41
C PRO B 59 15.28 -26.71 0.35
N ARG B 60 16.13 -25.74 0.68
CA ARG B 60 15.75 -24.33 0.68
C ARG B 60 15.90 -23.67 -0.70
N PHE B 61 16.36 -24.43 -1.69
CA PHE B 61 16.59 -23.85 -3.01
C PHE B 61 15.32 -23.25 -3.61
N ARG B 62 15.45 -22.07 -4.20
CA ARG B 62 14.32 -21.38 -4.79
C ARG B 62 14.30 -21.62 -6.30
N GLY B 63 13.26 -22.30 -6.75
CA GLY B 63 13.06 -22.64 -8.15
C GLY B 63 11.78 -22.07 -8.72
N GLU B 64 11.24 -22.75 -9.73
CA GLU B 64 10.00 -22.35 -10.38
C GLU B 64 8.87 -22.37 -9.34
N HIS B 65 7.99 -21.37 -9.42
CA HIS B 65 6.89 -21.22 -8.48
C HIS B 65 5.81 -22.26 -8.70
N ALA B 66 5.04 -22.52 -7.65
CA ALA B 66 3.90 -23.43 -7.71
C ALA B 66 2.86 -23.02 -6.68
N LEU B 67 1.60 -23.37 -6.97
CA LEU B 67 0.49 -23.20 -6.05
C LEU B 67 0.05 -24.55 -5.51
N ARG B 68 -0.13 -24.63 -4.20
CA ARG B 68 -0.30 -25.89 -3.49
C ARG B 68 -1.75 -26.12 -3.10
N ARG B 69 -2.01 -27.33 -2.62
CA ARG B 69 -3.35 -27.76 -2.21
C ARG B 69 -3.31 -28.38 -0.83
N TYR B 70 -4.48 -28.43 -0.20
CA TYR B 70 -4.68 -29.24 0.99
C TYR B 70 -4.81 -30.71 0.59
N PRO B 71 -4.62 -31.64 1.53
CA PRO B 71 -4.72 -33.06 1.17
C PRO B 71 -6.08 -33.47 0.62
N SER B 72 -7.12 -32.67 0.84
CA SER B 72 -8.42 -32.96 0.26
C SER B 72 -8.54 -32.50 -1.19
N GLY B 73 -7.55 -31.78 -1.70
CA GLY B 73 -7.61 -31.23 -3.03
C GLY B 73 -8.01 -29.78 -3.09
N GLU B 74 -8.51 -29.22 -2.00
CA GLU B 74 -8.83 -27.80 -1.93
C GLU B 74 -7.56 -26.96 -2.05
N GLU B 75 -7.67 -25.85 -2.77
CA GLU B 75 -6.57 -24.90 -2.87
C GLU B 75 -6.23 -24.32 -1.50
N ARG B 76 -4.95 -24.15 -1.25
CA ARG B 76 -4.52 -23.49 0.00
C ARG B 76 -4.72 -21.99 -0.08
N CYS B 77 -4.58 -21.40 -1.26
CA CYS B 77 -4.65 -19.95 -1.40
C CYS B 77 -6.05 -19.43 -1.09
N ILE B 78 -6.11 -18.41 -0.24
CA ILE B 78 -7.35 -17.75 0.15
C ILE B 78 -7.35 -16.26 -0.22
N ALA B 79 -6.47 -15.86 -1.13
CA ALA B 79 -6.52 -14.54 -1.76
C ALA B 79 -6.36 -13.42 -0.74
N CYS B 80 -5.42 -13.60 0.19
CA CYS B 80 -5.12 -12.53 1.16
C CYS B 80 -4.30 -11.41 0.53
N LYS B 81 -3.56 -11.72 -0.55
CA LYS B 81 -2.72 -10.79 -1.29
C LYS B 81 -1.50 -10.30 -0.52
N LEU B 82 -1.03 -11.07 0.48
CA LEU B 82 0.22 -10.66 1.13
C LEU B 82 1.42 -10.85 0.21
N CYS B 83 1.42 -11.92 -0.60
CA CYS B 83 2.49 -12.13 -1.56
C CYS B 83 2.54 -11.00 -2.59
N GLU B 84 1.37 -10.57 -3.06
CA GLU B 84 1.31 -9.46 -4.01
C GLU B 84 1.82 -8.17 -3.37
N ALA B 85 1.51 -7.93 -2.09
CA ALA B 85 1.94 -6.71 -1.43
C ALA B 85 3.45 -6.70 -1.20
N VAL B 86 4.02 -7.86 -0.84
CA VAL B 86 5.42 -7.90 -0.45
C VAL B 86 6.34 -7.97 -1.66
N CYS B 87 5.82 -8.40 -2.81
CA CYS B 87 6.67 -8.72 -3.95
C CYS B 87 7.50 -7.51 -4.37
N PRO B 88 8.83 -7.61 -4.33
CA PRO B 88 9.66 -6.43 -4.62
C PRO B 88 9.65 -6.03 -6.09
N ALA B 89 9.26 -6.92 -6.99
CA ALA B 89 9.24 -6.62 -8.41
C ALA B 89 7.85 -6.35 -8.94
N GLN B 90 6.82 -6.40 -8.10
CA GLN B 90 5.42 -6.31 -8.53
C GLN B 90 5.12 -7.33 -9.63
N ALA B 91 5.59 -8.56 -9.42
CA ALA B 91 5.44 -9.63 -10.39
C ALA B 91 4.13 -10.40 -10.23
N ILE B 92 3.37 -10.17 -9.16
CA ILE B 92 2.17 -10.92 -8.86
C ILE B 92 0.95 -10.05 -9.07
N THR B 93 -0.05 -10.58 -9.77
CA THR B 93 -1.32 -9.90 -10.00
C THR B 93 -2.44 -10.82 -9.56
N ILE B 94 -3.27 -10.35 -8.63
CA ILE B 94 -4.30 -11.18 -8.02
C ILE B 94 -5.66 -10.49 -8.15
N GLU B 95 -6.65 -11.25 -8.58
CA GLU B 95 -8.04 -10.85 -8.53
C GLU B 95 -8.85 -11.96 -7.85
N ALA B 96 -9.81 -11.56 -7.02
CA ALA B 96 -10.55 -12.52 -6.22
C ALA B 96 -12.01 -12.11 -6.12
N GLU B 97 -12.86 -13.09 -5.78
CA GLU B 97 -14.28 -12.91 -5.53
C GLU B 97 -14.78 -14.10 -4.72
N PRO B 98 -15.95 -14.01 -4.07
CA PRO B 98 -16.50 -15.19 -3.42
C PRO B 98 -16.85 -16.26 -4.45
N ARG B 99 -16.51 -17.50 -4.12
CA ARG B 99 -16.80 -18.60 -5.02
C ARG B 99 -18.29 -18.95 -4.98
N ALA B 100 -18.70 -19.88 -5.83
CA ALA B 100 -20.09 -20.32 -5.87
C ALA B 100 -20.55 -20.88 -4.53
N ASP B 101 -19.65 -21.47 -3.75
CA ASP B 101 -19.96 -21.97 -2.42
C ASP B 101 -19.60 -20.98 -1.32
N GLY B 102 -19.24 -19.75 -1.69
CA GLY B 102 -18.96 -18.70 -0.72
C GLY B 102 -17.53 -18.60 -0.24
N SER B 103 -16.63 -19.44 -0.76
CA SER B 103 -15.25 -19.47 -0.30
C SER B 103 -14.46 -18.29 -0.86
N ARG B 104 -13.43 -17.90 -0.13
CA ARG B 104 -12.54 -16.80 -0.52
C ARG B 104 -11.43 -17.35 -1.41
N ARG B 105 -11.57 -17.18 -2.72
CA ARG B 105 -10.66 -17.79 -3.67
C ARG B 105 -10.33 -16.80 -4.79
N THR B 106 -9.19 -17.01 -5.43
CA THR B 106 -8.72 -16.16 -6.50
C THR B 106 -9.41 -16.52 -7.82
N THR B 107 -9.68 -15.49 -8.62
CA THR B 107 -10.01 -15.68 -10.03
C THR B 107 -8.83 -15.40 -10.95
N ARG B 108 -7.89 -14.57 -10.53
CA ARG B 108 -6.65 -14.34 -11.27
C ARG B 108 -5.47 -14.46 -10.31
N TYR B 109 -4.50 -15.28 -10.67
CA TYR B 109 -3.21 -15.32 -9.96
C TYR B 109 -2.12 -15.45 -11.02
N ASP B 110 -1.51 -14.32 -11.37
CA ASP B 110 -0.46 -14.27 -12.38
C ASP B 110 0.87 -13.94 -11.75
N ILE B 111 1.91 -14.64 -12.18
CA ILE B 111 3.29 -14.28 -11.86
C ILE B 111 4.01 -14.04 -13.18
N ASP B 112 4.55 -12.85 -13.36
CA ASP B 112 5.43 -12.54 -14.48
C ASP B 112 6.82 -13.03 -14.11
N MET B 113 7.23 -14.16 -14.67
CA MET B 113 8.53 -14.75 -14.36
C MET B 113 9.70 -14.01 -15.01
N THR B 114 9.43 -13.07 -15.92
CA THR B 114 10.45 -12.18 -16.43
C THR B 114 10.57 -10.90 -15.61
N LYS B 115 9.61 -10.64 -14.72
CA LYS B 115 9.75 -9.61 -13.70
C LYS B 115 10.30 -10.16 -12.40
N CYS B 116 10.05 -11.43 -12.12
CA CYS B 116 10.40 -12.04 -10.84
C CYS B 116 11.90 -12.02 -10.61
N ILE B 117 12.29 -11.82 -9.36
CA ILE B 117 13.70 -11.90 -8.98
C ILE B 117 14.00 -13.16 -8.16
N TYR B 118 13.00 -14.01 -7.93
CA TYR B 118 13.19 -15.30 -7.28
C TYR B 118 13.77 -15.15 -5.88
N CYS B 119 13.26 -14.14 -5.16
CA CYS B 119 13.76 -13.85 -3.83
C CYS B 119 13.12 -14.73 -2.77
N GLY B 120 11.97 -15.32 -3.07
CA GLY B 120 11.25 -16.13 -2.11
C GLY B 120 10.48 -15.35 -1.05
N PHE B 121 10.28 -14.05 -1.23
CA PHE B 121 9.55 -13.27 -0.23
C PHE B 121 8.08 -13.64 -0.22
N CYS B 122 7.54 -14.04 -1.38
CA CYS B 122 6.14 -14.44 -1.46
C CYS B 122 5.85 -15.64 -0.58
N GLN B 123 6.72 -16.64 -0.61
CA GLN B 123 6.50 -17.84 0.19
C GLN B 123 6.78 -17.61 1.68
N GLU B 124 7.65 -16.65 2.02
CA GLU B 124 7.77 -16.23 3.41
C GLU B 124 6.50 -15.55 3.90
N ALA B 125 5.91 -14.71 3.06
CA ALA B 125 4.75 -13.93 3.46
C ALA B 125 3.47 -14.76 3.52
N CYS B 126 3.37 -15.84 2.75
CA CYS B 126 2.13 -16.59 2.64
C CYS B 126 1.78 -17.26 3.96
N PRO B 127 0.58 -17.03 4.49
CA PRO B 127 0.22 -17.60 5.81
C PRO B 127 -0.23 -19.05 5.75
N VAL B 128 -0.44 -19.63 4.57
CA VAL B 128 -1.05 -20.95 4.47
C VAL B 128 -0.21 -21.87 3.59
N ASP B 129 1.04 -21.47 3.32
CA ASP B 129 1.95 -22.25 2.47
C ASP B 129 1.35 -22.54 1.09
N ALA B 130 0.67 -21.54 0.53
CA ALA B 130 0.00 -21.72 -0.76
C ALA B 130 0.93 -21.52 -1.94
N ILE B 131 1.67 -20.41 -2.00
CA ILE B 131 2.62 -20.16 -3.06
C ILE B 131 4.01 -20.56 -2.57
N VAL B 132 4.73 -21.34 -3.37
CA VAL B 132 6.08 -21.77 -3.02
C VAL B 132 7.00 -21.61 -4.23
N GLU B 133 8.29 -21.54 -3.95
CA GLU B 133 9.32 -21.70 -4.97
C GLU B 133 9.77 -23.15 -4.91
N GLY B 134 9.49 -23.89 -5.99
CA GLY B 134 9.81 -25.30 -6.03
C GLY B 134 11.26 -25.54 -6.36
N PRO B 135 11.61 -26.82 -6.53
CA PRO B 135 12.99 -27.19 -6.84
C PRO B 135 13.35 -27.13 -8.32
N ASN B 136 12.39 -27.05 -9.22
CA ASN B 136 12.67 -27.08 -10.64
C ASN B 136 13.39 -25.81 -11.09
N PHE B 137 14.46 -25.98 -11.86
CA PHE B 137 15.18 -24.86 -12.45
C PHE B 137 15.36 -24.97 -13.95
N GLU B 138 14.96 -26.10 -14.56
CA GLU B 138 15.10 -26.30 -16.00
C GLU B 138 13.76 -26.08 -16.67
N PHE B 139 13.39 -24.81 -16.85
CA PHE B 139 12.13 -24.47 -17.50
C PHE B 139 12.33 -23.31 -18.47
N SER B 140 13.41 -23.35 -19.24
CA SER B 140 13.63 -22.39 -20.32
C SER B 140 12.61 -22.58 -21.44
N THR B 141 12.31 -21.49 -22.13
CA THR B 141 11.30 -21.47 -23.18
C THR B 141 11.87 -20.83 -24.44
N GLU B 142 11.13 -21.00 -25.55
CA GLU B 142 11.50 -20.40 -26.81
C GLU B 142 10.83 -19.05 -27.07
N THR B 143 9.81 -18.70 -26.28
CA THR B 143 9.13 -17.41 -26.44
C THR B 143 8.98 -16.73 -25.09
N HIS B 144 8.87 -15.40 -25.14
CA HIS B 144 8.66 -14.61 -23.93
C HIS B 144 7.32 -14.93 -23.29
N GLU B 145 6.29 -15.14 -24.12
CA GLU B 145 4.93 -15.28 -23.60
C GLU B 145 4.77 -16.48 -22.67
N GLU B 146 5.49 -17.57 -22.92
CA GLU B 146 5.38 -18.75 -22.10
C GLU B 146 5.83 -18.54 -20.66
N LEU B 147 6.55 -17.45 -20.37
CA LEU B 147 7.02 -17.17 -19.03
C LEU B 147 6.08 -16.24 -18.26
N LEU B 148 4.90 -15.95 -18.80
CA LEU B 148 3.87 -15.18 -18.09
C LEU B 148 2.85 -16.19 -17.56
N TYR B 149 3.09 -16.68 -16.35
CA TYR B 149 2.29 -17.76 -15.77
C TYR B 149 0.95 -17.24 -15.27
N ASN B 150 -0.12 -17.93 -15.63
CA ASN B 150 -1.43 -17.66 -15.05
C ASN B 150 -1.69 -18.68 -13.94
N LYS B 151 -2.91 -18.65 -13.38
CA LYS B 151 -3.23 -19.51 -12.25
C LYS B 151 -3.26 -20.98 -12.63
N GLU B 152 -3.75 -21.30 -13.84
CA GLU B 152 -3.78 -22.68 -14.28
C GLU B 152 -2.38 -23.27 -14.39
N LYS B 153 -1.44 -22.50 -14.93
CA LYS B 153 -0.05 -22.94 -15.03
C LYS B 153 0.54 -23.23 -13.64
N LEU B 154 0.27 -22.34 -12.68
CA LEU B 154 0.84 -22.50 -11.35
C LEU B 154 0.21 -23.68 -10.60
N LEU B 155 -1.10 -23.88 -10.78
CA LEU B 155 -1.74 -25.05 -10.20
C LEU B 155 -1.23 -26.35 -10.83
N ASN B 156 -1.00 -26.35 -12.15
CA ASN B 156 -0.40 -27.51 -12.79
C ASN B 156 1.01 -27.78 -12.26
N ASN B 157 1.79 -26.72 -12.03
CA ASN B 157 3.12 -26.89 -11.45
C ASN B 157 3.04 -27.50 -10.06
N GLY B 158 2.09 -27.03 -9.24
CA GLY B 158 1.91 -27.61 -7.93
C GLY B 158 1.53 -29.07 -7.99
N ASP B 159 0.58 -29.41 -8.86
CA ASP B 159 0.16 -30.80 -8.99
C ASP B 159 1.29 -31.69 -9.48
N LYS B 160 2.15 -31.16 -10.34
CA LYS B 160 3.26 -31.91 -10.91
C LYS B 160 4.42 -32.08 -9.94
N TRP B 161 4.68 -31.10 -9.07
CA TRP B 161 5.85 -31.13 -8.21
C TRP B 161 5.54 -31.33 -6.73
N GLU B 162 4.29 -31.59 -6.35
CA GLU B 162 3.93 -31.62 -4.93
C GLU B 162 4.70 -32.70 -4.17
N ALA B 163 4.98 -33.84 -4.80
CA ALA B 163 5.69 -34.91 -4.10
C ALA B 163 7.05 -34.41 -3.59
N GLU B 164 7.79 -33.69 -4.42
CA GLU B 164 9.07 -33.14 -4.03
C GLU B 164 8.90 -31.93 -3.11
N ILE B 165 7.91 -31.08 -3.39
CA ILE B 165 7.72 -29.86 -2.63
C ILE B 165 7.40 -30.17 -1.17
N ALA B 166 6.52 -31.14 -0.94
CA ALA B 166 6.14 -31.51 0.42
C ALA B 166 7.34 -32.06 1.19
N ALA B 167 8.15 -32.89 0.55
CA ALA B 167 9.35 -33.41 1.22
C ALA B 167 10.33 -32.29 1.57
N ASN B 168 10.53 -31.34 0.66
CA ASN B 168 11.44 -30.23 0.96
C ASN B 168 10.90 -29.37 2.10
N ILE B 169 9.59 -29.12 2.11
CA ILE B 169 8.99 -28.35 3.20
C ILE B 169 9.12 -29.11 4.51
N GLN B 170 8.89 -30.41 4.50
CA GLN B 170 9.07 -31.21 5.71
C GLN B 170 10.50 -31.14 6.21
N ALA B 171 11.47 -31.11 5.30
CA ALA B 171 12.86 -30.97 5.69
C ALA B 171 13.19 -29.61 6.28
N ASP B 172 12.58 -28.53 5.78
CA ASP B 172 13.02 -27.19 6.15
C ASP B 172 12.14 -26.45 7.16
N TYR B 173 10.89 -26.87 7.38
CA TYR B 173 9.93 -26.01 8.07
C TYR B 173 10.26 -25.78 9.55
N LEU B 174 11.08 -26.61 10.16
CA LEU B 174 11.48 -26.37 11.55
C LEU B 174 12.49 -25.24 11.70
N TYR B 175 13.03 -24.74 10.59
CA TYR B 175 13.87 -23.55 10.59
C TYR B 175 13.09 -22.28 10.28
N ARG B 176 11.79 -22.37 10.06
CA ARG B 176 11.01 -21.23 9.61
C ARG B 176 10.02 -20.72 10.65
N SER C 1 11.76 -39.85 -52.50
CA SER C 1 12.62 -39.64 -53.66
C SER C 1 14.08 -39.49 -53.25
N ARG C 2 14.96 -39.46 -54.25
CA ARG C 2 16.39 -39.39 -53.98
C ARG C 2 16.81 -37.96 -53.61
N GLY C 3 16.20 -36.96 -54.24
CA GLY C 3 16.56 -35.59 -53.93
C GLY C 3 16.19 -35.17 -52.53
N GLU C 4 14.98 -35.56 -52.08
CA GLU C 4 14.59 -35.29 -50.70
C GLU C 4 15.51 -35.99 -49.72
N TYR C 5 15.90 -37.22 -50.02
CA TYR C 5 16.85 -37.94 -49.16
C TYR C 5 18.18 -37.20 -49.08
N VAL C 6 18.70 -36.74 -50.21
CA VAL C 6 19.99 -36.05 -50.22
C VAL C 6 19.90 -34.75 -49.42
N VAL C 7 18.85 -33.95 -49.64
CA VAL C 7 18.77 -32.68 -48.93
C VAL C 7 18.53 -32.89 -47.45
N ALA C 8 17.80 -33.95 -47.07
CA ALA C 8 17.60 -34.23 -45.66
C ALA C 8 18.92 -34.62 -44.99
N LYS C 9 19.71 -35.47 -45.64
CA LYS C 9 21.01 -35.85 -45.08
C LYS C 9 21.93 -34.64 -44.97
N LEU C 10 21.91 -33.76 -45.97
CA LEU C 10 22.75 -32.56 -45.92
C LEU C 10 22.30 -31.61 -44.81
N ASP C 11 20.98 -31.49 -44.62
CA ASP C 11 20.47 -30.72 -43.49
C ASP C 11 20.97 -31.29 -42.17
N ASP C 12 20.92 -32.62 -42.05
CA ASP C 12 21.40 -33.26 -40.82
C ASP C 12 22.87 -32.94 -40.58
N LEU C 13 23.69 -33.03 -41.63
CA LEU C 13 25.12 -32.78 -41.47
C LEU C 13 25.40 -31.34 -41.06
N VAL C 14 24.76 -30.39 -41.75
CA VAL C 14 25.02 -28.97 -41.47
C VAL C 14 24.51 -28.61 -40.09
N ASN C 15 23.33 -29.10 -39.70
CA ASN C 15 22.81 -28.83 -38.37
C ASN C 15 23.72 -29.43 -37.29
N TRP C 16 24.24 -30.64 -37.54
CA TRP C 16 25.17 -31.22 -36.59
C TRP C 16 26.41 -30.37 -36.43
N ALA C 17 26.98 -29.91 -37.55
CA ALA C 17 28.18 -29.09 -37.47
C ALA C 17 27.92 -27.78 -36.73
N ARG C 18 26.76 -27.18 -36.96
CA ARG C 18 26.47 -25.88 -36.34
C ARG C 18 26.15 -26.02 -34.86
N ARG C 19 25.40 -27.04 -34.47
CA ARG C 19 25.07 -27.21 -33.05
C ARG C 19 26.23 -27.80 -32.25
N SER C 20 27.17 -28.49 -32.90
CA SER C 20 28.33 -29.02 -32.19
C SER C 20 29.47 -28.00 -32.06
N SER C 21 29.39 -26.89 -32.78
CA SER C 21 30.42 -25.84 -32.71
C SER C 21 29.68 -24.51 -32.53
N LEU C 22 29.36 -24.19 -31.28
CA LEU C 22 28.61 -22.98 -30.94
C LEU C 22 29.56 -22.04 -30.21
N TRP C 23 29.86 -20.91 -30.84
CA TRP C 23 30.83 -19.98 -30.27
C TRP C 23 30.14 -18.71 -29.82
N PRO C 24 29.84 -18.55 -28.54
CA PRO C 24 29.23 -17.30 -28.07
C PRO C 24 30.22 -16.17 -28.00
N MET C 25 29.73 -14.97 -28.27
CA MET C 25 30.54 -13.77 -28.15
C MET C 25 30.89 -13.51 -26.69
N THR C 26 32.11 -13.01 -26.46
CA THR C 26 32.49 -12.61 -25.11
C THR C 26 31.72 -11.34 -24.74
N PHE C 27 30.57 -11.51 -24.10
CA PHE C 27 29.59 -10.44 -23.99
C PHE C 27 28.73 -10.71 -22.76
N GLY C 28 28.78 -9.80 -21.81
CA GLY C 28 27.95 -9.90 -20.62
C GLY C 28 27.81 -8.54 -19.98
N LEU C 29 26.71 -8.36 -19.24
CA LEU C 29 26.36 -7.04 -18.74
C LEU C 29 26.39 -6.92 -17.23
N ALA C 30 25.91 -7.92 -16.50
CA ALA C 30 25.68 -7.77 -15.06
C ALA C 30 25.84 -9.08 -14.32
N CYS C 31 25.22 -9.19 -13.14
CA CYS C 31 25.37 -10.36 -12.27
C CYS C 31 25.24 -11.70 -13.01
N CYS C 32 24.39 -11.76 -14.04
CA CYS C 32 24.20 -13.01 -14.77
C CYS C 32 25.49 -13.49 -15.43
N ALA C 33 26.37 -12.55 -15.77
CA ALA C 33 27.64 -12.87 -16.39
C ALA C 33 28.50 -13.71 -15.45
N VAL C 34 28.31 -13.52 -14.15
CA VAL C 34 29.05 -14.26 -13.14
C VAL C 34 28.65 -15.73 -13.17
N GLU C 35 27.37 -16.00 -13.44
CA GLU C 35 26.87 -17.36 -13.53
C GLU C 35 27.37 -18.01 -14.81
N MET C 36 27.53 -17.18 -15.86
CA MET C 36 28.04 -17.63 -17.13
C MET C 36 29.50 -18.04 -16.94
N MET C 37 30.22 -17.26 -16.15
CA MET C 37 31.62 -17.55 -15.86
C MET C 37 31.69 -18.89 -15.15
N HIS C 38 30.70 -19.15 -14.30
CA HIS C 38 30.64 -20.41 -13.57
C HIS C 38 30.28 -21.58 -14.48
N MET C 39 29.55 -21.31 -15.57
CA MET C 39 29.28 -22.37 -16.52
C MET C 39 30.53 -22.79 -17.27
N ALA C 40 31.47 -21.85 -17.49
CA ALA C 40 32.75 -22.16 -18.10
C ALA C 40 33.76 -22.75 -17.12
N ALA C 41 33.48 -22.69 -15.82
CA ALA C 41 34.37 -23.19 -14.79
C ALA C 41 34.45 -24.71 -14.86
N PRO C 42 35.47 -25.31 -14.23
CA PRO C 42 35.70 -26.76 -14.43
C PRO C 42 34.52 -27.65 -14.10
N ARG C 43 33.64 -27.27 -13.16
CA ARG C 43 32.55 -28.17 -12.79
C ARG C 43 31.62 -28.45 -13.95
N TYR C 44 31.31 -27.43 -14.76
CA TYR C 44 30.41 -27.59 -15.88
C TYR C 44 31.10 -27.62 -17.24
N ASP C 45 32.17 -26.84 -17.41
CA ASP C 45 33.11 -27.00 -18.52
C ASP C 45 32.39 -27.05 -19.87
N MET C 46 31.76 -25.93 -20.22
CA MET C 46 31.00 -25.86 -21.46
C MET C 46 31.87 -26.15 -22.68
N ASP C 47 33.17 -25.94 -22.58
CA ASP C 47 34.09 -26.25 -23.68
C ASP C 47 34.03 -27.72 -24.06
N ARG C 48 33.71 -28.60 -23.12
CA ARG C 48 33.59 -30.02 -23.43
C ARG C 48 32.39 -30.32 -24.32
N PHE C 49 31.42 -29.40 -24.40
CA PHE C 49 30.32 -29.51 -25.34
C PHE C 49 30.65 -28.87 -26.69
N GLY C 50 31.84 -28.32 -26.86
CA GLY C 50 32.19 -27.57 -28.05
C GLY C 50 31.82 -26.11 -28.03
N VAL C 51 31.52 -25.54 -26.86
CA VAL C 51 31.08 -24.16 -26.74
C VAL C 51 32.27 -23.33 -26.25
N VAL C 52 32.69 -22.37 -27.07
CA VAL C 52 33.93 -21.63 -26.86
C VAL C 52 33.65 -20.15 -27.04
N PHE C 53 34.05 -19.33 -26.07
CA PHE C 53 33.93 -17.89 -26.23
C PHE C 53 34.93 -17.36 -27.25
N ARG C 54 34.49 -16.36 -28.02
CA ARG C 54 35.38 -15.61 -28.90
C ARG C 54 34.99 -14.14 -28.81
N ALA C 55 35.99 -13.28 -28.75
CA ALA C 55 35.73 -11.87 -28.47
C ALA C 55 35.12 -11.16 -29.68
N SER C 56 35.59 -11.48 -30.88
CA SER C 56 35.13 -10.78 -32.07
C SER C 56 33.72 -11.23 -32.45
N PRO C 57 32.82 -10.28 -32.71
CA PRO C 57 31.50 -10.66 -33.26
C PRO C 57 31.59 -11.35 -34.60
N ARG C 58 32.63 -11.08 -35.39
CA ARG C 58 32.77 -11.75 -36.69
C ARG C 58 33.03 -13.24 -36.52
N GLN C 59 33.58 -13.64 -35.38
CA GLN C 59 33.96 -15.02 -35.13
C GLN C 59 33.03 -15.74 -34.16
N SER C 60 31.89 -15.14 -33.83
CA SER C 60 30.98 -15.71 -32.85
C SER C 60 29.64 -16.07 -33.51
N ASP C 61 28.99 -17.09 -32.94
CA ASP C 61 27.71 -17.58 -33.43
C ASP C 61 26.54 -17.22 -32.53
N VAL C 62 26.78 -17.05 -31.24
CA VAL C 62 25.71 -16.88 -30.25
C VAL C 62 25.93 -15.60 -29.49
N MET C 63 24.86 -14.85 -29.28
CA MET C 63 24.81 -13.75 -28.33
C MET C 63 24.06 -14.21 -27.08
N ILE C 64 24.72 -14.17 -25.93
CA ILE C 64 24.05 -14.38 -24.64
C ILE C 64 23.92 -13.02 -23.97
N VAL C 65 22.70 -12.52 -23.86
CA VAL C 65 22.42 -11.26 -23.19
C VAL C 65 22.34 -11.58 -21.69
N ALA C 66 23.46 -11.45 -20.99
CA ALA C 66 23.56 -11.84 -19.58
C ALA C 66 23.66 -10.57 -18.73
N GLY C 67 22.52 -10.00 -18.40
CA GLY C 67 22.45 -8.83 -17.56
C GLY C 67 21.45 -7.82 -18.05
N THR C 68 21.26 -6.78 -17.26
CA THR C 68 20.33 -5.71 -17.59
C THR C 68 20.79 -4.93 -18.80
N LEU C 69 19.87 -4.63 -19.70
CA LEU C 69 20.13 -3.81 -20.88
C LEU C 69 19.55 -2.43 -20.63
N THR C 70 20.43 -1.43 -20.54
CA THR C 70 19.99 -0.06 -20.36
C THR C 70 19.74 0.62 -21.70
N ASN C 71 19.11 1.79 -21.64
CA ASN C 71 18.90 2.57 -22.86
C ASN C 71 20.22 3.04 -23.46
N LYS C 72 21.17 3.43 -22.61
CA LYS C 72 22.48 3.87 -23.10
C LYS C 72 23.22 2.74 -23.80
N MET C 73 23.01 1.51 -23.37
CA MET C 73 23.71 0.36 -23.92
C MET C 73 23.05 -0.23 -25.15
N ALA C 74 21.74 -0.05 -25.31
CA ALA C 74 21.00 -0.73 -26.37
C ALA C 74 21.57 -0.54 -27.77
N PRO C 75 21.95 0.66 -28.22
CA PRO C 75 22.56 0.77 -29.56
C PRO C 75 23.82 -0.05 -29.72
N ALA C 76 24.65 -0.16 -28.67
CA ALA C 76 25.87 -0.95 -28.78
C ALA C 76 25.56 -2.44 -28.90
N LEU C 77 24.59 -2.93 -28.14
CA LEU C 77 24.19 -4.34 -28.27
C LEU C 77 23.64 -4.62 -29.65
N ARG C 78 22.81 -3.72 -30.16
CA ARG C 78 22.27 -3.89 -31.52
C ARG C 78 23.40 -3.88 -32.54
N LYS C 79 24.39 -3.01 -32.36
CA LYS C 79 25.51 -2.93 -33.29
C LYS C 79 26.32 -4.22 -33.31
N VAL C 80 26.66 -4.74 -32.13
CA VAL C 80 27.47 -5.96 -32.10
C VAL C 80 26.65 -7.18 -32.49
N TYR C 81 25.31 -7.13 -32.36
CA TYR C 81 24.48 -8.20 -32.90
C TYR C 81 24.46 -8.17 -34.43
N ASP C 82 24.35 -6.97 -35.02
CA ASP C 82 24.32 -6.84 -36.47
C ASP C 82 25.63 -7.27 -37.10
N GLN C 83 26.74 -7.12 -36.38
CA GLN C 83 28.05 -7.47 -36.90
C GLN C 83 28.38 -8.94 -36.76
N MET C 84 27.50 -9.74 -36.18
CA MET C 84 27.65 -11.18 -36.20
C MET C 84 27.25 -11.73 -37.55
N PRO C 85 28.09 -12.54 -38.20
CA PRO C 85 27.68 -13.19 -39.45
C PRO C 85 26.64 -14.28 -39.18
N GLU C 86 25.96 -14.66 -40.23
CA GLU C 86 24.85 -15.58 -40.09
C GLU C 86 25.24 -16.99 -40.54
N PRO C 87 24.63 -18.04 -39.97
CA PRO C 87 23.55 -17.98 -38.97
C PRO C 87 24.01 -17.54 -37.58
N ARG C 88 23.14 -16.80 -36.90
CA ARG C 88 23.40 -16.29 -35.57
C ARG C 88 22.19 -16.55 -34.68
N TYR C 89 22.45 -16.66 -33.38
CA TYR C 89 21.41 -16.97 -32.42
C TYR C 89 21.58 -16.10 -31.18
N VAL C 90 20.47 -15.84 -30.49
CA VAL C 90 20.46 -15.01 -29.30
C VAL C 90 19.84 -15.79 -28.17
N VAL C 91 20.51 -15.82 -27.02
CA VAL C 91 19.99 -16.40 -25.80
C VAL C 91 19.80 -15.28 -24.79
N SER C 92 18.57 -15.09 -24.34
CA SER C 92 18.27 -14.12 -23.30
C SER C 92 18.37 -14.82 -21.94
N MET C 93 19.26 -14.32 -21.08
CA MET C 93 19.55 -14.95 -19.80
C MET C 93 19.19 -14.01 -18.66
N GLY C 94 18.33 -14.48 -17.77
CA GLY C 94 17.98 -13.74 -16.58
C GLY C 94 16.77 -12.84 -16.77
N SER C 95 16.13 -12.52 -15.65
CA SER C 95 14.90 -11.73 -15.65
C SER C 95 15.12 -10.36 -16.29
N CYS C 96 16.25 -9.71 -16.00
CA CYS C 96 16.51 -8.39 -16.57
C CYS C 96 16.49 -8.43 -18.09
N ALA C 97 17.25 -9.35 -18.69
CA ALA C 97 17.27 -9.47 -20.13
C ALA C 97 15.93 -9.98 -20.67
N ASN C 98 15.26 -10.85 -19.93
CA ASN C 98 14.02 -11.45 -20.40
C ASN C 98 12.91 -10.40 -20.51
N GLY C 99 12.67 -9.65 -19.45
CA GLY C 99 11.60 -8.68 -19.46
C GLY C 99 11.82 -7.40 -18.67
N GLY C 100 13.02 -7.20 -18.15
CA GLY C 100 13.29 -6.04 -17.31
C GLY C 100 13.58 -6.40 -15.87
N GLY C 101 12.90 -7.43 -15.37
CA GLY C 101 13.20 -7.94 -14.03
C GLY C 101 12.93 -6.93 -12.94
N TYR C 102 13.86 -6.86 -11.98
CA TYR C 102 13.77 -5.94 -10.85
C TYR C 102 13.64 -4.49 -11.29
N TYR C 103 14.28 -4.12 -12.40
CA TYR C 103 14.33 -2.75 -12.88
C TYR C 103 13.37 -2.51 -14.03
N HIS C 104 12.28 -3.26 -14.07
CA HIS C 104 11.32 -3.17 -15.17
C HIS C 104 10.74 -1.77 -15.30
N TYR C 105 10.40 -1.14 -14.18
CA TYR C 105 9.72 0.15 -14.19
C TYR C 105 10.68 1.33 -14.21
N SER C 106 11.98 1.08 -14.43
CA SER C 106 12.97 2.15 -14.44
C SER C 106 12.88 2.98 -15.70
N TYR C 107 13.20 4.28 -15.56
CA TYR C 107 13.28 5.21 -16.67
C TYR C 107 14.42 4.92 -17.63
N SER C 108 15.44 4.16 -17.22
CA SER C 108 16.65 4.00 -18.01
C SER C 108 16.90 2.56 -18.46
N VAL C 109 15.91 1.68 -18.34
CA VAL C 109 16.09 0.26 -18.61
C VAL C 109 15.18 -0.15 -19.75
N VAL C 110 15.73 -0.93 -20.69
CA VAL C 110 14.94 -1.56 -21.74
C VAL C 110 14.20 -2.75 -21.14
N ARG C 111 12.89 -2.80 -21.37
CA ARG C 111 12.05 -3.84 -20.75
C ARG C 111 12.08 -5.11 -21.60
N GLY C 112 13.20 -5.80 -21.51
CA GLY C 112 13.45 -7.00 -22.28
C GLY C 112 14.24 -6.71 -23.54
N CYS C 113 15.29 -7.51 -23.75
CA CYS C 113 16.15 -7.34 -24.91
C CYS C 113 15.48 -7.79 -26.21
N ASP C 114 14.32 -8.44 -26.13
CA ASP C 114 13.59 -8.78 -27.35
C ASP C 114 12.96 -7.57 -28.02
N ARG C 115 12.98 -6.41 -27.34
CA ARG C 115 12.64 -5.17 -28.01
C ARG C 115 13.73 -4.71 -28.97
N ILE C 116 14.95 -5.20 -28.80
CA ILE C 116 16.09 -4.78 -29.61
C ILE C 116 16.50 -5.86 -30.60
N VAL C 117 16.56 -7.11 -30.16
CA VAL C 117 16.99 -8.22 -31.03
C VAL C 117 16.01 -9.37 -30.90
N PRO C 118 15.89 -10.17 -31.96
CA PRO C 118 15.10 -11.41 -31.85
C PRO C 118 15.81 -12.43 -30.98
N VAL C 119 15.02 -13.19 -30.22
CA VAL C 119 15.53 -14.09 -29.20
C VAL C 119 15.09 -15.51 -29.53
N ASP C 120 16.03 -16.45 -29.45
CA ASP C 120 15.76 -17.86 -29.68
C ASP C 120 15.40 -18.61 -28.39
N ILE C 121 16.09 -18.35 -27.29
CA ILE C 121 15.87 -19.06 -26.03
C ILE C 121 15.81 -18.05 -24.89
N TYR C 122 14.82 -18.22 -24.01
CA TYR C 122 14.69 -17.43 -22.80
C TYR C 122 15.02 -18.31 -21.61
N VAL C 123 15.98 -17.89 -20.79
CA VAL C 123 16.42 -18.63 -19.62
C VAL C 123 15.97 -17.86 -18.37
N PRO C 124 15.04 -18.39 -17.59
CA PRO C 124 14.56 -17.68 -16.40
C PRO C 124 15.46 -17.86 -15.19
N GLY C 125 15.30 -16.96 -14.23
CA GLY C 125 16.10 -16.95 -13.02
C GLY C 125 16.72 -15.59 -12.76
N CYS C 126 17.14 -15.31 -11.53
CA CYS C 126 17.75 -14.03 -11.18
C CYS C 126 18.86 -14.23 -10.15
N PRO C 127 20.02 -14.73 -10.58
CA PRO C 127 20.32 -15.22 -11.92
C PRO C 127 19.94 -16.68 -12.09
N PRO C 128 19.78 -17.15 -13.32
CA PRO C 128 19.73 -18.60 -13.54
C PRO C 128 21.03 -19.22 -13.08
N THR C 129 20.94 -20.42 -12.49
CA THR C 129 22.15 -21.13 -12.13
C THR C 129 22.91 -21.51 -13.40
N ALA C 130 24.22 -21.75 -13.23
CA ALA C 130 25.03 -22.18 -14.36
C ALA C 130 24.44 -23.43 -15.01
N GLU C 131 23.88 -24.32 -14.21
CA GLU C 131 23.22 -25.51 -14.74
C GLU C 131 21.98 -25.16 -15.56
N ALA C 132 21.20 -24.17 -15.10
CA ALA C 132 20.05 -23.71 -15.88
C ALA C 132 20.49 -23.12 -17.22
N LEU C 133 21.57 -22.35 -17.23
CA LEU C 133 22.08 -21.80 -18.48
C LEU C 133 22.56 -22.91 -19.40
N LEU C 134 23.23 -23.93 -18.85
CA LEU C 134 23.63 -25.07 -19.66
C LEU C 134 22.43 -25.78 -20.26
N TYR C 135 21.37 -25.92 -19.47
CA TYR C 135 20.13 -26.50 -19.99
C TYR C 135 19.58 -25.66 -21.15
N GLY C 136 19.60 -24.34 -21.01
CA GLY C 136 19.16 -23.49 -22.10
C GLY C 136 20.01 -23.63 -23.35
N ILE C 137 21.32 -23.77 -23.17
CA ILE C 137 22.23 -23.96 -24.31
C ILE C 137 21.91 -25.28 -25.02
N LEU C 138 21.68 -26.35 -24.25
CA LEU C 138 21.33 -27.63 -24.87
C LEU C 138 19.97 -27.54 -25.56
N GLN C 139 19.04 -26.76 -25.01
CA GLN C 139 17.77 -26.53 -25.67
C GLN C 139 17.97 -25.82 -27.01
N LEU C 140 18.88 -24.85 -27.05
CA LEU C 140 19.21 -24.19 -28.31
C LEU C 140 19.84 -25.18 -29.29
N GLN C 141 20.67 -26.09 -28.81
CA GLN C 141 21.22 -27.12 -29.68
C GLN C 141 20.13 -27.98 -30.29
N ARG C 142 19.15 -28.39 -29.47
CA ARG C 142 18.04 -29.18 -29.99
C ARG C 142 17.20 -28.38 -30.98
N LYS C 143 17.06 -27.07 -30.76
CA LYS C 143 16.35 -26.22 -31.72
C LYS C 143 17.09 -26.13 -33.05
N ILE C 144 18.42 -26.01 -33.00
CA ILE C 144 19.22 -26.00 -34.22
C ILE C 144 19.14 -27.34 -34.93
N LYS C 145 19.00 -28.43 -34.17
CA LYS C 145 18.87 -29.75 -34.78
C LYS C 145 17.60 -29.88 -35.63
N ARG C 146 16.58 -29.06 -35.38
CA ARG C 146 15.30 -29.19 -36.06
C ARG C 146 15.18 -28.34 -37.33
N GLU C 147 16.20 -27.57 -37.69
CA GLU C 147 16.09 -26.70 -38.86
C GLU C 147 16.05 -27.53 -40.14
N LYS C 148 15.30 -27.03 -41.12
CA LYS C 148 15.07 -27.73 -42.39
C LYS C 148 15.33 -26.78 -43.56
N ARG C 149 16.47 -26.08 -43.52
CA ARG C 149 16.76 -25.07 -44.54
C ARG C 149 16.80 -25.67 -45.93
N LEU C 150 17.54 -26.77 -46.10
CA LEU C 150 17.73 -27.34 -47.43
C LEU C 150 16.46 -28.03 -47.92
N ARG C 151 15.72 -28.66 -47.02
CA ARG C 151 14.43 -29.24 -47.41
C ARG C 151 13.48 -28.18 -47.92
N ILE C 152 13.42 -27.04 -47.22
CA ILE C 152 12.51 -25.97 -47.61
C ILE C 152 12.97 -25.32 -48.92
N TRP C 153 14.29 -25.22 -49.12
CA TRP C 153 14.80 -24.77 -50.41
C TRP C 153 14.41 -25.74 -51.52
N TYR C 154 14.49 -27.04 -51.25
CA TYR C 154 14.15 -28.04 -52.25
C TYR C 154 12.67 -28.03 -52.58
N ARG C 155 11.82 -27.66 -51.60
CA ARG C 155 10.39 -27.62 -51.84
C ARG C 155 9.93 -26.31 -52.44
N ARG C 156 10.84 -25.37 -52.70
CA ARG C 156 10.49 -24.10 -53.32
C ARG C 156 10.27 -24.27 -54.81
N GLY D 1 14.99 44.80 -5.65
CA GLY D 1 16.27 44.18 -5.35
C GLY D 1 16.36 42.74 -5.78
N THR D 2 15.57 41.88 -5.13
CA THR D 2 15.36 40.47 -5.48
C THR D 2 16.60 39.63 -5.18
N SER D 3 17.72 40.29 -4.89
CA SER D 3 18.94 39.65 -4.38
C SER D 3 19.25 38.29 -5.00
N VAL D 4 19.43 38.22 -6.31
CA VAL D 4 19.64 36.95 -7.00
C VAL D 4 21.07 36.88 -7.53
N LYS D 5 21.68 35.72 -7.33
CA LYS D 5 23.04 35.47 -7.78
C LYS D 5 23.05 35.01 -9.24
N PRO D 6 23.83 35.65 -10.11
CA PRO D 6 23.87 35.24 -11.52
C PRO D 6 24.63 33.95 -11.71
N ILE D 7 24.51 33.40 -12.93
CA ILE D 7 25.28 32.23 -13.32
C ILE D 7 26.45 32.69 -14.18
N PHE D 8 26.15 33.28 -15.34
CA PHE D 8 27.17 33.92 -16.18
C PHE D 8 26.82 35.36 -16.52
N SER D 9 25.56 35.64 -16.82
CA SER D 9 25.14 36.92 -17.39
C SER D 9 24.43 37.76 -16.34
N ARG D 10 24.67 39.07 -16.38
CA ARG D 10 24.03 39.99 -15.45
C ARG D 10 22.67 40.46 -15.94
N ASP D 11 22.48 40.59 -17.25
CA ASP D 11 21.21 41.01 -17.82
C ASP D 11 20.95 40.17 -19.07
N MET D 12 19.97 40.59 -19.86
CA MET D 12 19.58 39.81 -21.03
C MET D 12 20.54 39.97 -22.21
N ASN D 13 21.31 41.06 -22.26
CA ASN D 13 22.17 41.30 -23.41
C ASN D 13 23.33 40.31 -23.47
N GLU D 14 24.00 40.07 -22.34
CA GLU D 14 25.09 39.12 -22.33
C GLU D 14 24.58 37.69 -22.54
N ALA D 15 23.38 37.39 -22.00
CA ALA D 15 22.78 36.10 -22.25
C ALA D 15 22.48 35.90 -23.73
N LYS D 16 21.99 36.95 -24.39
CA LYS D 16 21.73 36.86 -25.83
C LYS D 16 23.02 36.70 -26.62
N ARG D 17 24.09 37.37 -26.19
CA ARG D 17 25.38 37.18 -26.84
C ARG D 17 25.87 35.74 -26.70
N ARG D 18 25.70 35.12 -25.53
CA ARG D 18 26.07 33.73 -25.37
C ARG D 18 25.20 32.82 -26.23
N VAL D 19 23.91 33.15 -26.35
CA VAL D 19 23.02 32.40 -27.23
C VAL D 19 23.53 32.46 -28.68
N ARG D 20 23.97 33.64 -29.11
CA ARG D 20 24.48 33.79 -30.47
C ARG D 20 25.77 33.01 -30.68
N GLU D 21 26.66 33.02 -29.69
CA GLU D 21 27.87 32.18 -29.79
C GLU D 21 27.50 30.70 -29.96
N LEU D 22 26.59 30.20 -29.12
CA LEU D 22 26.22 28.79 -29.21
C LEU D 22 25.57 28.48 -30.55
N TYR D 23 24.73 29.40 -31.04
CA TYR D 23 24.08 29.19 -32.33
C TYR D 23 25.11 29.13 -33.45
N ARG D 24 26.10 30.02 -33.42
CA ARG D 24 27.15 29.98 -34.43
C ARG D 24 27.91 28.67 -34.38
N ALA D 25 28.24 28.20 -33.18
CA ALA D 25 28.95 26.93 -33.05
C ALA D 25 28.15 25.78 -33.65
N TRP D 26 26.86 25.71 -33.33
CA TRP D 26 26.02 24.64 -33.87
C TRP D 26 25.90 24.73 -35.39
N TYR D 27 25.69 25.95 -35.90
CA TYR D 27 25.55 26.15 -37.34
C TYR D 27 26.81 25.72 -38.08
N ARG D 28 27.98 26.07 -37.55
CA ARG D 28 29.23 25.62 -38.14
C ARG D 28 29.37 24.10 -38.07
N GLU D 29 28.91 23.50 -36.96
CA GLU D 29 29.15 22.08 -36.74
C GLU D 29 28.26 21.20 -37.62
N VAL D 30 27.07 21.68 -37.99
CA VAL D 30 26.09 20.82 -38.66
C VAL D 30 26.65 20.06 -39.87
N PRO D 31 27.35 20.69 -40.82
CA PRO D 31 27.86 19.91 -41.97
C PRO D 31 28.81 18.80 -41.58
N ASN D 32 29.67 19.04 -40.59
CA ASN D 32 30.55 17.99 -40.10
C ASN D 32 29.76 16.84 -39.50
N THR D 33 28.68 17.15 -38.77
CA THR D 33 27.83 16.10 -38.22
C THR D 33 27.18 15.28 -39.31
N VAL D 34 26.70 15.94 -40.37
CA VAL D 34 26.09 15.22 -41.48
C VAL D 34 27.11 14.28 -42.13
N HIS D 35 28.34 14.75 -42.32
CA HIS D 35 29.36 13.91 -42.97
C HIS D 35 29.80 12.76 -42.06
N LEU D 36 30.09 13.06 -40.79
CA LEU D 36 30.72 12.07 -39.91
C LEU D 36 29.76 10.95 -39.54
N PHE D 37 28.50 11.29 -39.27
CA PHE D 37 27.52 10.30 -38.82
C PHE D 37 26.85 9.57 -39.99
N GLN D 38 27.15 9.95 -41.22
CA GLN D 38 26.56 9.36 -42.42
C GLN D 38 25.03 9.43 -42.37
N LEU D 39 24.54 10.65 -42.25
CA LEU D 39 23.10 10.90 -42.20
C LEU D 39 22.54 11.03 -43.61
N ASP D 40 21.27 10.68 -43.76
CA ASP D 40 20.57 10.80 -45.04
C ASP D 40 19.84 12.12 -45.19
N ILE D 41 19.95 13.02 -44.22
CA ILE D 41 19.35 14.34 -44.32
C ILE D 41 20.31 15.31 -45.00
N SER D 42 19.80 16.45 -45.44
CA SER D 42 20.63 17.51 -45.99
C SER D 42 21.15 18.41 -44.87
N VAL D 43 22.17 19.20 -45.21
CA VAL D 43 22.70 20.19 -44.27
C VAL D 43 21.63 21.23 -43.94
N LYS D 44 20.80 21.57 -44.93
CA LYS D 44 19.69 22.49 -44.68
C LYS D 44 18.71 21.91 -43.67
N GLN D 45 18.42 20.62 -43.76
CA GLN D 45 17.53 19.99 -42.78
C GLN D 45 18.10 20.09 -41.37
N GLY D 46 19.39 19.80 -41.21
CA GLY D 46 20.01 19.88 -39.90
C GLY D 46 20.01 21.28 -39.34
N ARG D 47 20.32 22.27 -40.19
CA ARG D 47 20.32 23.66 -39.71
C ARG D 47 18.92 24.14 -39.39
N ASP D 48 17.93 23.69 -40.16
CA ASP D 48 16.55 24.07 -39.92
C ASP D 48 16.12 23.50 -38.56
N LYS D 49 16.60 22.29 -38.27
CA LYS D 49 16.29 21.63 -37.01
C LYS D 49 16.95 22.35 -35.85
N VAL D 50 18.17 22.82 -36.06
CA VAL D 50 18.91 23.54 -35.04
C VAL D 50 18.16 24.83 -34.71
N ARG D 51 17.70 25.51 -35.75
CA ARG D 51 16.96 26.75 -35.60
C ARG D 51 15.68 26.48 -34.83
N GLU D 52 14.99 25.39 -35.17
CA GLU D 52 13.75 25.01 -34.51
C GLU D 52 13.95 24.77 -33.02
N MET D 53 15.04 24.12 -32.66
CA MET D 53 15.34 23.83 -31.26
C MET D 53 15.59 25.12 -30.48
N PHE D 54 16.24 26.07 -31.13
CA PHE D 54 16.54 27.36 -30.51
C PHE D 54 15.25 28.16 -30.36
N MET D 55 14.42 28.11 -31.40
CA MET D 55 13.15 28.82 -31.41
C MET D 55 12.17 28.28 -30.37
N LYS D 56 12.35 27.02 -29.99
CA LYS D 56 11.48 26.40 -28.99
C LYS D 56 11.51 27.17 -27.67
N ASN D 57 12.65 27.79 -27.35
CA ASN D 57 12.84 28.48 -26.08
C ASN D 57 12.89 30.00 -26.23
N ALA D 58 12.28 30.54 -27.29
CA ALA D 58 12.39 31.98 -27.57
C ALA D 58 11.66 32.80 -26.51
N HIS D 59 10.69 32.20 -25.82
CA HIS D 59 9.85 32.95 -24.91
C HIS D 59 10.51 33.23 -23.56
N VAL D 60 11.66 32.60 -23.29
CA VAL D 60 12.29 32.74 -21.98
C VAL D 60 12.79 34.16 -21.78
N THR D 61 12.50 34.73 -20.61
CA THR D 61 12.91 36.09 -20.27
C THR D 61 13.79 36.17 -19.04
N ASP D 62 14.22 35.04 -18.48
CA ASP D 62 15.05 35.03 -17.28
C ASP D 62 16.50 34.77 -17.68
N PRO D 63 17.43 35.69 -17.41
CA PRO D 63 18.83 35.47 -17.83
C PRO D 63 19.47 34.24 -17.23
N ARG D 64 19.12 33.85 -16.00
CA ARG D 64 19.68 32.64 -15.42
C ARG D 64 19.19 31.40 -16.18
N VAL D 65 17.91 31.37 -16.53
CA VAL D 65 17.38 30.24 -17.30
C VAL D 65 18.03 30.18 -18.67
N VAL D 66 18.25 31.35 -19.28
CA VAL D 66 18.93 31.40 -20.57
C VAL D 66 20.36 30.87 -20.45
N ASP D 67 21.06 31.24 -19.37
CA ASP D 67 22.42 30.74 -19.17
C ASP D 67 22.43 29.23 -19.01
N LEU D 68 21.48 28.68 -18.26
CA LEU D 68 21.41 27.23 -18.09
C LEU D 68 21.07 26.53 -19.40
N LEU D 69 20.19 27.13 -20.20
CA LEU D 69 19.87 26.57 -21.50
C LEU D 69 21.09 26.57 -22.42
N VAL D 70 21.89 27.63 -22.36
CA VAL D 70 23.12 27.68 -23.15
C VAL D 70 24.11 26.64 -22.67
N ILE D 71 24.18 26.42 -21.35
CA ILE D 71 25.05 25.39 -20.80
C ILE D 71 24.64 24.02 -21.33
N LYS D 72 23.34 23.73 -21.33
CA LYS D 72 22.86 22.45 -21.83
C LYS D 72 23.12 22.30 -23.32
N GLY D 73 22.93 23.38 -24.09
CA GLY D 73 23.23 23.33 -25.51
C GLY D 73 24.69 23.09 -25.81
N LYS D 74 25.57 23.71 -25.00
CA LYS D 74 26.99 23.46 -25.13
C LYS D 74 27.34 22.00 -24.80
N MET D 75 26.69 21.44 -23.78
CA MET D 75 26.89 20.02 -23.48
C MET D 75 26.47 19.14 -24.65
N GLU D 76 25.32 19.43 -25.26
CA GLU D 76 24.87 18.64 -26.41
C GLU D 76 25.83 18.77 -27.57
N LEU D 77 26.33 19.98 -27.83
CA LEU D 77 27.28 20.17 -28.92
C LEU D 77 28.58 19.42 -28.66
N GLU D 78 29.08 19.45 -27.42
CA GLU D 78 30.29 18.70 -27.10
C GLU D 78 30.08 17.20 -27.26
N GLU D 79 28.90 16.70 -26.88
CA GLU D 79 28.58 15.29 -27.11
C GLU D 79 28.59 14.97 -28.61
N THR D 80 28.04 15.86 -29.43
CA THR D 80 27.97 15.62 -30.87
C THR D 80 29.34 15.67 -31.54
N ILE D 81 30.17 16.66 -31.18
CA ILE D 81 31.45 16.84 -31.86
C ILE D 81 32.39 15.66 -31.59
N ASN D 82 32.37 15.13 -30.38
CA ASN D 82 33.26 14.05 -30.00
C ASN D 82 32.73 12.68 -30.38
N VAL D 83 31.59 12.61 -31.07
CA VAL D 83 30.96 11.37 -31.51
C VAL D 83 30.69 10.49 -30.30
N TRP D 84 30.37 11.11 -29.17
CA TRP D 84 29.82 10.36 -28.05
C TRP D 84 28.39 9.92 -28.34
N LYS D 85 27.60 10.81 -28.93
CA LYS D 85 26.32 10.41 -29.52
C LYS D 85 26.56 9.47 -30.70
N GLN D 86 25.61 8.57 -30.91
CA GLN D 86 25.57 7.75 -32.10
C GLN D 86 24.55 8.32 -33.07
N ARG D 87 24.32 7.61 -34.18
CA ARG D 87 23.35 8.07 -35.16
C ARG D 87 21.94 8.08 -34.58
N THR D 88 21.62 7.12 -33.72
CA THR D 88 20.29 7.08 -33.10
C THR D 88 20.03 8.33 -32.26
N HIS D 89 21.03 8.77 -31.50
CA HIS D 89 20.86 9.97 -30.69
C HIS D 89 20.63 11.21 -31.54
N ILE D 90 21.40 11.34 -32.63
CA ILE D 90 21.23 12.49 -33.51
C ILE D 90 19.85 12.46 -34.16
N MET D 91 19.44 11.29 -34.66
CA MET D 91 18.16 11.18 -35.35
C MET D 91 16.97 11.29 -34.40
N ARG D 92 17.18 11.13 -33.10
CA ARG D 92 16.09 11.30 -32.14
C ARG D 92 15.47 12.69 -32.19
N PHE D 93 16.19 13.68 -32.71
CA PHE D 93 15.64 15.02 -32.88
C PHE D 93 14.53 15.10 -33.92
N PHE D 94 14.39 14.10 -34.79
CA PHE D 94 13.49 14.18 -35.92
C PHE D 94 12.20 13.38 -35.77
N HIS D 95 12.15 12.43 -34.83
CA HIS D 95 10.95 11.66 -34.52
C HIS D 95 10.35 11.01 -35.77
N GLU D 96 11.16 10.20 -36.44
CA GLU D 96 10.78 9.65 -37.73
C GLU D 96 9.87 8.43 -37.63
N THR D 97 9.69 7.85 -36.45
CA THR D 97 8.84 6.69 -36.29
C THR D 97 7.57 6.96 -35.49
N GLU D 98 7.36 8.19 -35.06
CA GLU D 98 6.14 8.56 -34.33
C GLU D 98 5.08 9.02 -35.32
N ALA D 99 3.88 8.45 -35.22
CA ALA D 99 2.79 8.85 -36.09
C ALA D 99 2.35 10.28 -35.78
N PRO D 100 1.89 11.02 -36.80
CA PRO D 100 1.48 12.42 -36.58
C PRO D 100 0.25 12.49 -35.70
N ARG D 101 0.36 13.22 -34.59
CA ARG D 101 -0.72 13.33 -33.63
C ARG D 101 -1.63 14.50 -34.00
N PRO D 102 -2.93 14.28 -34.15
CA PRO D 102 -3.82 15.38 -34.55
C PRO D 102 -3.91 16.45 -33.48
N THR D 103 -4.21 17.67 -33.92
CA THR D 103 -4.29 18.83 -33.04
C THR D 103 -5.69 19.42 -32.94
N ASP D 104 -6.50 19.34 -34.00
CA ASP D 104 -7.85 19.87 -33.98
C ASP D 104 -8.74 19.06 -33.05
N PHE D 105 -9.81 19.70 -32.59
CA PHE D 105 -10.68 19.10 -31.57
C PHE D 105 -11.34 17.82 -32.07
N LEU D 106 -11.77 17.80 -33.33
CA LEU D 106 -12.60 16.70 -33.81
C LEU D 106 -11.82 15.39 -33.90
N SER D 107 -10.59 15.44 -34.42
CA SER D 107 -9.78 14.23 -34.55
C SER D 107 -9.42 13.66 -33.17
N LYS D 108 -9.06 14.54 -32.23
CA LYS D 108 -8.80 14.08 -30.87
C LYS D 108 -10.04 13.48 -30.24
N PHE D 109 -11.20 14.09 -30.51
CA PHE D 109 -12.46 13.53 -30.01
C PHE D 109 -12.69 12.14 -30.56
N TYR D 110 -12.46 11.94 -31.85
CA TYR D 110 -12.66 10.64 -32.45
C TYR D 110 -11.70 9.60 -31.86
N VAL D 111 -10.44 9.98 -31.64
CA VAL D 111 -9.44 8.97 -31.32
C VAL D 111 -9.49 8.57 -29.85
N GLY D 112 -9.90 9.46 -28.96
CA GLY D 112 -9.87 9.12 -27.55
C GLY D 112 -10.31 10.19 -26.56
N HIS D 113 -9.82 10.09 -25.32
CA HIS D 113 -10.23 10.98 -24.24
C HIS D 113 -9.24 12.08 -23.92
N ASP D 114 -8.02 12.02 -24.43
CA ASP D 114 -7.00 12.98 -24.02
C ASP D 114 -7.34 14.38 -24.57
N PRO D 115 -7.29 15.42 -23.72
CA PRO D 115 -7.59 16.79 -24.13
C PRO D 115 -6.47 17.41 -24.96
N LEU E 1 -32.19 41.24 -32.98
CA LEU E 1 -33.34 42.11 -32.74
C LEU E 1 -34.44 41.38 -31.98
N GLY E 2 -34.47 40.06 -32.08
CA GLY E 2 -35.41 39.27 -31.32
C GLY E 2 -34.88 38.94 -29.95
N LEU E 3 -35.34 39.69 -28.94
CA LEU E 3 -34.84 39.50 -27.59
C LEU E 3 -35.34 38.17 -27.02
N ARG E 4 -34.42 37.40 -26.45
CA ARG E 4 -34.75 36.09 -25.90
C ARG E 4 -34.58 36.02 -24.39
N GLU E 5 -33.51 36.60 -23.84
CA GLU E 5 -33.32 36.49 -22.40
C GLU E 5 -32.54 37.69 -21.89
N ILE E 6 -32.76 38.00 -20.62
CA ILE E 6 -32.02 39.03 -19.89
C ILE E 6 -31.37 38.36 -18.70
N ARG E 7 -30.11 38.67 -18.45
CA ARG E 7 -29.38 38.17 -17.28
C ARG E 7 -28.78 39.35 -16.54
N ILE E 8 -28.99 39.41 -15.24
CA ILE E 8 -28.44 40.49 -14.41
C ILE E 8 -27.53 39.83 -13.38
N HIS E 9 -26.23 40.09 -13.49
CA HIS E 9 -25.23 39.57 -12.57
C HIS E 9 -24.84 40.70 -11.63
N LEU E 10 -25.20 40.55 -10.36
CA LEU E 10 -24.88 41.56 -9.35
C LEU E 10 -24.21 40.88 -8.17
N CYS E 11 -23.33 41.62 -7.50
CA CYS E 11 -22.58 41.09 -6.38
C CYS E 11 -23.27 41.46 -5.07
N GLN E 12 -23.24 40.52 -4.12
CA GLN E 12 -24.15 40.58 -2.98
C GLN E 12 -23.88 41.77 -2.06
N ARG E 13 -22.61 42.11 -1.83
CA ARG E 13 -22.31 43.17 -0.87
C ARG E 13 -21.19 44.08 -1.37
N SER E 14 -20.81 43.97 -2.64
CA SER E 14 -19.84 44.96 -3.10
C SER E 14 -20.52 46.31 -3.33
N PRO E 15 -19.83 47.41 -3.04
CA PRO E 15 -20.44 48.74 -3.24
C PRO E 15 -20.83 49.03 -4.68
N GLY E 16 -20.04 48.54 -5.64
CA GLY E 16 -20.30 48.83 -7.04
C GLY E 16 -21.61 48.29 -7.55
N SER E 17 -22.23 47.35 -6.85
CA SER E 17 -23.52 46.79 -7.25
C SER E 17 -24.68 47.42 -6.48
N GLN E 18 -24.42 48.40 -5.62
CA GLN E 18 -25.48 48.98 -4.79
C GLN E 18 -26.68 49.40 -5.62
N GLY E 19 -26.46 50.18 -6.68
CA GLY E 19 -27.56 50.59 -7.51
C GLY E 19 -28.34 49.42 -8.05
N VAL E 20 -27.64 48.40 -8.56
CA VAL E 20 -28.32 47.22 -9.05
C VAL E 20 -29.17 46.60 -7.95
N ARG E 21 -28.60 46.49 -6.74
CA ARG E 21 -29.38 45.99 -5.61
C ARG E 21 -30.62 46.83 -5.39
N ASP E 22 -30.46 48.15 -5.41
CA ASP E 22 -31.62 49.02 -5.28
C ASP E 22 -32.67 48.69 -6.33
N PHE E 23 -32.23 48.51 -7.57
CA PHE E 23 -33.16 48.14 -8.63
C PHE E 23 -33.91 46.87 -8.27
N ILE E 24 -33.17 45.83 -7.86
CA ILE E 24 -33.81 44.55 -7.59
C ILE E 24 -34.77 44.69 -6.42
N GLU E 25 -34.49 45.63 -5.50
CA GLU E 25 -35.37 45.79 -4.36
C GLU E 25 -36.63 46.56 -4.71
N LYS E 26 -36.57 47.39 -5.77
CA LYS E 26 -37.61 48.39 -5.96
C LYS E 26 -38.39 48.23 -7.26
N ARG E 27 -37.70 48.00 -8.38
CA ARG E 27 -38.32 48.06 -9.69
C ARG E 27 -38.35 46.74 -10.43
N TYR E 28 -37.80 45.67 -9.85
CA TYR E 28 -37.80 44.38 -10.55
C TYR E 28 -39.21 43.82 -10.69
N VAL E 29 -40.04 43.98 -9.67
CA VAL E 29 -41.36 43.38 -9.67
C VAL E 29 -42.20 43.92 -10.83
N GLU E 30 -42.25 45.26 -10.95
CA GLU E 30 -43.01 45.87 -12.03
C GLU E 30 -42.45 45.48 -13.39
N LEU E 31 -41.12 45.38 -13.49
CA LEU E 31 -40.51 44.95 -14.74
C LEU E 31 -40.91 43.54 -15.11
N LYS E 32 -41.03 42.64 -14.12
CA LYS E 32 -41.45 41.28 -14.41
C LYS E 32 -42.92 41.20 -14.79
N LYS E 33 -43.78 41.99 -14.12
CA LYS E 33 -45.18 42.00 -14.55
C LYS E 33 -45.37 42.59 -15.94
N ALA E 34 -44.60 43.62 -16.31
CA ALA E 34 -44.72 44.17 -17.65
C ALA E 34 -44.28 43.17 -18.72
N ASN E 35 -43.34 42.29 -18.40
CA ASN E 35 -42.79 41.32 -19.35
C ASN E 35 -42.85 39.94 -18.70
N PRO E 36 -44.05 39.35 -18.63
CA PRO E 36 -44.20 38.09 -17.88
C PRO E 36 -43.57 36.88 -18.56
N ASP E 37 -43.41 36.90 -19.88
CA ASP E 37 -42.90 35.74 -20.61
C ASP E 37 -41.44 35.94 -21.03
N LEU E 38 -40.76 36.89 -20.41
CA LEU E 38 -39.36 37.16 -20.71
C LEU E 38 -38.49 36.72 -19.54
N PRO E 39 -37.60 35.75 -19.73
CA PRO E 39 -36.71 35.33 -18.63
C PRO E 39 -35.75 36.45 -18.26
N ILE E 40 -35.74 36.78 -16.97
CA ILE E 40 -34.85 37.79 -16.40
C ILE E 40 -34.11 37.11 -15.25
N LEU E 41 -32.97 36.51 -15.55
CA LEU E 41 -32.26 35.67 -14.60
C LEU E 41 -31.36 36.52 -13.73
N ILE E 42 -31.67 36.60 -12.44
CA ILE E 42 -30.90 37.36 -11.47
C ILE E 42 -29.89 36.40 -10.84
N ARG E 43 -28.61 36.66 -11.03
CA ARG E 43 -27.55 35.83 -10.49
C ARG E 43 -26.51 36.68 -9.78
N GLU E 44 -25.69 36.02 -8.97
CA GLU E 44 -24.76 36.67 -8.07
C GLU E 44 -23.32 36.49 -8.56
N CYS E 45 -22.60 37.60 -8.63
CA CYS E 45 -21.21 37.63 -9.08
C CYS E 45 -20.25 37.68 -7.91
N SER E 46 -19.03 37.23 -8.17
CA SER E 46 -17.88 37.56 -7.33
C SER E 46 -17.45 38.97 -7.70
N ASP E 47 -16.51 39.51 -6.94
CA ASP E 47 -16.37 40.98 -6.84
C ASP E 47 -15.90 41.65 -8.13
N VAL E 48 -15.89 41.02 -9.31
CA VAL E 48 -15.34 41.64 -10.52
C VAL E 48 -16.06 42.95 -10.86
N GLN E 49 -17.34 42.86 -11.27
CA GLN E 49 -18.19 44.03 -11.55
C GLN E 49 -19.58 43.59 -11.97
N PRO E 50 -20.61 44.41 -11.75
CA PRO E 50 -21.96 44.04 -12.19
C PRO E 50 -22.07 44.04 -13.71
N LYS E 51 -22.99 43.21 -14.20
CA LYS E 51 -23.12 43.03 -15.64
C LYS E 51 -24.57 42.81 -16.01
N LEU E 52 -24.92 43.21 -17.22
CA LEU E 52 -26.22 42.92 -17.82
C LEU E 52 -25.97 42.24 -19.16
N TRP E 53 -26.54 41.06 -19.34
CA TRP E 53 -26.46 40.31 -20.58
C TRP E 53 -27.82 40.29 -21.25
N ALA E 54 -27.82 40.43 -22.58
CA ALA E 54 -29.02 40.28 -23.38
C ALA E 54 -28.74 39.24 -24.44
N ARG E 55 -29.54 38.17 -24.46
CA ARG E 55 -29.42 37.12 -25.47
C ARG E 55 -30.54 37.26 -26.48
N TYR E 56 -30.16 37.29 -27.75
CA TYR E 56 -31.04 37.51 -28.89
C TYR E 56 -31.21 36.21 -29.67
N ALA E 57 -31.87 36.32 -30.82
CA ALA E 57 -32.13 35.15 -31.66
C ALA E 57 -30.83 34.55 -32.18
N PHE E 58 -30.84 33.23 -32.34
CA PHE E 58 -29.76 32.46 -32.94
C PHE E 58 -28.46 32.54 -32.13
N GLY E 59 -28.55 32.79 -30.83
CA GLY E 59 -27.41 32.65 -29.95
C GLY E 59 -26.51 33.87 -29.82
N GLN E 60 -26.85 34.99 -30.46
CA GLN E 60 -26.07 36.20 -30.32
C GLN E 60 -26.45 36.90 -29.02
N GLU E 61 -25.44 37.42 -28.31
CA GLU E 61 -25.70 38.05 -27.04
C GLU E 61 -24.67 39.12 -26.74
N LYS E 62 -25.10 40.14 -26.01
CA LYS E 62 -24.29 41.31 -25.70
C LYS E 62 -24.25 41.51 -24.19
N ASN E 63 -23.20 42.17 -23.71
CA ASN E 63 -23.05 42.47 -22.30
C ASN E 63 -22.67 43.93 -22.10
N VAL E 64 -23.17 44.51 -21.02
CA VAL E 64 -22.92 45.90 -20.66
C VAL E 64 -22.65 45.97 -19.17
N SER E 65 -21.60 46.70 -18.78
CA SER E 65 -21.26 46.83 -17.38
C SER E 65 -22.22 47.79 -16.68
N LEU E 66 -22.59 47.45 -15.44
CA LEU E 66 -23.43 48.31 -14.62
C LEU E 66 -22.71 48.81 -13.37
N ASN E 67 -21.38 48.79 -13.38
CA ASN E 67 -20.61 49.17 -12.21
C ASN E 67 -20.88 50.63 -11.84
N ASN E 68 -21.16 50.85 -10.55
CA ASN E 68 -21.42 52.16 -9.96
C ASN E 68 -22.67 52.83 -10.51
N PHE E 69 -23.53 52.09 -11.21
CA PHE E 69 -24.78 52.65 -11.68
C PHE E 69 -25.75 52.84 -10.52
N SER E 70 -26.67 53.79 -10.69
CA SER E 70 -27.76 53.97 -9.75
C SER E 70 -28.99 53.22 -10.26
N ALA E 71 -30.06 53.26 -9.48
CA ALA E 71 -31.30 52.60 -9.89
C ALA E 71 -31.82 53.22 -11.19
N ASP E 72 -31.69 54.54 -11.32
CA ASP E 72 -32.14 55.21 -12.54
C ASP E 72 -31.37 54.72 -13.77
N GLN E 73 -30.04 54.62 -13.66
CA GLN E 73 -29.24 54.20 -14.81
C GLN E 73 -29.54 52.76 -15.20
N VAL E 74 -29.75 51.88 -14.22
CA VAL E 74 -30.12 50.50 -14.52
C VAL E 74 -31.48 50.46 -15.20
N THR E 75 -32.42 51.26 -14.72
CA THR E 75 -33.74 51.32 -15.35
C THR E 75 -33.63 51.79 -16.80
N ARG E 76 -32.81 52.82 -17.06
CA ARG E 76 -32.63 53.31 -18.41
C ARG E 76 -32.00 52.24 -19.31
N THR E 77 -31.00 51.55 -18.79
CA THR E 77 -30.34 50.50 -19.57
C THR E 77 -31.32 49.39 -19.93
N LEU E 78 -32.14 48.96 -18.98
CA LEU E 78 -33.11 47.90 -19.27
C LEU E 78 -34.20 48.39 -20.21
N GLU E 79 -34.59 49.66 -20.09
CA GLU E 79 -35.55 50.22 -21.03
C GLU E 79 -35.03 50.25 -22.46
N ASN E 80 -33.77 50.66 -22.64
CA ASN E 80 -33.19 50.62 -23.98
C ASN E 80 -33.05 49.20 -24.51
N VAL E 81 -32.62 48.26 -23.66
CA VAL E 81 -32.43 46.88 -24.12
C VAL E 81 -33.76 46.27 -24.55
N LEU E 82 -34.82 46.48 -23.76
CA LEU E 82 -36.12 45.88 -24.07
C LEU E 82 -36.77 46.51 -25.29
N SER E 83 -36.32 47.67 -25.73
CA SER E 83 -36.89 48.37 -26.87
C SER E 83 -35.88 48.38 -28.02
N GLY E 84 -36.29 48.99 -29.13
CA GLY E 84 -35.44 49.03 -30.31
C GLY E 84 -34.33 50.06 -30.24
N LYS E 85 -33.45 49.94 -29.25
CA LYS E 85 -32.32 50.83 -29.10
C LYS E 85 -31.02 50.05 -29.17
N ALA E 86 -29.99 50.69 -29.71
CA ALA E 86 -28.66 50.09 -29.85
C ALA E 86 -28.71 48.77 -30.61
N SER F 1 51.93 36.79 -58.66
CA SER F 1 51.83 37.53 -57.41
C SER F 1 50.61 37.08 -56.60
N ASP F 2 50.42 37.69 -55.44
CA ASP F 2 49.29 37.36 -54.58
C ASP F 2 48.02 38.03 -55.08
N ALA F 3 46.97 38.03 -54.25
CA ALA F 3 45.66 38.54 -54.63
C ALA F 3 45.74 40.00 -55.08
N PRO F 4 44.96 40.38 -56.08
CA PRO F 4 45.00 41.77 -56.59
C PRO F 4 44.54 42.75 -55.52
N PRO F 5 44.81 44.04 -55.71
CA PRO F 5 44.43 45.02 -54.68
C PRO F 5 42.93 45.24 -54.63
N LEU F 6 42.24 44.37 -53.89
CA LEU F 6 40.79 44.42 -53.72
C LEU F 6 40.33 45.83 -53.38
N THR F 7 39.20 46.23 -53.96
CA THR F 7 38.69 47.59 -53.85
C THR F 7 37.28 47.60 -53.28
N LEU F 8 36.77 48.82 -53.06
CA LEU F 8 35.43 48.98 -52.49
C LEU F 8 34.36 48.42 -53.40
N GLU F 9 34.50 48.62 -54.72
CA GLU F 9 33.51 48.10 -55.65
C GLU F 9 33.48 46.58 -55.64
N ALA F 10 34.65 45.94 -55.62
CA ALA F 10 34.69 44.48 -55.54
C ALA F 10 34.10 43.98 -54.23
N ILE F 11 34.38 44.68 -53.13
CA ILE F 11 33.83 44.29 -51.83
C ILE F 11 32.31 44.36 -51.86
N LYS F 12 31.77 45.47 -52.38
CA LYS F 12 30.33 45.63 -52.44
C LYS F 12 29.68 44.59 -53.33
N ASP F 13 30.31 44.30 -54.47
CA ASP F 13 29.75 43.29 -55.37
C ASP F 13 29.74 41.91 -54.74
N ARG F 14 30.84 41.54 -54.08
CA ARG F 14 30.88 40.20 -53.47
C ARG F 14 29.91 40.11 -52.30
N VAL F 15 29.77 41.19 -51.53
CA VAL F 15 28.79 41.22 -50.45
C VAL F 15 27.39 41.03 -51.01
N LEU F 16 27.07 41.73 -52.10
CA LEU F 16 25.75 41.58 -52.71
C LEU F 16 25.54 40.17 -53.22
N TYR F 17 26.57 39.56 -53.82
CA TYR F 17 26.44 38.19 -54.31
C TYR F 17 26.17 37.22 -53.16
N VAL F 18 26.87 37.40 -52.04
CA VAL F 18 26.64 36.56 -50.88
C VAL F 18 25.24 36.74 -50.34
N LEU F 19 24.76 37.99 -50.28
CA LEU F 19 23.42 38.24 -49.75
C LEU F 19 22.33 37.71 -50.64
N LYS F 20 22.50 37.79 -51.97
CA LYS F 20 21.47 37.31 -52.89
C LYS F 20 21.37 35.79 -52.92
N LEU F 21 22.32 35.07 -52.33
CA LEU F 21 22.21 33.63 -52.17
C LEU F 21 21.43 33.24 -50.92
N TYR F 22 21.06 34.20 -50.08
CA TYR F 22 20.27 33.92 -48.88
C TYR F 22 18.81 33.74 -49.28
N ASP F 23 18.21 32.65 -48.78
CA ASP F 23 16.89 32.26 -49.26
C ASP F 23 15.78 33.13 -48.70
N LYS F 24 16.05 33.88 -47.62
CA LYS F 24 15.03 34.69 -46.98
C LYS F 24 15.09 36.16 -47.39
N ILE F 25 15.90 36.50 -48.38
CA ILE F 25 16.03 37.88 -48.85
C ILE F 25 15.55 37.93 -50.29
N ASP F 26 14.66 38.89 -50.58
CA ASP F 26 14.15 39.05 -51.94
C ASP F 26 15.28 39.48 -52.85
N PRO F 27 15.57 38.73 -53.92
CA PRO F 27 16.76 39.01 -54.73
C PRO F 27 16.78 40.38 -55.36
N GLU F 28 15.65 40.91 -55.80
CA GLU F 28 15.63 42.15 -56.57
C GLU F 28 15.20 43.37 -55.78
N LYS F 29 14.68 43.20 -54.56
CA LYS F 29 14.41 44.32 -53.67
C LYS F 29 15.46 44.45 -52.57
N LEU F 30 16.70 44.06 -52.85
CA LEU F 30 17.82 44.26 -51.93
C LEU F 30 18.73 45.34 -52.48
N SER F 31 19.07 46.32 -51.63
CA SER F 31 19.91 47.43 -52.01
C SER F 31 21.13 47.50 -51.09
N VAL F 32 22.04 48.40 -51.43
CA VAL F 32 23.23 48.63 -50.61
C VAL F 32 22.87 49.25 -49.26
N ASN F 33 21.66 49.83 -49.14
CA ASN F 33 21.25 50.53 -47.94
C ASN F 33 20.09 49.85 -47.22
N SER F 34 19.63 48.70 -47.71
CA SER F 34 18.50 48.01 -47.08
C SER F 34 18.87 47.55 -45.67
N HIS F 35 17.88 47.59 -44.79
CA HIS F 35 18.05 47.14 -43.41
C HIS F 35 17.50 45.72 -43.28
N PHE F 36 18.27 44.85 -42.65
CA PHE F 36 17.87 43.44 -42.55
C PHE F 36 16.58 43.28 -41.78
N MET F 37 16.41 44.04 -40.69
CA MET F 37 15.24 43.86 -39.84
C MET F 37 14.05 44.67 -40.35
N LYS F 38 14.27 45.96 -40.64
CA LYS F 38 13.14 46.83 -40.98
C LYS F 38 12.56 46.50 -42.34
N ASP F 39 13.40 46.36 -43.37
CA ASP F 39 12.92 46.12 -44.73
C ASP F 39 12.84 44.65 -45.09
N LEU F 40 13.90 43.88 -44.86
CA LEU F 40 13.91 42.47 -45.27
C LEU F 40 13.13 41.61 -44.28
N GLY F 41 12.89 42.12 -43.09
CA GLY F 41 12.14 41.41 -42.07
C GLY F 41 12.91 40.29 -41.38
N LEU F 42 14.21 40.23 -41.66
CA LEU F 42 15.05 39.19 -41.09
C LEU F 42 15.08 39.24 -39.57
N ASP F 43 15.19 38.08 -38.95
CA ASP F 43 15.25 37.98 -37.51
C ASP F 43 16.69 38.13 -37.06
N SER F 44 16.90 38.18 -35.74
CA SER F 44 18.25 38.32 -35.22
C SER F 44 19.13 37.13 -35.59
N LEU F 45 18.57 35.93 -35.52
CA LEU F 45 19.30 34.72 -35.88
C LEU F 45 19.70 34.77 -37.35
N ASP F 46 18.81 35.29 -38.19
CA ASP F 46 19.09 35.41 -39.62
C ASP F 46 20.32 36.29 -39.85
N GLN F 47 20.43 37.36 -39.08
CA GLN F 47 21.55 38.29 -39.18
C GLN F 47 22.86 37.58 -38.86
N VAL F 48 22.84 36.71 -37.85
CA VAL F 48 24.02 35.96 -37.46
C VAL F 48 24.47 35.06 -38.61
N GLU F 49 23.51 34.43 -39.28
CA GLU F 49 23.80 33.57 -40.42
C GLU F 49 24.42 34.37 -41.55
N ILE F 50 23.91 35.59 -41.76
CA ILE F 50 24.43 36.46 -42.81
C ILE F 50 25.89 36.83 -42.56
N ILE F 51 26.22 37.12 -41.31
CA ILE F 51 27.60 37.45 -40.96
C ILE F 51 28.51 36.21 -41.06
N MET F 52 27.98 35.04 -40.74
CA MET F 52 28.78 33.82 -40.92
C MET F 52 29.09 33.56 -42.39
N ALA F 53 28.10 33.80 -43.27
CA ALA F 53 28.36 33.69 -44.70
C ALA F 53 29.39 34.71 -45.17
N MET F 54 29.33 35.93 -44.62
CA MET F 54 30.34 36.93 -44.95
C MET F 54 31.72 36.50 -44.49
N GLU F 55 31.82 35.92 -43.28
CA GLU F 55 33.10 35.39 -42.81
C GLU F 55 33.62 34.33 -43.77
N ASP F 56 32.74 33.45 -44.23
CA ASP F 56 33.16 32.43 -45.20
C ASP F 56 33.67 33.07 -46.47
N GLU F 57 32.97 34.09 -46.98
CA GLU F 57 33.33 34.68 -48.25
C GLU F 57 34.66 35.42 -48.17
N PHE F 58 34.84 36.26 -47.15
CA PHE F 58 36.02 37.11 -47.08
C PHE F 58 37.17 36.51 -46.28
N GLY F 59 36.99 35.34 -45.67
CA GLY F 59 38.10 34.60 -45.12
C GLY F 59 38.67 35.08 -43.82
N PHE F 60 37.98 35.97 -43.10
CA PHE F 60 38.44 36.42 -41.79
C PHE F 60 37.26 36.50 -40.83
N GLU F 61 37.52 36.24 -39.55
CA GLU F 61 36.46 36.14 -38.56
C GLU F 61 35.94 37.52 -38.15
N ILE F 62 34.66 37.58 -37.78
CA ILE F 62 34.02 38.80 -37.34
C ILE F 62 33.48 38.54 -35.93
N PRO F 63 33.95 39.26 -34.91
CA PRO F 63 33.48 39.00 -33.55
C PRO F 63 32.05 39.47 -33.34
N ASP F 64 31.44 38.97 -32.26
CA ASP F 64 30.02 39.23 -32.04
C ASP F 64 29.74 40.71 -31.85
N ILE F 65 30.59 41.42 -31.08
CA ILE F 65 30.33 42.82 -30.81
C ILE F 65 30.42 43.65 -32.09
N ASP F 66 31.33 43.29 -33.01
CA ASP F 66 31.36 43.95 -34.31
C ASP F 66 30.18 43.51 -35.17
N ALA F 67 29.82 42.22 -35.11
CA ALA F 67 28.79 41.71 -36.00
C ALA F 67 27.41 42.22 -35.63
N GLU F 68 27.23 42.66 -34.39
CA GLU F 68 25.93 43.16 -33.96
C GLU F 68 25.62 44.51 -34.59
N LYS F 69 26.65 45.33 -34.84
CA LYS F 69 26.42 46.65 -35.39
C LYS F 69 26.08 46.57 -36.88
N LEU F 70 26.61 45.56 -37.57
CA LEU F 70 26.37 45.44 -39.01
C LEU F 70 24.90 45.11 -39.28
N MET F 71 24.15 46.13 -39.71
CA MET F 71 22.72 45.97 -39.90
C MET F 71 22.27 46.22 -41.34
N CYS F 72 23.20 46.53 -42.25
CA CYS F 72 22.87 46.76 -43.64
C CYS F 72 24.09 46.36 -44.46
N PRO F 73 23.91 46.08 -45.76
CA PRO F 73 25.08 45.76 -46.59
C PRO F 73 26.15 46.84 -46.59
N GLN F 74 25.77 48.11 -46.48
CA GLN F 74 26.78 49.17 -46.49
C GLN F 74 27.66 49.11 -45.24
N GLU F 75 27.08 48.80 -44.08
CA GLU F 75 27.91 48.65 -42.89
C GLU F 75 28.88 47.49 -43.04
N ILE F 76 28.44 46.39 -43.65
CA ILE F 76 29.33 45.26 -43.87
C ILE F 76 30.46 45.65 -44.82
N VAL F 77 30.14 46.40 -45.88
CA VAL F 77 31.15 46.86 -46.82
C VAL F 77 32.17 47.75 -46.13
N ASP F 78 31.68 48.70 -45.32
CA ASP F 78 32.59 49.61 -44.62
C ASP F 78 33.45 48.86 -43.60
N TYR F 79 32.87 47.88 -42.90
CA TYR F 79 33.64 47.07 -41.95
C TYR F 79 34.74 46.31 -42.67
N ILE F 80 34.42 45.66 -43.79
CA ILE F 80 35.42 44.89 -44.52
C ILE F 80 36.50 45.81 -45.08
N ALA F 81 36.11 46.96 -45.61
CA ALA F 81 37.09 47.89 -46.16
C ALA F 81 38.02 48.41 -45.06
N ASP F 82 37.46 48.74 -43.89
CA ASP F 82 38.28 49.18 -42.78
C ASP F 82 39.24 48.10 -42.28
N LYS F 83 38.79 46.84 -42.26
CA LYS F 83 39.66 45.76 -41.79
C LYS F 83 40.75 45.45 -42.80
N LYS F 84 40.43 45.50 -44.10
CA LYS F 84 41.37 45.16 -45.14
C LYS F 84 42.23 46.35 -45.58
N ASP F 85 42.04 47.52 -44.97
CA ASP F 85 42.82 48.72 -45.27
C ASP F 85 42.70 49.12 -46.74
N VAL F 86 41.47 49.35 -47.18
CA VAL F 86 41.17 49.71 -48.57
C VAL F 86 40.41 51.03 -48.56
N TYR F 87 40.89 51.98 -49.36
CA TYR F 87 40.26 53.29 -49.47
C TYR F 87 39.61 53.55 -50.82
N GLU F 88 39.72 52.62 -51.76
CA GLU F 88 39.03 52.75 -53.03
C GLU F 88 38.66 51.37 -53.60
N LEU G 1 68.41 9.31 8.94
CA LEU G 1 68.62 8.09 9.72
C LEU G 1 67.58 7.03 9.36
N LYS G 2 66.32 7.44 9.29
CA LYS G 2 65.26 6.53 8.89
C LYS G 2 65.35 6.25 7.38
N LYS G 3 65.15 4.99 7.01
CA LYS G 3 65.27 4.60 5.60
C LYS G 3 64.09 5.08 4.77
N THR G 4 62.87 4.97 5.30
CA THR G 4 61.68 5.29 4.55
C THR G 4 60.55 5.62 5.50
N THR G 5 59.66 6.52 5.06
CA THR G 5 58.47 6.82 5.84
C THR G 5 57.46 5.69 5.77
N GLY G 6 57.54 4.85 4.74
CA GLY G 6 56.56 3.83 4.48
C GLY G 6 55.36 4.30 3.70
N LEU G 7 55.27 5.60 3.41
CA LEU G 7 54.17 6.17 2.65
C LEU G 7 54.68 6.58 1.28
N VAL G 8 53.97 6.16 0.23
CA VAL G 8 54.41 6.44 -1.12
C VAL G 8 54.32 7.94 -1.40
N GLY G 9 55.42 8.52 -1.87
CA GLY G 9 55.46 9.93 -2.18
C GLY G 9 55.83 10.85 -1.04
N LEU G 10 56.06 10.33 0.15
CA LEU G 10 56.49 11.13 1.30
C LEU G 10 57.97 10.83 1.56
N ALA G 11 58.82 11.80 1.25
CA ALA G 11 60.26 11.62 1.39
C ALA G 11 60.68 11.73 2.84
N VAL G 12 61.83 11.13 3.15
CA VAL G 12 62.41 11.21 4.48
C VAL G 12 63.03 12.59 4.65
N CYS G 13 62.69 13.26 5.75
CA CYS G 13 63.15 14.62 6.01
C CYS G 13 64.37 14.58 6.90
N GLU G 14 65.49 15.06 6.39
CA GLU G 14 66.64 15.35 7.22
C GLU G 14 66.46 16.71 7.89
N THR G 15 66.92 16.80 9.15
CA THR G 15 66.71 17.97 9.99
C THR G 15 65.21 18.33 10.12
N PRO G 16 64.40 17.45 10.71
CA PRO G 16 62.98 17.79 10.87
C PRO G 16 62.73 18.83 11.94
N HIS G 17 63.59 18.93 12.95
CA HIS G 17 63.39 19.91 14.02
C HIS G 17 63.43 21.33 13.48
N GLU G 18 64.42 21.64 12.65
CA GLU G 18 64.55 22.99 12.11
C GLU G 18 63.41 23.32 11.16
N ARG G 19 63.01 22.35 10.33
CA ARG G 19 61.87 22.55 9.45
C ARG G 19 60.61 22.85 10.24
N LEU G 20 60.38 22.10 11.32
CA LEU G 20 59.20 22.32 12.15
C LEU G 20 59.25 23.69 12.82
N LYS G 21 60.42 24.10 13.33
CA LYS G 21 60.55 25.41 13.93
C LYS G 21 60.23 26.51 12.93
N ILE G 22 60.78 26.39 11.71
CA ILE G 22 60.51 27.38 10.67
C ILE G 22 59.02 27.44 10.36
N LEU G 23 58.38 26.28 10.23
CA LEU G 23 56.98 26.26 9.83
C LEU G 23 56.08 26.83 10.93
N TYR G 24 56.35 26.48 12.18
CA TYR G 24 55.53 26.99 13.28
C TYR G 24 55.74 28.50 13.46
N THR G 25 56.98 28.97 13.27
CA THR G 25 57.24 30.40 13.34
C THR G 25 56.49 31.13 12.22
N LYS G 26 56.49 30.58 11.01
CA LYS G 26 55.76 31.20 9.91
C LYS G 26 54.25 31.22 10.19
N ILE G 27 53.73 30.13 10.76
CA ILE G 27 52.31 30.09 11.09
C ILE G 27 51.96 31.17 12.10
N LEU G 28 52.79 31.32 13.15
CA LEU G 28 52.51 32.36 14.14
C LEU G 28 52.61 33.75 13.54
N ASP G 29 53.58 33.97 12.65
CA ASP G 29 53.68 35.24 11.95
C ASP G 29 52.45 35.55 11.13
N VAL G 30 51.90 34.57 10.41
CA VAL G 30 50.69 34.82 9.64
C VAL G 30 49.50 35.06 10.56
N LEU G 31 49.40 34.29 11.65
CA LEU G 31 48.28 34.46 12.58
C LEU G 31 48.30 35.82 13.25
N GLY G 32 49.48 36.43 13.39
CA GLY G 32 49.57 37.74 13.98
C GLY G 32 48.84 38.84 13.23
N GLN G 33 48.49 38.58 11.96
CA GLN G 33 47.74 39.53 11.16
C GLN G 33 46.23 39.32 11.25
N ILE G 34 45.78 38.34 12.02
CA ILE G 34 44.36 38.04 12.18
C ILE G 34 43.88 38.77 13.44
N PRO G 35 42.64 39.26 13.47
CA PRO G 35 42.16 39.97 14.68
C PRO G 35 42.32 39.13 15.94
N LYS G 36 42.62 39.82 17.04
CA LYS G 36 42.98 39.13 18.28
C LYS G 36 41.84 38.30 18.84
N ASN G 37 40.60 38.73 18.63
CA ASN G 37 39.45 38.04 19.20
C ASN G 37 38.90 36.95 18.30
N ALA G 38 39.47 36.78 17.10
CA ALA G 38 39.04 35.70 16.22
C ALA G 38 39.40 34.35 16.83
N ALA G 39 38.42 33.45 16.89
CA ALA G 39 38.65 32.15 17.54
C ALA G 39 39.72 31.34 16.81
N TYR G 40 39.77 31.45 15.48
CA TYR G 40 40.78 30.72 14.72
C TYR G 40 42.19 31.11 15.17
N ARG G 41 42.43 32.40 15.35
CA ARG G 41 43.75 32.87 15.76
C ARG G 41 44.15 32.29 17.11
N LYS G 42 43.27 32.42 18.11
CA LYS G 42 43.65 31.98 19.45
C LYS G 42 43.80 30.46 19.52
N TYR G 43 42.89 29.72 18.90
CA TYR G 43 42.98 28.26 18.93
C TYR G 43 44.25 27.77 18.22
N THR G 44 44.50 28.29 17.01
CA THR G 44 45.65 27.84 16.26
C THR G 44 46.96 28.27 16.93
N GLU G 45 46.98 29.46 17.53
CA GLU G 45 48.17 29.89 18.26
C GLU G 45 48.42 28.99 19.47
N GLN G 46 47.35 28.61 20.18
CA GLN G 46 47.51 27.71 21.32
C GLN G 46 48.11 26.38 20.90
N ILE G 47 47.53 25.73 19.88
CA ILE G 47 48.04 24.42 19.48
C ILE G 47 49.44 24.53 18.84
N THR G 48 49.68 25.59 18.07
CA THR G 48 50.98 25.77 17.44
C THR G 48 52.07 26.01 18.49
N ASN G 49 51.78 26.82 19.50
CA ASN G 49 52.75 27.05 20.56
C ASN G 49 53.01 25.78 21.35
N GLU G 50 51.98 24.97 21.61
CA GLU G 50 52.19 23.69 22.25
C GLU G 50 53.16 22.83 21.45
N LYS G 51 52.91 22.70 20.14
CA LYS G 51 53.77 21.87 19.30
C LYS G 51 55.19 22.44 19.22
N LEU G 52 55.32 23.77 19.13
CA LEU G 52 56.64 24.38 19.03
C LEU G 52 57.46 24.17 20.31
N GLY G 53 56.83 24.34 21.47
CA GLY G 53 57.53 24.06 22.71
C GLY G 53 57.91 22.59 22.83
N MET G 54 57.01 21.69 22.42
CA MET G 54 57.31 20.27 22.46
C MET G 54 58.48 19.93 21.55
N VAL G 55 58.54 20.57 20.38
CA VAL G 55 59.65 20.35 19.45
C VAL G 55 60.95 20.84 20.06
N LYS G 56 60.93 22.03 20.69
CA LYS G 56 62.15 22.56 21.28
C LYS G 56 62.58 21.78 22.51
N ALA G 57 61.67 21.03 23.14
CA ALA G 57 61.98 20.36 24.40
C ALA G 57 62.54 18.95 24.25
N GLU G 58 62.44 18.33 23.08
CA GLU G 58 62.84 16.94 22.91
C GLU G 58 63.71 16.77 21.66
N PRO G 59 65.01 16.53 21.80
CA PRO G 59 65.88 16.43 20.61
C PRO G 59 65.86 15.07 19.92
N ASP G 60 65.19 14.07 20.49
CA ASP G 60 65.11 12.75 19.86
C ASP G 60 63.89 12.70 18.94
N VAL G 61 64.10 12.23 17.71
CA VAL G 61 63.03 12.25 16.72
C VAL G 61 61.94 11.26 17.08
N LYS G 62 62.30 10.05 17.51
CA LYS G 62 61.29 9.06 17.87
C LYS G 62 60.46 9.50 19.06
N LYS G 63 61.11 10.05 20.09
CA LYS G 63 60.39 10.53 21.26
C LYS G 63 59.55 11.76 20.92
N LEU G 64 60.03 12.61 20.01
CA LEU G 64 59.24 13.74 19.54
C LEU G 64 57.99 13.25 18.81
N GLU G 65 58.13 12.21 17.98
CA GLU G 65 56.97 11.64 17.31
C GLU G 65 55.99 11.07 18.32
N GLU G 66 56.50 10.39 19.34
CA GLU G 66 55.62 9.84 20.37
C GLU G 66 54.87 10.95 21.12
N GLN G 67 55.56 12.05 21.44
CA GLN G 67 54.93 13.14 22.16
C GLN G 67 53.89 13.87 21.30
N LEU G 68 54.24 14.18 20.05
CA LEU G 68 53.40 15.03 19.22
C LEU G 68 52.07 14.40 18.87
N GLN G 69 51.94 13.08 18.98
CA GLN G 69 50.73 12.36 18.60
C GLN G 69 50.38 12.63 17.14
N GLY G 70 51.39 12.86 16.31
CA GLY G 70 51.16 13.32 14.96
C GLY G 70 51.51 12.30 13.89
N GLY G 71 52.01 11.13 14.27
CA GLY G 71 52.24 10.12 13.26
C GLY G 71 53.40 10.38 12.32
N GLN G 72 54.64 10.09 12.73
CA GLN G 72 55.74 10.09 11.77
C GLN G 72 56.11 11.47 11.24
N ILE G 73 56.99 12.16 11.99
CA ILE G 73 57.33 13.57 11.91
C ILE G 73 57.28 14.19 10.51
N GLU G 74 57.53 13.40 9.46
CA GLU G 74 57.33 13.92 8.11
C GLU G 74 55.87 14.31 7.86
N GLU G 75 54.93 13.50 8.36
CA GLU G 75 53.53 13.90 8.27
C GLU G 75 53.22 15.08 9.18
N VAL G 76 53.94 15.22 10.28
CA VAL G 76 53.80 16.43 11.11
C VAL G 76 54.21 17.66 10.31
N ILE G 77 55.30 17.57 9.56
CA ILE G 77 55.75 18.67 8.71
C ILE G 77 54.71 18.98 7.64
N LEU G 78 54.15 17.92 7.02
CA LEU G 78 53.13 18.13 6.01
C LEU G 78 51.90 18.81 6.60
N GLN G 79 51.48 18.40 7.80
CA GLN G 79 50.34 19.02 8.45
C GLN G 79 50.63 20.48 8.80
N ALA G 80 51.86 20.78 9.20
CA ALA G 80 52.22 22.18 9.45
C ALA G 80 52.13 23.01 8.18
N GLU G 81 52.58 22.46 7.04
CA GLU G 81 52.45 23.16 5.77
C GLU G 81 50.98 23.39 5.43
N ASN G 82 50.14 22.38 5.64
CA ASN G 82 48.71 22.52 5.38
C ASN G 82 48.10 23.60 6.25
N GLU G 83 48.50 23.66 7.52
CA GLU G 83 47.98 24.68 8.43
C GLU G 83 48.43 26.07 8.02
N LEU G 84 49.66 26.21 7.54
CA LEU G 84 50.13 27.52 7.07
C LEU G 84 49.32 28.00 5.86
N SER G 85 49.10 27.10 4.89
CA SER G 85 48.28 27.45 3.73
C SER G 85 46.86 27.83 4.15
N LEU G 86 46.29 27.05 5.08
CA LEU G 86 44.95 27.36 5.57
C LEU G 86 44.93 28.72 6.27
N ALA G 87 45.98 29.04 7.03
CA ALA G 87 46.00 30.32 7.73
C ALA G 87 46.00 31.49 6.75
N ARG G 88 46.77 31.38 5.67
CA ARG G 88 46.73 32.42 4.64
C ARG G 88 45.35 32.53 4.02
N LYS G 89 44.75 31.39 3.68
CA LYS G 89 43.41 31.42 3.08
C LYS G 89 42.38 32.02 4.04
N MET G 90 42.50 31.71 5.33
CA MET G 90 41.57 32.25 6.33
C MET G 90 41.75 33.75 6.49
N LEU G 91 42.99 34.23 6.46
CA LEU G 91 43.22 35.67 6.47
C LEU G 91 42.52 36.33 5.30
N ARG G 92 42.54 35.68 4.13
CA ARG G 92 41.80 36.22 3.00
C ARG G 92 40.28 36.15 3.21
N TRP G 93 39.78 35.04 3.77
CA TRP G 93 38.34 34.81 3.85
C TRP G 93 37.67 35.58 4.99
N LYS G 94 38.37 35.79 6.10
CA LYS G 94 37.84 36.45 7.29
C LYS G 94 36.55 35.81 7.78
N PRO G 95 36.53 34.52 8.11
CA PRO G 95 35.29 33.87 8.54
C PRO G 95 34.91 34.16 9.98
N TRP G 96 35.68 35.00 10.66
CA TRP G 96 35.41 35.39 12.04
C TRP G 96 34.23 36.35 12.12
N GLU G 97 33.85 36.88 10.97
CA GLU G 97 32.74 37.82 10.83
C GLU G 97 31.39 37.15 11.04
N PRO G 98 30.36 37.97 11.31
CA PRO G 98 28.99 37.51 11.57
C PRO G 98 28.38 36.80 10.36
N LEU G 99 27.44 35.90 10.62
CA LEU G 99 26.82 35.10 9.58
C LEU G 99 26.23 35.99 8.49
N VAL G 100 26.51 35.64 7.25
CA VAL G 100 26.06 36.43 6.11
C VAL G 100 24.54 36.53 5.97
N GLU G 101 23.86 35.41 6.18
CA GLU G 101 22.41 35.40 6.07
C GLU G 101 21.80 34.25 6.87
N GLU G 102 20.55 34.43 7.28
CA GLU G 102 19.82 33.41 8.01
C GLU G 102 19.07 32.60 6.96
N PRO G 103 19.06 31.28 7.10
CA PRO G 103 18.33 30.51 6.08
C PRO G 103 16.84 30.81 6.12
N PRO G 104 16.08 30.39 5.10
CA PRO G 104 14.62 30.51 5.16
C PRO G 104 14.02 29.82 6.38
N ALA G 105 12.74 30.07 6.62
CA ALA G 105 12.13 29.70 7.91
C ALA G 105 12.19 28.20 8.16
N ASN G 106 11.89 27.40 7.15
CA ASN G 106 11.83 25.95 7.30
C ASN G 106 12.87 25.26 6.42
N GLN G 107 14.04 25.89 6.28
CA GLN G 107 15.08 25.34 5.43
C GLN G 107 15.58 24.00 5.94
N TRP G 108 15.73 23.86 7.27
CA TRP G 108 16.33 22.67 7.85
C TRP G 108 15.33 21.80 8.60
N LYS G 109 14.05 22.11 8.52
CA LYS G 109 13.03 21.35 9.26
C LYS G 109 12.86 19.97 8.65
N TRP G 110 13.02 18.93 9.49
CA TRP G 110 12.86 17.56 9.04
C TRP G 110 12.17 16.77 10.14
N PRO G 111 11.16 15.95 9.81
CA PRO G 111 10.62 15.75 8.46
C PRO G 111 9.79 16.91 7.92
N ILE G 112 9.77 17.04 6.59
CA ILE G 112 9.03 18.07 5.86
C ILE G 112 9.12 19.45 6.53
N ALA H 1 40.20 -40.52 -4.03
CA ALA H 1 41.11 -40.45 -5.16
C ALA H 1 41.51 -41.85 -5.62
N SER H 2 41.30 -42.12 -6.91
CA SER H 2 41.58 -43.42 -7.51
C SER H 2 42.90 -43.43 -8.29
N ALA H 3 43.70 -42.37 -8.16
CA ALA H 3 44.93 -42.26 -8.93
C ALA H 3 45.95 -43.29 -8.48
N THR H 4 46.63 -43.90 -9.45
CA THR H 4 47.65 -44.90 -9.14
C THR H 4 48.79 -44.27 -8.36
N ARG H 5 49.64 -45.13 -7.78
CA ARG H 5 50.68 -44.64 -6.89
C ARG H 5 51.80 -43.92 -7.64
N VAL H 6 52.15 -44.36 -8.85
CA VAL H 6 53.21 -43.71 -9.60
C VAL H 6 52.76 -42.33 -10.08
N ILE H 7 51.51 -42.22 -10.52
CA ILE H 7 50.98 -40.92 -10.91
C ILE H 7 50.88 -40.02 -9.69
N GLN H 8 50.53 -40.58 -8.54
CA GLN H 8 50.49 -39.80 -7.30
C GLN H 8 51.88 -39.25 -6.96
N LEU H 9 52.91 -40.08 -7.08
CA LEU H 9 54.27 -39.64 -6.80
C LEU H 9 54.72 -38.58 -7.80
N LEU H 10 54.39 -38.76 -9.09
CA LEU H 10 54.74 -37.77 -10.09
C LEU H 10 54.04 -36.44 -9.81
N ARG H 11 52.77 -36.47 -9.42
CA ARG H 11 52.06 -35.26 -9.05
C ARG H 11 52.71 -34.58 -7.86
N ASN H 12 53.07 -35.35 -6.84
CA ASN H 12 53.71 -34.79 -5.65
C ASN H 12 55.06 -34.16 -6.00
N TRP H 13 55.85 -34.81 -6.85
CA TRP H 13 57.13 -34.24 -7.23
C TRP H 13 56.97 -32.99 -8.07
N ALA H 14 56.07 -33.02 -9.06
CA ALA H 14 55.88 -31.84 -9.91
C ALA H 14 55.37 -30.66 -9.11
N SER H 15 54.41 -30.89 -8.21
CA SER H 15 53.89 -29.82 -7.37
C SER H 15 54.84 -29.49 -6.24
N GLY H 16 55.67 -30.44 -5.82
CA GLY H 16 56.52 -30.28 -4.66
C GLY H 16 55.83 -30.41 -3.33
N ARG H 17 54.63 -31.00 -3.29
CA ARG H 17 53.79 -31.02 -2.11
C ARG H 17 53.12 -32.38 -1.99
N ASP H 18 52.55 -32.64 -0.81
CA ASP H 18 51.75 -33.84 -0.60
C ASP H 18 50.32 -33.53 -1.01
N LEU H 19 49.99 -33.85 -2.27
CA LEU H 19 48.70 -33.45 -2.82
C LEU H 19 47.54 -34.26 -2.24
N GLN H 20 47.79 -35.51 -1.85
CA GLN H 20 46.71 -36.35 -1.34
C GLN H 20 46.16 -35.86 -0.02
N ALA H 21 46.96 -35.11 0.76
CA ALA H 21 46.50 -34.64 2.06
C ALA H 21 45.33 -33.68 1.93
N LYS H 22 45.40 -32.77 0.95
CA LYS H 22 44.39 -31.74 0.76
C LYS H 22 43.87 -31.82 -0.66
N LEU H 23 42.85 -32.65 -0.88
CA LEU H 23 42.26 -32.86 -2.19
C LEU H 23 41.08 -31.91 -2.38
N GLN H 24 41.09 -31.21 -3.50
CA GLN H 24 40.07 -30.24 -3.85
C GLN H 24 38.70 -30.87 -4.03
N LEU H 25 38.68 -32.04 -4.66
CA LEU H 25 37.43 -32.77 -4.84
C LEU H 25 37.00 -33.29 -3.47
N ARG H 26 35.71 -33.31 -3.19
CA ARG H 26 35.24 -33.77 -1.88
C ARG H 26 34.49 -35.10 -1.90
N TYR H 27 34.90 -36.00 -1.02
CA TYR H 27 34.32 -37.33 -0.90
C TYR H 27 33.36 -37.52 0.27
N GLN H 28 33.51 -38.66 0.95
CA GLN H 28 32.68 -39.07 2.10
C GLN H 28 32.76 -38.20 3.35
N GLU H 29 33.83 -37.43 3.49
CA GLU H 29 34.05 -36.58 4.66
C GLU H 29 32.94 -35.54 4.88
N ILE H 30 32.38 -35.00 3.79
CA ILE H 30 31.32 -34.00 3.87
C ILE H 30 30.05 -34.52 4.54
N SER H 31 29.30 -33.59 5.15
CA SER H 31 28.08 -33.91 5.87
C SER H 31 26.97 -34.53 5.01
N LYS H 32 26.21 -35.44 5.62
CA LYS H 32 25.12 -36.15 4.96
C LYS H 32 24.00 -35.21 4.51
N ARG H 33 23.42 -35.53 3.35
CA ARG H 33 22.35 -34.73 2.78
C ARG H 33 21.03 -34.91 3.52
N THR H 34 20.95 -35.87 4.44
CA THR H 34 19.80 -36.03 5.32
C THR H 34 20.27 -35.79 6.75
N GLN H 35 19.59 -34.89 7.45
CA GLN H 35 19.98 -34.49 8.79
C GLN H 35 18.82 -34.64 9.75
N PRO H 36 19.11 -34.82 11.05
CA PRO H 36 18.05 -34.87 12.05
C PRO H 36 17.37 -33.52 12.20
N PRO H 37 16.15 -33.47 12.71
CA PRO H 37 15.45 -32.20 12.84
C PRO H 37 16.07 -31.32 13.91
N PRO H 38 16.04 -30.00 13.72
CA PRO H 38 16.56 -29.08 14.75
C PRO H 38 15.53 -28.73 15.81
N LYS H 39 15.89 -27.89 16.77
CA LYS H 39 14.94 -27.46 17.79
C LYS H 39 14.86 -25.94 17.88
N LEU H 40 15.96 -25.23 17.61
CA LEU H 40 15.95 -23.78 17.42
C LEU H 40 15.38 -22.97 18.58
N PRO H 41 16.18 -22.67 19.60
CA PRO H 41 15.66 -21.96 20.78
C PRO H 41 15.04 -20.61 20.46
N VAL H 42 14.45 -20.00 21.49
CA VAL H 42 13.77 -18.72 21.32
C VAL H 42 14.56 -17.60 22.02
N GLY H 43 14.15 -16.37 21.75
CA GLY H 43 14.90 -15.21 22.17
C GLY H 43 14.59 -14.79 23.59
N PRO H 44 15.26 -13.72 24.03
CA PRO H 44 15.11 -13.26 25.43
C PRO H 44 13.73 -12.70 25.75
N SER H 45 12.93 -12.35 24.74
CA SER H 45 11.62 -11.76 25.02
C SER H 45 10.51 -12.81 25.14
N HIS H 46 10.85 -14.10 25.06
CA HIS H 46 9.84 -15.16 25.17
C HIS H 46 9.63 -15.49 26.65
N LYS H 47 8.88 -14.60 27.31
CA LYS H 47 8.60 -14.72 28.73
C LYS H 47 7.12 -14.49 28.98
N LEU H 48 6.64 -15.03 30.11
CA LEU H 48 5.24 -14.92 30.48
C LEU H 48 4.96 -13.77 31.44
N SER H 49 6.00 -13.11 31.96
CA SER H 49 5.83 -12.01 32.90
C SER H 49 7.07 -11.14 32.87
N ASN H 50 6.96 -9.95 33.47
CA ASN H 50 8.05 -8.98 33.52
C ASN H 50 8.58 -8.68 32.13
N ASN H 51 7.66 -8.55 31.17
CA ASN H 51 8.01 -8.51 29.75
C ASN H 51 7.19 -7.46 29.01
N TYR H 52 6.84 -6.36 29.66
CA TYR H 52 6.07 -5.32 28.99
C TYR H 52 6.87 -4.71 27.85
N TYR H 53 6.21 -4.55 26.71
CA TYR H 53 6.90 -4.08 25.51
C TYR H 53 7.50 -2.69 25.67
N CYS H 54 6.88 -1.81 26.47
CA CYS H 54 7.41 -0.47 26.65
C CYS H 54 8.76 -0.45 27.37
N THR H 55 9.18 -1.55 27.97
CA THR H 55 10.51 -1.65 28.57
C THR H 55 11.55 -2.23 27.62
N ARG H 56 11.15 -2.64 26.41
CA ARG H 56 12.06 -3.22 25.44
C ARG H 56 11.78 -2.69 24.04
N ASP H 57 11.43 -1.41 23.95
CA ASP H 57 11.01 -0.79 22.69
C ASP H 57 12.13 0.15 22.24
N GLY H 58 13.01 -0.35 21.38
CA GLY H 58 14.11 0.45 20.89
C GLY H 58 13.68 1.61 20.01
N ARG H 59 12.70 1.36 19.12
CA ARG H 59 12.26 2.39 18.19
C ARG H 59 11.72 3.62 18.90
N ARG H 60 11.09 3.45 20.05
CA ARG H 60 10.47 4.57 20.74
C ARG H 60 11.44 5.31 21.65
N GLU H 61 12.66 4.82 21.81
CA GLU H 61 13.70 5.54 22.54
C GLU H 61 14.54 6.43 21.63
N ALA H 62 14.34 6.35 20.32
CA ALA H 62 14.94 7.31 19.41
C ALA H 62 14.27 8.67 19.56
N MET H 63 15.07 9.73 19.46
CA MET H 63 14.57 11.09 19.60
C MET H 63 15.33 11.99 18.64
N PRO H 64 14.78 13.17 18.34
CA PRO H 64 15.43 14.08 17.39
C PRO H 64 16.82 14.47 17.85
N PRO H 65 17.70 14.83 16.92
CA PRO H 65 19.10 15.10 17.28
C PRO H 65 19.23 16.29 18.22
N SER H 66 20.26 16.22 19.07
CA SER H 66 20.57 17.32 19.97
C SER H 66 21.05 18.53 19.19
N ILE H 67 20.52 19.70 19.52
CA ILE H 67 20.90 20.94 18.85
C ILE H 67 22.00 21.61 19.67
N VAL H 68 23.15 21.80 19.05
CA VAL H 68 24.26 22.56 19.61
C VAL H 68 24.46 23.79 18.74
N MET H 69 24.41 24.98 19.32
CA MET H 69 24.67 26.23 18.59
C MET H 69 23.68 26.39 17.43
N SER H 70 22.47 26.79 17.78
CA SER H 70 21.62 27.42 16.79
C SER H 70 22.08 28.85 16.53
N SER H 71 21.82 29.35 15.33
CA SER H 71 22.12 30.74 15.01
C SER H 71 20.95 31.67 15.28
N GLN H 72 19.72 31.17 15.14
CA GLN H 72 18.56 31.96 15.50
C GLN H 72 18.50 32.17 17.01
N LYS H 73 18.74 31.11 17.78
CA LYS H 73 18.69 31.13 19.24
C LYS H 73 17.36 31.66 19.76
N THR H 89 38.19 33.39 27.67
CA THR H 89 38.51 32.57 28.84
C THR H 89 39.62 31.57 28.52
N GLU H 90 39.65 30.46 29.25
CA GLU H 90 40.64 29.42 28.98
C GLU H 90 40.37 28.78 27.63
N LYS H 91 39.22 28.11 27.48
CA LYS H 91 38.72 27.61 26.21
C LYS H 91 39.81 26.86 25.43
N LYS H 92 40.21 25.72 25.99
CA LYS H 92 41.19 24.87 25.34
C LYS H 92 40.64 24.31 24.03
N ALA H 93 41.52 24.17 23.05
CA ALA H 93 41.12 23.63 21.75
C ALA H 93 40.80 22.14 21.86
N VAL H 94 39.93 21.68 20.96
CA VAL H 94 39.47 20.30 20.98
C VAL H 94 39.58 19.71 19.59
N THR H 95 39.56 18.38 19.54
CA THR H 95 39.56 17.59 18.32
C THR H 95 38.28 16.75 18.28
N PRO H 96 37.88 16.26 17.11
CA PRO H 96 36.64 15.46 17.06
C PRO H 96 36.71 14.19 17.90
N ALA H 97 37.92 13.67 18.13
CA ALA H 97 38.14 12.51 18.97
C ALA H 97 39.61 12.48 19.34
N PRO H 98 40.00 11.71 20.34
CA PRO H 98 41.44 11.59 20.66
C PRO H 98 42.21 11.05 19.48
N PRO H 99 43.46 11.48 19.30
CA PRO H 99 44.26 11.01 18.16
C PRO H 99 44.38 9.49 18.16
N ILE H 100 44.34 8.91 16.96
CA ILE H 100 44.41 7.47 16.82
C ILE H 100 45.78 6.97 17.27
N LYS H 101 45.79 5.88 18.01
CA LYS H 101 47.05 5.29 18.46
C LYS H 101 47.70 4.54 17.31
N ARG H 102 49.03 4.67 17.22
CA ARG H 102 49.78 4.04 16.14
C ARG H 102 49.65 2.53 16.20
N TRP H 103 49.49 1.91 15.03
CA TRP H 103 49.36 0.47 14.94
C TRP H 103 50.67 -0.22 15.32
N GLU H 104 50.56 -1.42 15.85
CA GLU H 104 51.70 -2.22 16.25
C GLU H 104 51.96 -3.32 15.23
N LEU H 105 53.22 -3.61 14.98
CA LEU H 105 53.59 -4.64 14.01
C LEU H 105 53.19 -6.01 14.54
N SER H 106 52.81 -6.90 13.63
CA SER H 106 52.29 -8.20 14.00
C SER H 106 53.37 -9.05 14.66
N LYS H 107 52.98 -9.73 15.74
CA LYS H 107 53.87 -10.74 16.33
C LYS H 107 53.80 -12.05 15.54
N ASP H 108 52.66 -12.33 14.93
CA ASP H 108 52.47 -13.58 14.22
C ASP H 108 53.41 -13.69 13.02
N GLN H 109 53.42 -12.67 12.16
CA GLN H 109 54.27 -12.64 10.98
C GLN H 109 54.49 -11.21 10.54
N PRO H 110 55.47 -10.52 11.12
CA PRO H 110 55.66 -9.09 10.79
C PRO H 110 55.96 -8.83 9.32
N TYR H 111 56.69 -9.73 8.66
CA TYR H 111 57.07 -9.54 7.27
C TYR H 111 56.67 -10.76 6.45
N LEU H 112 56.24 -10.52 5.22
CA LEU H 112 55.88 -11.61 4.31
C LEU H 112 57.11 -12.15 3.61
N LEU I 1 -18.96 -3.61 -32.80
CA LEU I 1 -17.56 -3.54 -33.18
C LEU I 1 -16.75 -4.55 -32.36
N HIS I 2 -17.46 -5.43 -31.64
CA HIS I 2 -16.80 -6.48 -30.87
C HIS I 2 -15.83 -5.95 -29.81
N HIS I 3 -16.38 -5.53 -28.67
CA HIS I 3 -15.72 -4.76 -27.61
C HIS I 3 -14.22 -5.01 -27.48
N ALA I 4 -13.78 -6.27 -27.53
CA ALA I 4 -12.36 -6.54 -27.46
C ALA I 4 -11.59 -5.95 -28.63
N LEU I 5 -12.28 -5.55 -29.69
CA LEU I 5 -11.64 -4.92 -30.84
C LEU I 5 -12.06 -3.45 -30.96
N ILE I 6 -12.16 -2.78 -29.82
CA ILE I 6 -12.41 -1.34 -29.76
C ILE I 6 -11.09 -0.65 -29.46
N PRO I 7 -10.67 0.33 -30.24
CA PRO I 7 -9.33 0.92 -30.06
C PRO I 7 -9.16 1.53 -28.67
N HIS I 8 -7.96 1.35 -28.12
CA HIS I 8 -7.60 1.87 -26.82
C HIS I 8 -6.14 2.29 -26.85
N GLY I 9 -5.77 3.15 -25.92
CA GLY I 9 -4.40 3.61 -25.82
C GLY I 9 -4.10 4.80 -26.71
N LYS I 10 -2.81 5.13 -26.76
CA LYS I 10 -2.33 6.29 -27.48
C LYS I 10 -1.92 5.99 -28.92
N GLY I 11 -2.09 4.76 -29.37
CA GLY I 11 -1.63 4.37 -30.68
C GLY I 11 -0.20 3.88 -30.75
N GLY I 12 0.37 3.47 -29.63
CA GLY I 12 1.74 2.99 -29.58
C GLY I 12 1.82 1.49 -29.46
N ARG I 13 2.95 1.02 -28.94
CA ARG I 13 3.26 -0.41 -28.93
C ARG I 13 2.32 -1.19 -28.03
N SER I 14 1.98 -0.65 -26.86
CA SER I 14 1.11 -1.33 -25.91
C SER I 14 -0.36 -1.04 -26.14
N SER I 15 -0.69 -0.23 -27.15
CA SER I 15 -2.07 0.12 -27.43
C SER I 15 -2.78 -1.01 -28.16
N VAL I 16 -4.08 -0.85 -28.35
CA VAL I 16 -4.90 -1.76 -29.12
C VAL I 16 -5.46 -0.98 -30.30
N SER I 17 -5.05 -1.37 -31.52
CA SER I 17 -5.50 -0.69 -32.72
C SER I 17 -6.92 -1.08 -33.13
N GLY I 18 -7.35 -2.29 -32.79
CA GLY I 18 -8.61 -2.82 -33.29
C GLY I 18 -8.48 -3.60 -34.58
N ILE I 19 -7.28 -3.77 -35.11
CA ILE I 19 -7.03 -4.50 -36.34
C ILE I 19 -6.48 -5.87 -35.99
N VAL I 20 -7.07 -6.90 -36.58
CA VAL I 20 -6.52 -8.26 -36.55
C VAL I 20 -6.24 -8.63 -38.00
N ALA I 21 -4.97 -8.67 -38.38
CA ALA I 21 -4.56 -8.80 -39.77
C ALA I 21 -3.78 -10.08 -39.98
N THR I 22 -4.17 -10.83 -41.01
CA THR I 22 -3.38 -11.94 -41.53
C THR I 22 -2.63 -11.45 -42.76
N VAL I 23 -1.31 -11.52 -42.73
CA VAL I 23 -0.46 -10.94 -43.76
C VAL I 23 0.23 -12.09 -44.50
N PHE I 24 -0.33 -12.48 -45.64
CA PHE I 24 0.33 -13.46 -46.50
C PHE I 24 1.48 -12.79 -47.23
N GLY I 25 2.61 -13.50 -47.31
CA GLY I 25 3.79 -12.92 -47.90
C GLY I 25 4.50 -11.92 -47.00
N ALA I 26 4.43 -12.11 -45.69
CA ALA I 26 5.00 -11.18 -44.73
C ALA I 26 6.51 -11.32 -44.57
N THR I 27 7.10 -12.39 -45.10
CA THR I 27 8.53 -12.65 -44.94
C THR I 27 9.36 -12.06 -46.08
N GLY I 28 8.75 -11.28 -46.96
CA GLY I 28 9.47 -10.69 -48.08
C GLY I 28 9.81 -9.23 -47.90
N PHE I 29 9.93 -8.51 -49.02
CA PHE I 29 10.37 -7.12 -48.98
C PHE I 29 9.30 -6.21 -48.38
N LEU I 30 8.13 -6.14 -49.01
CA LEU I 30 7.06 -5.28 -48.53
C LEU I 30 6.46 -5.78 -47.22
N GLY I 31 6.55 -7.09 -46.98
CA GLY I 31 5.89 -7.67 -45.83
C GLY I 31 6.45 -7.18 -44.50
N ARG I 32 7.77 -7.01 -44.42
CA ARG I 32 8.36 -6.58 -43.17
C ARG I 32 7.93 -5.16 -42.82
N TYR I 33 7.84 -4.28 -43.82
CA TYR I 33 7.37 -2.91 -43.55
C TYR I 33 5.90 -2.91 -43.16
N VAL I 34 5.08 -3.72 -43.84
CA VAL I 34 3.66 -3.77 -43.48
C VAL I 34 3.49 -4.29 -42.05
N VAL I 35 4.20 -5.35 -41.69
CA VAL I 35 4.10 -5.91 -40.35
C VAL I 35 4.60 -4.90 -39.31
N ASN I 36 5.68 -4.20 -39.61
CA ASN I 36 6.19 -3.20 -38.67
C ASN I 36 5.18 -2.08 -38.45
N HIS I 37 4.55 -1.60 -39.52
CA HIS I 37 3.56 -0.55 -39.37
C HIS I 37 2.33 -1.04 -38.61
N LEU I 38 1.91 -2.28 -38.85
CA LEU I 38 0.79 -2.82 -38.08
C LEU I 38 1.13 -2.96 -36.61
N GLY I 39 2.33 -3.44 -36.30
CA GLY I 39 2.73 -3.64 -34.91
C GLY I 39 3.08 -2.37 -34.18
N ARG I 40 3.38 -1.29 -34.91
CA ARG I 40 3.71 -0.02 -34.26
C ARG I 40 2.55 0.50 -33.42
N MET I 41 1.33 0.37 -33.94
CA MET I 41 0.14 0.94 -33.31
C MET I 41 -0.61 -0.06 -32.44
N GLY I 42 -0.10 -1.28 -32.28
CA GLY I 42 -0.75 -2.26 -31.45
C GLY I 42 -1.78 -3.12 -32.14
N SER I 43 -1.52 -3.54 -33.37
CA SER I 43 -2.38 -4.49 -34.06
C SER I 43 -1.96 -5.91 -33.72
N GLN I 44 -2.93 -6.82 -33.78
CA GLN I 44 -2.66 -8.25 -33.73
C GLN I 44 -2.34 -8.71 -35.14
N VAL I 45 -1.14 -9.26 -35.34
CA VAL I 45 -0.66 -9.66 -36.65
C VAL I 45 -0.48 -11.17 -36.67
N ILE I 46 -1.02 -11.81 -37.70
CA ILE I 46 -0.84 -13.24 -37.92
C ILE I 46 0.04 -13.41 -39.16
N VAL I 47 1.11 -14.16 -39.02
CA VAL I 47 2.09 -14.36 -40.08
C VAL I 47 2.04 -15.81 -40.54
N PRO I 48 1.42 -16.09 -41.69
CA PRO I 48 1.57 -17.41 -42.31
C PRO I 48 2.93 -17.49 -43.00
N TYR I 49 3.68 -18.55 -42.68
CA TYR I 49 5.00 -18.72 -43.26
C TYR I 49 5.14 -20.14 -43.77
N ARG I 50 5.85 -20.28 -44.90
CA ARG I 50 6.26 -21.57 -45.42
C ARG I 50 7.76 -21.80 -45.31
N CYS I 51 8.53 -20.75 -45.07
CA CYS I 51 9.98 -20.84 -45.02
C CYS I 51 10.45 -21.35 -43.66
N GLU I 52 11.76 -21.46 -43.51
CA GLU I 52 12.33 -21.86 -42.24
C GLU I 52 12.08 -20.79 -41.18
N PRO I 53 11.72 -21.18 -39.95
CA PRO I 53 11.43 -20.19 -38.92
C PRO I 53 12.57 -19.23 -38.64
N TYR I 54 13.82 -19.67 -38.85
CA TYR I 54 14.96 -18.76 -38.75
C TYR I 54 14.79 -17.55 -39.66
N ASP I 55 14.08 -17.72 -40.78
CA ASP I 55 13.88 -16.64 -41.74
C ASP I 55 12.73 -15.71 -41.34
N THR I 56 12.07 -15.94 -40.21
CA THR I 56 11.04 -15.03 -39.72
C THR I 56 11.48 -14.24 -38.49
N MET I 57 12.68 -14.51 -37.98
CA MET I 57 13.11 -13.95 -36.69
C MET I 57 13.03 -12.42 -36.68
N HIS I 58 13.40 -11.78 -37.78
CA HIS I 58 13.43 -10.32 -37.84
C HIS I 58 12.06 -9.69 -37.66
N LEU I 59 10.98 -10.46 -37.79
CA LEU I 59 9.64 -9.92 -37.57
C LEU I 59 9.24 -9.94 -36.11
N ARG I 60 9.94 -10.69 -35.25
CA ARG I 60 9.51 -10.85 -33.86
C ARG I 60 9.52 -9.55 -33.05
N PRO I 61 10.56 -8.69 -33.13
CA PRO I 61 10.55 -7.47 -32.31
C PRO I 61 9.55 -6.42 -32.78
N MET I 62 8.83 -6.68 -33.86
CA MET I 62 7.94 -5.69 -34.46
C MET I 62 6.64 -5.48 -33.70
N GLY I 63 6.33 -6.35 -32.73
CA GLY I 63 5.11 -6.20 -31.97
C GLY I 63 5.34 -6.49 -30.50
N ASP I 64 4.45 -5.95 -29.69
CA ASP I 64 4.45 -6.18 -28.25
C ASP I 64 4.14 -7.64 -27.94
N LEU I 65 4.29 -8.02 -26.67
CA LEU I 65 4.07 -9.41 -26.27
C LEU I 65 2.66 -9.87 -26.64
N GLY I 66 2.60 -10.94 -27.43
CA GLY I 66 1.34 -11.53 -27.84
C GLY I 66 0.74 -10.99 -29.11
N GLN I 67 1.35 -9.99 -29.72
CA GLN I 67 0.74 -9.29 -30.84
C GLN I 67 1.16 -9.83 -32.21
N ILE I 68 2.17 -10.69 -32.28
CA ILE I 68 2.59 -11.29 -33.54
C ILE I 68 2.61 -12.80 -33.36
N ILE I 69 1.78 -13.50 -34.13
CA ILE I 69 1.60 -14.94 -34.02
C ILE I 69 2.00 -15.58 -35.34
N PHE I 70 2.88 -16.58 -35.27
CA PHE I 70 3.42 -17.25 -36.45
C PHE I 70 2.72 -18.58 -36.65
N MET I 71 2.33 -18.88 -37.88
CA MET I 71 1.70 -20.16 -38.20
C MET I 71 2.15 -20.65 -39.57
N GLU I 72 2.36 -21.96 -39.66
CA GLU I 72 2.69 -22.57 -40.94
C GLU I 72 1.48 -22.60 -41.86
N TRP I 73 1.74 -22.48 -43.16
CA TRP I 73 0.68 -22.61 -44.16
C TRP I 73 1.28 -23.19 -45.43
N ASN I 74 0.39 -23.69 -46.29
CA ASN I 74 0.76 -24.19 -47.61
C ASN I 74 -0.11 -23.49 -48.63
N GLY I 75 0.52 -22.92 -49.65
CA GLY I 75 -0.22 -22.17 -50.65
C GLY I 75 -1.23 -23.01 -51.42
N LYS I 76 -1.01 -24.31 -51.49
CA LYS I 76 -1.89 -25.23 -52.21
C LYS I 76 -2.90 -25.93 -51.29
N ASP I 77 -3.00 -25.51 -50.03
CA ASP I 77 -3.87 -26.17 -49.06
C ASP I 77 -4.83 -25.13 -48.47
N LYS I 78 -6.11 -25.25 -48.80
CA LYS I 78 -7.11 -24.30 -48.33
C LYS I 78 -7.39 -24.42 -46.84
N ASP I 79 -7.12 -25.59 -46.24
CA ASP I 79 -7.29 -25.73 -44.80
C ASP I 79 -6.29 -24.87 -44.04
N SER I 80 -5.05 -24.75 -44.52
CA SER I 80 -4.09 -23.86 -43.90
C SER I 80 -4.56 -22.41 -43.96
N ILE I 81 -5.11 -22.01 -45.10
CA ILE I 81 -5.62 -20.65 -45.26
C ILE I 81 -6.77 -20.39 -44.30
N ARG I 82 -7.69 -21.34 -44.21
CA ARG I 82 -8.79 -21.22 -43.25
C ARG I 82 -8.27 -21.10 -41.83
N LYS I 83 -7.25 -21.91 -41.49
CA LYS I 83 -6.67 -21.86 -40.16
C LYS I 83 -6.07 -20.49 -39.85
N VAL I 84 -5.40 -19.88 -40.84
CA VAL I 84 -4.72 -18.63 -40.54
C VAL I 84 -5.59 -17.39 -40.71
N VAL I 85 -6.77 -17.50 -41.32
CA VAL I 85 -7.64 -16.33 -41.48
C VAL I 85 -8.92 -16.44 -40.66
N GLU I 86 -9.03 -17.44 -39.79
CA GLU I 86 -10.29 -17.70 -39.10
C GLU I 86 -10.72 -16.53 -38.21
N HIS I 87 -9.77 -15.90 -37.53
CA HIS I 87 -10.08 -14.90 -36.51
C HIS I 87 -9.69 -13.48 -36.91
N SER I 88 -9.47 -13.22 -38.20
CA SER I 88 -9.00 -11.92 -38.64
C SER I 88 -10.14 -11.09 -39.22
N ASN I 89 -10.04 -9.79 -39.03
CA ASN I 89 -10.91 -8.86 -39.74
C ASN I 89 -10.24 -8.20 -40.94
N VAL I 90 -8.92 -8.33 -41.07
CA VAL I 90 -8.18 -7.82 -42.21
C VAL I 90 -7.30 -8.94 -42.75
N VAL I 91 -7.33 -9.14 -44.08
CA VAL I 91 -6.42 -10.05 -44.75
C VAL I 91 -5.67 -9.26 -45.82
N ILE I 92 -4.34 -9.27 -45.74
CA ILE I 92 -3.47 -8.62 -46.71
C ILE I 92 -2.73 -9.72 -47.47
N ASN I 93 -2.70 -9.62 -48.80
CA ASN I 93 -2.00 -10.58 -49.64
C ASN I 93 -0.80 -9.89 -50.29
N LEU I 94 0.40 -10.31 -49.89
CA LEU I 94 1.64 -9.80 -50.47
C LEU I 94 2.46 -10.93 -51.09
N VAL I 95 1.82 -12.05 -51.40
CA VAL I 95 2.52 -13.22 -51.94
C VAL I 95 2.90 -12.95 -53.39
N GLY I 96 4.17 -13.17 -53.72
CA GLY I 96 4.64 -12.99 -55.08
C GLY I 96 6.07 -13.44 -55.29
N ARG I 97 6.38 -13.90 -56.50
CA ARG I 97 7.73 -14.24 -56.89
C ARG I 97 8.05 -13.61 -58.25
N GLU I 98 9.30 -13.22 -58.42
CA GLU I 98 9.77 -12.63 -59.67
C GLU I 98 10.39 -13.65 -60.60
N TRP I 99 10.33 -14.93 -60.24
CA TRP I 99 10.79 -16.02 -61.11
C TRP I 99 9.91 -17.23 -60.85
N GLU I 100 10.00 -18.20 -61.74
CA GLU I 100 9.21 -19.42 -61.66
C GLU I 100 10.07 -20.55 -61.10
N THR I 101 9.56 -21.25 -60.10
CA THR I 101 10.24 -22.42 -59.58
C THR I 101 9.62 -23.69 -60.15
N LYS I 102 10.25 -24.83 -59.86
CA LYS I 102 9.73 -26.10 -60.33
C LYS I 102 8.41 -26.47 -59.67
N ASN I 103 8.02 -25.81 -58.59
CA ASN I 103 6.78 -26.11 -57.89
C ASN I 103 5.70 -25.04 -58.05
N PHE I 104 6.08 -23.81 -58.42
CA PHE I 104 5.13 -22.71 -58.51
C PHE I 104 5.49 -21.85 -59.71
N ASP I 105 4.58 -21.75 -60.66
CA ASP I 105 4.75 -20.83 -61.78
C ASP I 105 4.04 -19.51 -61.46
N PHE I 106 4.04 -18.60 -62.44
CA PHE I 106 3.40 -17.30 -62.23
C PHE I 106 1.90 -17.45 -62.00
N GLU I 107 1.25 -18.36 -62.71
CA GLU I 107 -0.17 -18.62 -62.51
C GLU I 107 -0.47 -19.14 -61.12
N ASP I 108 0.40 -19.97 -60.55
CA ASP I 108 0.19 -20.47 -59.20
C ASP I 108 0.24 -19.35 -58.16
N VAL I 109 1.23 -18.47 -58.25
CA VAL I 109 1.42 -17.48 -57.20
C VAL I 109 0.61 -16.20 -57.40
N PHE I 110 0.17 -15.92 -58.63
CA PHE I 110 -0.52 -14.67 -58.91
C PHE I 110 -1.98 -14.86 -59.28
N VAL I 111 -2.43 -16.08 -59.52
CA VAL I 111 -3.82 -16.34 -59.87
C VAL I 111 -4.46 -17.29 -58.87
N LYS I 112 -3.90 -18.50 -58.77
CA LYS I 112 -4.53 -19.55 -57.96
C LYS I 112 -4.49 -19.20 -56.47
N ILE I 113 -3.32 -18.85 -55.95
CA ILE I 113 -3.20 -18.55 -54.53
C ILE I 113 -4.00 -17.31 -54.13
N PRO I 114 -3.94 -16.18 -54.85
CA PRO I 114 -4.81 -15.06 -54.48
C PRO I 114 -6.29 -15.41 -54.55
N HIS I 115 -6.69 -16.21 -55.53
CA HIS I 115 -8.09 -16.60 -55.61
C HIS I 115 -8.51 -17.45 -54.41
N ALA I 116 -7.67 -18.42 -54.04
CA ALA I 116 -7.98 -19.24 -52.87
C ALA I 116 -8.03 -18.41 -51.60
N ILE I 117 -7.08 -17.47 -51.45
CA ILE I 117 -7.07 -16.62 -50.27
C ILE I 117 -8.34 -15.79 -50.20
N ALA I 118 -8.73 -15.18 -51.32
CA ALA I 118 -9.94 -14.36 -51.33
C ALA I 118 -11.18 -15.18 -51.04
N GLN I 119 -11.30 -16.36 -51.65
CA GLN I 119 -12.51 -17.17 -51.45
C GLN I 119 -12.61 -17.68 -50.01
N VAL I 120 -11.49 -18.13 -49.45
CA VAL I 120 -11.51 -18.60 -48.06
C VAL I 120 -11.80 -17.46 -47.10
N SER I 121 -11.22 -16.28 -47.37
CA SER I 121 -11.49 -15.12 -46.51
C SER I 121 -12.96 -14.72 -46.58
N LYS I 122 -13.55 -14.78 -47.77
CA LYS I 122 -14.98 -14.49 -47.89
C LYS I 122 -15.82 -15.52 -47.13
N GLU I 123 -15.44 -16.79 -47.21
CA GLU I 123 -16.16 -17.82 -46.48
C GLU I 123 -16.05 -17.63 -44.97
N ALA I 124 -14.87 -17.25 -44.48
CA ALA I 124 -14.59 -17.16 -43.05
C ALA I 124 -15.15 -15.91 -42.40
N GLY I 125 -15.68 -14.98 -43.19
CA GLY I 125 -16.25 -13.77 -42.64
C GLY I 125 -15.29 -12.62 -42.47
N VAL I 126 -14.11 -12.68 -43.09
CA VAL I 126 -13.19 -11.55 -43.05
C VAL I 126 -13.84 -10.34 -43.69
N GLU I 127 -13.73 -9.20 -43.02
CA GLU I 127 -14.39 -7.98 -43.47
C GLU I 127 -13.61 -7.24 -44.55
N LYS I 128 -12.29 -7.13 -44.41
CA LYS I 128 -11.47 -6.34 -45.32
C LYS I 128 -10.40 -7.21 -45.96
N LEU I 129 -10.26 -7.08 -47.28
CA LEU I 129 -9.24 -7.79 -48.03
C LEU I 129 -8.45 -6.79 -48.85
N ILE I 130 -7.13 -6.82 -48.70
CA ILE I 130 -6.21 -5.99 -49.48
C ILE I 130 -5.41 -6.91 -50.39
N HIS I 131 -5.50 -6.67 -51.69
CA HIS I 131 -4.77 -7.45 -52.68
C HIS I 131 -3.83 -6.54 -53.46
N ILE I 132 -2.59 -6.96 -53.58
CA ILE I 132 -1.56 -6.20 -54.30
C ILE I 132 -1.44 -6.76 -55.70
N SER I 133 -1.51 -5.87 -56.68
CA SER I 133 -1.36 -6.14 -58.10
C SER I 133 -0.23 -5.25 -58.61
N HIS I 134 -0.09 -5.18 -59.92
CA HIS I 134 0.93 -4.33 -60.52
C HIS I 134 0.27 -3.21 -61.32
N LEU I 135 0.97 -2.07 -61.36
CA LEU I 135 0.50 -0.95 -62.17
C LEU I 135 0.38 -1.34 -63.64
N ASN I 136 1.34 -2.11 -64.15
CA ASN I 136 1.39 -2.50 -65.55
C ASN I 136 0.72 -3.85 -65.82
N ALA I 137 -0.18 -4.29 -64.96
CA ALA I 137 -0.89 -5.54 -65.19
C ALA I 137 -1.71 -5.44 -66.46
N ASP I 138 -1.56 -6.43 -67.35
CA ASP I 138 -2.16 -6.36 -68.67
C ASP I 138 -2.40 -7.77 -69.18
N ILE I 139 -3.61 -8.02 -69.70
CA ILE I 139 -3.93 -9.31 -70.27
C ILE I 139 -3.18 -9.56 -71.58
N LYS I 140 -2.66 -8.52 -72.23
CA LYS I 140 -1.95 -8.63 -73.49
C LYS I 140 -0.49 -8.24 -73.36
N SER I 141 0.02 -8.20 -72.15
CA SER I 141 1.38 -7.80 -71.87
C SER I 141 2.38 -8.81 -72.43
N PRO I 142 3.56 -8.39 -72.87
CA PRO I 142 4.60 -9.34 -73.24
C PRO I 142 5.19 -10.10 -72.07
N SER I 143 4.90 -9.68 -70.84
CA SER I 143 5.35 -10.35 -69.63
C SER I 143 4.24 -11.24 -69.09
N ARG I 144 4.54 -12.53 -68.90
CA ARG I 144 3.56 -13.43 -68.33
C ARG I 144 3.30 -13.11 -66.86
N TYR I 145 4.28 -12.51 -66.18
CA TYR I 145 4.08 -12.00 -64.83
C TYR I 145 2.89 -11.05 -64.77
N LEU I 146 2.85 -10.08 -65.68
CA LEU I 146 1.78 -9.09 -65.69
C LEU I 146 0.45 -9.67 -66.17
N ARG I 147 0.47 -10.62 -67.11
CA ARG I 147 -0.76 -11.30 -67.49
C ARG I 147 -1.35 -12.03 -66.30
N SER I 148 -0.51 -12.75 -65.55
CA SER I 148 -0.99 -13.43 -64.36
C SER I 148 -1.51 -12.44 -63.33
N LYS I 149 -0.87 -11.28 -63.20
CA LYS I 149 -1.37 -10.26 -62.29
C LYS I 149 -2.76 -9.78 -62.69
N ALA I 150 -2.98 -9.54 -63.98
CA ALA I 150 -4.29 -9.07 -64.44
C ALA I 150 -5.36 -10.13 -64.21
N VAL I 151 -5.06 -11.38 -64.56
CA VAL I 151 -6.02 -12.46 -64.33
C VAL I 151 -6.31 -12.59 -62.83
N GLY I 152 -5.28 -12.50 -62.00
CA GLY I 152 -5.47 -12.67 -60.58
C GLY I 152 -6.29 -11.56 -59.96
N GLU I 153 -6.10 -10.32 -60.40
CA GLU I 153 -6.96 -9.26 -59.87
C GLU I 153 -8.39 -9.43 -60.32
N LYS I 154 -8.60 -9.92 -61.55
CA LYS I 154 -9.97 -10.25 -61.97
C LYS I 154 -10.60 -11.30 -61.06
N GLU I 155 -9.87 -12.38 -60.77
CA GLU I 155 -10.43 -13.44 -59.93
C GLU I 155 -10.62 -12.99 -58.48
N VAL I 156 -9.71 -12.15 -57.97
CA VAL I 156 -9.86 -11.64 -56.61
C VAL I 156 -11.10 -10.77 -56.50
N ARG I 157 -11.33 -9.90 -57.48
CA ARG I 157 -12.54 -9.11 -57.48
C ARG I 157 -13.78 -9.98 -57.63
N ALA I 158 -13.67 -11.10 -58.37
CA ALA I 158 -14.80 -12.01 -58.50
C ALA I 158 -15.14 -12.70 -57.19
N ALA I 159 -14.12 -13.14 -56.45
CA ALA I 159 -14.35 -13.91 -55.23
C ALA I 159 -14.57 -13.05 -53.99
N PHE I 160 -14.10 -11.80 -53.99
CA PHE I 160 -14.25 -10.90 -52.86
C PHE I 160 -14.55 -9.51 -53.40
N PRO I 161 -15.82 -9.23 -53.72
CA PRO I 161 -16.14 -7.95 -54.39
C PRO I 161 -15.75 -6.71 -53.61
N GLU I 162 -15.74 -6.76 -52.27
CA GLU I 162 -15.37 -5.62 -51.45
C GLU I 162 -13.87 -5.51 -51.24
N ALA I 163 -13.06 -6.11 -52.10
CA ALA I 163 -11.62 -6.06 -51.94
C ALA I 163 -11.07 -4.71 -52.38
N THR I 164 -9.99 -4.30 -51.72
CA THR I 164 -9.21 -3.14 -52.12
C THR I 164 -7.99 -3.63 -52.86
N ILE I 165 -7.84 -3.21 -54.11
CA ILE I 165 -6.75 -3.62 -54.97
C ILE I 165 -5.79 -2.45 -55.10
N ILE I 166 -4.51 -2.71 -54.83
CA ILE I 166 -3.48 -1.68 -54.84
C ILE I 166 -2.44 -2.05 -55.87
N LYS I 167 -2.14 -1.13 -56.79
CA LYS I 167 -1.25 -1.39 -57.92
C LYS I 167 -0.04 -0.47 -57.83
N PRO I 168 1.02 -0.89 -57.15
CA PRO I 168 2.25 -0.09 -57.11
C PRO I 168 3.07 -0.27 -58.38
N SER I 169 4.03 0.64 -58.55
CA SER I 169 4.92 0.64 -59.72
C SER I 169 6.36 0.68 -59.23
N ASP I 170 7.03 -0.47 -59.22
CA ASP I 170 8.48 -0.55 -59.07
C ASP I 170 8.94 0.10 -57.75
N ILE I 171 8.58 -0.56 -56.66
CA ILE I 171 8.93 -0.09 -55.34
C ILE I 171 10.45 -0.11 -55.15
N PHE I 172 11.00 0.98 -54.61
CA PHE I 172 12.42 1.06 -54.29
C PHE I 172 12.60 1.17 -52.78
N GLY I 173 13.64 0.54 -52.28
CA GLY I 173 13.91 0.53 -50.85
C GLY I 173 15.18 -0.23 -50.55
N ARG I 174 15.46 -0.36 -49.25
CA ARG I 174 16.73 -0.96 -48.82
C ARG I 174 16.89 -2.38 -49.33
N GLU I 175 15.81 -3.16 -49.33
CA GLU I 175 15.83 -4.55 -49.75
C GLU I 175 15.17 -4.77 -51.11
N ASP I 176 15.14 -3.74 -51.93
CA ASP I 176 14.48 -3.81 -53.23
C ASP I 176 15.30 -4.49 -54.33
N ARG I 177 14.62 -4.91 -55.39
CA ARG I 177 15.30 -5.56 -56.52
C ARG I 177 15.36 -4.61 -57.71
N PHE I 178 15.22 -3.33 -57.43
CA PHE I 178 15.15 -2.29 -58.45
C PHE I 178 16.43 -1.47 -58.45
N LEU I 179 16.64 -0.73 -57.35
CA LEU I 179 17.83 0.09 -57.22
C LEU I 179 19.07 -0.79 -57.04
N ASN I 180 18.89 -1.88 -56.30
CA ASN I 180 19.98 -2.81 -56.05
C ASN I 180 20.25 -3.66 -57.27
N TYR I 181 19.22 -3.87 -58.09
CA TYR I 181 19.35 -4.65 -59.30
C TYR I 181 20.17 -3.90 -60.36
N PHE I 182 19.93 -2.60 -60.47
CA PHE I 182 20.63 -1.77 -61.43
C PHE I 182 22.04 -1.45 -60.95
N ALA I 183 22.23 -1.48 -59.63
CA ALA I 183 23.53 -1.20 -59.03
C ALA I 183 24.42 -2.43 -59.05
N SER I 184 23.81 -3.60 -59.26
CA SER I 184 24.55 -4.86 -59.31
C SER I 184 24.88 -5.24 -60.74
N MET I 185 24.61 -4.34 -61.67
CA MET I 185 24.90 -4.59 -63.08
C MET I 185 26.29 -4.09 -63.46
N ARG I 186 26.97 -3.48 -62.49
CA ARG I 186 28.32 -2.97 -62.71
C ARG I 186 29.34 -4.10 -62.68
N TRP I 187 28.98 -5.20 -62.01
CA TRP I 187 29.86 -6.35 -61.90
C TRP I 187 30.17 -6.94 -63.27
N PHE I 188 29.49 -6.46 -64.30
CA PHE I 188 29.71 -6.97 -65.64
C PHE I 188 30.38 -5.94 -66.55
N GLY I 189 31.09 -4.97 -65.97
CA GLY I 189 31.82 -3.99 -66.74
C GLY I 189 30.94 -2.87 -67.27
N GLY I 190 30.17 -3.16 -68.32
CA GLY I 190 29.26 -2.19 -68.88
C GLY I 190 27.83 -2.41 -68.42
N VAL I 191 26.95 -1.50 -68.78
CA VAL I 191 25.53 -1.58 -68.44
C VAL I 191 24.74 -1.84 -69.73
N PRO I 192 24.21 -3.04 -69.95
CA PRO I 192 23.39 -3.28 -71.14
C PRO I 192 22.01 -2.67 -70.98
N LEU I 193 21.60 -1.87 -71.96
CA LEU I 193 20.27 -1.28 -71.99
C LEU I 193 19.68 -1.43 -73.38
N ILE I 194 18.46 -1.96 -73.46
CA ILE I 194 17.76 -2.06 -74.74
C ILE I 194 17.43 -0.65 -75.21
N SER I 195 17.84 -0.32 -76.45
CA SER I 195 17.67 1.01 -77.01
C SER I 195 18.33 2.07 -76.14
N LEU I 196 19.37 1.67 -75.40
CA LEU I 196 20.07 2.53 -74.44
C LEU I 196 19.13 3.07 -73.37
N GLY I 197 18.01 2.40 -73.14
CA GLY I 197 17.05 2.87 -72.17
C GLY I 197 16.38 4.18 -72.49
N LYS I 198 16.42 4.59 -73.76
CA LYS I 198 15.89 5.88 -74.17
C LYS I 198 14.40 5.86 -74.50
N GLU I 199 13.78 4.68 -74.54
CA GLU I 199 12.37 4.55 -74.88
C GLU I 199 11.60 3.90 -73.74
N THR I 200 12.01 4.17 -72.50
CA THR I 200 11.36 3.61 -71.32
C THR I 200 11.20 4.70 -70.28
N VAL I 201 10.00 4.82 -69.71
CA VAL I 201 9.72 5.79 -68.66
C VAL I 201 9.31 5.05 -67.40
N LYS I 202 9.95 5.39 -66.28
CA LYS I 202 9.71 4.75 -65.01
C LYS I 202 9.19 5.76 -64.00
N GLN I 203 8.31 5.30 -63.11
CA GLN I 203 7.76 6.12 -62.04
C GLN I 203 7.82 5.34 -60.73
N PRO I 204 9.03 5.11 -60.20
CA PRO I 204 9.17 4.28 -59.00
C PRO I 204 8.64 4.96 -57.75
N VAL I 205 8.21 4.14 -56.80
CA VAL I 205 7.54 4.60 -55.59
C VAL I 205 8.27 4.05 -54.36
N TYR I 206 8.34 4.88 -53.32
CA TYR I 206 9.04 4.53 -52.10
C TYR I 206 8.30 3.44 -51.33
N ILE I 207 9.07 2.57 -50.66
CA ILE I 207 8.51 1.42 -49.96
C ILE I 207 7.65 1.86 -48.78
N VAL I 208 8.14 2.84 -48.00
CA VAL I 208 7.38 3.30 -46.84
C VAL I 208 6.08 3.95 -47.27
N ASP I 209 6.08 4.64 -48.42
CA ASP I 209 4.85 5.18 -48.96
C ASP I 209 3.81 4.09 -49.23
N VAL I 210 4.24 2.97 -49.82
CA VAL I 210 3.33 1.88 -50.12
C VAL I 210 2.80 1.25 -48.83
N SER I 211 3.69 1.03 -47.86
CA SER I 211 3.25 0.44 -46.60
C SER I 211 2.25 1.34 -45.88
N LYS I 212 2.53 2.63 -45.81
CA LYS I 212 1.60 3.56 -45.19
C LYS I 212 0.30 3.66 -45.98
N GLY I 213 0.36 3.53 -47.31
CA GLY I 213 -0.84 3.52 -48.10
C GLY I 213 -1.73 2.33 -47.80
N ILE I 214 -1.12 1.16 -47.64
CA ILE I 214 -1.88 -0.02 -47.25
C ILE I 214 -2.52 0.18 -45.88
N ILE I 215 -1.76 0.73 -44.93
CA ILE I 215 -2.30 0.99 -43.59
C ILE I 215 -3.48 1.95 -43.66
N ASN I 216 -3.32 3.06 -44.38
CA ASN I 216 -4.38 4.05 -44.48
C ASN I 216 -5.60 3.51 -45.20
N ALA I 217 -5.40 2.69 -46.24
CA ALA I 217 -6.52 2.05 -46.91
C ALA I 217 -7.27 1.12 -45.98
N ILE I 218 -6.55 0.43 -45.08
CA ILE I 218 -7.23 -0.34 -44.05
C ILE I 218 -8.08 0.58 -43.17
N LYS I 219 -7.52 1.72 -42.76
CA LYS I 219 -8.23 2.65 -41.89
C LYS I 219 -9.28 3.49 -42.62
N ASP I 220 -9.30 3.49 -43.96
CA ASP I 220 -10.24 4.31 -44.69
C ASP I 220 -11.49 3.49 -44.98
N PRO I 221 -12.66 3.91 -44.50
CA PRO I 221 -13.89 3.16 -44.81
C PRO I 221 -14.34 3.29 -46.26
N ASP I 222 -13.94 4.34 -46.96
CA ASP I 222 -14.30 4.50 -48.36
C ASP I 222 -13.48 3.61 -49.28
N ALA I 223 -12.30 3.15 -48.84
CA ALA I 223 -11.39 2.36 -49.66
C ALA I 223 -11.85 0.92 -49.84
N LYS I 224 -13.09 0.61 -49.48
CA LYS I 224 -13.59 -0.76 -49.44
C LYS I 224 -13.42 -1.48 -50.77
N GLY I 225 -14.10 -1.01 -51.82
CA GLY I 225 -14.06 -1.72 -53.09
C GLY I 225 -13.38 -0.97 -54.21
N LYS I 226 -12.36 -0.18 -53.90
CA LYS I 226 -11.71 0.68 -54.88
C LYS I 226 -10.42 0.04 -55.38
N THR I 227 -9.86 0.63 -56.43
CA THR I 227 -8.59 0.20 -57.00
C THR I 227 -7.65 1.39 -57.02
N PHE I 228 -6.52 1.28 -56.33
CA PHE I 228 -5.55 2.36 -56.22
C PHE I 228 -4.31 2.05 -57.04
N ALA I 229 -3.66 3.11 -57.52
CA ALA I 229 -2.37 3.02 -58.17
C ALA I 229 -1.37 3.82 -57.34
N PHE I 230 -0.32 3.15 -56.88
CA PHE I 230 0.70 3.77 -56.02
C PHE I 230 1.94 4.04 -56.87
N VAL I 231 2.15 5.30 -57.22
CA VAL I 231 3.29 5.71 -58.04
C VAL I 231 4.02 6.86 -57.35
N GLY I 232 5.28 7.04 -57.75
CA GLY I 232 6.07 8.12 -57.23
C GLY I 232 5.75 9.44 -57.89
N PRO I 233 6.37 10.51 -57.38
CA PRO I 233 6.04 11.85 -57.88
C PRO I 233 6.71 12.23 -59.19
N ASN I 234 7.72 11.49 -59.63
CA ASN I 234 8.49 11.86 -60.82
C ASN I 234 8.55 10.70 -61.80
N ARG I 235 8.69 11.04 -63.07
CA ARG I 235 8.88 10.08 -64.14
C ARG I 235 10.23 10.31 -64.80
N TYR I 236 10.99 9.24 -65.00
CA TYR I 236 12.33 9.32 -65.56
C TYR I 236 12.46 8.40 -66.77
N LEU I 237 13.31 8.80 -67.70
CA LEU I 237 13.80 7.85 -68.69
C LEU I 237 14.68 6.82 -68.01
N LEU I 238 14.67 5.59 -68.53
CA LEU I 238 15.46 4.53 -67.93
C LEU I 238 16.95 4.87 -67.97
N PHE I 239 17.42 5.47 -69.07
CA PHE I 239 18.81 5.89 -69.16
C PHE I 239 19.15 6.88 -68.06
N ASP I 240 18.35 7.93 -67.90
CA ASP I 240 18.60 8.93 -66.88
C ASP I 240 18.52 8.34 -65.48
N LEU I 241 17.55 7.47 -65.23
CA LEU I 241 17.41 6.86 -63.92
C LEU I 241 18.62 6.00 -63.57
N VAL I 242 19.09 5.19 -64.51
CA VAL I 242 20.23 4.32 -64.25
C VAL I 242 21.51 5.15 -64.09
N GLN I 243 21.65 6.20 -64.89
CA GLN I 243 22.79 7.10 -64.74
C GLN I 243 22.79 7.77 -63.38
N TYR I 244 21.61 8.20 -62.91
CA TYR I 244 21.51 8.77 -61.57
C TYR I 244 21.87 7.75 -60.50
N ILE I 245 21.41 6.50 -60.68
CA ILE I 245 21.74 5.44 -59.73
C ILE I 245 23.24 5.25 -59.63
N PHE I 246 23.91 5.20 -60.77
CA PHE I 246 25.36 5.01 -60.77
C PHE I 246 26.09 6.22 -60.22
N ALA I 247 25.55 7.43 -60.43
CA ALA I 247 26.16 8.61 -59.84
C ALA I 247 26.04 8.61 -58.32
N VAL I 248 24.88 8.20 -57.78
CA VAL I 248 24.71 8.15 -56.33
C VAL I 248 25.65 7.11 -55.72
N ALA I 249 25.88 5.99 -56.40
CA ALA I 249 26.80 4.98 -55.94
C ALA I 249 28.26 5.30 -56.28
N TYR I 250 28.50 6.39 -57.02
CA TYR I 250 29.85 6.82 -57.40
C TYR I 250 30.60 5.72 -58.14
N ARG I 251 29.89 5.03 -59.04
CA ARG I 251 30.48 4.00 -59.88
C ARG I 251 30.55 4.50 -61.32
N PRO I 252 31.56 4.08 -62.09
CA PRO I 252 31.63 4.50 -63.50
C PRO I 252 30.49 3.90 -64.31
N PHE I 253 29.81 4.77 -65.04
CA PHE I 253 28.63 4.40 -65.80
C PHE I 253 29.01 4.24 -67.27
N LEU I 254 28.94 3.00 -67.77
CA LEU I 254 29.29 2.67 -69.16
C LEU I 254 28.11 1.96 -69.80
N PRO I 255 27.11 2.71 -70.26
CA PRO I 255 25.95 2.09 -70.90
C PRO I 255 26.23 1.74 -72.36
N TYR I 256 25.77 0.56 -72.77
CA TYR I 256 25.84 0.14 -74.16
C TYR I 256 24.52 -0.52 -74.54
N PRO I 257 24.12 -0.41 -75.81
CA PRO I 257 22.84 -0.96 -76.23
C PRO I 257 22.95 -2.41 -76.64
N LEU I 258 22.04 -3.23 -76.12
CA LEU I 258 21.95 -4.63 -76.47
C LEU I 258 20.60 -4.91 -77.10
N PRO I 259 20.54 -5.62 -78.22
CA PRO I 259 19.25 -5.88 -78.86
C PRO I 259 18.35 -6.76 -77.99
N HIS I 260 17.06 -6.72 -78.29
CA HIS I 260 16.08 -7.45 -77.49
C HIS I 260 16.34 -8.95 -77.51
N PHE I 261 16.70 -9.51 -78.66
CA PHE I 261 16.92 -10.95 -78.76
C PHE I 261 18.15 -11.38 -77.95
N ALA I 262 19.22 -10.60 -77.99
CA ALA I 262 20.42 -10.94 -77.24
C ALA I 262 20.19 -10.81 -75.74
N TYR I 263 19.46 -9.78 -75.32
CA TYR I 263 19.13 -9.62 -73.91
C TYR I 263 18.22 -10.76 -73.44
N ARG I 264 17.30 -11.20 -74.30
CA ARG I 264 16.47 -12.36 -73.96
C ARG I 264 17.32 -13.61 -73.82
N TRP I 265 18.30 -13.79 -74.71
CA TRP I 265 19.23 -14.90 -74.58
C TRP I 265 19.98 -14.86 -73.26
N VAL I 266 20.46 -13.68 -72.86
CA VAL I 266 21.16 -13.54 -71.59
C VAL I 266 20.23 -13.86 -70.42
N GLY I 267 18.99 -13.40 -70.50
CA GLY I 267 18.03 -13.68 -69.44
C GLY I 267 17.72 -15.17 -69.32
N ARG I 268 17.53 -15.84 -70.45
CA ARG I 268 17.30 -17.28 -70.41
C ARG I 268 18.52 -18.02 -69.86
N LEU I 269 19.72 -17.55 -70.20
CA LEU I 269 20.93 -18.14 -69.65
C LEU I 269 20.93 -18.03 -68.12
N PHE I 270 20.61 -16.85 -67.60
CA PHE I 270 20.56 -16.69 -66.15
C PHE I 270 19.39 -17.41 -65.51
N GLU I 271 18.36 -17.76 -66.30
CA GLU I 271 17.21 -18.47 -65.77
C GLU I 271 17.49 -19.91 -65.35
N VAL I 272 18.66 -20.46 -65.69
CA VAL I 272 18.93 -21.87 -65.41
C VAL I 272 19.45 -22.12 -64.01
N SER I 273 19.60 -21.09 -63.20
CA SER I 273 20.15 -21.27 -61.86
C SER I 273 19.11 -21.88 -60.92
N PRO I 274 19.45 -22.94 -60.19
CA PRO I 274 18.50 -23.49 -59.22
C PRO I 274 18.29 -22.60 -58.00
N PHE I 275 19.14 -21.61 -57.80
CA PHE I 275 19.00 -20.65 -56.71
C PHE I 275 18.21 -19.44 -57.22
N GLU I 276 18.22 -18.35 -56.47
CA GLU I 276 17.55 -17.15 -56.92
C GLU I 276 18.26 -16.60 -58.15
N PRO I 277 17.59 -16.49 -59.30
CA PRO I 277 18.26 -16.02 -60.52
C PRO I 277 18.70 -14.57 -60.39
N TRP I 278 19.83 -14.26 -61.01
CA TRP I 278 20.27 -12.86 -61.07
C TRP I 278 19.34 -12.04 -61.95
N THR I 279 18.84 -12.63 -63.03
CA THR I 279 17.83 -11.98 -63.88
C THR I 279 17.12 -13.09 -64.65
N THR I 280 15.96 -12.74 -65.20
CA THR I 280 15.18 -13.64 -66.02
C THR I 280 14.74 -12.90 -67.28
N ARG I 281 14.17 -13.67 -68.22
CA ARG I 281 13.58 -13.05 -69.40
C ARG I 281 12.41 -12.15 -69.02
N ASP I 282 11.60 -12.59 -68.06
CA ASP I 282 10.48 -11.78 -67.59
C ASP I 282 10.97 -10.50 -66.94
N LYS I 283 12.04 -10.58 -66.15
CA LYS I 283 12.63 -9.38 -65.56
C LYS I 283 13.16 -8.45 -66.63
N VAL I 284 13.79 -9.01 -67.66
CA VAL I 284 14.30 -8.18 -68.77
C VAL I 284 13.14 -7.46 -69.46
N GLU I 285 12.04 -8.18 -69.68
CA GLU I 285 10.88 -7.55 -70.32
C GLU I 285 10.28 -6.46 -69.45
N ARG I 286 10.19 -6.69 -68.14
CA ARG I 286 9.55 -5.71 -67.27
C ARG I 286 10.43 -4.48 -67.04
N VAL I 287 11.75 -4.66 -67.04
CA VAL I 287 12.65 -3.53 -66.84
C VAL I 287 12.55 -2.54 -68.00
N HIS I 288 12.43 -3.04 -69.23
CA HIS I 288 12.45 -2.19 -70.41
C HIS I 288 11.04 -1.84 -70.90
N MET I 289 10.04 -1.93 -70.03
CA MET I 289 8.68 -1.58 -70.37
C MET I 289 8.27 -0.32 -69.61
N SER I 290 7.66 0.62 -70.32
CA SER I 290 7.27 1.89 -69.72
C SER I 290 6.12 1.69 -68.73
N ASP I 291 6.14 2.47 -67.66
CA ASP I 291 5.06 2.45 -66.69
C ASP I 291 3.81 3.10 -67.29
N MET I 292 2.65 2.49 -67.02
CA MET I 292 1.41 3.02 -67.52
C MET I 292 1.02 4.29 -66.75
N THR I 293 0.28 5.16 -67.43
CA THR I 293 -0.31 6.35 -66.82
C THR I 293 -1.81 6.08 -66.68
N LEU I 294 -2.31 6.14 -65.44
CA LEU I 294 -3.70 5.83 -65.12
C LEU I 294 -4.26 6.96 -64.25
N PRO I 295 -4.63 8.10 -64.85
CA PRO I 295 -5.14 9.22 -64.06
C PRO I 295 -6.49 8.96 -63.40
N HIS I 296 -7.32 8.08 -63.96
CA HIS I 296 -8.64 7.85 -63.42
C HIS I 296 -8.63 7.08 -62.10
N LEU I 297 -7.53 6.44 -61.75
CA LEU I 297 -7.48 5.72 -60.49
C LEU I 297 -7.02 6.63 -59.37
N PRO I 298 -7.54 6.44 -58.16
CA PRO I 298 -7.03 7.19 -57.01
C PRO I 298 -5.63 6.72 -56.65
N GLY I 299 -4.87 7.61 -56.00
CA GLY I 299 -3.50 7.31 -55.66
C GLY I 299 -3.16 7.50 -54.20
N LEU I 300 -1.87 7.72 -53.92
CA LEU I 300 -1.41 7.86 -52.54
C LEU I 300 -2.00 9.12 -51.90
N GLU I 301 -2.12 10.20 -52.66
CA GLU I 301 -2.67 11.44 -52.11
C GLU I 301 -4.15 11.34 -51.78
N ASP I 302 -4.86 10.38 -52.38
CA ASP I 302 -6.24 10.12 -51.98
C ASP I 302 -6.31 9.36 -50.65
N LEU I 303 -5.18 8.87 -50.14
CA LEU I 303 -5.11 8.24 -48.83
C LEU I 303 -4.32 9.10 -47.84
N GLY I 304 -4.10 10.37 -48.15
CA GLY I 304 -3.44 11.28 -47.25
C GLY I 304 -1.94 11.20 -47.21
N ILE I 305 -1.29 10.71 -48.26
CA ILE I 305 0.16 10.53 -48.30
C ILE I 305 0.73 11.30 -49.47
N GLN I 306 1.74 12.13 -49.19
CA GLN I 306 2.50 12.81 -50.23
C GLN I 306 3.67 11.94 -50.63
N ALA I 307 3.76 11.60 -51.91
CA ALA I 307 4.76 10.64 -52.37
C ALA I 307 6.17 11.14 -52.13
N THR I 308 7.01 10.26 -51.60
CA THR I 308 8.41 10.60 -51.35
C THR I 308 9.20 10.53 -52.64
N PRO I 309 9.89 11.60 -53.03
CA PRO I 309 10.70 11.55 -54.25
C PRO I 309 11.91 10.66 -54.07
N LEU I 310 12.40 10.12 -55.19
CA LEU I 310 13.55 9.22 -55.15
C LEU I 310 14.81 9.93 -54.69
N GLU I 311 14.98 11.20 -55.05
CA GLU I 311 16.18 11.97 -54.73
C GLU I 311 16.42 12.13 -53.24
N LEU I 312 15.38 12.08 -52.41
CA LEU I 312 15.56 12.18 -50.97
C LEU I 312 15.88 10.86 -50.30
N LYS I 313 15.70 9.73 -51.00
CA LYS I 313 15.86 8.42 -50.38
C LYS I 313 16.76 7.49 -51.16
N ALA I 314 17.38 7.94 -52.25
CA ALA I 314 18.26 7.06 -53.01
C ALA I 314 19.53 6.71 -52.24
N ILE I 315 20.03 7.65 -51.41
CA ILE I 315 21.29 7.40 -50.71
C ILE I 315 21.15 6.31 -49.66
N GLU I 316 19.99 6.23 -48.99
CA GLU I 316 19.81 5.21 -47.96
C GLU I 316 19.84 3.79 -48.53
N VAL I 317 19.70 3.64 -49.85
CA VAL I 317 19.79 2.35 -50.51
C VAL I 317 21.13 2.15 -51.19
N LEU I 318 21.69 3.21 -51.77
CA LEU I 318 22.87 3.08 -52.63
C LEU I 318 24.18 3.42 -51.93
N ARG I 319 24.15 3.89 -50.69
CA ARG I 319 25.41 4.12 -49.98
C ARG I 319 26.18 2.82 -49.78
N ARG I 320 25.45 1.71 -49.59
CA ARG I 320 26.07 0.41 -49.41
C ARG I 320 26.87 -0.04 -50.63
N HIS I 321 26.57 0.51 -51.81
CA HIS I 321 27.22 0.11 -53.05
C HIS I 321 28.46 0.95 -53.37
N ARG I 322 28.86 1.84 -52.48
CA ARG I 322 30.02 2.68 -52.69
C ARG I 322 31.29 2.01 -52.17
N THR I 323 32.43 2.39 -52.75
CA THR I 323 33.72 2.02 -52.19
C THR I 323 33.99 2.86 -50.95
N TYR I 324 35.06 2.50 -50.22
CA TYR I 324 35.39 3.22 -49.00
C TYR I 324 35.67 4.70 -49.28
N ARG I 325 36.18 5.02 -50.47
CA ARG I 325 36.54 6.39 -50.78
C ARG I 325 35.35 7.34 -50.81
N TRP I 326 34.14 6.82 -51.06
CA TRP I 326 32.96 7.68 -51.26
C TRP I 326 31.87 7.45 -50.24
N LEU I 327 32.14 6.76 -49.13
CA LEU I 327 31.08 6.38 -48.21
C LEU I 327 30.45 7.59 -47.53
N THR I 328 31.25 8.62 -47.23
CA THR I 328 30.78 9.74 -46.43
C THR I 328 30.15 10.85 -47.27
N SER I 329 30.08 10.69 -48.58
CA SER I 329 29.50 11.73 -49.44
C SER I 329 28.05 11.97 -49.08
N GLU I 330 27.66 13.24 -49.00
CA GLU I 330 26.35 13.63 -48.51
C GLU I 330 25.30 13.53 -49.62
N MET I 331 24.03 13.64 -49.21
CA MET I 331 22.91 13.35 -50.11
C MET I 331 22.78 14.39 -51.22
N GLU I 332 22.93 15.66 -50.90
CA GLU I 332 22.69 16.73 -51.85
C GLU I 332 23.89 17.00 -52.78
N ASP I 333 24.78 16.04 -52.92
CA ASP I 333 26.00 16.20 -53.69
C ASP I 333 25.91 15.67 -55.13
N VAL I 334 24.75 15.17 -55.55
CA VAL I 334 24.72 14.31 -56.74
C VAL I 334 23.98 14.95 -57.92
N LYS I 335 23.31 16.09 -57.69
CA LYS I 335 22.61 16.80 -58.77
C LYS I 335 21.53 15.93 -59.43
N PRO I 336 20.32 15.88 -58.85
CA PRO I 336 19.26 14.99 -59.34
C PRO I 336 19.05 14.94 -60.84
N ALA I 337 18.53 13.81 -61.32
CA ALA I 337 18.37 13.53 -62.74
C ALA I 337 17.16 14.28 -63.31
N LYS I 338 17.16 14.41 -64.64
CA LYS I 338 16.06 15.05 -65.34
C LYS I 338 14.82 14.18 -65.30
N THR I 339 13.66 14.82 -65.28
CA THR I 339 12.39 14.13 -65.23
C THR I 339 11.53 14.50 -66.43
N VAL I 340 10.88 13.50 -67.03
CA VAL I 340 9.86 13.75 -68.06
C VAL I 340 8.52 13.58 -67.36
N ASN I 341 8.02 14.67 -66.80
CA ASN I 341 6.76 14.70 -66.08
C ASN I 341 5.78 15.49 -66.94
N ILE I 342 5.13 14.80 -67.88
CA ILE I 342 4.24 15.37 -68.88
C ILE I 342 4.76 16.69 -69.44
N PHE J 1 -43.27 -12.34 78.47
CA PHE J 1 -42.18 -12.24 77.51
C PHE J 1 -41.37 -13.53 77.47
N ASP J 2 -40.97 -13.95 76.26
CA ASP J 2 -40.16 -15.14 76.08
C ASP J 2 -39.49 -15.08 74.71
N ASN J 3 -38.34 -15.75 74.60
CA ASN J 3 -37.58 -15.81 73.36
C ASN J 3 -37.68 -17.15 72.66
N SER J 4 -38.48 -18.08 73.18
CA SER J 4 -38.45 -19.45 72.67
C SER J 4 -39.07 -19.56 71.29
N THR J 5 -40.18 -18.86 71.06
CA THR J 5 -40.96 -19.05 69.84
C THR J 5 -40.41 -18.22 68.69
N TYR J 6 -40.48 -18.80 67.49
CA TYR J 6 -40.18 -18.09 66.25
C TYR J 6 -41.44 -17.35 65.81
N ARG J 7 -41.31 -16.04 65.57
CA ARG J 7 -42.46 -15.22 65.21
C ARG J 7 -42.61 -14.84 63.74
N ASN J 8 -41.70 -15.31 62.90
CA ASN J 8 -41.79 -15.02 61.46
C ASN J 8 -42.34 -16.25 60.74
N LEU J 9 -43.67 -16.39 60.78
CA LEU J 9 -44.32 -17.53 60.16
C LEU J 9 -45.34 -17.15 59.09
N GLN J 10 -45.64 -15.86 58.94
CA GLN J 10 -46.64 -15.45 57.95
C GLN J 10 -46.17 -15.70 56.52
N HIS J 11 -44.86 -15.74 56.26
CA HIS J 11 -44.36 -15.98 54.92
C HIS J 11 -44.58 -17.42 54.46
N HIS J 12 -45.00 -18.31 55.35
CA HIS J 12 -45.34 -19.67 54.96
C HIS J 12 -46.64 -19.74 54.16
N GLU J 13 -47.46 -18.70 54.18
CA GLU J 13 -48.71 -18.66 53.43
C GLU J 13 -48.71 -17.55 52.37
N TYR J 14 -47.58 -17.32 51.73
CA TYR J 14 -47.48 -16.34 50.66
C TYR J 14 -47.58 -17.05 49.32
N SER J 15 -48.37 -16.50 48.41
CA SER J 15 -48.66 -17.11 47.13
C SER J 15 -47.87 -16.39 46.02
N THR J 16 -48.14 -16.77 44.78
CA THR J 16 -47.41 -16.23 43.64
C THR J 16 -47.68 -14.74 43.45
N TYR J 17 -48.81 -14.24 43.92
CA TYR J 17 -49.24 -12.88 43.65
C TYR J 17 -49.25 -11.99 44.90
N THR J 18 -48.63 -12.43 46.00
CA THR J 18 -48.71 -11.68 47.25
C THR J 18 -48.06 -10.31 47.12
N PHE J 19 -46.85 -10.26 46.56
CA PHE J 19 -46.13 -8.99 46.43
C PHE J 19 -46.89 -7.99 45.56
N LEU J 20 -47.38 -8.45 44.41
CA LEU J 20 -48.10 -7.55 43.51
C LEU J 20 -49.48 -7.19 44.03
N ASP J 21 -50.12 -8.09 44.77
CA ASP J 21 -51.37 -7.72 45.44
C ASP J 21 -51.14 -6.63 46.48
N LEU J 22 -50.05 -6.74 47.24
CA LEU J 22 -49.70 -5.68 48.18
C LEU J 22 -49.40 -4.37 47.45
N ASN J 23 -48.76 -4.45 46.29
CA ASN J 23 -48.52 -3.23 45.50
C ASN J 23 -49.84 -2.60 45.06
N VAL J 24 -50.78 -3.41 44.57
CA VAL J 24 -52.09 -2.91 44.17
C VAL J 24 -52.79 -2.26 45.36
N GLU J 25 -52.65 -2.86 46.54
CA GLU J 25 -53.25 -2.29 47.74
C GLU J 25 -52.59 -0.97 48.12
N LEU J 26 -51.28 -0.87 47.93
CA LEU J 26 -50.54 0.33 48.29
C LEU J 26 -50.78 1.46 47.31
N SER J 27 -51.27 1.14 46.10
CA SER J 27 -51.42 2.16 45.06
C SER J 27 -52.22 3.36 45.52
N LYS J 28 -53.22 3.17 46.38
CA LYS J 28 -54.09 4.27 46.78
C LYS J 28 -53.44 5.22 47.78
N PHE J 29 -52.29 4.87 48.36
CA PHE J 29 -51.67 5.67 49.39
C PHE J 29 -50.60 6.62 48.87
N ARG J 30 -50.24 6.54 47.59
CA ARG J 30 -49.07 7.24 47.10
C ARG J 30 -49.41 8.66 46.65
N MET J 31 -48.40 9.52 46.71
CA MET J 31 -48.45 10.88 46.20
C MET J 31 -48.42 10.87 44.67
N PRO J 32 -48.97 11.90 44.03
CA PRO J 32 -48.90 11.97 42.56
C PRO J 32 -47.45 12.00 42.10
N GLN J 33 -47.18 11.26 41.02
CA GLN J 33 -45.82 11.15 40.54
C GLN J 33 -45.39 12.43 39.82
N PRO J 34 -44.09 12.73 39.81
CA PRO J 34 -43.60 13.83 38.99
C PRO J 34 -43.65 13.47 37.52
N SER J 35 -43.58 14.50 36.68
CA SER J 35 -43.65 14.32 35.24
C SER J 35 -42.46 15.00 34.58
N SER J 36 -41.89 14.35 33.57
CA SER J 36 -40.80 14.94 32.81
C SER J 36 -41.28 15.91 31.74
N GLY J 37 -42.58 15.92 31.44
CA GLY J 37 -43.14 16.82 30.46
C GLY J 37 -43.47 16.17 29.13
N ARG J 38 -42.97 14.97 28.87
CA ARG J 38 -43.24 14.22 27.65
C ARG J 38 -43.63 12.79 28.02
N GLN J 39 -44.25 12.10 27.07
CA GLN J 39 -44.70 10.73 27.30
C GLN J 39 -43.56 9.72 27.38
N SER J 40 -42.46 9.98 26.69
CA SER J 40 -41.31 9.08 26.67
C SER J 40 -40.12 9.85 26.12
N PRO J 41 -38.90 9.34 26.31
CA PRO J 41 -37.74 9.97 25.66
C PRO J 41 -37.80 9.93 24.14
N ARG J 42 -38.70 9.15 23.55
CA ARG J 42 -38.87 9.09 22.10
C ARG J 42 -40.01 9.97 21.62
N HIS J 43 -40.55 10.83 22.49
CA HIS J 43 -41.63 11.73 22.13
C HIS J 43 -41.11 13.16 22.00
N GLN K 1 28.33 40.72 -6.47
CA GLN K 1 27.23 41.61 -6.83
C GLN K 1 26.10 40.83 -7.49
N LEU K 2 24.87 41.22 -7.20
CA LEU K 2 23.68 40.52 -7.65
C LEU K 2 23.02 41.29 -8.78
N ILE K 3 22.11 40.61 -9.49
CA ILE K 3 21.67 41.07 -10.80
C ILE K 3 20.23 41.57 -10.83
N ALA K 4 19.45 41.34 -9.79
CA ALA K 4 18.16 42.01 -9.59
C ALA K 4 17.19 41.76 -10.76
N VAL K 5 16.77 40.50 -10.88
CA VAL K 5 15.72 40.18 -11.83
C VAL K 5 14.36 40.57 -11.24
N ASP K 6 13.35 40.68 -12.13
CA ASP K 6 12.02 41.08 -11.69
C ASP K 6 10.91 40.29 -12.36
N GLU K 7 11.13 39.03 -12.68
CA GLU K 7 10.13 38.20 -13.34
C GLU K 7 9.78 36.99 -12.49
N LYS K 8 8.59 36.45 -12.71
CA LYS K 8 8.14 35.29 -11.96
C LYS K 8 8.93 34.05 -12.36
N LEU K 9 9.05 33.12 -11.42
CA LEU K 9 9.90 31.95 -11.61
C LEU K 9 9.26 30.96 -12.57
N ASP K 10 10.04 30.50 -13.54
CA ASP K 10 9.56 29.59 -14.57
C ASP K 10 10.69 28.66 -14.98
N ILE K 11 10.56 27.37 -14.69
CA ILE K 11 11.61 26.40 -14.96
C ILE K 11 11.16 25.34 -15.97
N THR K 12 10.10 25.62 -16.73
CA THR K 12 9.55 24.60 -17.62
C THR K 12 10.55 24.18 -18.70
N THR K 13 11.31 25.12 -19.24
CA THR K 13 12.25 24.79 -20.31
C THR K 13 13.44 23.98 -19.82
N LEU K 14 13.63 23.84 -18.50
CA LEU K 14 14.78 23.14 -17.96
C LEU K 14 14.45 21.75 -17.43
N THR K 15 13.18 21.41 -17.24
CA THR K 15 12.80 20.16 -16.59
C THR K 15 12.77 18.96 -17.55
N GLY K 16 12.83 19.19 -18.86
CA GLY K 16 12.77 18.09 -19.80
C GLY K 16 11.43 17.42 -19.94
N VAL K 17 10.37 18.07 -19.45
CA VAL K 17 9.02 17.52 -19.54
C VAL K 17 8.46 17.80 -20.93
N PRO K 18 7.84 16.82 -21.59
CA PRO K 18 7.22 17.08 -22.90
C PRO K 18 6.13 18.14 -22.81
N GLU K 19 5.95 18.86 -23.92
CA GLU K 19 4.99 19.96 -23.96
C GLU K 19 3.59 19.50 -23.55
N GLU K 20 3.14 18.37 -24.09
CA GLU K 20 1.80 17.88 -23.79
C GLU K 20 1.57 17.72 -22.29
N HIS K 21 2.58 17.23 -21.56
CA HIS K 21 2.46 16.99 -20.14
C HIS K 21 2.76 18.23 -19.30
N ILE K 22 2.72 19.42 -19.90
CA ILE K 22 2.77 20.67 -19.17
C ILE K 22 1.46 21.43 -19.27
N LYS K 23 1.00 21.70 -20.49
CA LYS K 23 -0.14 22.58 -20.72
C LYS K 23 -1.49 21.88 -20.68
N THR K 24 -1.53 20.56 -20.81
CA THR K 24 -2.79 19.83 -20.80
C THR K 24 -3.09 19.17 -19.47
N ARG K 25 -2.19 19.26 -18.50
CA ARG K 25 -2.38 18.61 -17.22
C ARG K 25 -3.06 19.57 -16.24
N LYS K 26 -3.80 18.99 -15.30
CA LYS K 26 -4.42 19.72 -14.21
C LYS K 26 -4.05 19.02 -12.91
N VAL K 27 -3.36 19.73 -12.03
CA VAL K 27 -3.00 19.15 -10.74
C VAL K 27 -4.02 19.59 -9.70
N ARG K 28 -4.28 18.69 -8.75
CA ARG K 28 -5.12 18.96 -7.61
C ARG K 28 -4.24 19.07 -6.38
N ILE K 29 -4.43 20.15 -5.62
CA ILE K 29 -3.72 20.41 -4.38
C ILE K 29 -4.75 20.34 -3.26
N PHE K 30 -4.53 19.43 -2.32
CA PHE K 30 -5.58 19.14 -1.34
C PHE K 30 -4.97 18.42 -0.13
N VAL K 31 -5.68 18.47 0.98
CA VAL K 31 -5.37 17.62 2.13
C VAL K 31 -6.24 16.37 2.02
N PRO K 32 -5.66 15.18 1.88
CA PRO K 32 -6.47 13.98 1.65
C PRO K 32 -7.46 13.73 2.78
N ALA K 33 -8.66 13.32 2.41
CA ALA K 33 -9.70 13.02 3.38
C ALA K 33 -9.34 11.78 4.17
N ARG K 34 -9.78 11.75 5.43
CA ARG K 34 -9.60 10.57 6.25
C ARG K 34 -10.33 9.38 5.63
N ASN K 35 -9.63 8.26 5.55
CA ASN K 35 -10.28 7.00 5.19
C ASN K 35 -11.36 6.69 6.22
N ASN K 36 -12.60 6.51 5.75
CA ASN K 36 -13.72 6.36 6.67
C ASN K 36 -13.70 5.03 7.41
N MET K 37 -12.89 4.07 6.97
CA MET K 37 -12.83 2.77 7.63
C MET K 37 -12.06 2.81 8.95
N GLN K 38 -11.26 3.86 9.19
CA GLN K 38 -10.43 3.94 10.39
C GLN K 38 -10.60 5.31 11.03
N SER K 39 -10.32 5.38 12.33
CA SER K 39 -10.43 6.62 13.09
C SER K 39 -9.12 7.39 13.19
N GLY K 40 -7.99 6.79 12.79
CA GLY K 40 -6.73 7.51 12.84
C GLY K 40 -6.73 8.69 11.89
N VAL K 41 -6.09 9.77 12.32
CA VAL K 41 -6.05 11.03 11.58
C VAL K 41 -4.66 11.37 11.08
N ASN K 42 -3.70 10.45 11.22
CA ASN K 42 -2.31 10.79 10.90
C ASN K 42 -2.06 10.97 9.41
N ASN K 43 -2.98 10.52 8.55
CA ASN K 43 -2.85 10.69 7.11
C ASN K 43 -3.57 11.93 6.61
N THR K 44 -3.95 12.85 7.50
CA THR K 44 -4.64 14.08 7.12
C THR K 44 -3.85 15.31 7.56
N LYS K 45 -2.53 15.22 7.62
CA LYS K 45 -1.71 16.30 8.13
C LYS K 45 -1.06 17.14 7.05
N LYS K 46 -0.65 16.53 5.94
CA LYS K 46 0.14 17.21 4.92
C LYS K 46 -0.69 17.44 3.66
N TRP K 47 -0.22 18.36 2.84
CA TRP K 47 -0.84 18.68 1.56
C TRP K 47 -0.29 17.76 0.48
N LYS K 48 -1.14 17.40 -0.47
CA LYS K 48 -0.78 16.53 -1.57
C LYS K 48 -1.07 17.23 -2.89
N MET K 49 -0.17 17.01 -3.84
CA MET K 49 -0.35 17.38 -5.23
C MET K 49 -0.45 16.11 -6.05
N GLU K 50 -1.52 15.97 -6.82
CA GLU K 50 -1.67 14.83 -7.72
C GLU K 50 -2.14 15.32 -9.08
N PHE K 51 -2.03 14.46 -10.08
CA PHE K 51 -2.38 14.81 -11.45
C PHE K 51 -3.76 14.26 -11.82
N ASP K 52 -4.27 14.72 -12.96
CA ASP K 52 -5.57 14.27 -13.45
C ASP K 52 -5.47 12.85 -13.99
N THR K 53 -6.52 12.07 -13.78
CA THR K 53 -6.52 10.66 -14.16
C THR K 53 -6.76 10.50 -15.65
N ARG K 54 -5.88 9.74 -16.30
CA ARG K 54 -5.95 9.48 -17.73
C ARG K 54 -6.43 8.05 -17.99
N GLU K 55 -6.44 7.66 -19.25
CA GLU K 55 -7.05 6.41 -19.67
C GLU K 55 -6.22 5.20 -19.24
N ARG K 56 -6.91 4.17 -18.76
CA ARG K 56 -6.35 2.85 -18.53
C ARG K 56 -7.15 1.85 -19.36
N TRP K 57 -6.47 0.85 -19.91
CA TRP K 57 -7.15 -0.11 -20.77
C TRP K 57 -6.64 -1.52 -20.47
N GLU K 58 -7.27 -2.50 -21.13
CA GLU K 58 -6.95 -3.90 -20.88
C GLU K 58 -5.89 -4.38 -21.87
N ASN K 59 -4.82 -4.98 -21.34
CA ASN K 59 -3.79 -5.55 -22.19
C ASN K 59 -4.35 -6.78 -22.91
N PRO K 60 -4.21 -6.87 -24.23
CA PRO K 60 -4.78 -8.03 -24.94
C PRO K 60 -4.24 -9.36 -24.46
N LEU K 61 -2.97 -9.42 -24.10
CA LEU K 61 -2.42 -10.57 -23.40
C LEU K 61 -2.46 -10.31 -21.90
N MET K 62 -2.90 -11.32 -21.15
CA MET K 62 -2.91 -11.31 -19.68
C MET K 62 -4.00 -10.46 -19.06
N GLY K 63 -4.68 -9.63 -19.87
CA GLY K 63 -5.70 -8.76 -19.32
C GLY K 63 -5.23 -7.78 -18.26
N TRP K 64 -3.94 -7.45 -18.24
CA TRP K 64 -3.41 -6.50 -17.27
C TRP K 64 -3.87 -5.09 -17.60
N SER K 65 -3.73 -4.19 -16.64
CA SER K 65 -4.14 -2.80 -16.78
C SER K 65 -2.96 -1.99 -17.32
N SER K 66 -3.17 -1.36 -18.48
CA SER K 66 -2.15 -0.65 -19.23
C SER K 66 -2.46 0.84 -19.25
N THR K 67 -1.40 1.64 -19.24
CA THR K 67 -1.50 3.10 -19.24
C THR K 67 -0.51 3.70 -20.24
N ALA K 68 -0.78 4.94 -20.61
CA ALA K 68 0.15 5.69 -21.43
C ALA K 68 0.50 7.06 -20.87
N ASP K 69 0.01 7.43 -19.69
CA ASP K 69 0.50 8.72 -19.21
C ASP K 69 1.53 8.51 -18.12
N PRO K 70 2.70 9.14 -18.25
CA PRO K 70 3.80 8.88 -17.30
C PRO K 70 3.57 9.46 -15.90
N LEU K 71 2.55 10.29 -15.71
CA LEU K 71 2.35 10.97 -14.44
C LEU K 71 1.23 10.35 -13.61
N SER K 72 0.79 9.14 -13.95
CA SER K 72 -0.34 8.53 -13.26
C SER K 72 -0.03 8.16 -11.82
N ASN K 73 1.25 8.04 -11.45
CA ASN K 73 1.64 7.68 -10.10
C ASN K 73 2.40 8.79 -9.38
N LEU K 74 2.34 10.02 -9.88
CA LEU K 74 3.11 11.12 -9.30
C LEU K 74 2.27 11.84 -8.24
N VAL K 75 2.72 11.77 -6.98
CA VAL K 75 2.07 12.45 -5.86
C VAL K 75 3.17 13.14 -5.05
N LEU K 76 3.02 14.44 -4.85
CA LEU K 76 4.00 15.21 -4.09
C LEU K 76 3.40 15.65 -2.76
N THR K 77 4.25 15.76 -1.75
CA THR K 77 3.85 16.13 -0.41
C THR K 77 4.41 17.51 -0.05
N PHE K 78 3.58 18.34 0.56
CA PHE K 78 3.96 19.70 0.92
C PHE K 78 3.49 20.01 2.34
N SER K 79 4.26 20.87 3.02
CA SER K 79 3.91 21.27 4.38
C SER K 79 2.72 22.22 4.42
N THR K 80 2.61 23.13 3.46
CA THR K 80 1.51 24.09 3.43
C THR K 80 0.93 24.13 2.02
N LYS K 81 -0.21 24.80 1.91
CA LYS K 81 -0.85 25.02 0.62
C LYS K 81 -0.04 25.98 -0.24
N GLU K 82 0.58 26.99 0.37
CA GLU K 82 1.35 27.98 -0.38
C GLU K 82 2.58 27.35 -1.03
N ASP K 83 3.26 26.43 -0.34
CA ASP K 83 4.40 25.74 -0.94
C ASP K 83 3.99 24.94 -2.17
N ALA K 84 2.88 24.21 -2.07
CA ALA K 84 2.39 23.45 -3.22
C ALA K 84 2.00 24.37 -4.37
N VAL K 85 1.33 25.48 -4.07
CA VAL K 85 0.95 26.41 -5.13
C VAL K 85 2.19 26.98 -5.83
N ALA K 86 3.21 27.35 -5.04
CA ALA K 86 4.44 27.86 -5.64
C ALA K 86 5.12 26.83 -6.51
N PHE K 87 5.18 25.58 -6.03
CA PHE K 87 5.81 24.52 -6.82
C PHE K 87 5.05 24.28 -8.12
N ALA K 88 3.72 24.26 -8.06
CA ALA K 88 2.92 24.07 -9.27
C ALA K 88 3.11 25.23 -10.24
N GLU K 89 3.17 26.46 -9.72
CA GLU K 89 3.31 27.63 -10.58
C GLU K 89 4.65 27.65 -11.29
N LYS K 90 5.74 27.37 -10.57
CA LYS K 90 7.04 27.42 -11.23
C LYS K 90 7.22 26.30 -12.24
N ASN K 91 6.43 25.24 -12.18
CA ASN K 91 6.46 24.17 -13.16
C ASN K 91 5.41 24.35 -14.26
N GLY K 92 4.64 25.43 -14.24
CA GLY K 92 3.71 25.71 -15.31
C GLY K 92 2.46 24.87 -15.33
N TRP K 93 2.16 24.15 -14.26
CA TRP K 93 0.98 23.31 -14.20
C TRP K 93 -0.23 24.11 -13.72
N SER K 94 -1.32 24.03 -14.47
CA SER K 94 -2.60 24.54 -13.99
C SER K 94 -3.05 23.72 -12.80
N PHE K 95 -3.58 24.39 -11.78
CA PHE K 95 -3.88 23.73 -10.52
C PHE K 95 -5.28 24.12 -10.03
N ASP K 96 -5.86 23.21 -9.25
CA ASP K 96 -7.09 23.45 -8.50
C ASP K 96 -6.79 23.18 -7.03
N VAL K 97 -7.07 24.16 -6.18
CA VAL K 97 -6.78 24.08 -4.76
C VAL K 97 -8.08 23.91 -3.99
N GLU K 98 -8.13 22.89 -3.12
CA GLU K 98 -9.25 22.66 -2.23
C GLU K 98 -8.82 22.95 -0.80
N GLU K 99 -9.60 23.75 -0.09
CA GLU K 99 -9.25 24.17 1.26
C GLU K 99 -9.31 22.99 2.22
N ARG K 100 -8.49 23.08 3.27
CA ARG K 100 -8.41 22.03 4.27
C ARG K 100 -9.72 21.90 5.03
N LYS K 101 -10.17 20.66 5.23
CA LYS K 101 -11.38 20.38 5.99
C LYS K 101 -10.99 19.86 7.37
N VAL K 102 -11.36 20.61 8.40
CA VAL K 102 -11.14 20.21 9.79
C VAL K 102 -12.48 19.86 10.40
N PRO K 103 -12.60 18.75 11.14
CA PRO K 103 -13.83 18.49 11.89
C PRO K 103 -14.06 19.60 12.92
N LYS K 104 -15.32 20.03 13.03
CA LYS K 104 -15.64 21.07 13.98
C LYS K 104 -15.66 20.52 15.40
N PRO K 105 -15.30 21.32 16.40
CA PRO K 105 -15.34 20.84 17.78
C PRO K 105 -16.76 20.52 18.21
N LYS K 106 -16.89 19.51 19.05
CA LYS K 106 -18.19 18.98 19.43
C LYS K 106 -18.31 18.93 20.95
N SER K 107 -19.54 19.03 21.43
CA SER K 107 -19.85 19.01 22.86
C SER K 107 -20.25 17.58 23.23
N LYS K 108 -19.37 16.90 23.95
CA LYS K 108 -19.63 15.54 24.42
C LYS K 108 -19.94 15.57 25.92
N SER K 109 -21.08 14.99 26.29
CA SER K 109 -21.45 14.89 27.70
C SER K 109 -21.93 13.46 27.95
N TYR K 110 -21.20 12.72 28.78
CA TYR K 110 -21.62 11.38 29.13
C TYR K 110 -22.92 11.37 29.91
N GLY K 111 -23.07 12.30 30.87
CA GLY K 111 -24.28 12.38 31.67
C GLY K 111 -25.54 12.61 30.86
N ALA K 112 -25.41 13.23 29.68
CA ALA K 112 -26.57 13.44 28.81
C ALA K 112 -27.19 12.12 28.38
N ASN K 113 -26.47 11.01 28.49
CA ASN K 113 -27.05 9.70 28.20
C ASN K 113 -28.22 9.37 29.11
N PHE K 114 -28.33 10.02 30.27
CA PHE K 114 -29.33 9.67 31.27
C PHE K 114 -30.17 10.88 31.65
N SER K 115 -30.60 11.65 30.65
CA SER K 115 -31.29 12.90 30.93
C SER K 115 -32.68 12.68 31.51
N TRP K 116 -33.08 13.58 32.40
CA TRP K 116 -34.38 13.49 33.05
C TRP K 116 -35.52 13.80 32.07
N ASN K 117 -35.35 14.83 31.24
CA ASN K 117 -36.41 15.26 30.35
C ASN K 117 -36.00 15.51 28.90
N LYS K 118 -34.79 15.13 28.50
CA LYS K 118 -34.38 15.35 27.12
C LYS K 118 -34.47 14.07 26.30
N ARG K 119 -34.40 14.23 24.98
CA ARG K 119 -34.39 13.08 24.08
C ARG K 119 -33.03 12.42 23.99
N THR K 120 -31.99 13.02 24.58
CA THR K 120 -30.65 12.44 24.50
C THR K 120 -30.52 11.19 25.34
N ARG K 121 -31.53 10.90 26.17
CA ARG K 121 -31.51 9.69 26.98
C ARG K 121 -31.45 8.44 26.10
N VAL K 122 -30.51 7.56 26.43
CA VAL K 122 -30.31 6.33 25.66
C VAL K 122 -31.18 5.21 26.24
N SER K 123 -31.64 4.33 25.36
CA SER K 123 -32.45 3.19 25.76
C SER K 123 -31.64 1.93 25.98
N THR K 124 -30.34 1.94 25.68
CA THR K 124 -29.49 0.79 25.91
C THR K 124 -28.05 1.27 26.07
N LYS K 125 -27.23 0.41 26.67
CA LYS K 125 -25.81 0.71 26.85
C LYS K 125 -24.93 -0.34 26.18
N SER L 1 -11.95 34.13 28.25
CA SER L 1 -13.35 34.21 28.65
C SER L 1 -13.64 33.23 29.78
N ASN L 2 -14.54 32.29 29.52
CA ASN L 2 -14.90 31.25 30.47
C ASN L 2 -13.99 30.03 30.37
N LEU L 3 -12.94 30.10 29.55
CA LEU L 3 -12.04 28.97 29.36
C LEU L 3 -11.26 28.68 30.63
N ILE L 4 -10.86 27.41 30.76
CA ILE L 4 -9.99 26.97 31.85
C ILE L 4 -8.69 26.46 31.24
N GLU L 5 -7.64 26.47 32.05
CA GLU L 5 -6.31 26.07 31.62
C GLU L 5 -6.01 24.66 32.12
N VAL L 6 -5.64 23.79 31.19
CA VAL L 6 -5.17 22.44 31.49
C VAL L 6 -3.81 22.27 30.85
N PHE L 7 -3.18 21.13 31.11
CA PHE L 7 -1.87 20.84 30.56
C PHE L 7 -1.87 19.47 29.91
N VAL L 8 -1.27 19.38 28.73
CA VAL L 8 -1.03 18.12 28.05
C VAL L 8 0.48 17.94 27.99
N ASP L 9 0.99 16.99 28.78
CA ASP L 9 2.43 16.76 28.90
C ASP L 9 3.17 18.05 29.25
N GLY L 10 2.54 18.87 30.10
CA GLY L 10 3.12 20.13 30.52
C GLY L 10 2.86 21.31 29.61
N GLN L 11 2.17 21.11 28.48
CA GLN L 11 1.89 22.20 27.55
C GLN L 11 0.52 22.79 27.85
N SER L 12 0.47 24.12 27.98
CA SER L 12 -0.76 24.80 28.39
C SER L 12 -1.78 24.81 27.27
N VAL L 13 -3.03 24.51 27.62
CA VAL L 13 -4.16 24.52 26.68
C VAL L 13 -5.34 25.20 27.36
N MET L 14 -6.03 26.08 26.65
CA MET L 14 -7.26 26.69 27.12
C MET L 14 -8.45 25.99 26.48
N VAL L 15 -9.34 25.44 27.31
CA VAL L 15 -10.48 24.69 26.82
C VAL L 15 -11.75 25.21 27.48
N GLU L 16 -12.86 25.02 26.80
CA GLU L 16 -14.15 25.39 27.34
C GLU L 16 -14.65 24.33 28.32
N PRO L 17 -15.49 24.72 29.28
CA PRO L 17 -16.01 23.74 30.23
C PRO L 17 -16.78 22.63 29.53
N GLY L 18 -16.62 21.41 30.04
CA GLY L 18 -17.20 20.23 29.43
C GLY L 18 -16.29 19.51 28.46
N THR L 19 -15.13 20.08 28.14
CA THR L 19 -14.17 19.40 27.28
C THR L 19 -13.65 18.14 27.97
N THR L 20 -13.61 17.04 27.23
CA THR L 20 -13.08 15.81 27.80
C THR L 20 -11.56 15.77 27.66
N VAL L 21 -10.95 14.82 28.36
CA VAL L 21 -9.50 14.66 28.32
C VAL L 21 -9.04 14.35 26.90
N LEU L 22 -9.79 13.51 26.19
CA LEU L 22 -9.45 13.17 24.81
C LEU L 22 -9.45 14.40 23.91
N GLN L 23 -10.48 15.25 24.04
CA GLN L 23 -10.57 16.46 23.22
C GLN L 23 -9.45 17.43 23.56
N ALA L 24 -9.11 17.56 24.84
CA ALA L 24 -8.00 18.41 25.23
C ALA L 24 -6.69 17.90 24.64
N CYS L 25 -6.50 16.57 24.63
CA CYS L 25 -5.31 16.00 24.02
C CYS L 25 -5.25 16.27 22.52
N GLU L 26 -6.40 16.17 21.84
CA GLU L 26 -6.39 16.42 20.41
C GLU L 26 -6.31 17.91 20.06
N LYS L 27 -6.51 18.79 21.05
CA LYS L 27 -6.24 20.20 20.83
C LYS L 27 -4.76 20.47 20.53
N VAL L 28 -3.86 19.63 21.04
CA VAL L 28 -2.44 19.78 20.78
C VAL L 28 -1.94 18.74 19.76
N GLY L 29 -2.83 18.18 18.96
CA GLY L 29 -2.43 17.23 17.94
C GLY L 29 -2.05 15.86 18.44
N MET L 30 -2.53 15.47 19.62
CA MET L 30 -2.31 14.12 20.14
C MET L 30 -3.62 13.35 20.08
N GLN L 31 -3.61 12.23 19.37
CA GLN L 31 -4.80 11.39 19.23
C GLN L 31 -4.70 10.24 20.23
N ILE L 32 -5.62 10.21 21.18
CA ILE L 32 -5.73 9.13 22.16
C ILE L 32 -6.29 7.89 21.46
N PRO L 33 -5.69 6.71 21.66
CA PRO L 33 -6.26 5.49 21.06
C PRO L 33 -7.68 5.23 21.57
N ARG L 34 -8.52 4.70 20.69
CA ARG L 34 -9.94 4.52 20.97
C ARG L 34 -10.46 3.31 20.23
N PHE L 35 -11.49 2.68 20.80
CA PHE L 35 -12.30 1.75 20.02
C PHE L 35 -13.78 2.11 20.08
N CYS L 36 -14.29 2.38 21.28
CA CYS L 36 -15.74 2.56 21.42
C CYS L 36 -16.15 4.01 21.19
N TYR L 37 -15.25 4.96 21.41
CA TYR L 37 -15.61 6.37 21.26
C TYR L 37 -15.73 6.76 19.79
N HIS L 38 -16.79 7.48 19.46
CA HIS L 38 -16.97 8.11 18.17
C HIS L 38 -17.57 9.48 18.39
N GLU L 39 -16.97 10.51 17.80
CA GLU L 39 -17.36 11.89 18.09
C GLU L 39 -18.76 12.23 17.62
N ARG L 40 -19.37 11.42 16.75
CA ARG L 40 -20.75 11.64 16.33
C ARG L 40 -21.73 10.70 17.00
N LEU L 41 -21.27 9.87 17.93
CA LEU L 41 -22.12 9.00 18.72
C LEU L 41 -22.02 9.38 20.19
N SER L 42 -22.99 8.92 20.97
CA SER L 42 -22.95 9.16 22.41
C SER L 42 -21.78 8.41 23.04
N VAL L 43 -21.29 8.97 24.15
CA VAL L 43 -20.15 8.39 24.86
C VAL L 43 -20.57 7.08 25.50
N ALA L 44 -19.73 6.06 25.37
CA ALA L 44 -19.99 4.74 25.95
C ALA L 44 -19.01 4.39 27.06
N GLY L 45 -17.72 4.56 26.83
CA GLY L 45 -16.71 4.27 27.82
C GLY L 45 -16.52 2.81 28.17
N ASN L 46 -16.70 1.89 27.23
CA ASN L 46 -16.67 0.48 27.58
C ASN L 46 -15.40 -0.21 27.10
N CYS L 47 -14.76 0.32 26.05
CA CYS L 47 -13.62 -0.39 25.46
C CYS L 47 -12.37 -0.25 26.32
N ARG L 48 -12.26 0.84 27.08
CA ARG L 48 -11.16 1.14 28.01
C ARG L 48 -9.82 1.34 27.31
N MET L 49 -9.79 1.53 25.98
CA MET L 49 -8.53 1.73 25.29
C MET L 49 -7.98 3.14 25.50
N CYS L 50 -8.84 4.09 25.88
CA CYS L 50 -8.45 5.49 26.03
C CYS L 50 -7.93 5.83 27.42
N LEU L 51 -7.66 4.84 28.25
CA LEU L 51 -7.21 5.11 29.61
C LEU L 51 -5.88 5.86 29.60
N VAL L 52 -5.79 6.92 30.40
CA VAL L 52 -4.63 7.80 30.43
C VAL L 52 -4.44 8.31 31.85
N GLU L 53 -3.18 8.53 32.22
CA GLU L 53 -2.82 8.93 33.57
C GLU L 53 -2.89 10.44 33.71
N ILE L 54 -3.46 10.90 34.81
CA ILE L 54 -3.44 12.31 35.21
C ILE L 54 -2.38 12.47 36.29
N GLU L 55 -1.56 13.51 36.16
CA GLU L 55 -0.47 13.72 37.11
C GLU L 55 -1.02 13.89 38.52
N LYS L 56 -0.38 13.21 39.48
CA LYS L 56 -0.77 13.19 40.90
C LYS L 56 -2.11 12.50 41.13
N ALA L 57 -2.61 11.74 40.16
CA ALA L 57 -3.83 10.98 40.32
C ALA L 57 -3.50 9.50 40.30
N PRO L 58 -3.79 8.76 41.38
CA PRO L 58 -3.36 7.35 41.43
C PRO L 58 -3.98 6.48 40.35
N LYS L 59 -5.22 6.73 39.95
CA LYS L 59 -5.93 5.87 39.02
C LYS L 59 -6.06 6.55 37.66
N VAL L 60 -5.83 5.79 36.59
CA VAL L 60 -6.01 6.30 35.24
C VAL L 60 -7.48 6.56 34.97
N VAL L 61 -7.76 7.44 34.02
CA VAL L 61 -9.12 7.85 33.69
C VAL L 61 -9.41 7.50 32.24
N ALA L 62 -10.70 7.35 31.93
CA ALA L 62 -11.15 7.15 30.57
C ALA L 62 -11.25 8.50 29.88
N ALA L 63 -10.29 8.80 29.00
CA ALA L 63 -10.19 10.12 28.39
C ALA L 63 -11.42 10.48 27.56
N CYS L 64 -12.11 9.50 26.99
CA CYS L 64 -13.27 9.79 26.14
C CYS L 64 -14.45 10.31 26.94
N ALA L 65 -14.58 9.93 28.22
CA ALA L 65 -15.73 10.29 29.02
C ALA L 65 -15.43 11.31 30.12
N MET L 66 -14.19 11.40 30.57
CA MET L 66 -13.86 12.22 31.74
C MET L 66 -13.75 13.68 31.35
N PRO L 67 -14.57 14.57 31.91
CA PRO L 67 -14.32 16.00 31.74
C PRO L 67 -12.98 16.39 32.36
N VAL L 68 -12.29 17.31 31.70
CA VAL L 68 -10.96 17.70 32.16
C VAL L 68 -11.11 18.82 33.19
N MET L 69 -10.33 18.75 34.26
CA MET L 69 -10.41 19.74 35.33
C MET L 69 -9.29 20.77 35.20
N LYS L 70 -9.53 21.94 35.78
CA LYS L 70 -8.55 23.02 35.71
C LYS L 70 -7.27 22.63 36.44
N GLY L 71 -6.14 22.86 35.78
CA GLY L 71 -4.85 22.52 36.35
C GLY L 71 -4.39 21.09 36.12
N TRP L 72 -5.23 20.25 35.53
CA TRP L 72 -4.84 18.87 35.27
C TRP L 72 -3.71 18.81 34.26
N ASN L 73 -2.75 17.93 34.51
CA ASN L 73 -1.66 17.66 33.57
C ASN L 73 -1.84 16.23 33.05
N ILE L 74 -2.29 16.11 31.80
CA ILE L 74 -2.52 14.81 31.20
C ILE L 74 -1.21 14.25 30.65
N LEU L 75 -0.86 13.04 31.07
CA LEU L 75 0.39 12.39 30.68
C LEU L 75 0.05 11.32 29.64
N THR L 76 0.09 11.70 28.36
CA THR L 76 -0.34 10.81 27.29
C THR L 76 0.65 9.68 27.02
N ASN L 77 1.92 9.84 27.40
CA ASN L 77 2.94 8.85 27.06
C ASN L 77 3.73 8.41 28.28
N SER L 78 3.11 8.43 29.46
CA SER L 78 3.79 7.94 30.64
C SER L 78 3.75 6.41 30.70
N GLU L 79 4.50 5.86 31.64
CA GLU L 79 4.55 4.41 31.80
C GLU L 79 3.18 3.83 32.13
N LYS L 80 2.43 4.52 33.00
CA LYS L 80 1.11 4.05 33.39
C LYS L 80 0.16 3.98 32.18
N SER L 81 0.18 5.02 31.35
CA SER L 81 -0.70 5.04 30.17
C SER L 81 -0.33 3.93 29.20
N LYS L 82 0.96 3.75 28.93
CA LYS L 82 1.40 2.72 27.99
C LYS L 82 1.08 1.32 28.50
N LYS L 83 1.28 1.08 29.80
CA LYS L 83 0.95 -0.23 30.35
C LYS L 83 -0.55 -0.49 30.33
N ALA L 84 -1.37 0.54 30.60
CA ALA L 84 -2.82 0.37 30.50
C ALA L 84 -3.23 0.02 29.07
N ARG L 85 -2.63 0.70 28.09
CA ARG L 85 -2.95 0.39 26.69
C ARG L 85 -2.55 -1.04 26.34
N GLU L 86 -1.37 -1.46 26.78
CA GLU L 86 -0.93 -2.82 26.48
C GLU L 86 -1.85 -3.86 27.11
N GLY L 87 -2.26 -3.64 28.36
CA GLY L 87 -3.16 -4.58 29.01
C GLY L 87 -4.52 -4.67 28.32
N VAL L 88 -5.08 -3.51 27.96
CA VAL L 88 -6.37 -3.52 27.27
C VAL L 88 -6.26 -4.21 25.92
N MET L 89 -5.18 -3.94 25.17
CA MET L 89 -4.99 -4.59 23.88
C MET L 89 -4.85 -6.10 24.03
N GLU L 90 -4.14 -6.54 25.07
CA GLU L 90 -4.03 -7.97 25.33
C GLU L 90 -5.40 -8.58 25.60
N PHE L 91 -6.22 -7.91 26.40
CA PHE L 91 -7.56 -8.43 26.65
C PHE L 91 -8.41 -8.47 25.39
N LEU L 92 -8.30 -7.44 24.53
CA LEU L 92 -9.05 -7.44 23.28
C LEU L 92 -8.61 -8.56 22.36
N LEU L 93 -7.32 -8.89 22.34
CA LEU L 93 -6.81 -9.89 21.41
C LEU L 93 -6.86 -11.30 21.96
N ALA L 94 -7.20 -11.49 23.24
CA ALA L 94 -7.19 -12.83 23.83
C ALA L 94 -8.14 -13.78 23.09
N ASN L 95 -9.35 -13.33 22.79
CA ASN L 95 -10.36 -14.16 22.15
C ASN L 95 -10.56 -13.84 20.67
N HIS L 96 -9.84 -12.85 20.14
CA HIS L 96 -10.03 -12.47 18.74
C HIS L 96 -9.55 -13.58 17.81
N PRO L 97 -10.27 -13.86 16.74
CA PRO L 97 -9.89 -14.94 15.83
C PRO L 97 -8.75 -14.56 14.90
N LEU L 98 -7.94 -15.56 14.56
CA LEU L 98 -6.79 -15.39 13.67
C LEU L 98 -7.28 -15.38 12.21
N ASP L 99 -7.99 -14.31 11.87
CA ASP L 99 -8.72 -14.23 10.60
C ASP L 99 -8.11 -13.23 9.62
N CYS L 100 -7.01 -12.55 9.97
CA CYS L 100 -6.53 -11.44 9.16
C CYS L 100 -6.36 -11.77 7.68
N PRO L 101 -5.77 -12.90 7.27
CA PRO L 101 -5.68 -13.20 5.83
C PRO L 101 -7.02 -13.31 5.13
N ILE L 102 -8.07 -13.81 5.80
CA ILE L 102 -9.38 -13.97 5.17
C ILE L 102 -10.35 -12.86 5.55
N CYS L 103 -9.94 -11.92 6.38
CA CYS L 103 -10.80 -10.84 6.85
C CYS L 103 -10.65 -9.63 5.94
N ASP L 104 -11.78 -9.06 5.53
CA ASP L 104 -11.73 -7.93 4.60
C ASP L 104 -11.18 -6.67 5.26
N GLN L 105 -11.20 -6.61 6.59
CA GLN L 105 -10.71 -5.43 7.30
C GLN L 105 -9.19 -5.27 7.19
N GLY L 106 -8.46 -6.35 6.91
CA GLY L 106 -7.01 -6.31 6.92
C GLY L 106 -6.39 -5.25 6.05
N GLY L 107 -5.50 -4.45 6.64
CA GLY L 107 -4.88 -3.33 5.97
C GLY L 107 -5.51 -1.98 6.29
N GLU L 108 -6.78 -1.97 6.71
CA GLU L 108 -7.44 -0.76 7.18
C GLU L 108 -8.21 -1.08 8.45
N CYS L 109 -7.56 -1.79 9.37
CA CYS L 109 -8.17 -2.26 10.61
C CYS L 109 -7.60 -1.49 11.79
N ASP L 110 -8.48 -0.82 12.54
CA ASP L 110 -8.03 -0.08 13.70
C ASP L 110 -7.50 -1.01 14.79
N LEU L 111 -8.06 -2.22 14.91
CA LEU L 111 -7.53 -3.18 15.85
C LEU L 111 -6.09 -3.56 15.51
N GLN L 112 -5.83 -3.90 14.24
CA GLN L 112 -4.48 -4.22 13.80
C GLN L 112 -3.52 -3.04 14.04
N ASP L 113 -3.93 -1.84 13.63
CA ASP L 113 -3.03 -0.70 13.69
C ASP L 113 -2.73 -0.27 15.11
N GLN L 114 -3.74 -0.27 15.98
CA GLN L 114 -3.50 0.09 17.36
C GLN L 114 -2.82 -1.02 18.14
N SER L 115 -2.94 -2.27 17.70
CA SER L 115 -2.07 -3.32 18.24
C SER L 115 -0.62 -3.06 17.87
N MET L 116 -0.37 -2.64 16.63
CA MET L 116 1.00 -2.37 16.20
C MET L 116 1.57 -1.12 16.87
N MET L 117 0.72 -0.14 17.19
CA MET L 117 1.23 1.12 17.71
C MET L 117 1.26 1.19 19.23
N PHE L 118 0.34 0.51 19.92
CA PHE L 118 0.21 0.65 21.37
C PHE L 118 0.20 -0.67 22.13
N GLY L 119 0.16 -1.81 21.44
CA GLY L 119 0.16 -3.10 22.10
C GLY L 119 1.54 -3.72 22.15
N SER L 120 1.60 -4.89 22.79
CA SER L 120 2.82 -5.68 22.76
C SER L 120 2.88 -6.46 21.46
N ASP L 121 3.97 -7.19 21.26
CA ASP L 121 4.22 -7.87 20.00
C ASP L 121 3.99 -9.36 20.04
N ARG L 122 3.68 -9.94 21.21
CA ARG L 122 3.50 -11.37 21.33
C ARG L 122 2.29 -11.67 22.20
N SER L 123 2.00 -12.95 22.35
CA SER L 123 0.88 -13.44 23.12
C SER L 123 1.35 -14.29 24.29
N ARG L 124 0.55 -14.31 25.35
CA ARG L 124 0.72 -15.25 26.45
C ARG L 124 -0.61 -15.86 26.86
N PHE L 125 -1.58 -15.86 25.95
CA PHE L 125 -2.87 -16.49 26.16
C PHE L 125 -2.77 -17.95 25.73
N LEU L 126 -3.03 -18.86 26.66
CA LEU L 126 -2.77 -20.28 26.46
C LEU L 126 -4.04 -21.13 26.48
N GLU L 127 -5.20 -20.53 26.30
CA GLU L 127 -6.47 -21.23 26.37
C GLU L 127 -7.08 -21.36 24.98
N GLY L 128 -8.28 -21.94 24.93
CA GLY L 128 -9.06 -21.92 23.71
C GLY L 128 -9.89 -20.66 23.59
N LYS L 129 -10.25 -20.33 22.36
CA LYS L 129 -10.98 -19.10 22.08
C LYS L 129 -12.47 -19.36 21.97
N ARG L 130 -13.25 -18.32 22.26
CA ARG L 130 -14.69 -18.36 22.06
C ARG L 130 -15.04 -18.18 20.60
N ALA L 131 -16.09 -18.86 20.17
CA ALA L 131 -16.62 -18.73 18.82
C ALA L 131 -18.12 -18.56 18.91
N VAL L 132 -18.65 -17.56 18.22
CA VAL L 132 -20.08 -17.27 18.24
C VAL L 132 -20.64 -17.49 16.84
N GLU L 133 -21.95 -17.70 16.79
CA GLU L 133 -22.63 -17.91 15.52
C GLU L 133 -22.93 -16.58 14.85
N ASP L 134 -23.19 -16.65 13.55
CA ASP L 134 -23.37 -15.45 12.74
C ASP L 134 -24.85 -15.08 12.64
N LYS L 135 -25.10 -13.77 12.50
CA LYS L 135 -26.44 -13.23 12.41
C LYS L 135 -26.68 -12.69 11.01
N ASN L 136 -27.80 -13.06 10.41
CA ASN L 136 -28.18 -12.57 9.09
C ASN L 136 -29.03 -11.32 9.27
N ILE L 137 -28.53 -10.19 8.78
CA ILE L 137 -29.21 -8.91 8.92
C ILE L 137 -29.43 -8.23 7.57
N GLY L 138 -29.43 -9.01 6.49
CA GLY L 138 -29.70 -8.47 5.17
C GLY L 138 -28.65 -8.80 4.14
N PRO L 139 -28.88 -8.38 2.90
CA PRO L 139 -27.91 -8.63 1.82
C PRO L 139 -26.82 -7.59 1.68
N LEU L 140 -26.79 -6.57 2.54
CA LEU L 140 -25.79 -5.50 2.43
C LEU L 140 -24.65 -5.65 3.42
N VAL L 141 -24.94 -5.95 4.67
CA VAL L 141 -23.94 -5.97 5.74
C VAL L 141 -23.67 -7.42 6.09
N LYS L 142 -22.49 -7.91 5.71
CA LYS L 142 -22.03 -9.24 6.07
C LYS L 142 -21.55 -9.25 7.51
N THR L 143 -21.99 -10.25 8.26
CA THR L 143 -21.75 -10.36 9.70
C THR L 143 -20.86 -11.57 9.97
N ILE L 144 -19.75 -11.35 10.67
CA ILE L 144 -18.90 -12.41 11.20
C ILE L 144 -18.58 -12.01 12.63
N MET L 145 -19.39 -12.47 13.59
CA MET L 145 -19.38 -11.86 14.92
C MET L 145 -18.30 -12.42 15.84
N THR L 146 -17.59 -13.46 15.42
CA THR L 146 -16.42 -13.89 16.20
C THR L 146 -15.38 -12.77 16.25
N ARG L 147 -15.38 -11.88 15.25
CA ARG L 147 -14.46 -10.75 15.23
C ARG L 147 -14.96 -9.56 16.04
N CYS L 148 -16.21 -9.59 16.49
CA CYS L 148 -16.78 -8.47 17.23
C CYS L 148 -16.05 -8.26 18.56
N ILE L 149 -15.73 -7.00 18.84
CA ILE L 149 -15.05 -6.61 20.08
C ILE L 149 -16.00 -5.94 21.07
N GLN L 150 -17.30 -6.00 20.79
CA GLN L 150 -18.35 -5.41 21.64
C GLN L 150 -18.22 -3.91 21.92
N CYS L 151 -17.86 -3.16 20.89
CA CYS L 151 -17.71 -1.69 20.97
C CYS L 151 -19.01 -0.93 21.28
N THR L 152 -20.13 -1.43 20.73
CA THR L 152 -21.50 -0.89 20.84
C THR L 152 -21.78 0.31 19.91
N ARG L 153 -20.86 0.51 18.98
CA ARG L 153 -20.93 1.55 17.95
C ARG L 153 -22.09 1.33 17.01
N CYS L 154 -22.28 0.10 16.52
CA CYS L 154 -23.39 -0.18 15.64
C CYS L 154 -24.73 0.03 16.35
N ILE L 155 -24.82 -0.39 17.61
CA ILE L 155 -26.05 -0.21 18.38
C ILE L 155 -26.36 1.27 18.57
N ARG L 156 -25.35 2.06 18.95
CA ARG L 156 -25.56 3.48 19.17
C ARG L 156 -25.89 4.21 17.87
N PHE L 157 -25.26 3.81 16.76
CA PHE L 157 -25.59 4.41 15.48
C PHE L 157 -27.02 4.08 15.08
N ALA L 158 -27.42 2.82 15.21
CA ALA L 158 -28.77 2.43 14.81
C ALA L 158 -29.82 3.15 15.64
N SER L 159 -29.57 3.28 16.95
CA SER L 159 -30.52 3.95 17.83
C SER L 159 -30.56 5.46 17.58
N GLU L 160 -29.40 6.11 17.49
CA GLU L 160 -29.34 7.57 17.53
C GLU L 160 -29.38 8.20 16.14
N ILE L 161 -28.62 7.68 15.18
CA ILE L 161 -28.57 8.27 13.85
C ILE L 161 -29.69 7.74 12.96
N ALA L 162 -29.84 6.42 12.89
CA ALA L 162 -30.83 5.82 12.00
C ALA L 162 -32.21 5.75 12.63
N GLY L 163 -32.32 5.93 13.94
CA GLY L 163 -33.62 5.83 14.59
C GLY L 163 -34.25 4.46 14.58
N VAL L 164 -33.45 3.40 14.49
CA VAL L 164 -33.94 2.04 14.47
C VAL L 164 -33.38 1.34 15.71
N ASP L 165 -34.27 0.80 16.54
CA ASP L 165 -33.88 0.21 17.81
C ASP L 165 -33.81 -1.31 17.73
N ASP L 166 -33.38 -1.84 16.58
CA ASP L 166 -33.39 -3.28 16.34
C ASP L 166 -32.12 -3.99 16.79
N LEU L 167 -31.04 -3.26 17.06
CA LEU L 167 -29.79 -3.86 17.51
C LEU L 167 -29.64 -3.75 19.02
N GLY L 168 -28.95 -4.71 19.61
CA GLY L 168 -28.72 -4.72 21.03
C GLY L 168 -27.75 -5.79 21.42
N THR L 169 -27.64 -6.01 22.73
CA THR L 169 -26.79 -7.06 23.27
C THR L 169 -27.65 -8.07 24.03
N THR L 170 -27.34 -9.34 23.85
CA THR L 170 -28.01 -10.42 24.55
C THR L 170 -26.98 -11.23 25.33
N GLY L 171 -27.42 -11.79 26.46
CA GLY L 171 -26.51 -12.45 27.37
C GLY L 171 -25.75 -11.47 28.23
N ARG L 172 -24.73 -11.99 28.91
CA ARG L 172 -23.85 -11.16 29.71
C ARG L 172 -22.53 -11.88 29.90
N GLY L 173 -21.54 -11.13 30.40
CA GLY L 173 -20.23 -11.70 30.62
C GLY L 173 -19.49 -11.93 29.32
N ASN L 174 -18.69 -12.99 29.28
CA ASN L 174 -17.97 -13.35 28.06
C ASN L 174 -18.94 -13.77 26.96
N ASP L 175 -20.16 -14.15 27.33
CA ASP L 175 -21.14 -14.64 26.37
C ASP L 175 -21.97 -13.53 25.75
N MET L 176 -21.72 -12.27 26.09
CA MET L 176 -22.51 -11.18 25.52
C MET L 176 -22.32 -11.10 24.01
N GLN L 177 -23.43 -11.06 23.29
CA GLN L 177 -23.41 -11.04 21.84
C GLN L 177 -24.19 -9.83 21.33
N VAL L 178 -23.65 -9.19 20.29
CA VAL L 178 -24.33 -8.08 19.63
C VAL L 178 -25.17 -8.64 18.49
N GLY L 179 -26.45 -8.27 18.46
CA GLY L 179 -27.33 -8.73 17.41
C GLY L 179 -28.76 -8.25 17.50
N THR L 180 -29.69 -9.04 16.99
CA THR L 180 -31.10 -8.72 16.98
C THR L 180 -31.95 -9.70 17.80
N TYR L 181 -31.38 -10.83 18.21
CA TYR L 181 -32.00 -11.87 19.02
C TYR L 181 -33.05 -12.65 18.24
N ILE L 182 -33.43 -12.15 17.08
CA ILE L 182 -34.34 -12.84 16.18
C ILE L 182 -33.77 -12.67 14.77
N GLU L 183 -34.22 -13.52 13.86
CA GLU L 183 -33.81 -13.40 12.48
C GLU L 183 -34.49 -12.18 11.87
N LYS L 184 -33.75 -11.09 11.74
CA LYS L 184 -34.32 -9.80 11.36
C LYS L 184 -33.31 -9.05 10.50
N MET L 185 -33.82 -8.35 9.49
CA MET L 185 -32.97 -7.60 8.58
C MET L 185 -32.89 -6.15 9.04
N PHE L 186 -31.67 -5.62 9.14
CA PHE L 186 -31.45 -4.21 9.45
C PHE L 186 -31.40 -3.44 8.14
N MET L 187 -32.57 -3.26 7.55
CA MET L 187 -32.70 -2.58 6.27
C MET L 187 -33.13 -1.14 6.52
N SER L 188 -32.16 -0.23 6.49
CA SER L 188 -32.39 1.20 6.64
C SER L 188 -31.71 1.91 5.48
N GLU L 189 -32.19 3.11 5.18
CA GLU L 189 -31.54 3.89 4.12
C GLU L 189 -30.13 4.30 4.52
N LEU L 190 -29.79 4.20 5.80
CA LEU L 190 -28.46 4.53 6.30
C LEU L 190 -27.74 3.32 6.87
N SER L 191 -28.20 2.10 6.58
CA SER L 191 -27.67 0.91 7.24
C SER L 191 -26.18 0.70 6.94
N GLY L 192 -25.76 0.88 5.69
CA GLY L 192 -24.39 0.59 5.29
C GLY L 192 -23.33 1.31 6.08
N ASN L 193 -23.67 2.46 6.69
CA ASN L 193 -22.71 3.18 7.51
C ASN L 193 -22.19 2.36 8.68
N ILE L 194 -22.94 1.36 9.17
CA ILE L 194 -22.44 0.55 10.27
C ILE L 194 -21.23 -0.26 9.84
N ILE L 195 -21.01 -0.44 8.54
CA ILE L 195 -19.77 -1.06 8.08
C ILE L 195 -18.58 -0.17 8.41
N ASP L 196 -18.71 1.14 8.19
CA ASP L 196 -17.56 2.01 8.35
C ASP L 196 -17.23 2.27 9.82
N ILE L 197 -18.26 2.39 10.67
CA ILE L 197 -18.00 2.71 12.06
C ILE L 197 -17.52 1.48 12.82
N CYS L 198 -17.86 0.29 12.34
CA CYS L 198 -17.38 -0.91 12.98
C CYS L 198 -15.85 -0.97 12.85
N PRO L 199 -15.12 -1.00 13.97
CA PRO L 199 -13.65 -0.94 13.85
C PRO L 199 -13.04 -2.19 13.27
N VAL L 200 -13.74 -3.31 13.32
CA VAL L 200 -13.18 -4.59 12.98
C VAL L 200 -13.94 -5.20 11.81
N GLY L 201 -13.54 -6.40 11.41
CA GLY L 201 -14.15 -7.09 10.28
C GLY L 201 -15.43 -7.82 10.64
N ALA L 202 -15.99 -7.52 11.82
CA ALA L 202 -17.25 -8.13 12.22
C ALA L 202 -18.38 -7.74 11.26
N LEU L 203 -18.43 -6.48 10.87
CA LEU L 203 -19.39 -5.99 9.88
C LEU L 203 -18.61 -5.55 8.65
N THR L 204 -18.91 -6.16 7.51
CA THR L 204 -18.23 -5.82 6.26
C THR L 204 -19.26 -5.63 5.15
N SER L 205 -18.80 -5.07 4.05
CA SER L 205 -19.65 -4.93 2.88
C SER L 205 -19.75 -6.26 2.14
N LYS L 206 -20.98 -6.70 1.90
CA LYS L 206 -21.21 -7.96 1.19
C LYS L 206 -20.92 -7.85 -0.29
N PRO L 207 -21.39 -6.81 -1.00
CA PRO L 207 -21.00 -6.67 -2.42
C PRO L 207 -19.51 -6.52 -2.64
N TYR L 208 -18.79 -5.92 -1.69
CA TYR L 208 -17.36 -5.67 -1.82
C TYR L 208 -16.51 -6.86 -1.41
N ALA L 209 -17.10 -7.90 -0.84
CA ALA L 209 -16.36 -8.95 -0.14
C ALA L 209 -15.32 -9.60 -1.04
N PHE L 210 -14.08 -9.67 -0.53
CA PHE L 210 -12.93 -10.43 -1.04
C PHE L 210 -12.31 -9.80 -2.28
N THR L 211 -12.76 -8.64 -2.75
CA THR L 211 -12.37 -8.18 -4.08
C THR L 211 -11.06 -7.39 -4.08
N ALA L 212 -10.76 -6.67 -3.01
CA ALA L 212 -9.62 -5.76 -3.03
C ALA L 212 -9.06 -5.61 -1.63
N ARG L 213 -7.81 -5.15 -1.58
CA ARG L 213 -7.17 -4.77 -0.33
C ARG L 213 -7.01 -3.24 -0.29
N PRO L 214 -7.01 -2.65 0.89
CA PRO L 214 -7.00 -1.17 0.97
C PRO L 214 -5.76 -0.53 0.36
N TRP L 215 -4.59 -1.16 0.43
CA TRP L 215 -3.38 -0.50 -0.03
C TRP L 215 -3.27 -0.42 -1.54
N GLU L 216 -4.01 -1.25 -2.29
CA GLU L 216 -3.90 -1.21 -3.74
C GLU L 216 -4.90 -0.26 -4.37
N THR L 217 -5.84 0.27 -3.59
CA THR L 217 -6.87 1.14 -4.15
C THR L 217 -6.36 2.57 -4.29
N ARG L 218 -6.72 3.20 -5.41
CA ARG L 218 -6.54 4.63 -5.60
C ARG L 218 -7.83 5.34 -5.22
N LYS L 219 -7.70 6.48 -4.56
CA LYS L 219 -8.84 7.20 -4.00
C LYS L 219 -9.12 8.43 -4.85
N THR L 220 -10.34 8.54 -5.36
CA THR L 220 -10.77 9.71 -6.12
C THR L 220 -11.87 10.41 -5.34
N GLU L 221 -11.61 11.64 -4.93
CA GLU L 221 -12.59 12.41 -4.15
C GLU L 221 -13.58 13.05 -5.11
N SER L 222 -14.86 12.76 -4.91
CA SER L 222 -15.87 13.15 -5.89
C SER L 222 -17.18 13.42 -5.16
N ILE L 223 -18.27 13.55 -5.93
CA ILE L 223 -19.58 13.94 -5.44
C ILE L 223 -20.60 12.91 -5.88
N ASP L 224 -21.56 12.62 -5.02
CA ASP L 224 -22.63 11.68 -5.33
C ASP L 224 -23.77 12.39 -6.06
N VAL L 225 -24.35 11.71 -7.05
CA VAL L 225 -25.44 12.25 -7.84
C VAL L 225 -26.73 11.45 -7.67
N MET L 226 -26.76 10.49 -6.75
CA MET L 226 -27.94 9.65 -6.58
C MET L 226 -29.14 10.42 -6.03
N ASP L 227 -28.90 11.54 -5.36
CA ASP L 227 -29.98 12.46 -4.97
C ASP L 227 -29.48 13.88 -5.17
N ALA L 228 -30.19 14.85 -4.61
CA ALA L 228 -29.79 16.25 -4.67
C ALA L 228 -29.07 16.71 -3.42
N VAL L 229 -28.73 15.79 -2.52
CA VAL L 229 -28.00 16.16 -1.30
C VAL L 229 -26.56 16.55 -1.62
N GLY L 230 -25.96 15.95 -2.63
CA GLY L 230 -24.57 16.22 -2.98
C GLY L 230 -23.57 15.74 -1.94
N SER L 231 -23.74 14.53 -1.44
CA SER L 231 -22.83 13.96 -0.45
C SER L 231 -21.42 13.81 -1.04
N ASN L 232 -20.42 14.25 -0.30
CA ASN L 232 -19.04 14.09 -0.71
C ASN L 232 -18.62 12.64 -0.52
N ILE L 233 -17.97 12.06 -1.53
CA ILE L 233 -17.66 10.64 -1.53
C ILE L 233 -16.21 10.44 -1.96
N VAL L 234 -15.73 9.23 -1.71
CA VAL L 234 -14.49 8.73 -2.26
C VAL L 234 -14.81 7.51 -3.09
N VAL L 235 -14.40 7.52 -4.36
CA VAL L 235 -14.49 6.37 -5.23
C VAL L 235 -13.17 5.63 -5.16
N SER L 236 -13.22 4.37 -4.73
CA SER L 236 -12.04 3.51 -4.72
C SER L 236 -11.93 2.82 -6.06
N THR L 237 -10.79 2.93 -6.71
CA THR L 237 -10.55 2.25 -7.97
C THR L 237 -9.33 1.37 -7.86
N ARG L 238 -9.29 0.31 -8.66
CA ARG L 238 -8.10 -0.50 -8.80
C ARG L 238 -7.98 -0.96 -10.25
N THR L 239 -6.83 -0.67 -10.85
CA THR L 239 -6.50 -1.11 -12.21
C THR L 239 -7.62 -0.76 -13.20
N GLY L 240 -8.08 0.48 -13.12
CA GLY L 240 -9.08 0.98 -14.04
C GLY L 240 -10.50 0.53 -13.79
N GLU L 241 -10.82 0.08 -12.59
CA GLU L 241 -12.15 -0.41 -12.29
C GLU L 241 -12.61 0.14 -10.94
N VAL L 242 -13.88 0.54 -10.87
CA VAL L 242 -14.45 1.05 -9.62
C VAL L 242 -14.64 -0.11 -8.66
N MET L 243 -14.11 0.02 -7.45
CA MET L 243 -14.21 -1.03 -6.44
C MET L 243 -15.32 -0.79 -5.42
N ARG L 244 -15.45 0.43 -4.92
CA ARG L 244 -16.43 0.71 -3.86
C ARG L 244 -16.55 2.22 -3.69
N ILE L 245 -17.58 2.61 -2.94
CA ILE L 245 -17.86 4.00 -2.62
C ILE L 245 -17.79 4.15 -1.09
N LEU L 246 -17.10 5.19 -0.64
CA LEU L 246 -17.00 5.48 0.79
C LEU L 246 -17.41 6.92 1.05
N PRO L 247 -17.91 7.23 2.24
CA PRO L 247 -18.19 8.63 2.58
C PRO L 247 -16.90 9.44 2.67
N ARG L 248 -17.04 10.72 2.33
CA ARG L 248 -15.99 11.70 2.53
C ARG L 248 -16.54 12.79 3.43
N MET L 249 -15.80 13.11 4.50
CA MET L 249 -16.32 13.98 5.54
C MET L 249 -16.57 15.39 5.02
N HIS L 250 -17.79 15.87 5.19
CA HIS L 250 -18.16 17.27 4.95
C HIS L 250 -19.17 17.66 6.02
N GLU L 251 -18.76 18.53 6.93
CA GLU L 251 -19.57 18.82 8.11
C GLU L 251 -20.90 19.45 7.75
N ASP L 252 -20.97 20.20 6.66
CA ASP L 252 -22.16 20.98 6.34
C ASP L 252 -23.09 20.28 5.36
N ILE L 253 -22.74 19.10 4.86
CA ILE L 253 -23.62 18.42 3.92
C ILE L 253 -24.05 17.06 4.48
N ASN L 254 -23.09 16.14 4.63
CA ASN L 254 -23.40 14.76 4.96
C ASN L 254 -22.61 14.23 6.14
N GLU L 255 -21.81 15.06 6.79
CA GLU L 255 -20.93 14.64 7.90
C GLU L 255 -20.07 13.51 7.37
N GLU L 256 -20.11 12.31 7.96
CA GLU L 256 -19.37 11.17 7.44
C GLU L 256 -20.29 10.01 7.05
N TRP L 257 -21.53 10.29 6.70
CA TRP L 257 -22.48 9.25 6.32
C TRP L 257 -22.91 9.41 4.87
N ILE L 258 -23.32 8.30 4.26
CA ILE L 258 -23.99 8.30 2.97
C ILE L 258 -25.20 7.36 3.06
N SER L 259 -26.09 7.49 2.08
CA SER L 259 -27.21 6.57 2.00
C SER L 259 -26.78 5.26 1.33
N ASP L 260 -27.64 4.25 1.44
CA ASP L 260 -27.30 2.94 0.89
C ASP L 260 -27.29 2.96 -0.64
N LYS L 261 -28.12 3.80 -1.26
CA LYS L 261 -28.08 3.93 -2.71
C LYS L 261 -26.76 4.54 -3.17
N THR L 262 -26.29 5.58 -2.46
CA THR L 262 -24.99 6.15 -2.78
C THR L 262 -23.89 5.11 -2.63
N ARG L 263 -23.97 4.27 -1.61
CA ARG L 263 -22.93 3.32 -1.27
C ARG L 263 -22.88 2.11 -2.19
N PHE L 264 -24.03 1.57 -2.61
CA PHE L 264 -24.08 0.23 -3.18
C PHE L 264 -24.59 0.17 -4.62
N ALA L 265 -25.03 1.28 -5.19
CA ALA L 265 -25.57 1.24 -6.55
C ALA L 265 -24.50 1.31 -7.62
N TYR L 266 -23.23 1.41 -7.24
CA TYR L 266 -22.16 1.59 -8.21
C TYR L 266 -22.02 0.39 -9.14
N ASP L 267 -22.46 -0.79 -8.71
CA ASP L 267 -22.37 -1.96 -9.58
C ASP L 267 -23.25 -1.82 -10.81
N GLY L 268 -24.29 -0.98 -10.73
CA GLY L 268 -25.09 -0.69 -11.92
C GLY L 268 -24.28 0.00 -13.00
N LEU L 269 -23.13 0.58 -12.62
CA LEU L 269 -22.24 1.20 -13.60
C LEU L 269 -21.57 0.16 -14.48
N LYS L 270 -21.65 -1.12 -14.12
CA LYS L 270 -21.00 -2.17 -14.87
C LYS L 270 -21.94 -2.96 -15.77
N ARG L 271 -23.21 -2.58 -15.83
CA ARG L 271 -24.21 -3.30 -16.59
C ARG L 271 -25.03 -2.35 -17.46
N GLN L 272 -25.55 -2.89 -18.56
CA GLN L 272 -26.47 -2.17 -19.46
C GLN L 272 -25.86 -0.87 -19.98
N ARG L 273 -24.55 -0.88 -20.19
CA ARG L 273 -23.84 0.34 -20.53
C ARG L 273 -23.87 0.60 -22.04
N LEU L 274 -23.94 1.87 -22.40
CA LEU L 274 -23.82 2.30 -23.79
C LEU L 274 -22.34 2.52 -24.10
N THR L 275 -21.80 1.76 -25.04
CA THR L 275 -20.37 1.83 -25.33
C THR L 275 -20.05 2.29 -26.75
N GLN L 276 -21.02 2.27 -27.66
CA GLN L 276 -20.77 2.62 -29.06
C GLN L 276 -21.91 3.46 -29.60
N PRO L 277 -21.63 4.34 -30.56
CA PRO L 277 -22.72 5.02 -31.28
C PRO L 277 -23.57 4.02 -32.06
N MET L 278 -24.86 4.32 -32.16
CA MET L 278 -25.78 3.44 -32.88
C MET L 278 -26.75 4.21 -33.77
N ILE L 279 -27.10 3.60 -34.90
CA ILE L 279 -28.03 4.19 -35.84
C ILE L 279 -29.04 3.15 -36.31
N ARG L 280 -30.24 3.59 -36.65
CA ARG L 280 -31.27 2.68 -37.12
C ARG L 280 -30.93 2.10 -38.48
N ASN L 281 -31.21 0.81 -38.65
CA ASN L 281 -30.99 0.12 -39.91
C ASN L 281 -32.17 0.33 -40.86
N GLU L 282 -32.07 -0.17 -42.08
CA GLU L 282 -33.14 -0.01 -43.05
C GLU L 282 -34.40 -0.64 -42.48
N LYS L 283 -34.23 -1.78 -41.82
CA LYS L 283 -35.33 -2.47 -41.18
C LYS L 283 -35.94 -1.68 -40.00
N GLY L 284 -35.08 -1.03 -39.22
CA GLY L 284 -35.50 -0.32 -38.04
C GLY L 284 -34.89 -0.82 -36.75
N LEU L 285 -33.79 -1.56 -36.82
CA LEU L 285 -33.10 -2.07 -35.65
C LEU L 285 -31.86 -1.23 -35.39
N LEU L 286 -31.47 -1.14 -34.12
CA LEU L 286 -30.29 -0.36 -33.75
C LEU L 286 -29.02 -1.16 -34.03
N THR L 287 -28.04 -0.51 -34.65
CA THR L 287 -26.82 -1.13 -35.13
C THR L 287 -25.65 -0.20 -34.86
N TYR L 288 -24.50 -0.78 -34.51
CA TYR L 288 -23.32 0.01 -34.20
C TYR L 288 -22.84 0.77 -35.44
N THR L 289 -22.22 1.93 -35.18
CA THR L 289 -21.64 2.75 -36.23
C THR L 289 -20.53 3.59 -35.60
N THR L 290 -19.81 4.31 -36.44
CA THR L 290 -18.74 5.19 -35.98
C THR L 290 -19.31 6.50 -35.46
N TRP L 291 -18.48 7.24 -34.73
CA TRP L 291 -18.88 8.58 -34.28
C TRP L 291 -19.15 9.51 -35.45
N GLU L 292 -18.33 9.39 -36.50
CA GLU L 292 -18.45 10.24 -37.68
C GLU L 292 -19.85 10.13 -38.29
N ASP L 293 -20.31 8.91 -38.53
CA ASP L 293 -21.56 8.70 -39.25
C ASP L 293 -22.75 9.16 -38.41
N ALA L 294 -22.78 8.76 -37.14
CA ALA L 294 -23.89 9.15 -36.27
C ALA L 294 -23.96 10.66 -36.10
N LEU L 295 -22.81 11.30 -35.88
CA LEU L 295 -22.80 12.75 -35.74
C LEU L 295 -23.20 13.43 -37.04
N SER L 296 -22.83 12.87 -38.20
CA SER L 296 -23.24 13.44 -39.47
C SER L 296 -24.75 13.37 -39.65
N ARG L 297 -25.37 12.24 -39.29
CA ARG L 297 -26.82 12.15 -39.40
C ARG L 297 -27.50 13.16 -38.48
N VAL L 298 -27.01 13.27 -37.24
CA VAL L 298 -27.60 14.22 -36.30
C VAL L 298 -27.43 15.65 -36.81
N ALA L 299 -26.26 15.95 -37.39
CA ALA L 299 -26.01 17.29 -37.90
C ALA L 299 -26.89 17.61 -39.10
N GLY L 300 -27.12 16.63 -39.97
CA GLY L 300 -28.03 16.85 -41.09
C GLY L 300 -29.44 17.15 -40.62
N MET L 301 -29.93 16.37 -39.65
CA MET L 301 -31.25 16.65 -39.10
C MET L 301 -31.29 18.02 -38.42
N LEU L 302 -30.20 18.39 -37.72
CA LEU L 302 -30.15 19.68 -37.05
C LEU L 302 -30.18 20.83 -38.04
N GLN L 303 -29.50 20.68 -39.17
CA GLN L 303 -29.55 21.70 -40.21
C GLN L 303 -30.89 21.71 -40.93
N SER L 304 -31.64 20.61 -40.89
CA SER L 304 -32.94 20.59 -41.57
C SER L 304 -33.97 21.47 -40.87
N PHE L 305 -34.00 21.48 -39.53
CA PHE L 305 -35.08 22.10 -38.78
C PHE L 305 -34.55 23.22 -37.90
N GLN L 306 -35.48 24.04 -37.40
CA GLN L 306 -35.12 25.26 -36.70
C GLN L 306 -36.28 25.70 -35.82
N GLY L 307 -35.96 26.48 -34.79
CA GLY L 307 -36.94 27.04 -33.87
C GLY L 307 -37.58 26.08 -32.89
N ASN L 308 -38.91 26.00 -32.95
CA ASN L 308 -39.68 25.13 -32.08
C ASN L 308 -39.59 23.65 -32.49
N ASP L 309 -39.22 23.41 -33.74
CA ASP L 309 -39.06 22.06 -34.24
C ASP L 309 -37.94 21.32 -33.54
N VAL L 310 -37.10 22.03 -32.80
CA VAL L 310 -36.01 21.39 -32.09
C VAL L 310 -36.20 21.59 -30.59
N ALA L 311 -36.15 20.50 -29.83
CA ALA L 311 -36.31 20.54 -28.39
C ALA L 311 -35.35 19.57 -27.75
N ALA L 312 -35.09 19.78 -26.46
CA ALA L 312 -34.20 18.92 -25.69
C ALA L 312 -34.77 18.70 -24.30
N ILE L 313 -34.54 17.50 -23.77
CA ILE L 313 -34.98 17.12 -22.43
C ILE L 313 -33.74 16.68 -21.64
N ALA L 314 -33.59 17.21 -20.44
CA ALA L 314 -32.47 16.89 -19.57
C ALA L 314 -32.90 15.91 -18.49
N GLY L 315 -32.11 14.87 -18.28
CA GLY L 315 -32.38 13.87 -17.27
C GLY L 315 -31.90 14.30 -15.89
N GLY L 316 -32.00 13.36 -14.95
CA GLY L 316 -31.67 13.66 -13.57
C GLY L 316 -30.20 13.60 -13.21
N LEU L 317 -29.37 13.05 -14.09
CA LEU L 317 -27.96 12.84 -13.78
C LEU L 317 -27.04 13.68 -14.68
N VAL L 318 -27.56 14.76 -15.24
CA VAL L 318 -26.82 15.57 -16.20
C VAL L 318 -25.98 16.60 -15.45
N ASP L 319 -24.79 16.87 -15.97
CA ASP L 319 -23.91 17.87 -15.40
C ASP L 319 -24.10 19.22 -16.08
N ALA L 320 -23.56 20.26 -15.45
CA ALA L 320 -23.77 21.62 -15.92
C ALA L 320 -23.05 21.90 -17.24
N GLU L 321 -21.88 21.30 -17.45
CA GLU L 321 -21.13 21.53 -18.69
C GLU L 321 -21.94 21.08 -19.89
N ALA L 322 -22.48 19.85 -19.85
CA ALA L 322 -23.28 19.35 -20.95
C ALA L 322 -24.58 20.13 -21.10
N LEU L 323 -25.18 20.53 -19.98
CA LEU L 323 -26.41 21.33 -20.04
C LEU L 323 -26.16 22.64 -20.78
N VAL L 324 -25.09 23.35 -20.43
CA VAL L 324 -24.83 24.64 -21.07
C VAL L 324 -24.41 24.45 -22.52
N ALA L 325 -23.66 23.38 -22.83
CA ALA L 325 -23.29 23.13 -24.22
C ALA L 325 -24.52 22.87 -25.08
N LEU L 326 -25.44 22.05 -24.57
CA LEU L 326 -26.68 21.77 -25.31
C LEU L 326 -27.54 23.02 -25.45
N LYS L 327 -27.63 23.83 -24.39
CA LYS L 327 -28.40 25.06 -24.48
C LYS L 327 -27.81 25.99 -25.54
N ASP L 328 -26.48 26.14 -25.56
CA ASP L 328 -25.85 26.98 -26.58
C ASP L 328 -26.10 26.44 -27.98
N LEU L 329 -26.00 25.12 -28.16
CA LEU L 329 -26.22 24.53 -29.48
C LEU L 329 -27.64 24.76 -29.96
N LEU L 330 -28.64 24.55 -29.08
CA LEU L 330 -30.02 24.74 -29.50
C LEU L 330 -30.37 26.22 -29.65
N ASN L 331 -29.69 27.10 -28.92
CA ASN L 331 -29.85 28.53 -29.15
C ASN L 331 -29.31 28.93 -30.51
N ARG L 332 -28.23 28.30 -30.97
CA ARG L 332 -27.71 28.57 -32.31
C ARG L 332 -28.73 28.25 -33.39
N VAL L 333 -29.60 27.26 -33.17
CA VAL L 333 -30.71 26.96 -34.07
C VAL L 333 -31.92 27.85 -33.81
N ASP L 334 -31.84 28.72 -32.79
CA ASP L 334 -32.94 29.58 -32.34
C ASP L 334 -34.07 28.74 -31.74
N SER L 335 -33.71 27.81 -30.87
CA SER L 335 -34.66 27.02 -30.11
C SER L 335 -34.46 27.31 -28.63
N ASP L 336 -35.56 27.59 -27.93
CA ASP L 336 -35.53 27.79 -26.49
C ASP L 336 -36.22 26.67 -25.73
N SER L 337 -36.55 25.56 -26.41
CA SER L 337 -37.24 24.44 -25.79
C SER L 337 -36.22 23.54 -25.08
N LEU L 338 -35.58 24.11 -24.07
CA LEU L 338 -34.67 23.40 -23.19
C LEU L 338 -35.43 23.06 -21.92
N CYS L 339 -35.74 21.79 -21.73
CA CYS L 339 -36.63 21.37 -20.68
C CYS L 339 -35.98 20.31 -19.80
N THR L 340 -36.43 20.26 -18.55
CA THR L 340 -36.09 19.19 -17.63
C THR L 340 -37.32 18.33 -17.40
N GLU L 341 -37.11 17.16 -16.80
CA GLU L 341 -38.24 16.28 -16.49
C GLU L 341 -38.94 16.73 -15.21
N GLU L 342 -38.21 17.34 -14.28
CA GLU L 342 -38.78 17.76 -13.02
C GLU L 342 -39.49 19.10 -13.16
N VAL L 343 -40.77 19.11 -12.82
CA VAL L 343 -41.61 20.31 -12.94
C VAL L 343 -41.33 21.24 -11.78
N PHE L 344 -41.25 22.54 -12.09
CA PHE L 344 -41.24 23.61 -11.11
C PHE L 344 -42.21 24.67 -11.61
N PRO L 345 -42.93 25.35 -10.72
CA PRO L 345 -43.90 26.36 -11.17
C PRO L 345 -43.20 27.56 -11.81
N THR L 346 -43.57 27.85 -13.05
CA THR L 346 -43.03 29.00 -13.76
C THR L 346 -43.84 30.28 -13.53
N ALA L 347 -44.98 30.18 -12.86
CA ALA L 347 -45.78 31.37 -12.57
C ALA L 347 -45.05 32.27 -11.60
N GLY L 348 -45.24 33.58 -11.75
CA GLY L 348 -44.61 34.53 -10.86
C GLY L 348 -43.14 34.74 -11.19
N ALA L 349 -42.30 34.74 -10.17
CA ALA L 349 -40.87 34.89 -10.40
C ALA L 349 -40.31 33.71 -11.20
N GLY L 350 -40.86 32.52 -11.00
CA GLY L 350 -40.36 31.36 -11.69
C GLY L 350 -38.91 31.08 -11.32
N THR L 351 -38.07 30.87 -12.34
CA THR L 351 -36.66 30.65 -12.09
C THR L 351 -35.84 31.92 -12.18
N ASP L 352 -36.48 33.08 -12.31
CA ASP L 352 -35.74 34.34 -12.32
C ASP L 352 -34.97 34.56 -11.02
N LEU L 353 -35.62 34.29 -9.89
CA LEU L 353 -35.02 34.51 -8.58
C LEU L 353 -34.55 33.16 -8.04
N ARG L 354 -33.25 33.04 -7.80
CA ARG L 354 -32.68 31.75 -7.43
C ARG L 354 -33.23 31.22 -6.12
N SER L 355 -33.33 32.07 -5.10
CA SER L 355 -33.85 31.67 -3.80
C SER L 355 -35.28 31.14 -3.86
N ASN L 356 -35.97 31.30 -4.99
CA ASN L 356 -37.31 30.74 -5.16
C ASN L 356 -37.30 29.23 -5.28
N TYR L 357 -36.18 28.62 -5.70
CA TYR L 357 -36.16 27.17 -5.87
C TYR L 357 -35.01 26.53 -5.11
N LEU L 358 -34.62 27.10 -3.98
CA LEU L 358 -33.49 26.62 -3.21
C LEU L 358 -33.89 26.25 -1.80
N LEU L 359 -33.06 25.41 -1.16
CA LEU L 359 -33.14 25.16 0.27
C LEU L 359 -32.35 26.27 0.95
N ASN L 360 -33.03 27.38 1.24
CA ASN L 360 -32.33 28.59 1.63
C ASN L 360 -31.80 28.51 3.05
N THR L 361 -32.42 27.69 3.90
CA THR L 361 -31.92 27.52 5.26
C THR L 361 -30.58 26.79 5.26
N THR L 362 -30.34 25.95 4.24
CA THR L 362 -29.18 25.06 4.10
C THR L 362 -29.31 23.88 5.05
N ILE L 363 -28.54 22.83 4.78
CA ILE L 363 -28.61 21.62 5.60
C ILE L 363 -28.15 21.90 7.02
N ALA L 364 -27.06 22.66 7.18
CA ALA L 364 -26.58 23.03 8.50
C ALA L 364 -27.57 23.91 9.26
N GLY L 365 -28.35 24.74 8.56
CA GLY L 365 -29.33 25.58 9.22
C GLY L 365 -30.40 24.83 9.96
N VAL L 366 -30.63 23.57 9.59
CA VAL L 366 -31.57 22.72 10.34
C VAL L 366 -31.14 22.62 11.80
N GLU L 367 -29.84 22.64 12.06
CA GLU L 367 -29.41 22.53 13.44
C GLU L 367 -29.91 23.73 14.27
N GLU L 368 -29.84 24.92 13.68
CA GLU L 368 -30.31 26.15 14.33
C GLU L 368 -31.83 26.30 14.55
N ALA L 369 -32.63 25.86 13.59
CA ALA L 369 -34.09 26.03 13.67
C ALA L 369 -34.87 25.31 14.77
N ASP L 370 -35.70 26.07 15.47
CA ASP L 370 -36.58 25.55 16.52
C ASP L 370 -37.71 24.66 16.02
N VAL L 371 -38.33 25.04 14.90
CA VAL L 371 -39.45 24.28 14.32
C VAL L 371 -39.32 24.09 12.81
N ILE L 372 -39.88 23.01 12.29
CA ILE L 372 -39.83 22.73 10.86
C ILE L 372 -41.15 22.11 10.44
N LEU L 373 -41.73 22.63 9.36
CA LEU L 373 -42.94 22.09 8.77
C LEU L 373 -42.58 21.48 7.42
N LEU L 374 -43.00 20.23 7.21
CA LEU L 374 -42.72 19.54 5.96
C LEU L 374 -44.03 19.35 5.20
N VAL L 375 -44.05 19.78 3.95
CA VAL L 375 -45.25 19.66 3.13
C VAL L 375 -45.05 18.77 1.91
N GLY L 376 -45.88 17.74 1.79
CA GLY L 376 -45.83 16.83 0.66
C GLY L 376 -44.48 16.19 0.43
N THR L 377 -43.79 15.81 1.50
CA THR L 377 -42.48 15.20 1.37
C THR L 377 -42.28 14.00 2.27
N ASN L 378 -41.39 13.11 1.84
CA ASN L 378 -40.99 11.94 2.59
C ASN L 378 -39.48 12.10 2.54
N PRO L 379 -38.97 13.05 3.33
CA PRO L 379 -37.54 13.38 3.33
C PRO L 379 -36.64 12.18 3.61
N ARG L 380 -37.17 11.15 4.26
CA ARG L 380 -36.35 9.98 4.60
C ARG L 380 -35.80 9.31 3.36
N PHE L 381 -36.61 9.20 2.30
CA PHE L 381 -36.19 8.54 1.08
C PHE L 381 -35.83 9.51 -0.04
N GLU L 382 -36.41 10.72 -0.06
CA GLU L 382 -36.05 11.70 -1.07
C GLU L 382 -34.68 12.31 -0.82
N ALA L 383 -34.32 12.54 0.45
CA ALA L 383 -33.04 13.15 0.79
C ALA L 383 -32.59 12.58 2.13
N PRO L 384 -32.03 11.37 2.14
CA PRO L 384 -31.76 10.68 3.41
C PRO L 384 -30.85 11.44 4.37
N LEU L 385 -29.83 12.13 3.86
CA LEU L 385 -28.93 12.84 4.77
C LEU L 385 -29.57 14.10 5.34
N PHE L 386 -30.45 14.74 4.58
CA PHE L 386 -31.24 15.85 5.13
C PHE L 386 -32.17 15.36 6.24
N ASN L 387 -32.77 14.19 6.05
CA ASN L 387 -33.59 13.59 7.11
C ASN L 387 -32.74 13.25 8.33
N ALA L 388 -31.51 12.76 8.10
CA ALA L 388 -30.61 12.46 9.21
C ALA L 388 -30.27 13.74 9.99
N ARG L 389 -30.03 14.84 9.28
CA ARG L 389 -29.78 16.11 9.97
C ARG L 389 -31.00 16.56 10.75
N ILE L 390 -32.20 16.37 10.19
CA ILE L 390 -33.42 16.70 10.93
C ILE L 390 -33.50 15.88 12.20
N ARG L 391 -33.22 14.59 12.12
CA ARG L 391 -33.27 13.75 13.32
C ARG L 391 -32.20 14.17 14.32
N LYS L 392 -31.03 14.56 13.84
CA LYS L 392 -29.97 15.04 14.74
C LYS L 392 -30.42 16.25 15.54
N SER L 393 -31.03 17.23 14.86
CA SER L 393 -31.51 18.40 15.59
C SER L 393 -32.76 18.11 16.41
N TRP L 394 -33.55 17.11 16.02
CA TRP L 394 -34.65 16.62 16.85
C TRP L 394 -34.13 16.02 18.15
N LEU L 395 -33.02 15.28 18.08
CA LEU L 395 -32.44 14.62 19.23
C LEU L 395 -31.73 15.61 20.16
N HIS L 396 -30.95 16.53 19.60
CA HIS L 396 -30.06 17.36 20.39
C HIS L 396 -30.62 18.75 20.69
N ASN L 397 -31.48 19.29 19.82
CA ASN L 397 -32.03 20.63 20.02
C ASN L 397 -33.52 20.61 20.33
N ASP L 398 -34.11 19.43 20.55
CA ASP L 398 -35.54 19.29 20.85
C ASP L 398 -36.40 19.94 19.77
N LEU L 399 -36.01 19.76 18.51
CA LEU L 399 -36.73 20.37 17.40
C LEU L 399 -38.13 19.80 17.28
N LYS L 400 -39.09 20.68 16.98
CA LYS L 400 -40.47 20.28 16.73
C LYS L 400 -40.68 20.12 15.23
N VAL L 401 -41.21 18.96 14.84
CA VAL L 401 -41.42 18.62 13.43
C VAL L 401 -42.90 18.38 13.21
N ALA L 402 -43.45 19.00 12.18
CA ALA L 402 -44.83 18.76 11.74
C ALA L 402 -44.83 18.44 10.26
N LEU L 403 -45.73 17.56 9.86
CA LEU L 403 -45.80 17.09 8.48
C LEU L 403 -47.20 17.23 7.94
N ILE L 404 -47.30 17.78 6.73
CA ILE L 404 -48.52 17.76 5.94
C ILE L 404 -48.30 16.81 4.77
N GLY L 405 -49.11 15.78 4.70
CA GLY L 405 -48.94 14.76 3.68
C GLY L 405 -49.25 13.39 4.25
N SER L 406 -48.85 12.37 3.50
CA SER L 406 -49.07 10.99 3.92
C SER L 406 -48.24 10.68 5.16
N PRO L 407 -48.78 9.93 6.13
CA PRO L 407 -48.08 9.73 7.40
C PRO L 407 -46.99 8.68 7.35
N VAL L 408 -45.85 9.04 6.76
CA VAL L 408 -44.76 8.08 6.59
C VAL L 408 -43.91 8.01 7.86
N ASP L 409 -43.13 6.94 7.97
CA ASP L 409 -42.22 6.78 9.10
C ASP L 409 -40.94 7.53 8.79
N LEU L 410 -40.59 8.49 9.65
CA LEU L 410 -39.43 9.34 9.44
C LEU L 410 -38.30 9.04 10.41
N THR L 411 -38.42 7.97 11.21
CA THR L 411 -37.51 7.57 12.27
C THR L 411 -37.45 8.55 13.43
N TYR L 412 -38.37 9.52 13.49
CA TYR L 412 -38.56 10.36 14.65
C TYR L 412 -40.02 10.72 14.75
N ARG L 413 -40.46 11.06 15.95
CA ARG L 413 -41.87 11.40 16.16
C ARG L 413 -42.17 12.81 15.67
N TYR L 414 -43.26 12.95 14.93
CA TYR L 414 -43.65 14.24 14.38
C TYR L 414 -45.15 14.39 14.52
N ASP L 415 -45.60 15.64 14.57
CA ASP L 415 -47.03 15.94 14.64
C ASP L 415 -47.61 15.92 13.24
N HIS L 416 -48.53 14.99 12.98
CA HIS L 416 -49.13 14.82 11.65
C HIS L 416 -50.38 15.67 11.58
N LEU L 417 -50.37 16.68 10.70
CA LEU L 417 -51.51 17.56 10.53
C LEU L 417 -52.52 17.02 9.53
N GLY L 418 -52.17 16.00 8.76
CA GLY L 418 -53.03 15.45 7.73
C GLY L 418 -52.35 15.46 6.37
N ASP L 419 -53.12 15.07 5.36
CA ASP L 419 -52.62 15.01 4.00
C ASP L 419 -53.37 15.90 3.02
N SER L 420 -54.40 16.60 3.47
CA SER L 420 -55.14 17.47 2.56
C SER L 420 -54.36 18.76 2.30
N PRO L 421 -54.27 19.19 1.04
CA PRO L 421 -53.61 20.48 0.75
C PRO L 421 -54.26 21.68 1.39
N LYS L 422 -55.59 21.65 1.60
CA LYS L 422 -56.30 22.79 2.18
C LYS L 422 -55.76 23.18 3.55
N ILE L 423 -55.13 22.24 4.27
CA ILE L 423 -54.52 22.56 5.54
C ILE L 423 -53.59 23.75 5.41
N LEU L 424 -52.83 23.80 4.31
CA LEU L 424 -51.95 24.93 4.06
C LEU L 424 -52.71 26.25 4.16
N GLN L 425 -53.82 26.36 3.42
CA GLN L 425 -54.62 27.58 3.49
C GLN L 425 -55.15 27.79 4.91
N ASP L 426 -55.59 26.72 5.55
CA ASP L 426 -56.07 26.82 6.93
C ASP L 426 -54.97 27.32 7.86
N ILE L 427 -53.71 26.99 7.56
CA ILE L 427 -52.61 27.53 8.35
C ILE L 427 -52.38 28.99 7.99
N ALA L 428 -52.47 29.32 6.70
CA ALA L 428 -52.11 30.67 6.26
C ALA L 428 -53.10 31.71 6.77
N SER L 429 -54.38 31.35 6.85
CA SER L 429 -55.39 32.26 7.36
C SER L 429 -55.32 32.46 8.86
N GLY L 430 -54.49 31.66 9.56
CA GLY L 430 -54.38 31.76 11.00
C GLY L 430 -55.39 30.95 11.77
N ASN L 431 -56.27 30.21 11.09
CA ASN L 431 -57.33 29.45 11.73
C ASN L 431 -56.87 28.07 12.21
N HIS L 432 -55.56 27.87 12.38
CA HIS L 432 -55.00 26.61 12.81
C HIS L 432 -54.12 26.81 14.04
N PRO L 433 -54.10 25.85 14.97
CA PRO L 433 -53.17 25.97 16.11
C PRO L 433 -51.70 26.00 15.69
N PHE L 434 -51.34 25.27 14.63
CA PHE L 434 -49.96 25.30 14.18
C PHE L 434 -49.56 26.65 13.62
N SER L 435 -50.53 27.45 13.18
CA SER L 435 -50.22 28.83 12.81
C SER L 435 -49.66 29.61 13.99
N GLN L 436 -50.29 29.46 15.15
CA GLN L 436 -49.77 30.09 16.36
C GLN L 436 -48.44 29.48 16.75
N ILE L 437 -48.30 28.17 16.61
CA ILE L 437 -47.03 27.52 16.91
C ILE L 437 -45.91 28.13 16.05
N LEU L 438 -46.19 28.38 14.77
CA LEU L 438 -45.20 28.97 13.89
C LEU L 438 -44.95 30.43 14.22
N LYS L 439 -45.98 31.15 14.67
CA LYS L 439 -45.83 32.57 14.93
C LYS L 439 -44.86 32.83 16.08
N GLU L 440 -44.92 32.03 17.14
CA GLU L 440 -44.07 32.25 18.30
C GLU L 440 -42.73 31.53 18.19
N ALA L 441 -42.47 30.83 17.10
CA ALA L 441 -41.17 30.21 16.88
C ALA L 441 -40.12 31.30 16.63
N LYS L 442 -38.90 31.05 17.13
CA LYS L 442 -37.82 32.01 16.91
C LYS L 442 -37.14 31.78 15.56
N LYS L 443 -36.98 30.52 15.17
CA LYS L 443 -36.34 30.16 13.90
C LYS L 443 -37.19 29.14 13.17
N PRO L 444 -38.33 29.56 12.61
CA PRO L 444 -39.19 28.61 11.90
C PRO L 444 -38.59 28.21 10.56
N MET L 445 -39.03 27.05 10.08
CA MET L 445 -38.53 26.47 8.83
C MET L 445 -39.69 25.82 8.10
N VAL L 446 -39.91 26.21 6.85
CA VAL L 446 -40.92 25.60 6.00
C VAL L 446 -40.22 24.95 4.81
N VAL L 447 -40.40 23.65 4.65
CA VAL L 447 -39.77 22.89 3.57
C VAL L 447 -40.86 22.29 2.71
N LEU L 448 -40.83 22.60 1.42
CA LEU L 448 -41.78 22.07 0.45
C LEU L 448 -41.03 21.12 -0.49
N GLY L 449 -41.54 19.91 -0.63
CA GLY L 449 -40.85 18.91 -1.44
C GLY L 449 -41.09 19.14 -2.91
N SER L 450 -40.03 18.96 -3.71
CA SER L 450 -40.14 19.07 -5.15
C SER L 450 -41.04 17.98 -5.73
N SER L 451 -41.23 16.88 -5.01
CA SER L 451 -42.13 15.83 -5.48
C SER L 451 -43.58 16.29 -5.45
N ALA L 452 -43.90 17.14 -4.47
CA ALA L 452 -45.22 17.75 -4.32
C ALA L 452 -45.47 18.63 -5.53
N LEU L 453 -44.40 19.25 -6.02
CA LEU L 453 -44.39 20.14 -7.17
C LEU L 453 -44.78 19.49 -8.51
N GLN L 454 -44.60 18.17 -8.62
CA GLN L 454 -44.93 17.39 -9.81
C GLN L 454 -46.42 17.47 -10.18
N ARG L 455 -47.29 17.55 -9.17
CA ARG L 455 -48.73 17.68 -9.38
C ARG L 455 -49.06 18.96 -10.14
N SER L 456 -50.12 18.92 -10.95
CA SER L 456 -50.49 20.05 -11.79
C SER L 456 -50.78 21.35 -11.04
N ASP L 457 -51.42 21.24 -9.89
CA ASP L 457 -51.73 22.41 -9.07
C ASP L 457 -50.47 22.97 -8.41
N GLY L 458 -49.38 22.22 -8.47
CA GLY L 458 -48.13 22.57 -7.83
C GLY L 458 -47.97 24.05 -7.59
N THR L 459 -48.44 24.87 -8.53
CA THR L 459 -48.36 26.32 -8.38
C THR L 459 -49.19 26.81 -7.20
N ALA L 460 -50.39 26.27 -7.03
CA ALA L 460 -51.22 26.64 -5.89
C ALA L 460 -50.57 26.25 -4.57
N ILE L 461 -49.96 25.06 -4.53
CA ILE L 461 -49.27 24.62 -3.32
C ILE L 461 -48.11 25.55 -3.00
N LEU L 462 -47.32 25.91 -4.01
CA LEU L 462 -46.20 26.82 -3.79
C LEU L 462 -46.69 28.18 -3.31
N ALA L 463 -47.79 28.68 -3.88
CA ALA L 463 -48.33 29.96 -3.45
C ALA L 463 -48.79 29.90 -2.00
N ALA L 464 -49.45 28.81 -1.60
CA ALA L 464 -49.90 28.67 -0.22
C ALA L 464 -48.71 28.60 0.74
N VAL L 465 -47.67 27.84 0.38
CA VAL L 465 -46.49 27.75 1.24
C VAL L 465 -45.80 29.11 1.36
N SER L 466 -45.70 29.84 0.25
CA SER L 466 -45.11 31.17 0.30
C SER L 466 -45.95 32.12 1.14
N ASN L 467 -47.28 31.98 1.11
CA ASN L 467 -48.13 32.81 1.94
C ASN L 467 -47.94 32.49 3.42
N ILE L 468 -47.78 31.22 3.77
CA ILE L 468 -47.45 30.85 5.14
C ILE L 468 -46.14 31.52 5.57
N ALA L 469 -45.13 31.45 4.70
CA ALA L 469 -43.84 32.05 5.03
C ALA L 469 -43.95 33.57 5.17
N GLN L 470 -44.79 34.20 4.34
CA GLN L 470 -44.99 35.64 4.45
C GLN L 470 -45.69 36.02 5.74
N ASN L 471 -46.68 35.22 6.15
CA ASN L 471 -47.32 35.46 7.45
C ASN L 471 -46.33 35.34 8.58
N ILE L 472 -45.44 34.35 8.52
CA ILE L 472 -44.40 34.23 9.53
C ILE L 472 -43.49 35.46 9.50
N ARG L 473 -43.11 35.90 8.30
CA ARG L 473 -42.20 37.02 8.16
C ARG L 473 -42.78 38.30 8.75
N LEU L 474 -44.06 38.56 8.50
CA LEU L 474 -44.64 39.84 8.93
C LEU L 474 -45.07 39.78 10.39
N SER L 475 -45.78 38.73 10.79
CA SER L 475 -46.35 38.69 12.13
C SER L 475 -45.27 38.57 13.20
N SER L 476 -44.30 37.70 13.00
CA SER L 476 -43.26 37.49 14.01
C SER L 476 -42.10 38.44 13.89
N GLY L 477 -42.19 39.53 13.12
CA GLY L 477 -41.08 40.44 13.03
C GLY L 477 -39.95 39.89 12.16
N VAL L 478 -38.79 40.54 12.30
CA VAL L 478 -37.59 40.17 11.55
C VAL L 478 -36.52 39.74 12.54
N THR L 479 -35.99 38.54 12.34
CA THR L 479 -34.95 37.98 13.19
C THR L 479 -33.54 38.33 12.73
N GLY L 480 -33.42 38.98 11.57
CA GLY L 480 -32.11 39.27 11.00
C GLY L 480 -31.97 38.61 9.64
N ASP L 481 -30.99 37.70 9.49
CA ASP L 481 -30.84 36.91 8.28
C ASP L 481 -31.13 35.45 8.63
N TRP L 482 -32.41 35.11 8.66
CA TRP L 482 -32.88 33.75 8.80
C TRP L 482 -33.91 33.48 7.71
N LYS L 483 -33.69 32.42 6.96
CA LYS L 483 -34.50 32.10 5.78
C LYS L 483 -35.55 31.07 6.18
N VAL L 484 -36.81 31.35 5.80
CA VAL L 484 -37.91 30.46 6.18
C VAL L 484 -38.32 29.57 5.02
N MET L 485 -38.43 30.15 3.83
CA MET L 485 -38.92 29.41 2.66
C MET L 485 -37.84 28.48 2.12
N ASN L 486 -38.19 27.21 1.93
CA ASN L 486 -37.25 26.20 1.47
C ASN L 486 -37.90 25.30 0.43
N ILE L 487 -37.10 24.86 -0.54
CA ILE L 487 -37.49 23.84 -1.51
C ILE L 487 -36.48 22.71 -1.43
N LEU L 488 -36.95 21.49 -1.20
CA LEU L 488 -36.11 20.32 -1.12
C LEU L 488 -36.17 19.55 -2.43
N HIS L 489 -35.03 19.44 -3.11
CA HIS L 489 -34.97 18.77 -4.39
C HIS L 489 -34.52 17.32 -4.21
N ARG L 490 -34.92 16.49 -5.18
CA ARG L 490 -34.51 15.09 -5.22
C ARG L 490 -33.66 14.76 -6.43
N ILE L 491 -33.47 15.69 -7.35
CA ILE L 491 -32.82 15.46 -8.64
C ILE L 491 -31.48 16.17 -8.64
N ALA L 492 -30.41 15.43 -8.94
CA ALA L 492 -29.06 15.98 -8.86
C ALA L 492 -28.83 17.08 -9.90
N SER L 493 -29.51 17.02 -11.04
CA SER L 493 -29.27 17.95 -12.14
C SER L 493 -30.21 19.15 -12.14
N GLN L 494 -31.22 19.18 -11.26
CA GLN L 494 -32.30 20.15 -11.40
C GLN L 494 -31.84 21.57 -11.12
N VAL L 495 -31.07 21.79 -10.06
CA VAL L 495 -30.75 23.15 -9.66
C VAL L 495 -29.80 23.80 -10.65
N ALA L 496 -28.82 23.05 -11.16
CA ALA L 496 -27.95 23.60 -12.20
C ALA L 496 -28.73 23.97 -13.45
N ALA L 497 -29.68 23.11 -13.85
CA ALA L 497 -30.49 23.39 -15.03
C ALA L 497 -31.35 24.63 -14.83
N LEU L 498 -31.89 24.81 -13.63
CA LEU L 498 -32.66 26.02 -13.35
C LEU L 498 -31.78 27.26 -13.32
N ASP L 499 -30.55 27.13 -12.81
CA ASP L 499 -29.60 28.24 -12.83
C ASP L 499 -29.26 28.63 -14.27
N LEU L 500 -29.15 27.64 -15.15
CA LEU L 500 -28.75 27.89 -16.53
C LEU L 500 -29.91 28.39 -17.41
N GLY L 501 -31.14 28.38 -16.92
CA GLY L 501 -32.25 28.91 -17.67
C GLY L 501 -33.15 27.89 -18.34
N TYR L 502 -33.05 26.61 -17.99
CA TYR L 502 -33.91 25.60 -18.57
C TYR L 502 -35.36 25.81 -18.11
N LYS L 503 -36.30 25.30 -18.89
CA LYS L 503 -37.70 25.38 -18.52
C LYS L 503 -38.05 24.11 -17.74
N PRO L 504 -38.50 24.26 -16.49
CA PRO L 504 -38.86 23.08 -15.70
C PRO L 504 -40.10 22.39 -16.27
N GLY L 505 -40.02 21.07 -16.37
CA GLY L 505 -41.09 20.29 -16.95
C GLY L 505 -41.05 20.29 -18.47
N VAL L 506 -41.89 19.43 -19.05
CA VAL L 506 -41.91 19.25 -20.50
C VAL L 506 -43.19 19.84 -21.08
N GLU L 507 -43.75 20.83 -20.40
CA GLU L 507 -44.99 21.45 -20.88
C GLU L 507 -44.78 22.16 -22.22
N ALA L 508 -43.61 22.75 -22.42
CA ALA L 508 -43.33 23.42 -23.70
C ALA L 508 -43.33 22.44 -24.86
N ILE L 509 -42.78 21.24 -24.66
CA ILE L 509 -42.77 20.24 -25.72
C ILE L 509 -44.19 19.77 -26.03
N ARG L 510 -45.04 19.63 -25.02
CA ARG L 510 -46.43 19.26 -25.28
C ARG L 510 -47.22 20.38 -25.96
N LYS L 511 -46.90 21.64 -25.65
CA LYS L 511 -47.53 22.76 -26.34
C LYS L 511 -47.16 22.79 -27.83
N ASN L 512 -45.89 22.56 -28.15
CA ASN L 512 -45.42 22.60 -29.53
C ASN L 512 -44.50 21.41 -29.78
N PRO L 513 -45.06 20.29 -30.24
CA PRO L 513 -44.25 19.08 -30.44
C PRO L 513 -43.14 19.32 -31.44
N PRO L 514 -41.93 18.81 -31.17
CA PRO L 514 -40.81 19.04 -32.07
C PRO L 514 -40.62 17.95 -33.11
N LYS L 515 -39.93 18.32 -34.19
CA LYS L 515 -39.51 17.33 -35.19
C LYS L 515 -38.23 16.64 -34.76
N VAL L 516 -37.36 17.35 -34.05
CA VAL L 516 -36.10 16.81 -33.55
C VAL L 516 -36.10 16.93 -32.04
N LEU L 517 -35.84 15.83 -31.35
CA LEU L 517 -35.87 15.79 -29.89
C LEU L 517 -34.56 15.23 -29.37
N PHE L 518 -33.88 16.01 -28.54
CA PHE L 518 -32.64 15.59 -27.89
C PHE L 518 -32.96 15.08 -26.49
N LEU L 519 -32.61 13.84 -26.22
CA LEU L 519 -32.77 13.25 -24.89
C LEU L 519 -31.39 13.13 -24.26
N LEU L 520 -31.11 14.03 -23.30
CA LEU L 520 -29.81 14.05 -22.63
C LEU L 520 -29.96 13.33 -21.28
N GLY L 521 -29.78 12.01 -21.33
CA GLY L 521 -29.93 11.21 -20.13
C GLY L 521 -31.34 11.13 -19.59
N ALA L 522 -32.35 11.40 -20.41
CA ALA L 522 -33.74 11.48 -19.95
C ALA L 522 -34.33 10.08 -19.99
N ASP L 523 -34.64 9.53 -18.81
CA ASP L 523 -35.16 8.18 -18.69
C ASP L 523 -36.39 8.12 -17.79
N GLY L 524 -37.08 9.24 -17.64
CA GLY L 524 -38.28 9.29 -16.83
C GLY L 524 -39.56 8.91 -17.55
N GLY L 525 -39.50 8.69 -18.87
CA GLY L 525 -40.68 8.36 -19.62
C GLY L 525 -41.70 9.48 -19.72
N CYS L 526 -41.28 10.73 -19.49
CA CYS L 526 -42.21 11.85 -19.54
C CYS L 526 -42.78 12.04 -20.94
N ILE L 527 -41.96 11.90 -21.97
CA ILE L 527 -42.39 12.06 -23.36
C ILE L 527 -42.10 10.77 -24.11
N THR L 528 -43.13 10.19 -24.71
CA THR L 528 -42.99 9.00 -25.54
C THR L 528 -43.28 9.36 -26.99
N ARG L 529 -43.07 8.40 -27.89
CA ARG L 529 -43.35 8.64 -29.31
C ARG L 529 -44.83 8.80 -29.60
N GLN L 530 -45.70 8.44 -28.66
CA GLN L 530 -47.13 8.74 -28.83
C GLN L 530 -47.42 10.20 -28.60
N ASP L 531 -46.52 10.92 -27.95
CA ASP L 531 -46.65 12.34 -27.69
C ASP L 531 -46.02 13.20 -28.78
N LEU L 532 -45.49 12.59 -29.82
CA LEU L 532 -44.71 13.27 -30.84
C LEU L 532 -45.27 12.96 -32.22
N PRO L 533 -45.05 13.83 -33.20
CA PRO L 533 -45.46 13.52 -34.57
C PRO L 533 -44.69 12.31 -35.09
N LYS L 534 -45.33 11.57 -36.00
CA LYS L 534 -44.65 10.46 -36.64
C LYS L 534 -43.44 10.96 -37.41
N ASP L 535 -42.47 10.07 -37.61
CA ASP L 535 -41.15 10.34 -38.20
C ASP L 535 -40.32 11.33 -37.39
N CYS L 536 -40.66 11.54 -36.12
CA CYS L 536 -39.85 12.38 -35.25
C CYS L 536 -38.47 11.79 -35.07
N PHE L 537 -37.45 12.65 -35.13
CA PHE L 537 -36.05 12.25 -34.97
C PHE L 537 -35.68 12.40 -33.50
N ILE L 538 -35.34 11.29 -32.85
CA ILE L 538 -35.01 11.27 -31.43
C ILE L 538 -33.56 10.85 -31.26
N ILE L 539 -32.81 11.64 -30.49
CA ILE L 539 -31.41 11.39 -30.21
C ILE L 539 -31.27 11.18 -28.71
N TYR L 540 -30.72 10.03 -28.31
CA TYR L 540 -30.45 9.76 -26.91
C TYR L 540 -28.95 9.80 -26.67
N GLN L 541 -28.54 10.62 -25.72
CA GLN L 541 -27.17 10.67 -25.24
C GLN L 541 -27.17 10.31 -23.77
N GLY L 542 -26.37 9.33 -23.39
CA GLY L 542 -26.34 8.88 -22.02
C GLY L 542 -25.34 7.77 -21.85
N HIS L 543 -25.45 7.10 -20.70
CA HIS L 543 -24.52 6.04 -20.36
C HIS L 543 -25.17 4.69 -20.13
N HIS L 544 -26.49 4.65 -20.05
CA HIS L 544 -27.21 3.41 -19.82
C HIS L 544 -28.38 3.22 -20.76
N GLY L 545 -28.71 1.97 -21.05
CA GLY L 545 -29.85 1.69 -21.91
C GLY L 545 -31.02 1.47 -20.98
N ASP L 546 -31.85 2.50 -20.86
CA ASP L 546 -33.03 2.49 -20.01
C ASP L 546 -34.25 2.64 -20.90
N VAL L 547 -35.23 3.40 -20.43
CA VAL L 547 -36.43 3.68 -21.22
C VAL L 547 -36.15 4.53 -22.47
N GLY L 548 -35.26 5.51 -22.32
CA GLY L 548 -34.89 6.41 -23.40
C GLY L 548 -34.16 5.91 -24.62
N ALA L 549 -33.20 5.01 -24.44
CA ALA L 549 -32.38 4.48 -25.53
C ALA L 549 -33.07 3.71 -26.65
N PRO L 550 -34.05 2.85 -26.29
CA PRO L 550 -34.75 2.03 -27.29
C PRO L 550 -35.53 2.80 -28.35
N MET L 551 -36.18 3.90 -27.97
CA MET L 551 -37.00 4.69 -28.90
C MET L 551 -36.25 5.70 -29.77
N ALA L 552 -34.94 5.84 -29.58
CA ALA L 552 -34.15 6.82 -30.31
C ALA L 552 -33.74 6.28 -31.67
N ASP L 553 -33.60 7.20 -32.63
CA ASP L 553 -32.97 6.90 -33.90
C ASP L 553 -31.46 6.80 -33.82
N VAL L 554 -30.82 7.63 -33.01
CA VAL L 554 -29.37 7.68 -32.88
C VAL L 554 -29.02 7.66 -31.41
N ILE L 555 -28.01 6.87 -31.05
CA ILE L 555 -27.55 6.75 -29.67
C ILE L 555 -26.12 7.26 -29.60
N LEU L 556 -25.87 8.20 -28.70
CA LEU L 556 -24.54 8.76 -28.49
C LEU L 556 -24.06 8.39 -27.09
N PRO L 557 -23.11 7.46 -26.95
CA PRO L 557 -22.71 7.01 -25.60
C PRO L 557 -21.92 8.08 -24.86
N GLY L 558 -22.41 8.43 -23.67
CA GLY L 558 -21.79 9.43 -22.84
C GLY L 558 -21.12 8.85 -21.61
N ALA L 559 -20.62 9.74 -20.76
CA ALA L 559 -19.86 9.37 -19.58
C ALA L 559 -20.75 9.43 -18.34
N ALA L 560 -20.57 8.45 -17.45
CA ALA L 560 -21.24 8.47 -16.16
C ALA L 560 -20.52 9.42 -15.21
N TYR L 561 -21.11 9.62 -14.03
CA TYR L 561 -20.59 10.61 -13.10
C TYR L 561 -19.24 10.23 -12.53
N THR L 562 -18.89 8.94 -12.49
CA THR L 562 -17.57 8.52 -12.05
C THR L 562 -16.52 8.63 -13.15
N GLU L 563 -16.92 8.98 -14.37
CA GLU L 563 -16.03 8.94 -15.53
C GLU L 563 -15.78 10.32 -16.12
N LYS L 564 -16.02 11.39 -15.37
CA LYS L 564 -15.82 12.73 -15.87
C LYS L 564 -15.61 13.69 -14.70
N SER L 565 -15.04 14.85 -15.01
CA SER L 565 -14.95 15.96 -14.07
C SER L 565 -16.03 16.95 -14.47
N ALA L 566 -17.05 17.10 -13.62
CA ALA L 566 -18.24 17.84 -14.00
C ALA L 566 -18.90 18.44 -12.78
N THR L 567 -19.73 19.45 -13.01
CA THR L 567 -20.31 20.29 -11.96
C THR L 567 -21.75 19.91 -11.68
N TYR L 568 -22.07 19.73 -10.41
CA TYR L 568 -23.43 19.49 -9.94
C TYR L 568 -23.74 20.46 -8.81
N VAL L 569 -24.98 20.94 -8.78
CA VAL L 569 -25.44 21.85 -7.75
C VAL L 569 -26.51 21.11 -6.95
N ASN L 570 -26.37 21.10 -5.63
CA ASN L 570 -27.31 20.41 -4.76
C ASN L 570 -28.55 21.26 -4.43
N THR L 571 -29.39 20.75 -3.53
CA THR L 571 -30.63 21.43 -3.14
C THR L 571 -30.38 22.82 -2.53
N GLU L 572 -29.30 22.95 -1.76
CA GLU L 572 -28.86 24.19 -1.14
C GLU L 572 -28.46 25.28 -2.13
N GLY L 573 -28.03 24.90 -3.32
CA GLY L 573 -27.57 25.84 -4.32
C GLY L 573 -26.05 25.87 -4.39
N ARG L 574 -25.42 24.96 -3.67
CA ARG L 574 -23.98 24.83 -3.63
C ARG L 574 -23.48 24.01 -4.82
N ALA L 575 -22.53 24.58 -5.56
CA ALA L 575 -21.91 23.97 -6.71
C ALA L 575 -20.68 23.16 -6.27
N GLN L 576 -20.55 21.95 -6.80
CA GLN L 576 -19.43 21.08 -6.51
C GLN L 576 -19.03 20.39 -7.81
N GLN L 577 -17.84 19.81 -7.85
CA GLN L 577 -17.38 19.12 -9.04
C GLN L 577 -16.88 17.73 -8.72
N THR L 578 -17.16 16.80 -9.62
CA THR L 578 -16.63 15.45 -9.53
C THR L 578 -15.24 15.40 -10.18
N LYS L 579 -14.61 14.24 -10.07
CA LYS L 579 -13.31 14.00 -10.67
C LYS L 579 -13.36 12.67 -11.41
N VAL L 580 -12.45 12.52 -12.37
CA VAL L 580 -12.38 11.29 -13.16
C VAL L 580 -11.76 10.19 -12.31
N ALA L 581 -12.52 9.13 -12.07
CA ALA L 581 -11.99 7.94 -11.42
C ALA L 581 -11.52 6.91 -12.43
N VAL L 582 -12.38 6.62 -13.39
CA VAL L 582 -12.08 5.70 -14.49
C VAL L 582 -12.61 6.33 -15.77
N THR L 583 -11.93 6.08 -16.89
CA THR L 583 -12.37 6.62 -18.17
C THR L 583 -13.62 5.91 -18.68
N PRO L 584 -14.40 6.58 -19.54
CA PRO L 584 -15.63 6.00 -20.08
C PRO L 584 -15.33 4.74 -20.90
N PRO L 585 -16.19 3.71 -20.76
CA PRO L 585 -16.06 2.41 -21.44
C PRO L 585 -16.25 2.49 -22.96
N GLY L 586 -15.51 1.67 -23.69
CA GLY L 586 -15.62 1.62 -25.13
C GLY L 586 -15.38 2.95 -25.83
N LEU L 587 -16.30 3.32 -26.69
CA LEU L 587 -16.22 4.55 -27.46
C LEU L 587 -16.92 5.75 -26.78
N ALA L 588 -17.48 5.53 -25.60
CA ALA L 588 -18.18 6.62 -24.91
C ALA L 588 -17.26 7.79 -24.67
N ARG L 589 -17.82 8.99 -24.69
CA ARG L 589 -17.06 10.23 -24.63
C ARG L 589 -17.70 11.16 -23.61
N GLU L 590 -16.93 12.16 -23.19
CA GLU L 590 -17.45 13.20 -22.32
C GLU L 590 -18.58 13.95 -23.02
N ASP L 591 -19.62 14.26 -22.26
CA ASP L 591 -20.90 14.69 -22.84
C ASP L 591 -20.78 16.06 -23.51
N TRP L 592 -20.21 17.04 -22.81
CA TRP L 592 -20.03 18.35 -23.42
C TRP L 592 -19.15 18.28 -24.65
N LYS L 593 -18.19 17.34 -24.67
CA LYS L 593 -17.37 17.15 -25.86
C LYS L 593 -18.18 16.58 -27.00
N ILE L 594 -19.12 15.67 -26.71
CA ILE L 594 -20.01 15.16 -27.74
C ILE L 594 -20.80 16.32 -28.36
N ILE L 595 -21.33 17.20 -27.52
CA ILE L 595 -22.14 18.30 -28.04
C ILE L 595 -21.28 19.28 -28.83
N ARG L 596 -20.06 19.55 -28.37
CA ARG L 596 -19.18 20.47 -29.09
C ARG L 596 -18.76 19.90 -30.44
N ALA L 597 -18.45 18.60 -30.48
CA ALA L 597 -18.13 17.96 -31.76
C ALA L 597 -19.32 18.03 -32.71
N LEU L 598 -20.53 17.77 -32.18
CA LEU L 598 -21.73 17.87 -33.00
C LEU L 598 -21.91 19.28 -33.54
N SER L 599 -21.64 20.30 -32.72
CA SER L 599 -21.74 21.67 -33.19
C SER L 599 -20.74 21.97 -34.29
N GLU L 600 -19.52 21.40 -34.17
CA GLU L 600 -18.54 21.59 -35.24
C GLU L 600 -19.00 20.94 -36.54
N ILE L 601 -19.52 19.71 -36.48
CA ILE L 601 -19.95 19.03 -37.69
C ILE L 601 -21.17 19.73 -38.29
N ALA L 602 -22.00 20.34 -37.45
CA ALA L 602 -23.21 21.00 -37.91
C ALA L 602 -22.97 22.42 -38.42
N GLY L 603 -21.74 22.93 -38.32
CA GLY L 603 -21.39 24.23 -38.84
C GLY L 603 -21.48 25.37 -37.83
N MET L 604 -22.22 25.19 -36.75
CA MET L 604 -22.34 26.21 -35.71
C MET L 604 -21.44 25.88 -34.52
N THR L 605 -20.13 25.96 -34.76
CA THR L 605 -19.14 25.56 -33.77
C THR L 605 -19.25 26.40 -32.50
N LEU L 606 -19.25 25.73 -31.35
CA LEU L 606 -19.29 26.40 -30.06
C LEU L 606 -17.92 26.95 -29.70
N PRO L 607 -17.89 28.07 -28.96
CA PRO L 607 -16.61 28.78 -28.76
C PRO L 607 -15.66 28.14 -27.76
N TYR L 608 -15.97 26.99 -27.18
CA TYR L 608 -15.11 26.38 -26.18
C TYR L 608 -14.54 25.07 -26.69
N ASP L 609 -13.26 24.84 -26.36
CA ASP L 609 -12.54 23.64 -26.77
C ASP L 609 -12.09 22.78 -25.59
N THR L 610 -11.92 23.35 -24.41
CA THR L 610 -11.44 22.65 -23.24
C THR L 610 -12.43 22.80 -22.10
N LEU L 611 -12.22 22.02 -21.04
CA LEU L 611 -13.12 22.07 -19.89
C LEU L 611 -13.04 23.43 -19.19
N ASP L 612 -11.86 24.04 -19.14
CA ASP L 612 -11.74 25.36 -18.52
C ASP L 612 -12.57 26.40 -19.28
N GLN L 613 -12.59 26.32 -20.61
CA GLN L 613 -13.38 27.26 -21.39
C GLN L 613 -14.87 27.02 -21.26
N VAL L 614 -15.30 25.76 -21.14
CA VAL L 614 -16.71 25.50 -20.88
C VAL L 614 -17.11 26.01 -19.50
N ARG L 615 -16.22 25.91 -18.52
CA ARG L 615 -16.53 26.49 -17.21
C ARG L 615 -16.52 28.00 -17.23
N SER L 616 -15.69 28.61 -18.08
CA SER L 616 -15.77 30.06 -18.29
C SER L 616 -17.11 30.45 -18.90
N ARG L 617 -17.60 29.64 -19.84
CA ARG L 617 -18.94 29.87 -20.38
C ARG L 617 -20.01 29.75 -19.29
N LEU L 618 -19.87 28.74 -18.42
CA LEU L 618 -20.77 28.61 -17.28
C LEU L 618 -20.76 29.87 -16.42
N GLU L 619 -19.56 30.41 -16.18
CA GLU L 619 -19.45 31.67 -15.45
C GLU L 619 -20.16 32.81 -16.17
N GLU L 620 -20.09 32.83 -17.50
CA GLU L 620 -20.81 33.85 -18.26
C GLU L 620 -22.32 33.71 -18.11
N VAL L 621 -22.82 32.48 -17.99
CA VAL L 621 -24.27 32.28 -17.88
C VAL L 621 -24.75 32.47 -16.45
N SER L 622 -24.12 31.78 -15.51
CA SER L 622 -24.49 31.86 -14.09
C SER L 622 -23.23 31.73 -13.26
N PRO L 623 -22.71 32.85 -12.72
CA PRO L 623 -21.38 32.80 -12.07
C PRO L 623 -21.29 31.87 -10.88
N ASN L 624 -22.35 31.72 -10.08
CA ASN L 624 -22.32 30.86 -8.91
C ASN L 624 -21.89 29.42 -9.24
N LEU L 625 -21.90 29.03 -10.51
CA LEU L 625 -21.51 27.70 -10.93
C LEU L 625 -20.01 27.46 -10.89
N VAL L 626 -19.19 28.49 -10.69
CA VAL L 626 -17.75 28.26 -10.64
C VAL L 626 -17.24 28.46 -9.21
N ARG L 627 -18.14 28.81 -8.29
CA ARG L 627 -17.81 28.94 -6.87
C ARG L 627 -18.12 27.59 -6.22
N TYR L 628 -17.09 26.83 -5.90
CA TYR L 628 -17.23 25.39 -5.71
C TYR L 628 -17.50 24.96 -4.28
N ASP L 629 -17.62 25.89 -3.33
CA ASP L 629 -18.15 25.51 -2.03
C ASP L 629 -19.02 26.60 -1.43
N ASP L 630 -19.39 27.62 -2.21
CA ASP L 630 -20.19 28.72 -1.72
C ASP L 630 -21.65 28.31 -1.57
N VAL L 631 -22.27 28.75 -0.48
CA VAL L 631 -23.67 28.44 -0.22
C VAL L 631 -24.42 29.73 0.13
N GLU L 632 -23.71 30.85 0.09
CA GLU L 632 -24.31 32.14 0.38
C GLU L 632 -25.09 32.64 -0.83
N GLY L 633 -26.10 33.48 -0.56
CA GLY L 633 -26.92 34.01 -1.63
C GLY L 633 -27.81 35.11 -1.10
N ALA L 634 -28.34 35.90 -2.03
CA ALA L 634 -29.27 36.95 -1.68
C ALA L 634 -30.65 36.39 -1.40
N ASN L 635 -31.36 37.03 -0.48
CA ASN L 635 -32.72 36.64 -0.13
C ASN L 635 -33.70 37.53 -0.89
N TYR L 636 -34.41 36.94 -1.84
CA TYR L 636 -35.36 37.67 -2.67
C TYR L 636 -36.77 37.15 -2.46
N PHE L 637 -37.13 36.89 -1.19
CA PHE L 637 -38.43 36.30 -0.91
C PHE L 637 -39.57 37.28 -1.14
N GLN L 638 -39.37 38.56 -0.83
CA GLN L 638 -40.46 39.53 -0.94
C GLN L 638 -40.95 39.64 -2.38
N GLN L 639 -40.01 39.76 -3.32
CA GLN L 639 -40.38 39.88 -4.73
C GLN L 639 -41.06 38.62 -5.23
N ALA L 640 -40.53 37.45 -4.84
CA ALA L 640 -41.12 36.20 -5.29
C ALA L 640 -42.53 36.02 -4.74
N ASN L 641 -42.76 36.36 -3.48
CA ASN L 641 -44.09 36.27 -2.90
C ASN L 641 -45.05 37.24 -3.56
N GLU L 642 -44.60 38.47 -3.81
CA GLU L 642 -45.46 39.46 -4.45
C GLU L 642 -45.85 39.02 -5.86
N LEU L 643 -44.90 38.45 -6.61
CA LEU L 643 -45.21 37.93 -7.94
C LEU L 643 -46.08 36.70 -7.89
N SER L 644 -45.91 35.83 -6.89
CA SER L 644 -46.75 34.65 -6.75
C SER L 644 -48.19 35.01 -6.39
N LYS L 645 -48.40 36.17 -5.76
CA LYS L 645 -49.77 36.59 -5.46
C LYS L 645 -50.57 36.97 -6.70
N LEU L 646 -49.94 37.06 -7.88
CA LEU L 646 -50.64 37.54 -9.07
C LEU L 646 -51.80 36.64 -9.48
N VAL L 647 -51.54 35.34 -9.63
CA VAL L 647 -52.53 34.40 -10.15
C VAL L 647 -53.03 33.54 -8.99
N ASN L 648 -54.24 33.02 -9.13
CA ASN L 648 -54.91 32.34 -8.03
C ASN L 648 -55.36 30.93 -8.43
N GLN L 649 -54.46 30.14 -9.00
CA GLN L 649 -54.77 28.77 -9.36
C GLN L 649 -55.26 27.99 -8.16
N GLN L 650 -56.24 27.12 -8.38
CA GLN L 650 -56.94 26.40 -7.32
C GLN L 650 -56.21 25.13 -6.93
N LEU L 651 -56.34 24.76 -5.66
CA LEU L 651 -55.85 23.48 -5.18
C LEU L 651 -56.81 22.36 -5.58
N LEU L 652 -56.30 21.13 -5.52
CA LEU L 652 -57.08 19.94 -5.81
C LEU L 652 -57.47 19.24 -4.52
N ALA L 653 -58.51 18.41 -4.60
CA ALA L 653 -58.91 17.60 -3.46
C ALA L 653 -58.24 16.24 -3.51
N ASP L 654 -56.92 16.24 -3.67
CA ASP L 654 -56.13 15.03 -3.75
C ASP L 654 -55.11 15.02 -2.62
N PRO L 655 -55.12 14.00 -1.77
CA PRO L 655 -54.16 13.97 -0.65
C PRO L 655 -52.73 13.95 -1.14
N LEU L 656 -51.86 14.65 -0.41
CA LEU L 656 -50.45 14.67 -0.75
C LEU L 656 -49.82 13.31 -0.49
N VAL L 657 -49.51 12.58 -1.57
CA VAL L 657 -48.99 11.23 -1.47
C VAL L 657 -47.61 11.21 -2.13
N PRO L 658 -46.53 11.07 -1.36
CA PRO L 658 -45.19 11.10 -1.96
C PRO L 658 -44.95 9.86 -2.80
N PRO L 659 -44.11 9.96 -3.84
CA PRO L 659 -43.81 8.77 -4.65
C PRO L 659 -43.15 7.65 -3.86
N GLN L 660 -42.37 7.99 -2.83
CA GLN L 660 -41.70 6.99 -2.01
C GLN L 660 -42.52 6.77 -0.74
N LEU L 661 -43.22 5.64 -0.67
CA LEU L 661 -44.07 5.32 0.47
C LEU L 661 -43.38 4.39 1.45
N THR L 662 -42.60 3.43 0.98
CA THR L 662 -41.90 2.50 1.85
C THR L 662 -40.48 2.32 1.33
N ILE L 663 -39.73 1.45 2.01
CA ILE L 663 -38.32 1.26 1.70
C ILE L 663 -38.15 0.65 0.30
N LYS L 664 -39.10 -0.18 -0.12
CA LYS L 664 -38.97 -0.86 -1.41
C LYS L 664 -38.97 0.13 -2.58
N ASP L 665 -39.60 1.30 -2.39
CA ASP L 665 -39.61 2.32 -3.43
C ASP L 665 -38.33 3.14 -3.47
N PHE L 666 -37.44 2.97 -2.48
CA PHE L 666 -36.28 3.84 -2.37
C PHE L 666 -35.10 3.36 -3.22
N TYR L 667 -34.99 2.06 -3.48
CA TYR L 667 -33.74 1.52 -4.00
C TYR L 667 -33.53 1.84 -5.47
N MET L 668 -34.61 1.85 -6.27
CA MET L 668 -34.50 2.07 -7.71
C MET L 668 -35.27 3.34 -8.10
N THR L 669 -34.52 4.41 -8.38
CA THR L 669 -35.11 5.67 -8.80
C THR L 669 -34.38 6.32 -9.97
N ASP L 670 -33.40 5.65 -10.57
CA ASP L 670 -32.67 6.20 -11.70
C ASP L 670 -32.11 5.05 -12.52
N SER L 671 -31.49 5.39 -13.65
CA SER L 671 -31.02 4.36 -14.58
C SER L 671 -29.87 3.55 -14.00
N ILE L 672 -29.03 4.17 -13.17
CA ILE L 672 -27.93 3.42 -12.56
C ILE L 672 -28.44 2.44 -11.52
N SER L 673 -29.36 2.88 -10.64
CA SER L 673 -29.87 1.99 -9.61
C SER L 673 -30.82 0.93 -10.16
N ARG L 674 -31.50 1.22 -11.27
CA ARG L 674 -32.32 0.20 -11.93
C ARG L 674 -31.47 -0.90 -12.54
N ALA L 675 -30.23 -0.57 -12.95
CA ALA L 675 -29.31 -1.55 -13.49
C ALA L 675 -28.50 -2.26 -12.42
N SER L 676 -28.64 -1.88 -11.16
CA SER L 676 -27.84 -2.46 -10.09
C SER L 676 -28.45 -3.77 -9.59
N GLN L 677 -27.62 -4.82 -9.57
CA GLN L 677 -28.06 -6.10 -9.02
C GLN L 677 -28.13 -6.08 -7.51
N THR L 678 -27.29 -5.27 -6.85
CA THR L 678 -27.39 -5.10 -5.40
C THR L 678 -28.72 -4.47 -5.00
N MET L 679 -29.17 -3.44 -5.74
CA MET L 679 -30.46 -2.84 -5.46
C MET L 679 -31.60 -3.82 -5.71
N ALA L 680 -31.46 -4.69 -6.73
CA ALA L 680 -32.46 -5.73 -6.94
C ALA L 680 -32.51 -6.69 -5.76
N LYS L 681 -31.35 -7.08 -5.22
CA LYS L 681 -31.33 -7.92 -4.03
C LYS L 681 -31.98 -7.23 -2.85
N CYS L 682 -31.72 -5.93 -2.69
CA CYS L 682 -32.32 -5.19 -1.58
C CYS L 682 -33.84 -5.13 -1.71
N VAL L 683 -34.34 -4.87 -2.92
CA VAL L 683 -35.78 -4.85 -3.15
C VAL L 683 -36.39 -6.23 -2.85
N LYS L 684 -35.74 -7.29 -3.33
CA LYS L 684 -36.23 -8.64 -3.05
C LYS L 684 -36.25 -8.93 -1.56
N ALA L 685 -35.23 -8.48 -0.84
CA ALA L 685 -35.15 -8.73 0.59
C ALA L 685 -36.22 -7.98 1.36
N VAL L 686 -36.49 -6.71 1.02
CA VAL L 686 -37.47 -5.97 1.78
C VAL L 686 -38.90 -6.35 1.38
N THR L 687 -39.11 -6.84 0.17
CA THR L 687 -40.45 -7.29 -0.21
C THR L 687 -40.86 -8.60 0.43
N GLU L 688 -39.97 -9.59 0.46
CA GLU L 688 -40.22 -10.84 1.16
C GLU L 688 -39.07 -11.09 2.14
N GLY L 689 -39.39 -11.25 3.41
CA GLY L 689 -38.36 -11.37 4.42
C GLY L 689 -37.57 -12.65 4.37
N ILE L 690 -38.22 -13.76 4.74
CA ILE L 690 -37.61 -15.09 4.79
C ILE L 690 -36.24 -15.08 5.48
N GLU M 1 51.22 -51.35 -12.09
CA GLU M 1 49.80 -51.25 -11.82
C GLU M 1 49.01 -50.90 -13.08
N LEU M 2 49.72 -50.82 -14.20
CA LEU M 2 49.07 -50.61 -15.49
C LEU M 2 48.15 -51.77 -15.84
N VAL M 3 48.55 -52.99 -15.47
CA VAL M 3 47.70 -54.16 -15.72
C VAL M 3 46.41 -54.06 -14.91
N GLN M 4 46.47 -53.50 -13.70
CA GLN M 4 45.26 -53.32 -12.90
C GLN M 4 44.27 -52.40 -13.60
N VAL M 5 44.74 -51.27 -14.12
CA VAL M 5 43.83 -50.34 -14.77
C VAL M 5 43.32 -50.92 -16.08
N LEU M 6 44.15 -51.67 -16.80
CA LEU M 6 43.67 -52.32 -18.02
C LEU M 6 42.57 -53.33 -17.71
N ARG M 7 42.75 -54.12 -16.64
CA ARG M 7 41.72 -55.08 -16.26
C ARG M 7 40.46 -54.38 -15.77
N ARG M 8 40.59 -53.23 -15.11
CA ARG M 8 39.41 -52.47 -14.73
C ARG M 8 38.66 -51.95 -15.96
N GLY M 9 39.40 -51.51 -16.98
CA GLY M 9 38.74 -51.10 -18.21
C GLY M 9 38.02 -52.24 -18.89
N LEU M 10 38.66 -53.41 -18.96
CA LEU M 10 37.99 -54.58 -19.53
C LEU M 10 36.77 -54.99 -18.70
N GLN M 11 36.86 -54.85 -17.38
CA GLN M 11 35.73 -55.13 -16.51
C GLN M 11 34.59 -54.16 -16.76
N GLN M 12 34.89 -52.90 -17.00
CA GLN M 12 33.86 -51.93 -17.38
C GLN M 12 33.23 -52.30 -18.72
N VAL M 13 34.04 -52.78 -19.66
CA VAL M 13 33.49 -53.24 -20.95
C VAL M 13 32.52 -54.40 -20.72
N SER M 14 32.91 -55.35 -19.89
CA SER M 14 32.07 -56.52 -19.63
C SER M 14 30.82 -56.19 -18.82
N GLY M 15 30.89 -55.22 -17.92
CA GLY M 15 29.78 -54.90 -17.05
C GLY M 15 28.69 -54.05 -17.64
N HIS M 16 28.84 -53.63 -18.89
CA HIS M 16 27.80 -52.87 -19.59
C HIS M 16 27.04 -53.73 -20.59
N GLY M 17 27.09 -55.05 -20.44
CA GLY M 17 26.38 -55.93 -21.35
C GLY M 17 27.14 -56.26 -22.61
N GLY M 18 28.46 -56.31 -22.56
CA GLY M 18 29.27 -56.60 -23.72
C GLY M 18 29.67 -55.34 -24.46
N LEU M 19 30.25 -55.55 -25.65
CA LEU M 19 30.74 -54.42 -26.43
C LEU M 19 29.59 -53.55 -26.92
N ARG M 20 28.46 -54.15 -27.29
CA ARG M 20 27.34 -53.36 -27.81
C ARG M 20 26.77 -52.42 -26.76
N GLY M 21 26.54 -52.92 -25.55
CA GLY M 21 26.08 -52.05 -24.48
C GLY M 21 27.12 -51.02 -24.07
N TYR M 22 28.40 -51.42 -24.08
CA TYR M 22 29.48 -50.49 -23.78
C TYR M 22 29.48 -49.32 -24.77
N LEU M 23 29.39 -49.62 -26.07
CA LEU M 23 29.36 -48.57 -27.07
C LEU M 23 28.08 -47.75 -27.01
N ARG M 24 26.96 -48.40 -26.67
CA ARG M 24 25.71 -47.66 -26.50
C ARG M 24 25.84 -46.61 -25.41
N VAL M 25 26.34 -47.01 -24.24
CA VAL M 25 26.47 -46.04 -23.16
C VAL M 25 27.55 -45.00 -23.48
N LEU M 26 28.63 -45.40 -24.17
CA LEU M 26 29.67 -44.45 -24.53
C LEU M 26 29.14 -43.38 -25.48
N PHE M 27 28.32 -43.76 -26.44
CA PHE M 27 27.80 -42.80 -27.41
C PHE M 27 26.56 -42.07 -26.92
N ARG M 28 25.87 -42.58 -25.89
CA ARG M 28 24.68 -41.91 -25.39
C ARG M 28 24.98 -40.99 -24.20
N ALA M 29 26.05 -41.25 -23.45
CA ALA M 29 26.34 -40.48 -22.25
C ALA M 29 27.80 -40.10 -22.08
N ASN M 30 28.67 -40.43 -23.06
CA ASN M 30 30.10 -40.09 -23.00
C ASN M 30 30.76 -40.63 -21.74
N ASP M 31 30.12 -41.60 -21.08
CA ASP M 31 30.61 -42.14 -19.82
C ASP M 31 30.36 -43.63 -19.81
N VAL M 32 31.33 -44.40 -19.31
CA VAL M 32 31.27 -45.85 -19.32
C VAL M 32 31.45 -46.43 -17.92
N ARG M 33 31.28 -45.61 -16.88
CA ARG M 33 31.38 -46.11 -15.52
C ARG M 33 30.26 -47.11 -15.22
N VAL M 34 30.57 -48.07 -14.36
CA VAL M 34 29.60 -49.06 -13.89
C VAL M 34 29.34 -48.81 -12.42
N GLY M 35 28.07 -48.59 -12.08
CA GLY M 35 27.68 -48.32 -10.71
C GLY M 35 26.55 -49.22 -10.26
N THR M 36 26.24 -49.13 -8.98
CA THR M 36 25.19 -49.94 -8.39
C THR M 36 23.82 -49.37 -8.77
N LEU M 37 22.96 -50.21 -9.33
CA LEU M 37 21.63 -49.77 -9.69
C LEU M 37 20.80 -49.50 -8.45
N VAL M 38 20.28 -48.28 -8.34
CA VAL M 38 19.46 -47.88 -7.22
C VAL M 38 17.98 -48.10 -7.48
N GLY M 39 17.54 -47.82 -8.70
CA GLY M 39 16.14 -47.99 -9.05
C GLY M 39 15.91 -47.64 -10.50
N GLU M 40 14.68 -47.88 -10.93
CA GLU M 40 14.30 -47.59 -12.31
C GLU M 40 12.96 -46.87 -12.31
N ASP M 41 12.82 -45.91 -13.22
CA ASP M 41 11.60 -45.14 -13.37
C ASP M 41 10.51 -45.98 -14.02
N LYS M 42 9.27 -45.52 -13.89
CA LYS M 42 8.19 -46.03 -14.72
C LYS M 42 8.32 -45.60 -16.17
N TYR M 43 9.14 -44.60 -16.45
CA TYR M 43 9.39 -44.14 -17.81
C TYR M 43 10.60 -44.80 -18.45
N GLY M 44 11.41 -45.52 -17.68
CA GLY M 44 12.56 -46.22 -18.20
C GLY M 44 13.91 -45.68 -17.74
N ASN M 45 13.96 -44.56 -17.04
CA ASN M 45 15.22 -44.03 -16.55
C ASN M 45 15.78 -44.90 -15.44
N LYS M 46 17.07 -45.22 -15.52
CA LYS M 46 17.75 -46.01 -14.50
C LYS M 46 18.67 -45.11 -13.69
N TYR M 47 18.84 -45.43 -12.41
CA TYR M 47 19.60 -44.59 -11.49
C TYR M 47 20.71 -45.40 -10.85
N TYR M 48 21.93 -44.84 -10.86
CA TYR M 48 23.11 -45.54 -10.37
C TYR M 48 23.84 -44.68 -9.34
N GLU M 49 24.48 -45.36 -8.40
CA GLU M 49 25.21 -44.74 -7.31
C GLU M 49 26.60 -45.36 -7.22
N ASP M 50 27.60 -44.54 -6.91
CA ASP M 50 28.95 -45.04 -6.61
C ASP M 50 29.58 -44.04 -5.65
N ASN M 51 29.53 -44.35 -4.36
CA ASN M 51 30.01 -43.42 -3.34
C ASN M 51 31.54 -43.27 -3.34
N LYS M 52 32.26 -44.11 -4.06
CA LYS M 52 33.70 -43.96 -4.19
C LYS M 52 34.10 -42.84 -5.14
N GLN M 53 33.18 -42.34 -5.96
CA GLN M 53 33.41 -41.14 -6.74
C GLN M 53 33.21 -39.90 -5.87
N PHE M 54 33.80 -38.79 -6.30
CA PHE M 54 33.67 -37.57 -5.52
C PHE M 54 32.28 -36.96 -5.69
N PHE M 55 31.92 -36.10 -4.74
CA PHE M 55 30.60 -35.52 -4.66
C PHE M 55 30.23 -34.81 -5.96
N GLY M 56 29.14 -35.26 -6.59
CA GLY M 56 28.70 -34.76 -7.89
C GLY M 56 28.76 -35.83 -8.98
N ARG M 57 29.66 -36.79 -8.82
CA ARG M 57 29.73 -37.94 -9.73
C ARG M 57 29.25 -39.22 -9.08
N HIS M 58 28.82 -39.18 -7.82
CA HIS M 58 28.43 -40.36 -7.08
C HIS M 58 27.00 -40.81 -7.37
N ARG M 59 26.22 -40.00 -8.08
CA ARG M 59 24.86 -40.37 -8.48
C ARG M 59 24.66 -39.95 -9.92
N TRP M 60 24.00 -40.80 -10.70
CA TRP M 60 23.71 -40.42 -12.08
C TRP M 60 22.52 -41.19 -12.62
N VAL M 61 22.00 -40.71 -13.74
CA VAL M 61 20.83 -41.28 -14.38
C VAL M 61 21.20 -41.66 -15.81
N ILE M 62 20.73 -42.83 -16.24
CA ILE M 62 20.73 -43.22 -17.64
C ILE M 62 19.31 -43.03 -18.13
N TYR M 63 19.12 -42.11 -19.07
CA TYR M 63 17.78 -41.74 -19.52
C TYR M 63 17.18 -42.81 -20.41
N THR M 64 15.85 -42.90 -20.38
CA THR M 64 15.13 -43.83 -21.22
C THR M 64 15.23 -43.43 -22.69
N THR M 65 15.11 -44.41 -23.57
CA THR M 65 15.16 -44.17 -25.00
C THR M 65 13.82 -43.76 -25.60
N GLU M 66 12.77 -43.69 -24.79
CA GLU M 66 11.44 -43.30 -25.28
C GLU M 66 10.61 -42.80 -24.12
N MET M 67 10.32 -41.50 -24.11
CA MET M 67 9.40 -40.89 -23.16
C MET M 67 8.08 -40.59 -23.87
N ASN M 68 7.24 -39.79 -23.22
CA ASN M 68 5.79 -39.73 -23.44
C ASN M 68 5.36 -39.93 -24.89
N GLY M 69 5.96 -39.20 -25.83
CA GLY M 69 5.67 -39.47 -27.22
C GLY M 69 6.87 -39.50 -28.14
N ARG M 70 8.03 -39.07 -27.65
CA ARG M 70 9.17 -38.79 -28.51
C ARG M 70 10.29 -39.79 -28.30
N ASP M 71 11.16 -39.89 -29.31
CA ASP M 71 12.33 -40.76 -29.26
C ASP M 71 13.47 -40.02 -28.59
N THR M 72 13.91 -40.51 -27.44
CA THR M 72 14.94 -39.86 -26.65
C THR M 72 16.24 -40.65 -26.65
N PHE M 73 16.51 -41.38 -27.73
CA PHE M 73 17.78 -42.11 -27.83
C PHE M 73 18.96 -41.14 -27.85
N TRP M 74 18.84 -40.05 -28.62
CA TRP M 74 19.85 -39.02 -28.67
C TRP M 74 19.44 -37.73 -27.97
N ASP M 75 18.15 -37.39 -28.00
CA ASP M 75 17.66 -36.13 -27.45
C ASP M 75 17.17 -36.37 -26.03
N VAL M 76 18.01 -36.06 -25.05
CA VAL M 76 17.65 -36.14 -23.65
C VAL M 76 17.84 -34.77 -23.01
N ASP M 77 17.17 -34.56 -21.89
CA ASP M 77 17.36 -33.33 -21.12
C ASP M 77 16.94 -33.60 -19.67
N GLY M 78 17.39 -32.70 -18.78
CA GLY M 78 17.17 -32.88 -17.36
C GLY M 78 15.73 -32.82 -16.93
N SER M 79 14.86 -32.25 -17.74
CA SER M 79 13.43 -32.17 -17.42
C SER M 79 12.73 -33.51 -17.49
N MET M 80 13.39 -34.54 -18.01
CA MET M 80 12.79 -35.88 -18.08
C MET M 80 12.75 -36.58 -16.73
N VAL M 81 13.56 -36.17 -15.77
CA VAL M 81 13.59 -36.79 -14.44
C VAL M 81 12.30 -36.45 -13.70
N PRO M 82 11.58 -37.44 -13.19
CA PRO M 82 10.38 -37.16 -12.39
C PRO M 82 10.77 -36.62 -11.02
N PRO M 83 9.84 -35.95 -10.33
CA PRO M 83 10.21 -35.18 -9.12
C PRO M 83 10.90 -35.99 -8.02
N GLU M 84 10.47 -37.23 -7.77
CA GLU M 84 11.07 -38.00 -6.69
C GLU M 84 12.55 -38.29 -6.97
N TRP M 85 12.86 -38.76 -8.16
CA TRP M 85 14.25 -38.94 -8.53
C TRP M 85 14.95 -37.62 -8.77
N HIS M 86 14.20 -36.54 -9.01
CA HIS M 86 14.81 -35.22 -9.04
C HIS M 86 15.36 -34.84 -7.68
N ARG M 87 14.59 -35.12 -6.62
CA ARG M 87 15.07 -34.87 -5.26
C ARG M 87 16.27 -35.75 -4.93
N TRP M 88 16.22 -37.03 -5.30
CA TRP M 88 17.37 -37.90 -5.00
C TRP M 88 18.60 -37.50 -5.81
N LEU M 89 18.42 -37.11 -7.08
CA LEU M 89 19.54 -36.92 -7.99
C LEU M 89 20.30 -35.62 -7.70
N HIS M 90 19.61 -34.60 -7.20
CA HIS M 90 20.25 -33.33 -6.86
C HIS M 90 20.73 -33.29 -5.42
N CYS M 91 20.68 -34.41 -4.71
CA CYS M 91 21.18 -34.54 -3.34
C CYS M 91 20.47 -33.60 -2.37
N MET M 92 19.17 -33.33 -2.61
CA MET M 92 18.37 -32.68 -1.58
C MET M 92 17.98 -33.66 -0.47
N THR M 93 18.21 -34.95 -0.69
CA THR M 93 17.95 -35.98 0.29
C THR M 93 18.92 -37.14 0.04
N ASP M 94 19.06 -38.00 1.05
CA ASP M 94 19.90 -39.18 0.92
C ASP M 94 19.11 -40.45 0.67
N ASP M 95 17.78 -40.37 0.61
CA ASP M 95 16.93 -41.55 0.49
C ASP M 95 16.30 -41.59 -0.89
N PRO M 96 16.50 -42.66 -1.66
CA PRO M 96 15.80 -42.79 -2.95
C PRO M 96 14.32 -42.98 -2.74
N PRO M 97 13.49 -42.70 -3.74
CA PRO M 97 12.05 -42.95 -3.61
C PRO M 97 11.69 -44.42 -3.52
N THR M 98 12.67 -45.32 -3.53
CA THR M 98 12.41 -46.75 -3.35
C THR M 98 12.33 -47.11 -1.87
N THR M 99 13.21 -46.52 -1.04
CA THR M 99 13.15 -46.78 0.38
C THR M 99 12.30 -45.75 1.13
N LYS M 100 12.13 -44.56 0.55
CA LYS M 100 11.32 -43.50 1.15
C LYS M 100 10.39 -42.96 0.05
N PRO M 101 9.30 -43.67 -0.23
CA PRO M 101 8.39 -43.25 -1.31
C PRO M 101 7.70 -41.96 -0.96
N PRO M 102 7.39 -41.12 -1.96
CA PRO M 102 6.70 -39.86 -1.69
C PRO M 102 5.27 -40.09 -1.23
N THR M 103 4.74 -39.11 -0.52
CA THR M 103 3.37 -39.16 -0.03
C THR M 103 2.41 -39.13 -1.21
N ALA M 104 1.39 -40.00 -1.17
CA ALA M 104 0.43 -40.08 -2.25
C ALA M 104 -0.67 -39.03 -2.06
N ARG M 105 -1.01 -38.36 -3.16
CA ARG M 105 -2.14 -37.43 -3.20
C ARG M 105 -2.91 -37.67 -4.49
N LYS M 106 -4.22 -37.45 -4.43
CA LYS M 106 -5.07 -37.74 -5.59
C LYS M 106 -4.93 -36.68 -6.67
N TYR M 107 -4.44 -35.49 -6.34
CA TYR M 107 -4.26 -34.43 -7.32
C TYR M 107 -2.86 -34.42 -7.94
N ILE M 108 -1.95 -35.27 -7.45
CA ILE M 108 -0.60 -35.31 -8.02
C ILE M 108 -0.65 -36.01 -9.38
N TRP M 109 0.08 -35.45 -10.35
CA TRP M 109 0.15 -36.05 -11.67
C TRP M 109 0.68 -37.47 -11.57
N THR M 110 -0.01 -38.40 -12.22
CA THR M 110 0.49 -39.76 -12.33
C THR M 110 1.50 -39.91 -13.46
N ASN M 111 1.58 -38.92 -14.34
CA ASN M 111 2.47 -38.98 -15.51
C ASN M 111 3.27 -37.70 -15.58
N HIS M 112 4.57 -37.79 -15.33
CA HIS M 112 5.46 -36.64 -15.41
C HIS M 112 5.66 -36.23 -16.87
N LYS M 113 5.58 -34.92 -17.11
CA LYS M 113 5.82 -34.35 -18.42
C LYS M 113 7.09 -33.50 -18.39
N PHE M 114 7.86 -33.56 -19.46
CA PHE M 114 9.09 -32.80 -19.56
C PHE M 114 8.79 -31.41 -20.12
N ASN M 115 9.84 -30.66 -20.44
CA ASN M 115 9.72 -29.32 -20.98
C ASN M 115 9.13 -29.39 -22.39
N VAL M 116 7.90 -28.91 -22.54
CA VAL M 116 7.17 -29.04 -23.80
C VAL M 116 7.24 -27.75 -24.62
N SER M 117 8.18 -26.87 -24.33
CA SER M 117 8.33 -25.64 -25.11
C SER M 117 8.73 -25.99 -26.54
N GLY M 118 8.21 -25.22 -27.49
CA GLY M 118 8.46 -25.50 -28.89
C GLY M 118 7.59 -26.59 -29.49
N THR M 119 6.59 -27.07 -28.76
CA THR M 119 5.71 -28.14 -29.22
C THR M 119 4.28 -27.64 -29.17
N PRO M 120 3.33 -28.30 -29.86
CA PRO M 120 1.92 -27.88 -29.75
C PRO M 120 1.34 -27.98 -28.34
N GLN M 121 2.04 -28.60 -27.40
CA GLN M 121 1.60 -28.68 -26.01
C GLN M 121 2.10 -27.52 -25.17
N GLN M 122 2.84 -26.59 -25.77
CA GLN M 122 3.42 -25.48 -25.03
C GLN M 122 2.32 -24.64 -24.37
N TYR M 123 2.69 -23.99 -23.26
CA TYR M 123 1.77 -23.15 -22.52
C TYR M 123 1.57 -21.82 -23.25
N VAL M 124 0.32 -21.39 -23.34
CA VAL M 124 -0.05 -20.11 -23.95
C VAL M 124 -0.78 -19.29 -22.89
N PRO M 125 -0.25 -18.15 -22.48
CA PRO M 125 -0.93 -17.35 -21.46
C PRO M 125 -2.24 -16.76 -21.97
N TYR M 126 -3.16 -16.53 -21.04
CA TYR M 126 -4.42 -15.89 -21.33
C TYR M 126 -5.03 -15.38 -20.03
N SER M 127 -5.84 -14.32 -20.13
CA SER M 127 -6.51 -13.77 -18.97
C SER M 127 -7.58 -14.72 -18.47
N THR M 128 -7.59 -15.00 -17.16
CA THR M 128 -8.47 -15.99 -16.57
C THR M 128 -9.68 -15.37 -15.88
N THR M 129 -9.93 -14.08 -16.08
CA THR M 129 -11.05 -13.41 -15.43
C THR M 129 -12.19 -13.17 -16.41
N ARG M 130 -13.38 -12.94 -15.85
CA ARG M 130 -14.57 -12.75 -16.66
C ARG M 130 -14.66 -11.32 -17.18
N LYS M 131 -15.55 -11.11 -18.13
CA LYS M 131 -15.76 -9.80 -18.73
C LYS M 131 -16.37 -8.85 -17.71
N LYS M 132 -15.83 -7.62 -17.65
CA LYS M 132 -16.12 -6.73 -16.53
C LYS M 132 -17.32 -5.82 -16.82
N ILE M 133 -17.38 -5.25 -18.02
CA ILE M 133 -18.44 -4.31 -18.39
C ILE M 133 -19.38 -5.01 -19.34
N GLN M 134 -20.68 -4.95 -19.04
CA GLN M 134 -21.71 -5.57 -19.86
C GLN M 134 -22.43 -4.51 -20.68
N GLU M 135 -22.49 -4.74 -21.99
CA GLU M 135 -23.12 -3.80 -22.91
C GLU M 135 -24.62 -4.03 -22.98
N TRP M 136 -25.34 -2.94 -23.21
CA TRP M 136 -26.78 -2.99 -23.40
C TRP M 136 -27.11 -3.67 -24.72
N VAL M 137 -28.12 -4.53 -24.70
CA VAL M 137 -28.58 -5.23 -25.90
C VAL M 137 -29.83 -4.52 -26.41
N PRO M 138 -29.80 -3.95 -27.61
CA PRO M 138 -30.98 -3.24 -28.11
C PRO M 138 -32.12 -4.19 -28.36
N PRO M 139 -33.37 -3.72 -28.25
CA PRO M 139 -34.51 -4.60 -28.54
C PRO M 139 -34.51 -5.06 -29.99
N SER M 140 -34.96 -6.29 -30.20
CA SER M 140 -34.91 -6.94 -31.50
C SER M 140 -36.12 -6.62 -32.38
N THR M 141 -37.07 -5.83 -31.89
CA THR M 141 -38.25 -5.51 -32.67
C THR M 141 -38.21 -4.06 -33.14
N PRO M 142 -38.73 -3.78 -34.34
CA PRO M 142 -38.84 -2.38 -34.78
C PRO M 142 -39.73 -1.58 -33.83
N TYR M 143 -39.36 -0.31 -33.66
CA TYR M 143 -39.98 0.56 -32.68
C TYR M 143 -41.15 1.37 -33.23
N LYS M 144 -41.41 1.33 -34.53
CA LYS M 144 -42.57 2.01 -35.10
C LYS M 144 -43.43 1.03 -35.87
N GLY N 1 -19.15 -23.61 34.69
CA GLY N 1 -18.98 -24.07 33.33
C GLY N 1 -19.63 -23.16 32.30
N ALA N 2 -19.27 -23.35 31.03
CA ALA N 2 -19.86 -22.55 29.96
C ALA N 2 -21.36 -22.80 29.90
N GLY N 3 -22.12 -21.71 29.78
CA GLY N 3 -23.57 -21.83 29.74
C GLY N 3 -24.03 -22.54 28.48
N GLY N 4 -24.77 -23.63 28.65
CA GLY N 4 -25.24 -24.38 27.49
C GLY N 4 -26.38 -23.68 26.78
N ALA N 5 -27.00 -22.70 27.44
CA ALA N 5 -28.11 -21.98 26.84
C ALA N 5 -27.64 -21.09 25.70
N LEU N 6 -28.56 -20.80 24.79
CA LEU N 6 -28.28 -19.93 23.66
C LEU N 6 -28.95 -18.57 23.86
N PHE N 7 -28.36 -17.54 23.25
CA PHE N 7 -28.89 -16.18 23.34
C PHE N 7 -29.35 -15.66 21.98
N VAL N 8 -29.71 -16.57 21.08
CA VAL N 8 -30.39 -16.24 19.83
C VAL N 8 -31.66 -17.06 19.76
N HIS N 9 -32.76 -16.42 19.40
CA HIS N 9 -34.05 -17.09 19.31
C HIS N 9 -34.30 -17.54 17.88
N ARG N 10 -34.70 -18.80 17.72
CA ARG N 10 -35.16 -19.34 16.46
C ARG N 10 -36.61 -19.78 16.63
N ASP N 11 -37.46 -19.40 15.68
CA ASP N 11 -38.89 -19.64 15.83
C ASP N 11 -39.19 -21.13 15.77
N THR N 12 -40.09 -21.56 16.65
CA THR N 12 -40.47 -22.95 16.81
C THR N 12 -41.98 -23.01 16.95
N PRO N 13 -42.62 -24.10 16.52
CA PRO N 13 -44.06 -24.21 16.75
C PRO N 13 -44.46 -24.04 18.22
N GLU N 14 -43.60 -24.47 19.14
CA GLU N 14 -43.90 -24.26 20.56
C GLU N 14 -43.62 -22.83 21.00
N ASN N 15 -42.80 -22.09 20.24
CA ASN N 15 -42.36 -20.76 20.64
C ASN N 15 -42.14 -19.91 19.40
N ASN N 16 -43.11 -19.05 19.09
CA ASN N 16 -43.04 -18.18 17.93
C ASN N 16 -43.96 -16.98 18.20
N PRO N 17 -43.88 -15.93 17.37
CA PRO N 17 -44.72 -14.75 17.63
C PRO N 17 -46.22 -15.03 17.65
N ASP N 18 -46.68 -16.07 16.95
CA ASP N 18 -48.10 -16.42 16.95
C ASP N 18 -48.49 -17.30 18.13
N THR N 19 -47.55 -17.64 19.00
CA THR N 19 -47.89 -18.35 20.22
C THR N 19 -48.83 -17.49 21.06
N PRO N 20 -49.96 -18.02 21.53
CA PRO N 20 -50.95 -17.18 22.21
C PRO N 20 -50.49 -16.82 23.62
N PHE N 21 -50.34 -15.52 23.87
CA PHE N 21 -50.14 -15.00 25.21
C PHE N 21 -50.93 -13.72 25.39
N ASP N 22 -51.56 -13.58 26.55
CA ASP N 22 -52.18 -12.33 26.94
C ASP N 22 -52.31 -12.32 28.46
N PHE N 23 -52.21 -11.12 29.02
CA PHE N 23 -52.37 -10.92 30.44
C PHE N 23 -53.84 -11.05 30.82
N THR N 24 -54.09 -11.68 31.97
CA THR N 24 -55.43 -11.75 32.51
C THR N 24 -55.84 -10.37 33.05
N PRO N 25 -57.15 -10.10 33.15
CA PRO N 25 -57.59 -8.79 33.66
C PRO N 25 -57.04 -8.46 35.04
N GLU N 26 -56.96 -9.44 35.95
CA GLU N 26 -56.33 -9.20 37.24
C GLU N 26 -54.87 -8.81 37.06
N ASN N 27 -54.17 -9.51 36.17
CA ASN N 27 -52.78 -9.14 35.89
C ASN N 27 -52.69 -7.79 35.20
N TYR N 28 -53.71 -7.38 34.45
CA TYR N 28 -53.70 -6.03 33.89
C TYR N 28 -53.85 -4.97 34.97
N LYS N 29 -54.68 -5.24 35.98
CA LYS N 29 -54.75 -4.32 37.12
C LYS N 29 -53.41 -4.27 37.85
N ARG N 30 -52.76 -5.42 38.01
CA ARG N 30 -51.44 -5.45 38.62
C ARG N 30 -50.43 -4.65 37.80
N ILE N 31 -50.50 -4.75 36.47
CA ILE N 31 -49.61 -3.98 35.60
C ILE N 31 -49.87 -2.50 35.76
N GLU N 32 -51.13 -2.11 35.87
CA GLU N 32 -51.46 -0.70 36.10
C GLU N 32 -50.85 -0.19 37.39
N ALA N 33 -50.96 -0.99 38.46
CA ALA N 33 -50.35 -0.60 39.73
C ALA N 33 -48.84 -0.50 39.61
N ILE N 34 -48.22 -1.42 38.87
CA ILE N 34 -46.77 -1.37 38.66
C ILE N 34 -46.36 -0.10 37.94
N VAL N 35 -47.07 0.22 36.86
CA VAL N 35 -46.71 1.38 36.05
C VAL N 35 -46.91 2.68 36.83
N LYS N 36 -47.92 2.73 37.68
CA LYS N 36 -48.11 3.96 38.46
C LYS N 36 -46.99 4.20 39.51
N ASN N 37 -46.01 3.33 39.68
CA ASN N 37 -44.95 3.50 40.67
C ASN N 37 -43.78 4.33 40.16
N TYR N 38 -43.82 4.78 38.91
CA TYR N 38 -42.71 5.49 38.29
C TYR N 38 -43.20 6.80 37.69
N PRO N 39 -42.31 7.78 37.54
CA PRO N 39 -42.73 9.10 37.06
C PRO N 39 -43.22 9.05 35.62
N GLU N 40 -44.08 10.00 35.28
CA GLU N 40 -44.58 10.13 33.92
C GLU N 40 -43.43 10.39 32.96
N GLY N 41 -43.48 9.74 31.80
CA GLY N 41 -42.41 9.81 30.84
C GLY N 41 -41.28 8.84 31.06
N HIS N 42 -41.40 7.92 32.02
CA HIS N 42 -40.40 6.91 32.30
C HIS N 42 -41.06 5.54 32.49
N LYS N 43 -41.97 5.20 31.58
CA LYS N 43 -42.70 3.94 31.65
C LYS N 43 -41.79 2.72 31.57
N ALA N 44 -40.67 2.81 30.85
CA ALA N 44 -39.81 1.66 30.63
C ALA N 44 -39.26 1.07 31.92
N ALA N 45 -39.26 1.85 33.02
CA ALA N 45 -38.83 1.33 34.30
C ALA N 45 -39.66 0.14 34.75
N ALA N 46 -40.87 -0.01 34.19
CA ALA N 46 -41.73 -1.13 34.55
C ALA N 46 -41.42 -2.39 33.76
N VAL N 47 -40.35 -2.40 32.96
CA VAL N 47 -40.09 -3.58 32.12
C VAL N 47 -39.79 -4.80 32.98
N LEU N 48 -38.91 -4.66 33.97
CA LEU N 48 -38.53 -5.81 34.79
C LEU N 48 -39.70 -6.41 35.57
N PRO N 49 -40.53 -5.64 36.28
CA PRO N 49 -41.66 -6.28 36.98
C PRO N 49 -42.68 -6.89 36.05
N VAL N 50 -43.15 -6.13 35.05
CA VAL N 50 -44.22 -6.62 34.17
C VAL N 50 -43.78 -7.90 33.47
N LEU N 51 -42.56 -7.90 32.91
CA LEU N 51 -42.02 -9.12 32.34
C LEU N 51 -42.06 -10.27 33.35
N ASP N 52 -41.58 -10.01 34.57
CA ASP N 52 -41.61 -11.04 35.60
C ASP N 52 -43.04 -11.50 35.85
N LEU N 53 -43.99 -10.56 35.86
CA LEU N 53 -45.38 -10.93 36.07
C LEU N 53 -45.85 -11.90 34.99
N ALA N 54 -45.45 -11.65 33.74
CA ALA N 54 -45.82 -12.56 32.66
C ALA N 54 -45.34 -13.97 32.97
N GLN N 55 -44.11 -14.09 33.47
CA GLN N 55 -43.61 -15.40 33.85
C GLN N 55 -44.47 -16.01 34.95
N ARG N 56 -44.82 -15.21 35.96
CA ARG N 56 -45.66 -15.71 37.03
C ARG N 56 -47.04 -16.12 36.55
N GLN N 57 -47.46 -15.65 35.37
CA GLN N 57 -48.73 -16.10 34.83
C GLN N 57 -48.53 -17.29 33.90
N ASN N 58 -47.37 -17.38 33.24
CA ASN N 58 -47.18 -18.35 32.18
C ASN N 58 -46.26 -19.50 32.56
N GLY N 59 -45.45 -19.33 33.60
CA GLY N 59 -44.48 -20.35 33.96
C GLY N 59 -43.13 -20.09 33.33
N TRP N 60 -43.14 -19.59 32.10
CA TRP N 60 -41.93 -19.22 31.38
C TRP N 60 -42.25 -18.05 30.47
N LEU N 61 -41.32 -17.69 29.61
CA LEU N 61 -41.46 -16.52 28.73
C LEU N 61 -41.29 -16.90 27.28
N PRO N 62 -42.37 -17.25 26.57
CA PRO N 62 -42.29 -17.32 25.11
C PRO N 62 -42.09 -15.93 24.52
N ILE N 63 -41.57 -15.92 23.29
CA ILE N 63 -41.22 -14.64 22.67
C ILE N 63 -42.46 -13.78 22.47
N SER N 64 -43.63 -14.40 22.35
CA SER N 64 -44.87 -13.64 22.25
C SER N 64 -45.13 -12.85 23.53
N ALA N 65 -44.76 -13.39 24.69
CA ALA N 65 -44.91 -12.64 25.93
C ALA N 65 -44.00 -11.41 25.96
N MET N 66 -42.75 -11.56 25.49
CA MET N 66 -41.87 -10.41 25.41
C MET N 66 -42.42 -9.36 24.47
N ASN N 67 -42.96 -9.78 23.32
CA ASN N 67 -43.55 -8.83 22.38
C ASN N 67 -44.77 -8.14 23.00
N LYS N 68 -45.58 -8.88 23.75
CA LYS N 68 -46.74 -8.29 24.41
C LYS N 68 -46.32 -7.24 25.43
N VAL N 69 -45.29 -7.53 26.22
CA VAL N 69 -44.80 -6.56 27.19
C VAL N 69 -44.27 -5.31 26.48
N ALA N 70 -43.52 -5.51 25.40
CA ALA N 70 -43.00 -4.38 24.64
C ALA N 70 -44.12 -3.53 24.08
N GLU N 71 -45.17 -4.16 23.56
CA GLU N 71 -46.32 -3.42 23.06
C GLU N 71 -47.03 -2.66 24.16
N ILE N 72 -47.20 -3.29 25.33
CA ILE N 72 -47.92 -2.67 26.43
C ILE N 72 -47.18 -1.44 26.94
N LEU N 73 -45.86 -1.55 27.07
CA LEU N 73 -45.07 -0.46 27.67
C LEU N 73 -44.54 0.53 26.64
N GLN N 74 -44.92 0.39 25.36
CA GLN N 74 -44.44 1.26 24.28
C GLN N 74 -42.92 1.25 24.20
N VAL N 75 -42.33 0.07 24.40
CA VAL N 75 -40.89 -0.10 24.42
C VAL N 75 -40.50 -0.92 23.20
N PRO N 76 -39.41 -0.61 22.50
CA PRO N 76 -38.98 -1.46 21.39
C PRO N 76 -38.72 -2.87 21.87
N PRO N 77 -39.13 -3.88 21.10
CA PRO N 77 -38.99 -5.28 21.55
C PRO N 77 -37.55 -5.67 21.85
N MET N 78 -36.57 -5.08 21.18
CA MET N 78 -35.18 -5.45 21.42
C MET N 78 -34.73 -5.09 22.83
N ARG N 79 -35.24 -4.00 23.40
CA ARG N 79 -34.92 -3.65 24.78
C ARG N 79 -35.45 -4.70 25.75
N VAL N 80 -36.68 -5.17 25.51
CA VAL N 80 -37.24 -6.24 26.33
C VAL N 80 -36.43 -7.52 26.14
N TYR N 81 -35.97 -7.78 24.91
CA TYR N 81 -35.12 -8.95 24.68
C TYR N 81 -33.84 -8.86 25.49
N GLU N 82 -33.22 -7.68 25.51
CA GLU N 82 -32.01 -7.47 26.29
C GLU N 82 -32.26 -7.75 27.76
N VAL N 83 -33.37 -7.23 28.29
CA VAL N 83 -33.70 -7.47 29.70
C VAL N 83 -33.93 -8.96 29.96
N ALA N 84 -34.65 -9.63 29.06
CA ALA N 84 -34.99 -11.03 29.27
C ALA N 84 -33.77 -11.94 29.19
N THR N 85 -32.79 -11.59 28.34
CA THR N 85 -31.59 -12.42 28.23
C THR N 85 -30.48 -12.01 29.18
N PHE N 86 -30.60 -10.86 29.85
CA PHE N 86 -29.56 -10.45 30.79
C PHE N 86 -29.76 -11.10 32.16
N TYR N 87 -31.00 -11.15 32.63
CA TYR N 87 -31.31 -11.57 33.99
C TYR N 87 -31.62 -13.06 34.02
N THR N 88 -30.95 -13.78 34.94
CA THR N 88 -31.01 -15.24 34.93
C THR N 88 -32.31 -15.80 35.49
N MET N 89 -33.07 -15.00 36.24
CA MET N 89 -34.31 -15.51 36.81
C MET N 89 -35.41 -15.71 35.78
N TYR N 90 -35.29 -15.09 34.60
CA TYR N 90 -36.26 -15.28 33.54
C TYR N 90 -36.03 -16.61 32.85
N ASN N 91 -37.12 -17.35 32.63
CA ASN N 91 -37.08 -18.66 31.97
C ASN N 91 -37.53 -18.47 30.53
N ARG N 92 -36.60 -18.57 29.59
CA ARG N 92 -36.91 -18.45 28.18
C ARG N 92 -37.20 -19.79 27.52
N LYS N 93 -37.11 -20.88 28.28
CA LYS N 93 -37.57 -22.20 27.93
C LYS N 93 -38.47 -22.68 29.06
N PRO N 94 -39.43 -23.56 28.76
CA PRO N 94 -40.29 -24.09 29.82
C PRO N 94 -39.48 -24.85 30.85
N VAL N 95 -39.87 -24.72 32.12
CA VAL N 95 -39.26 -25.46 33.21
C VAL N 95 -40.35 -26.27 33.90
N GLY N 96 -39.91 -27.17 34.79
CA GLY N 96 -40.83 -28.01 35.51
C GLY N 96 -41.65 -27.23 36.52
N LYS N 97 -42.62 -27.94 37.10
CA LYS N 97 -43.47 -27.33 38.13
C LYS N 97 -42.65 -26.82 39.30
N TYR N 98 -41.61 -27.55 39.69
CA TYR N 98 -40.77 -27.19 40.82
C TYR N 98 -39.34 -26.99 40.33
N HIS N 99 -38.92 -25.74 40.22
CA HIS N 99 -37.58 -25.38 39.77
C HIS N 99 -36.66 -25.43 40.99
N ILE N 100 -35.80 -26.43 41.05
CA ILE N 100 -34.90 -26.62 42.18
C ILE N 100 -33.56 -25.97 41.85
N GLN N 101 -33.12 -25.06 42.70
CA GLN N 101 -31.90 -24.29 42.50
C GLN N 101 -30.97 -24.52 43.68
N VAL N 102 -29.83 -25.15 43.44
CA VAL N 102 -28.87 -25.52 44.47
C VAL N 102 -27.69 -24.58 44.40
N CYS N 103 -27.40 -23.90 45.51
CA CYS N 103 -26.25 -23.01 45.57
C CYS N 103 -24.97 -23.84 45.74
N THR N 104 -24.02 -23.64 44.85
CA THR N 104 -22.74 -24.36 44.88
C THR N 104 -21.55 -23.44 45.07
N THR N 105 -21.78 -22.19 45.47
CA THR N 105 -20.68 -21.26 45.69
C THR N 105 -19.90 -21.66 46.94
N THR N 106 -18.75 -21.03 47.13
CA THR N 106 -17.77 -21.52 48.09
C THR N 106 -18.29 -21.66 49.52
N PRO N 107 -18.99 -20.67 50.12
CA PRO N 107 -19.51 -20.91 51.48
C PRO N 107 -20.46 -22.09 51.58
N CYS N 108 -21.30 -22.31 50.56
CA CYS N 108 -22.19 -23.48 50.58
C CYS N 108 -21.42 -24.75 50.24
N MET N 109 -20.42 -24.65 49.36
CA MET N 109 -19.62 -25.81 48.99
C MET N 109 -18.83 -26.33 50.19
N LEU N 110 -18.33 -25.43 51.04
CA LEU N 110 -17.59 -25.84 52.22
C LEU N 110 -18.49 -26.63 53.18
N ARG N 111 -19.80 -26.40 53.12
CA ARG N 111 -20.75 -27.16 53.91
C ARG N 111 -21.37 -28.31 53.13
N ASN N 112 -20.67 -28.86 52.13
CA ASN N 112 -21.07 -30.07 51.43
C ASN N 112 -22.36 -29.89 50.64
N SER N 113 -22.43 -28.88 49.78
CA SER N 113 -23.53 -28.77 48.83
C SER N 113 -23.46 -29.87 47.77
N ASP N 114 -22.28 -30.49 47.59
CA ASP N 114 -22.14 -31.60 46.66
C ASP N 114 -22.99 -32.78 47.09
N SER N 115 -23.04 -33.07 48.39
CA SER N 115 -23.88 -34.17 48.86
C SER N 115 -25.35 -33.90 48.56
N ILE N 116 -25.80 -32.65 48.76
CA ILE N 116 -27.18 -32.31 48.45
C ILE N 116 -27.46 -32.48 46.96
N LEU N 117 -26.53 -32.01 46.12
CA LEU N 117 -26.74 -32.09 44.69
C LEU N 117 -26.80 -33.55 44.21
N GLU N 118 -25.87 -34.38 44.67
CA GLU N 118 -25.91 -35.79 44.31
C GLU N 118 -27.14 -36.50 44.87
N ALA N 119 -27.59 -36.14 46.07
CA ALA N 119 -28.81 -36.72 46.60
C ALA N 119 -30.01 -36.38 45.72
N ILE N 120 -30.09 -35.13 45.28
CA ILE N 120 -31.19 -34.72 44.40
C ILE N 120 -31.11 -35.47 43.07
N GLN N 121 -29.90 -35.57 42.50
CA GLN N 121 -29.73 -36.26 41.23
C GLN N 121 -30.15 -37.71 41.33
N LYS N 122 -29.77 -38.39 42.40
CA LYS N 122 -30.15 -39.79 42.59
C LYS N 122 -31.63 -39.96 42.89
N LYS N 123 -32.22 -39.09 43.71
CA LYS N 123 -33.64 -39.18 44.02
C LYS N 123 -34.52 -38.90 42.82
N LEU N 124 -34.10 -38.02 41.91
CA LEU N 124 -34.90 -37.67 40.74
C LEU N 124 -34.47 -38.42 39.48
N GLY N 125 -33.23 -38.90 39.43
CA GLY N 125 -32.78 -39.61 38.25
C GLY N 125 -32.46 -38.73 37.06
N ILE N 126 -32.13 -37.45 37.30
CA ILE N 126 -31.79 -36.51 36.25
C ILE N 126 -30.47 -35.85 36.59
N LYS N 127 -30.06 -34.90 35.75
CA LYS N 127 -28.82 -34.17 35.92
C LYS N 127 -29.09 -32.70 36.23
N VAL N 128 -28.02 -31.90 36.23
CA VAL N 128 -28.06 -30.56 36.80
C VAL N 128 -28.57 -29.54 35.80
N GLY N 129 -29.09 -30.00 34.67
CA GLY N 129 -29.71 -29.09 33.73
C GLY N 129 -30.96 -29.65 33.10
N GLU N 130 -31.38 -30.81 33.55
CA GLU N 130 -32.45 -31.56 32.91
C GLU N 130 -33.78 -31.35 33.62
N THR N 131 -34.83 -31.86 32.98
CA THR N 131 -36.19 -31.85 33.51
C THR N 131 -36.68 -33.29 33.59
N THR N 132 -37.47 -33.59 34.62
CA THR N 132 -37.98 -34.93 34.78
C THR N 132 -38.96 -35.25 33.66
N PRO N 133 -39.12 -36.53 33.30
CA PRO N 133 -40.05 -36.88 32.22
C PRO N 133 -41.50 -36.49 32.51
N ASP N 134 -41.88 -36.38 33.77
CA ASP N 134 -43.22 -35.95 34.13
C ASP N 134 -43.37 -34.43 34.23
N LYS N 135 -42.31 -33.68 33.92
CA LYS N 135 -42.34 -32.22 33.90
C LYS N 135 -42.66 -31.63 35.27
N LEU N 136 -42.26 -32.33 36.34
CA LEU N 136 -42.52 -31.87 37.69
C LEU N 136 -41.32 -31.16 38.30
N PHE N 137 -40.11 -31.52 37.88
CA PHE N 137 -38.89 -30.98 38.49
C PHE N 137 -37.89 -30.56 37.42
N THR N 138 -37.23 -29.44 37.68
CA THR N 138 -36.06 -29.00 36.93
C THR N 138 -34.97 -28.66 37.93
N LEU N 139 -33.74 -29.09 37.66
CA LEU N 139 -32.63 -28.93 38.57
C LEU N 139 -31.51 -28.15 37.89
N ILE N 140 -31.00 -27.12 38.57
CA ILE N 140 -29.88 -26.32 38.09
C ILE N 140 -29.01 -25.96 39.28
N GLU N 141 -27.86 -25.35 38.98
CA GLU N 141 -26.93 -24.83 39.97
C GLU N 141 -26.94 -23.30 39.90
N VAL N 142 -26.97 -22.66 41.07
CA VAL N 142 -27.04 -21.21 41.16
C VAL N 142 -25.93 -20.71 42.07
N GLU N 143 -25.75 -19.38 42.05
CA GLU N 143 -24.69 -18.72 42.79
C GLU N 143 -25.28 -17.99 43.99
N CYS N 144 -24.89 -18.40 45.19
CA CYS N 144 -25.05 -17.62 46.42
C CYS N 144 -26.42 -16.98 46.60
N LEU N 145 -27.43 -17.78 46.91
CA LEU N 145 -28.78 -17.28 47.14
C LEU N 145 -28.89 -16.36 48.35
N GLY N 146 -27.79 -16.04 49.03
CA GLY N 146 -27.82 -15.08 50.11
C GLY N 146 -28.18 -15.64 51.47
N ALA N 147 -27.99 -16.95 51.68
CA ALA N 147 -28.23 -17.59 52.96
C ALA N 147 -27.03 -18.46 53.35
N CYS N 148 -25.83 -17.89 53.23
CA CYS N 148 -24.61 -18.67 53.40
C CYS N 148 -24.46 -19.17 54.83
N VAL N 149 -24.98 -18.43 55.79
CA VAL N 149 -24.94 -18.87 57.19
C VAL N 149 -25.75 -20.15 57.37
N ASN N 150 -26.84 -20.29 56.62
CA ASN N 150 -27.69 -21.47 56.67
C ASN N 150 -27.32 -22.49 55.59
N ALA N 151 -26.06 -22.58 55.21
CA ALA N 151 -25.65 -23.51 54.18
C ALA N 151 -25.65 -24.93 54.73
N PRO N 152 -25.86 -25.96 53.88
CA PRO N 152 -26.23 -25.83 52.46
C PRO N 152 -27.74 -25.63 52.28
N MET N 153 -28.14 -24.92 51.24
CA MET N 153 -29.54 -24.53 51.08
C MET N 153 -29.96 -24.67 49.62
N VAL N 154 -31.27 -24.71 49.42
CA VAL N 154 -31.88 -24.89 48.11
C VAL N 154 -33.09 -23.98 48.00
N GLN N 155 -33.28 -23.39 46.82
CA GLN N 155 -34.47 -22.60 46.54
C GLN N 155 -35.40 -23.37 45.61
N ILE N 156 -36.67 -23.45 46.00
CA ILE N 156 -37.71 -24.04 45.14
C ILE N 156 -38.89 -23.08 45.07
N ASN N 157 -39.11 -22.50 43.89
CA ASN N 157 -40.22 -21.58 43.63
C ASN N 157 -40.31 -20.50 44.71
N ASP N 158 -39.27 -19.67 44.74
CA ASP N 158 -39.10 -18.56 45.69
C ASP N 158 -39.39 -18.97 47.14
N ASN N 159 -39.00 -20.19 47.48
CA ASN N 159 -38.96 -20.65 48.87
C ASN N 159 -37.56 -21.16 49.16
N TYR N 160 -37.11 -20.93 50.40
CA TYR N 160 -35.79 -21.34 50.84
C TYR N 160 -35.88 -22.52 51.79
N TYR N 161 -35.12 -23.57 51.51
CA TYR N 161 -35.00 -24.72 52.39
C TYR N 161 -33.51 -24.87 52.73
N GLU N 162 -33.17 -24.66 54.01
CA GLU N 162 -31.79 -24.48 54.39
C GLU N 162 -31.39 -25.51 55.45
N ASP N 163 -30.10 -25.47 55.82
CA ASP N 163 -29.51 -26.41 56.78
C ASP N 163 -29.75 -27.86 56.34
N LEU N 164 -29.44 -28.13 55.08
CA LEU N 164 -29.90 -29.34 54.42
C LEU N 164 -28.92 -30.49 54.60
N THR N 165 -29.48 -31.68 54.76
CA THR N 165 -28.80 -32.97 54.65
C THR N 165 -29.46 -33.74 53.51
N PRO N 166 -28.79 -34.75 52.97
CA PRO N 166 -29.42 -35.53 51.88
C PRO N 166 -30.79 -36.08 52.24
N LYS N 167 -30.96 -36.56 53.48
CA LYS N 167 -32.27 -37.05 53.91
C LYS N 167 -33.29 -35.93 53.94
N ASP N 168 -32.89 -34.73 54.38
CA ASP N 168 -33.82 -33.60 54.42
C ASP N 168 -34.34 -33.26 53.03
N ILE N 169 -33.44 -33.16 52.05
CA ILE N 169 -33.88 -32.78 50.71
C ILE N 169 -34.68 -33.90 50.06
N GLU N 170 -34.34 -35.16 50.35
CA GLU N 170 -35.16 -36.26 49.83
C GLU N 170 -36.57 -36.21 50.41
N GLU N 171 -36.69 -35.94 51.71
CA GLU N 171 -38.02 -35.79 52.31
C GLU N 171 -38.77 -34.61 51.72
N ILE N 172 -38.07 -33.51 51.46
CA ILE N 172 -38.71 -32.33 50.86
C ILE N 172 -39.25 -32.68 49.47
N ILE N 173 -38.45 -33.39 48.68
CA ILE N 173 -38.89 -33.78 47.34
C ILE N 173 -40.08 -34.73 47.42
N ASP N 174 -40.05 -35.66 48.38
CA ASP N 174 -41.17 -36.58 48.56
C ASP N 174 -42.45 -35.82 48.92
N GLU N 175 -42.34 -34.83 49.81
CA GLU N 175 -43.51 -34.03 50.16
C GLU N 175 -43.99 -33.19 48.98
N LEU N 176 -43.07 -32.72 48.15
CA LEU N 176 -43.45 -31.90 47.00
C LEU N 176 -44.20 -32.73 45.96
N LYS N 177 -43.71 -33.94 45.68
CA LYS N 177 -44.31 -34.77 44.64
C LYS N 177 -45.65 -35.35 45.07
N ALA N 178 -45.98 -35.28 46.36
CA ALA N 178 -47.28 -35.71 46.86
C ALA N 178 -48.29 -34.57 46.90
N GLY N 179 -47.90 -33.37 46.46
CA GLY N 179 -48.79 -32.24 46.46
C GLY N 179 -48.80 -31.42 47.73
N LYS N 180 -48.05 -31.82 48.75
CA LYS N 180 -48.01 -31.10 50.02
C LYS N 180 -47.18 -29.83 49.88
N ILE N 181 -47.24 -28.99 50.90
CA ILE N 181 -46.44 -27.76 50.94
C ILE N 181 -45.39 -27.91 52.04
N PRO N 182 -44.15 -28.22 51.71
CA PRO N 182 -43.10 -28.27 52.73
C PRO N 182 -42.80 -26.87 53.26
N LYS N 183 -42.68 -26.76 54.57
CA LYS N 183 -42.45 -25.46 55.20
C LYS N 183 -41.06 -24.94 54.88
N PRO N 184 -40.91 -23.72 54.40
CA PRO N 184 -39.57 -23.21 54.10
C PRO N 184 -38.81 -22.90 55.38
N GLY N 185 -37.48 -22.86 55.26
CA GLY N 185 -36.63 -22.54 56.38
C GLY N 185 -35.63 -23.63 56.67
N PRO N 186 -34.88 -23.46 57.77
CA PRO N 186 -33.87 -24.48 58.13
C PRO N 186 -34.52 -25.77 58.60
N ARG N 187 -33.78 -26.87 58.46
CA ARG N 187 -34.26 -28.19 58.84
C ARG N 187 -33.49 -28.79 60.02
N SER N 188 -32.60 -28.02 60.65
CA SER N 188 -31.77 -28.52 61.73
C SER N 188 -32.39 -28.33 63.11
N GLY N 189 -33.64 -27.90 63.20
CA GLY N 189 -34.21 -27.53 64.47
C GLY N 189 -33.92 -26.11 64.88
N ARG N 190 -33.25 -25.35 64.03
CA ARG N 190 -32.88 -23.96 64.29
C ARG N 190 -33.74 -23.07 63.41
N PHE N 191 -34.31 -22.01 64.01
CA PHE N 191 -35.32 -21.23 63.32
C PHE N 191 -34.73 -20.36 62.22
N SER N 192 -33.58 -19.75 62.48
CA SER N 192 -33.03 -18.72 61.61
C SER N 192 -31.51 -18.72 61.69
N CYS N 193 -30.89 -17.59 61.34
CA CYS N 193 -29.45 -17.44 61.32
C CYS N 193 -28.81 -17.45 62.71
N GLU N 194 -29.57 -17.76 63.77
CA GLU N 194 -29.03 -17.72 65.11
C GLU N 194 -27.97 -18.80 65.30
N PRO N 195 -27.06 -18.61 66.26
CA PRO N 195 -26.13 -19.69 66.61
C PRO N 195 -26.89 -20.91 67.13
N ALA N 196 -26.44 -22.09 66.73
CA ALA N 196 -27.10 -23.32 67.16
C ALA N 196 -26.74 -23.67 68.60
N GLY N 197 -25.74 -22.97 69.17
CA GLY N 197 -25.24 -23.33 70.48
C GLY N 197 -26.07 -22.83 71.64
N GLY N 198 -27.10 -22.03 71.38
CA GLY N 198 -27.87 -21.50 72.50
C GLY N 198 -28.01 -19.99 72.59
N LEU N 199 -28.00 -19.30 71.45
CA LEU N 199 -28.32 -17.87 71.40
C LEU N 199 -27.34 -17.04 72.22
N THR N 200 -26.10 -16.98 71.74
CA THR N 200 -25.01 -16.25 72.41
C THR N 200 -25.27 -14.76 72.57
N SER N 201 -26.34 -14.25 71.98
CA SER N 201 -26.65 -12.82 72.10
C SER N 201 -28.16 -12.63 72.02
N LEU N 202 -28.59 -11.40 72.31
CA LEU N 202 -30.00 -11.00 72.33
C LEU N 202 -30.82 -11.93 73.23
N THR N 203 -30.24 -12.24 74.39
CA THR N 203 -30.93 -13.05 75.38
C THR N 203 -31.77 -12.21 76.34
N GLU N 204 -31.38 -10.96 76.54
CA GLU N 204 -32.11 -10.06 77.42
C GLU N 204 -33.35 -9.52 76.70
N PRO N 205 -34.40 -9.17 77.47
CA PRO N 205 -35.62 -8.63 76.88
C PRO N 205 -35.37 -7.27 76.25
N PRO N 206 -35.79 -7.10 74.98
CA PRO N 206 -35.61 -5.84 74.24
C PRO N 206 -36.11 -4.63 75.01
N LYS N 207 -35.36 -3.54 74.96
CA LYS N 207 -35.72 -2.31 75.66
C LYS N 207 -36.89 -1.58 75.00
N GLY N 208 -37.52 -0.69 75.74
CA GLY N 208 -38.65 0.07 75.25
C GLY N 208 -38.30 1.27 74.40
N PRO N 209 -39.30 2.07 74.03
CA PRO N 209 -39.11 3.26 73.20
C PRO N 209 -38.63 4.47 73.99
N GLY N 210 -37.51 5.06 73.56
CA GLY N 210 -36.97 6.23 74.23
C GLY N 210 -35.99 5.91 75.33
N PHE N 211 -35.53 4.66 75.39
CA PHE N 211 -34.60 4.24 76.43
C PHE N 211 -33.25 4.95 76.37
N GLY N 212 -32.69 5.10 75.18
CA GLY N 212 -31.41 5.75 75.02
C GLY N 212 -31.45 7.16 74.44
N VAL N 213 -32.64 7.69 74.25
CA VAL N 213 -32.78 9.02 73.66
C VAL N 213 -31.95 10.09 74.34
N GLN N 214 -31.33 10.92 73.51
CA GLN N 214 -30.49 12.02 73.95
C GLN N 214 -31.35 13.20 74.42
N ALA N 215 -30.68 14.18 75.01
CA ALA N 215 -31.37 15.37 75.48
C ALA N 215 -31.72 16.29 74.31
N GLY N 216 -32.79 17.05 74.51
CA GLY N 216 -33.21 18.03 73.52
C GLY N 216 -34.06 17.48 72.40
N LEU N 217 -34.29 16.18 72.37
CA LEU N 217 -35.11 15.58 71.33
C LEU N 217 -36.51 15.26 71.88
N THR O 1 15.41 -2.42 28.61
CA THR O 1 16.28 -1.93 27.54
C THR O 1 17.61 -2.66 27.57
N ARG O 2 17.59 -3.96 27.28
CA ARG O 2 18.82 -4.73 27.29
C ARG O 2 19.28 -5.23 25.91
N PRO O 3 19.04 -6.52 25.63
CA PRO O 3 19.51 -7.14 24.38
C PRO O 3 18.92 -6.58 23.08
N THR O 4 17.62 -6.33 23.04
CA THR O 4 16.98 -5.79 21.84
C THR O 4 17.40 -4.36 21.46
N ILE O 5 17.56 -3.50 22.45
CA ILE O 5 17.90 -2.10 22.22
C ILE O 5 19.39 -1.80 21.99
N ARG O 6 19.66 -1.00 20.96
CA ARG O 6 21.02 -0.59 20.62
C ARG O 6 21.60 0.25 21.76
N PRO O 7 22.85 -0.04 22.15
CA PRO O 7 23.47 0.70 23.25
C PRO O 7 23.88 2.11 22.86
N ARG O 8 24.00 2.96 23.86
CA ARG O 8 24.39 4.35 23.70
C ARG O 8 25.86 4.54 24.02
N ASN O 9 26.41 5.65 23.53
CA ASN O 9 27.81 6.02 23.75
C ASN O 9 27.85 7.50 24.11
N ASP O 10 27.86 7.79 25.41
CA ASP O 10 27.89 9.18 25.87
C ASP O 10 29.22 9.86 25.57
N VAL O 11 30.32 9.10 25.62
CA VAL O 11 31.64 9.69 25.44
C VAL O 11 31.77 10.28 24.04
N VAL O 12 31.40 9.51 23.01
CA VAL O 12 31.48 10.00 21.64
C VAL O 12 30.50 11.14 21.41
N HIS O 13 29.31 11.05 22.02
CA HIS O 13 28.33 12.13 21.91
C HIS O 13 28.90 13.45 22.43
N LYS O 14 29.50 13.41 23.61
CA LYS O 14 30.09 14.61 24.19
C LYS O 14 31.25 15.13 23.36
N GLN O 15 32.11 14.23 22.87
CA GLN O 15 33.24 14.67 22.06
C GLN O 15 32.77 15.35 20.78
N LEU O 16 31.78 14.78 20.12
CA LEU O 16 31.27 15.37 18.88
C LEU O 16 30.58 16.69 19.15
N SER O 17 29.83 16.81 20.25
CA SER O 17 29.20 18.09 20.58
C SER O 17 30.25 19.16 20.81
N ALA O 18 31.32 18.82 21.54
CA ALA O 18 32.38 19.79 21.78
C ALA O 18 33.06 20.21 20.48
N PHE O 19 33.33 19.26 19.59
CA PHE O 19 33.97 19.63 18.33
C PHE O 19 33.05 20.46 17.44
N GLY O 20 31.74 20.19 17.48
CA GLY O 20 30.80 21.02 16.74
C GLY O 20 30.76 22.44 17.25
N GLN O 21 30.78 22.61 18.58
CA GLN O 21 30.90 23.95 19.15
C GLN O 21 32.20 24.62 18.71
N TYR O 22 33.29 23.85 18.69
CA TYR O 22 34.58 24.37 18.22
C TYR O 22 34.48 24.91 16.79
N VAL O 23 33.93 24.11 15.89
CA VAL O 23 33.82 24.52 14.49
C VAL O 23 32.91 25.74 14.36
N ALA O 24 31.79 25.75 15.08
CA ALA O 24 30.90 26.90 15.02
C ALA O 24 31.56 28.17 15.54
N GLU O 25 32.38 28.05 16.58
CA GLU O 25 33.12 29.22 17.08
C GLU O 25 34.13 29.72 16.06
N ILE O 26 34.81 28.81 15.37
CA ILE O 26 35.86 29.23 14.45
C ILE O 26 35.30 29.89 13.19
N LEU O 27 34.14 29.45 12.71
CA LEU O 27 33.58 29.94 11.45
C LEU O 27 32.15 30.45 11.65
N PRO O 28 31.97 31.54 12.39
CA PRO O 28 30.62 32.09 12.56
C PRO O 28 30.04 32.71 11.30
N LYS O 29 30.88 33.06 10.32
CA LYS O 29 30.38 33.71 9.11
C LYS O 29 29.46 32.81 8.30
N TYR O 30 29.65 31.50 8.38
CA TYR O 30 28.93 30.58 7.52
C TYR O 30 28.09 29.55 8.27
N VAL O 31 28.46 29.18 9.50
CA VAL O 31 27.78 28.10 10.19
C VAL O 31 26.44 28.59 10.70
N GLN O 32 25.37 27.94 10.26
CA GLN O 32 24.02 28.27 10.70
C GLN O 32 23.51 27.37 11.80
N GLN O 33 23.92 26.10 11.83
CA GLN O 33 23.43 25.19 12.86
C GLN O 33 24.42 24.05 13.04
N VAL O 34 24.41 23.46 14.23
CA VAL O 34 25.19 22.25 14.52
C VAL O 34 24.28 21.27 15.24
N GLN O 35 24.36 20.00 14.86
CA GLN O 35 23.53 18.96 15.46
C GLN O 35 24.35 17.71 15.69
N VAL O 36 24.05 17.00 16.78
CA VAL O 36 24.57 15.67 17.05
C VAL O 36 23.39 14.74 17.20
N SER O 37 23.34 13.71 16.36
CA SER O 37 22.26 12.73 16.45
C SER O 37 22.52 11.77 17.61
N CYS O 38 21.48 11.03 17.96
CA CYS O 38 21.56 10.12 19.10
C CYS O 38 22.36 8.87 18.80
N PHE O 39 22.62 8.56 17.53
CA PHE O 39 23.59 7.53 17.18
C PHE O 39 24.95 8.12 16.83
N ASN O 40 25.27 9.29 17.40
CA ASN O 40 26.61 9.89 17.39
C ASN O 40 27.09 10.21 15.98
N GLU O 41 26.38 11.11 15.32
CA GLU O 41 26.79 11.64 14.02
C GLU O 41 26.64 13.15 14.04
N LEU O 42 27.70 13.84 13.65
CA LEU O 42 27.77 15.30 13.73
C LEU O 42 27.44 15.92 12.37
N GLU O 43 26.53 16.89 12.38
CA GLU O 43 26.10 17.62 11.20
C GLU O 43 26.31 19.11 11.41
N ILE O 44 26.80 19.78 10.37
CA ILE O 44 27.02 21.22 10.38
C ILE O 44 26.28 21.82 9.20
N PHE O 45 25.31 22.68 9.49
CA PHE O 45 24.48 23.32 8.49
C PHE O 45 25.03 24.71 8.21
N ILE O 46 25.41 24.96 6.95
CA ILE O 46 26.12 26.18 6.58
C ILE O 46 25.40 26.90 5.45
N HIS O 47 25.68 28.19 5.34
CA HIS O 47 25.29 28.98 4.20
C HIS O 47 26.07 28.52 2.96
N PRO O 48 25.45 28.57 1.78
CA PRO O 48 26.15 28.08 0.57
C PRO O 48 27.49 28.76 0.30
N ASP O 49 27.59 30.07 0.57
CA ASP O 49 28.82 30.79 0.26
C ASP O 49 30.03 30.17 0.95
N GLY O 50 29.81 29.51 2.07
CA GLY O 50 30.88 28.90 2.82
C GLY O 50 31.25 27.49 2.44
N VAL O 51 30.83 26.99 1.27
CA VAL O 51 31.17 25.61 0.91
C VAL O 51 32.69 25.42 0.86
N ILE O 52 33.39 26.33 0.18
CA ILE O 52 34.84 26.19 0.01
C ILE O 52 35.58 26.55 1.30
N PRO O 53 35.32 27.68 1.96
CA PRO O 53 36.08 27.98 3.19
C PRO O 53 35.89 26.95 4.29
N VAL O 54 34.69 26.37 4.43
CA VAL O 54 34.47 25.40 5.48
C VAL O 54 35.20 24.09 5.17
N LEU O 55 34.94 23.51 3.99
CA LEU O 55 35.58 22.26 3.62
C LEU O 55 37.10 22.37 3.73
N THR O 56 37.67 23.42 3.14
CA THR O 56 39.12 23.64 3.25
C THR O 56 39.55 23.63 4.70
N PHE O 57 38.86 24.37 5.56
CA PHE O 57 39.19 24.34 6.98
C PHE O 57 39.17 22.91 7.50
N LEU O 58 38.08 22.19 7.26
CA LEU O 58 37.95 20.85 7.79
C LEU O 58 39.01 19.93 7.21
N ARG O 59 39.56 20.26 6.04
CA ARG O 59 40.62 19.45 5.46
C ARG O 59 41.98 19.81 6.04
N ASP O 60 42.21 21.09 6.32
CA ASP O 60 43.58 21.55 6.53
C ASP O 60 43.91 21.91 7.97
N HIS O 61 42.91 22.18 8.80
CA HIS O 61 43.17 22.51 10.19
C HIS O 61 43.82 21.34 10.92
N THR O 62 44.77 21.66 11.79
CA THR O 62 45.52 20.62 12.49
C THR O 62 44.64 19.81 13.41
N ASN O 63 43.53 20.41 13.89
CA ASN O 63 42.68 19.69 14.83
C ASN O 63 41.49 19.04 14.13
N ALA O 64 41.33 19.27 12.83
CA ALA O 64 40.27 18.60 12.08
C ALA O 64 40.81 17.48 11.20
N GLN O 65 41.67 17.81 10.24
CA GLN O 65 42.34 16.84 9.37
C GLN O 65 41.37 15.86 8.71
N PHE O 66 40.25 16.36 8.21
CA PHE O 66 39.29 15.53 7.48
C PHE O 66 39.78 15.41 6.03
N LYS O 67 40.64 14.42 5.80
CA LYS O 67 41.35 14.34 4.53
C LYS O 67 40.55 13.58 3.49
N SER O 68 39.58 12.77 3.91
CA SER O 68 38.85 11.91 2.98
C SER O 68 37.45 12.45 2.76
N LEU O 69 37.05 12.55 1.49
CA LEU O 69 35.67 12.85 1.14
C LEU O 69 35.00 11.53 0.79
N ALA O 70 34.23 10.98 1.72
CA ALA O 70 33.61 9.68 1.49
C ALA O 70 32.53 9.78 0.41
N ASP O 71 31.67 10.78 0.49
CA ASP O 71 30.54 10.86 -0.43
C ASP O 71 30.06 12.29 -0.52
N LEU O 72 29.43 12.61 -1.66
CA LEU O 72 28.81 13.90 -1.89
C LEU O 72 27.56 13.68 -2.72
N THR O 73 26.40 14.01 -2.16
CA THR O 73 25.13 13.74 -2.81
C THR O 73 24.17 14.88 -2.53
N ALA O 74 23.00 14.80 -3.16
CA ALA O 74 21.95 15.80 -3.00
C ALA O 74 20.65 15.13 -2.62
N VAL O 75 19.80 15.89 -1.92
CA VAL O 75 18.46 15.45 -1.54
C VAL O 75 17.46 16.49 -2.01
N ASP O 76 16.37 16.03 -2.62
CA ASP O 76 15.35 16.91 -3.17
C ASP O 76 14.16 16.96 -2.23
N VAL O 77 13.80 18.15 -1.79
CA VAL O 77 12.67 18.39 -0.91
C VAL O 77 11.79 19.46 -1.54
N PRO O 78 10.79 19.06 -2.33
CA PRO O 78 10.04 20.05 -3.13
C PRO O 78 9.29 21.09 -2.32
N THR O 79 8.95 20.83 -1.06
CA THR O 79 8.22 21.80 -0.27
C THR O 79 9.08 23.00 0.14
N ARG O 80 10.40 22.91 0.01
CA ARG O 80 11.28 24.00 0.42
C ARG O 80 11.53 24.96 -0.73
N GLN O 81 11.61 26.25 -0.38
CA GLN O 81 11.95 27.27 -1.37
C GLN O 81 13.29 26.98 -2.02
N ASN O 82 14.27 26.55 -1.22
CA ASN O 82 15.52 26.01 -1.75
C ASN O 82 15.37 24.50 -1.82
N ARG O 83 15.21 23.99 -3.04
CA ARG O 83 14.76 22.63 -3.26
C ARG O 83 15.79 21.60 -2.79
N PHE O 84 17.06 21.83 -3.07
CA PHE O 84 18.07 20.79 -3.06
C PHE O 84 18.99 20.96 -1.86
N GLU O 85 19.14 19.88 -1.10
CA GLU O 85 20.05 19.79 0.01
C GLU O 85 21.33 19.10 -0.46
N ILE O 86 22.47 19.77 -0.28
CA ILE O 86 23.77 19.27 -0.71
C ILE O 86 24.51 18.76 0.51
N VAL O 87 24.95 17.50 0.46
CA VAL O 87 25.48 16.79 1.62
C VAL O 87 26.90 16.33 1.32
N TYR O 88 27.83 16.70 2.19
CA TYR O 88 29.21 16.26 2.13
C TYR O 88 29.49 15.39 3.35
N ASN O 89 29.99 14.18 3.13
CA ASN O 89 30.38 13.29 4.20
C ASN O 89 31.90 13.16 4.20
N LEU O 90 32.53 13.54 5.31
CA LEU O 90 33.98 13.61 5.41
C LEU O 90 34.47 12.68 6.50
N LEU O 91 35.66 12.12 6.26
CA LEU O 91 36.30 11.18 7.17
C LEU O 91 37.70 11.70 7.50
N SER O 92 38.00 11.80 8.79
CA SER O 92 39.33 12.09 9.30
C SER O 92 39.94 10.81 9.83
N LEU O 93 41.06 10.39 9.21
CA LEU O 93 41.78 9.22 9.66
C LEU O 93 42.66 9.50 10.86
N ARG O 94 43.18 10.73 10.97
CA ARG O 94 44.02 11.10 12.11
C ARG O 94 43.26 11.00 13.43
N PHE O 95 42.01 11.45 13.44
CA PHE O 95 41.19 11.42 14.63
C PHE O 95 40.11 10.35 14.59
N ASN O 96 40.09 9.50 13.56
CA ASN O 96 39.17 8.37 13.46
C ASN O 96 37.72 8.83 13.60
N SER O 97 37.36 9.90 12.89
CA SER O 97 36.05 10.51 13.07
C SER O 97 35.41 10.81 11.71
N ARG O 98 34.12 11.06 11.75
CA ARG O 98 33.35 11.43 10.57
C ARG O 98 32.54 12.69 10.87
N ILE O 99 32.27 13.45 9.81
CA ILE O 99 31.50 14.68 9.94
C ILE O 99 30.64 14.84 8.69
N ARG O 100 29.52 15.54 8.83
CA ARG O 100 28.64 15.81 7.71
C ARG O 100 28.43 17.31 7.60
N VAL O 101 28.54 17.84 6.39
CA VAL O 101 28.36 19.25 6.11
C VAL O 101 27.20 19.39 5.14
N LYS O 102 26.24 20.24 5.47
CA LYS O 102 25.01 20.38 4.72
C LYS O 102 24.81 21.82 4.28
N THR O 103 24.34 21.99 3.05
CA THR O 103 24.01 23.28 2.51
C THR O 103 22.80 23.14 1.59
N TYR O 104 22.35 24.24 1.00
CA TYR O 104 21.13 24.24 0.22
C TYR O 104 21.28 25.07 -1.04
N THR O 105 20.43 24.79 -2.03
CA THR O 105 20.34 25.59 -3.24
C THR O 105 19.01 25.31 -3.92
N ASP O 106 18.66 26.17 -4.86
CA ASP O 106 17.48 26.01 -5.69
C ASP O 106 17.88 25.67 -7.13
N GLU O 107 16.89 25.68 -8.03
CA GLU O 107 17.14 25.25 -9.41
C GLU O 107 18.09 26.18 -10.16
N LEU O 108 18.12 27.47 -9.81
CA LEU O 108 18.83 28.45 -10.62
C LEU O 108 20.06 29.04 -9.97
N THR O 109 20.46 28.57 -8.79
CA THR O 109 21.59 29.16 -8.08
C THR O 109 22.76 28.21 -8.11
N PRO O 110 23.89 28.59 -8.69
CA PRO O 110 25.05 27.71 -8.72
C PRO O 110 25.67 27.52 -7.34
N ILE O 111 26.29 26.36 -7.16
CA ILE O 111 27.10 26.05 -5.99
C ILE O 111 28.55 25.98 -6.43
N GLU O 112 29.44 26.54 -5.63
CA GLU O 112 30.86 26.47 -5.95
C GLU O 112 31.34 25.03 -5.94
N SER O 113 32.05 24.65 -7.01
CA SER O 113 32.66 23.33 -7.09
C SER O 113 33.80 23.21 -6.11
N SER O 114 33.93 22.02 -5.51
CA SER O 114 34.97 21.76 -4.51
C SER O 114 36.06 20.84 -5.03
N VAL O 115 36.36 20.88 -6.32
CA VAL O 115 37.43 20.04 -6.86
C VAL O 115 38.79 20.53 -6.38
N THR O 116 38.90 21.84 -6.08
CA THR O 116 40.16 22.35 -5.55
C THR O 116 40.39 21.92 -4.10
N VAL O 117 39.32 21.55 -3.41
CA VAL O 117 39.47 21.01 -2.05
C VAL O 117 39.66 19.50 -2.10
N TYR O 118 38.72 18.78 -2.70
CA TYR O 118 38.81 17.34 -2.87
C TYR O 118 38.64 17.01 -4.34
N LYS O 119 39.62 16.34 -4.92
CA LYS O 119 39.50 15.94 -6.32
C LYS O 119 38.40 14.90 -6.50
N ALA O 120 38.18 14.07 -5.48
CA ALA O 120 37.13 13.06 -5.55
C ALA O 120 35.77 13.66 -5.87
N ALA O 121 35.55 14.92 -5.47
CA ALA O 121 34.28 15.58 -5.71
C ALA O 121 33.91 15.63 -7.18
N ASN O 122 34.89 15.62 -8.08
CA ASN O 122 34.63 15.83 -9.51
C ASN O 122 33.42 15.02 -9.99
N TRP O 123 33.56 13.70 -10.00
CA TRP O 123 32.49 12.85 -10.51
C TRP O 123 31.23 13.02 -9.69
N TYR O 124 31.35 13.14 -8.36
CA TYR O 124 30.17 13.32 -7.53
C TYR O 124 29.37 14.52 -7.99
N GLU O 125 30.05 15.65 -8.23
CA GLU O 125 29.32 16.82 -8.68
C GLU O 125 28.65 16.56 -10.02
N ARG O 126 29.37 15.91 -10.94
CA ARG O 126 28.76 15.52 -12.20
C ARG O 126 27.48 14.75 -11.94
N GLU O 127 27.53 13.75 -11.05
CA GLU O 127 26.35 12.95 -10.79
C GLU O 127 25.21 13.83 -10.28
N ILE O 128 25.51 14.75 -9.36
CA ILE O 128 24.47 15.63 -8.87
C ILE O 128 23.87 16.41 -10.01
N TRP O 129 24.73 17.02 -10.85
CA TRP O 129 24.20 17.77 -11.99
C TRP O 129 23.37 16.86 -12.88
N ASP O 130 23.80 15.61 -13.04
CA ASP O 130 23.05 14.68 -13.87
C ASP O 130 21.69 14.36 -13.26
N MET O 131 21.65 14.14 -11.94
CA MET O 131 20.45 13.58 -11.34
C MET O 131 19.51 14.63 -10.79
N PHE O 132 20.02 15.82 -10.46
CA PHE O 132 19.20 16.84 -9.82
C PHE O 132 19.18 18.18 -10.55
N GLY O 133 20.09 18.41 -11.49
CA GLY O 133 20.12 19.67 -12.20
C GLY O 133 20.78 20.81 -11.45
N VAL O 134 21.62 20.52 -10.47
CA VAL O 134 22.33 21.55 -9.72
C VAL O 134 23.63 21.87 -10.45
N PHE O 135 23.81 23.13 -10.81
CA PHE O 135 24.99 23.56 -11.54
C PHE O 135 26.11 23.93 -10.57
N PHE O 136 27.31 23.42 -10.84
CA PHE O 136 28.47 23.71 -10.02
C PHE O 136 29.40 24.65 -10.78
N ALA O 137 29.66 25.81 -10.18
CA ALA O 137 30.49 26.81 -10.82
C ALA O 137 31.97 26.42 -10.77
N ASN O 138 32.68 26.73 -11.85
CA ASN O 138 34.11 26.45 -12.00
C ASN O 138 34.44 24.96 -11.93
N HIS O 139 33.53 24.10 -12.35
CA HIS O 139 33.84 22.69 -12.49
C HIS O 139 34.71 22.48 -13.72
N PRO O 140 35.80 21.70 -13.63
CA PRO O 140 36.67 21.53 -14.80
C PRO O 140 35.97 20.92 -16.01
N ASP O 141 35.11 19.92 -15.82
CA ASP O 141 34.42 19.28 -16.95
C ASP O 141 33.07 18.78 -16.44
N LEU O 142 32.04 19.60 -16.58
CA LEU O 142 30.71 19.29 -16.08
C LEU O 142 29.83 18.82 -17.24
N ARG O 143 29.31 17.61 -17.11
CA ARG O 143 28.47 17.00 -18.13
C ARG O 143 27.80 15.79 -17.51
N ARG O 144 26.86 15.19 -18.25
CA ARG O 144 26.17 14.01 -17.77
C ARG O 144 27.16 12.86 -17.57
N ILE O 145 26.90 12.06 -16.55
CA ILE O 145 27.75 10.92 -16.21
C ILE O 145 26.97 9.60 -16.22
N LEU O 146 25.72 9.60 -15.75
CA LEU O 146 24.96 8.37 -15.59
C LEU O 146 23.89 8.16 -16.63
N THR O 147 23.31 9.21 -17.19
CA THR O 147 22.19 9.08 -18.09
C THR O 147 22.65 8.88 -19.53
N ASP O 148 21.71 8.47 -20.38
CA ASP O 148 21.97 8.29 -21.80
C ASP O 148 22.29 9.63 -22.46
N TYR O 149 23.07 9.56 -23.53
CA TYR O 149 23.36 10.75 -24.32
C TYR O 149 22.07 11.39 -24.81
N GLY O 150 21.97 12.70 -24.65
CA GLY O 150 20.80 13.42 -25.07
C GLY O 150 19.60 13.30 -24.15
N PHE O 151 19.75 12.65 -23.01
CA PHE O 151 18.61 12.45 -22.10
C PHE O 151 18.15 13.79 -21.53
N GLU O 152 16.84 13.98 -21.48
CA GLU O 152 16.25 15.22 -21.00
C GLU O 152 15.65 15.01 -19.62
N GLY O 153 15.89 15.99 -18.74
CA GLY O 153 15.38 15.93 -17.38
C GLY O 153 16.41 15.43 -16.39
N HIS O 154 16.02 15.46 -15.13
CA HIS O 154 16.88 15.05 -14.02
C HIS O 154 16.13 14.01 -13.21
N PRO O 155 16.44 12.72 -13.40
CA PRO O 155 15.54 11.65 -12.92
C PRO O 155 15.34 11.61 -11.41
N PHE O 156 16.32 12.06 -10.63
CA PHE O 156 16.22 11.87 -9.18
C PHE O 156 15.36 12.94 -8.51
N ARG O 157 14.88 13.93 -9.25
CA ARG O 157 13.92 14.86 -8.69
C ARG O 157 12.62 14.15 -8.35
N LYS O 158 11.97 14.59 -7.27
CA LYS O 158 10.77 13.92 -6.80
C LYS O 158 9.64 14.01 -7.81
N ASP O 159 9.60 15.08 -8.61
CA ASP O 159 8.52 15.22 -9.57
C ASP O 159 8.82 14.54 -10.91
N PHE O 160 10.01 13.97 -11.08
CA PHE O 160 10.28 13.18 -12.26
C PHE O 160 9.63 11.80 -12.11
N PRO O 161 8.87 11.33 -13.09
CA PRO O 161 8.19 10.04 -12.94
C PRO O 161 9.15 8.87 -12.95
N LEU O 162 8.75 7.79 -12.27
CA LEU O 162 9.63 6.64 -12.09
C LEU O 162 10.03 6.01 -13.41
N SER O 163 9.09 5.86 -14.33
CA SER O 163 9.38 5.27 -15.63
C SER O 163 9.79 6.30 -16.68
N GLY O 164 9.89 7.58 -16.31
CA GLY O 164 10.31 8.58 -17.26
C GLY O 164 9.24 8.90 -18.28
N TYR O 165 9.68 9.47 -19.39
CA TYR O 165 8.80 9.91 -20.45
C TYR O 165 8.98 9.17 -21.77
N VAL O 166 10.16 8.61 -22.04
CA VAL O 166 10.45 7.93 -23.29
C VAL O 166 11.04 6.56 -23.02
N GLU O 167 10.79 5.64 -23.95
CA GLU O 167 11.36 4.31 -23.95
C GLU O 167 11.96 4.03 -25.32
N LEU O 168 12.72 2.95 -25.41
CA LEU O 168 13.54 2.65 -26.58
C LEU O 168 13.16 1.32 -27.20
N ARG O 169 13.27 1.25 -28.52
CA ARG O 169 13.06 -0.02 -29.21
C ARG O 169 13.77 0.03 -30.55
N TYR O 170 13.99 -1.14 -31.14
CA TYR O 170 14.59 -1.20 -32.46
C TYR O 170 13.50 -1.14 -33.53
N ASP O 171 13.65 -0.21 -34.47
CA ASP O 171 12.73 -0.06 -35.58
C ASP O 171 13.42 -0.47 -36.86
N ASP O 172 12.74 -1.32 -37.64
CA ASP O 172 13.28 -1.91 -38.85
C ASP O 172 13.11 -1.02 -40.08
N GLU O 173 12.11 -0.14 -40.10
CA GLU O 173 11.94 0.76 -41.22
C GLU O 173 13.13 1.71 -41.35
N VAL O 174 13.61 2.22 -40.21
CA VAL O 174 14.77 3.10 -40.20
C VAL O 174 16.06 2.37 -39.84
N LYS O 175 15.96 1.09 -39.48
CA LYS O 175 17.13 0.26 -39.19
C LYS O 175 17.95 0.81 -38.02
N ARG O 176 17.27 1.20 -36.94
CA ARG O 176 18.01 1.76 -35.81
C ARG O 176 17.15 1.76 -34.56
N VAL O 177 17.78 2.03 -33.42
CA VAL O 177 17.08 2.17 -32.16
C VAL O 177 16.45 3.55 -32.11
N VAL O 178 15.18 3.61 -31.72
CA VAL O 178 14.43 4.85 -31.67
C VAL O 178 13.80 4.99 -30.30
N ALA O 179 13.53 6.26 -29.94
CA ALA O 179 12.90 6.63 -28.68
C ALA O 179 11.49 7.11 -28.96
N GLU O 180 10.53 6.61 -28.19
CA GLU O 180 9.12 6.93 -28.37
C GLU O 180 8.50 7.13 -27.00
N PRO O 181 7.38 7.85 -26.92
CA PRO O 181 6.73 8.04 -25.62
C PRO O 181 6.38 6.72 -24.95
N VAL O 182 6.59 6.67 -23.64
CA VAL O 182 6.54 5.40 -22.92
C VAL O 182 5.10 4.91 -22.81
N GLU O 183 4.91 3.61 -23.05
CA GLU O 183 3.64 2.94 -22.89
C GLU O 183 3.89 1.63 -22.16
N LEU O 184 3.13 1.36 -21.10
CA LEU O 184 3.36 0.20 -20.25
C LEU O 184 2.21 -0.78 -20.39
N ALA O 185 2.55 -2.04 -20.70
CA ALA O 185 1.54 -3.09 -20.76
C ALA O 185 0.87 -3.29 -19.41
N GLN O 186 1.66 -3.22 -18.33
CA GLN O 186 1.11 -3.15 -16.98
C GLN O 186 1.62 -1.87 -16.33
N GLU O 187 0.70 -1.05 -15.85
CA GLU O 187 1.04 0.16 -15.13
C GLU O 187 1.56 -0.22 -13.75
N PHE O 188 2.60 0.47 -13.29
CA PHE O 188 3.08 0.30 -11.93
C PHE O 188 1.94 0.59 -10.95
N ARG O 189 1.75 -0.30 -9.98
CA ARG O 189 0.61 -0.22 -9.08
C ARG O 189 0.99 0.56 -7.83
N LYS O 190 0.46 1.77 -7.71
CA LYS O 190 0.73 2.60 -6.55
C LYS O 190 0.10 2.00 -5.30
N PHE O 191 0.86 1.89 -4.23
CA PHE O 191 0.40 1.38 -2.96
C PHE O 191 0.37 2.49 -1.93
N ASP O 192 -0.72 2.55 -1.17
CA ASP O 192 -0.85 3.47 -0.05
C ASP O 192 -0.58 2.68 1.21
N LEU O 193 0.60 2.84 1.79
CA LEU O 193 1.04 2.00 2.89
C LEU O 193 0.93 2.66 4.25
N ASN O 194 0.95 3.99 4.33
CA ASN O 194 1.01 4.68 5.61
C ASN O 194 -0.18 4.34 6.49
N SER O 195 0.11 3.89 7.70
CA SER O 195 -0.93 3.72 8.69
C SER O 195 -1.47 5.08 9.14
N PRO O 196 -2.77 5.21 9.34
CA PRO O 196 -3.34 6.46 9.84
C PRO O 196 -3.15 6.69 11.33
N TRP O 197 -2.35 5.89 12.02
CA TRP O 197 -2.05 6.11 13.43
C TRP O 197 -0.58 6.48 13.59
N GLU O 198 -0.32 7.47 14.43
CA GLU O 198 1.02 7.98 14.61
C GLU O 198 1.93 6.94 15.26
N ALA O 199 3.15 6.81 14.73
CA ALA O 199 4.11 5.81 15.17
C ALA O 199 5.04 6.30 16.26
N PHE O 200 5.55 7.52 16.17
CA PHE O 200 6.61 8.00 17.05
C PHE O 200 6.22 9.31 17.71
N PRO O 201 5.74 9.29 18.96
CA PRO O 201 5.36 10.53 19.64
C PRO O 201 6.51 11.51 19.84
N ALA O 202 7.77 11.03 19.90
CA ALA O 202 8.90 11.92 20.11
C ALA O 202 9.16 12.85 18.93
N TYR O 203 8.55 12.59 17.78
CA TYR O 203 8.72 13.44 16.60
C TYR O 203 7.45 14.16 16.20
N ARG O 204 6.48 14.27 17.11
CA ARG O 204 5.24 14.96 16.79
C ARG O 204 5.49 16.45 16.57
N GLN O 205 4.90 17.00 15.52
CA GLN O 205 5.01 18.42 15.21
C GLN O 205 3.85 19.20 15.83
N PRO O 206 4.05 20.48 16.12
CA PRO O 206 2.94 21.32 16.59
C PRO O 206 1.83 21.38 15.57
N PRO O 207 0.57 21.40 16.02
CA PRO O 207 -0.56 21.32 15.09
C PRO O 207 -0.86 22.61 14.34
N GLU O 208 0.03 23.58 14.36
CA GLU O 208 -0.15 24.86 13.65
C GLU O 208 -1.39 25.59 14.13
N SER P 1 47.93 15.02 -33.71
CA SER P 1 46.60 14.53 -33.33
C SER P 1 46.66 13.09 -32.82
N ASN P 2 46.15 12.89 -31.60
CA ASN P 2 46.09 11.55 -31.03
C ASN P 2 44.97 10.74 -31.65
N LEU P 3 45.15 9.42 -31.64
CA LEU P 3 44.11 8.51 -32.12
C LEU P 3 43.12 8.26 -30.98
N THR P 4 41.84 8.28 -31.31
CA THR P 4 40.77 8.07 -30.34
C THR P 4 40.20 6.67 -30.50
N LEU P 5 40.04 5.96 -29.38
CA LEU P 5 39.66 4.56 -29.38
C LEU P 5 38.54 4.31 -28.38
N ASN P 6 37.58 3.48 -28.79
CA ASN P 6 36.55 2.96 -27.89
C ASN P 6 37.03 1.65 -27.31
N PHE P 7 37.36 1.65 -26.02
CA PHE P 7 37.76 0.46 -25.28
C PHE P 7 36.54 -0.03 -24.52
N GLY P 8 35.87 -1.04 -25.06
CA GLY P 8 34.60 -1.46 -24.54
C GLY P 8 33.46 -0.63 -25.11
N PRO P 9 32.22 -0.94 -24.73
CA PRO P 9 31.80 -1.93 -23.73
C PRO P 9 32.02 -3.39 -24.14
N GLN P 10 31.81 -3.74 -25.41
CA GLN P 10 32.01 -5.11 -25.88
C GLN P 10 33.51 -5.36 -26.08
N HIS P 11 34.17 -5.55 -24.96
CA HIS P 11 35.61 -5.82 -24.91
C HIS P 11 35.85 -6.77 -23.74
N PRO P 12 36.81 -7.71 -23.89
CA PRO P 12 37.10 -8.69 -22.85
C PRO P 12 37.60 -8.09 -21.52
N ALA P 13 38.41 -7.04 -21.61
CA ALA P 13 38.97 -6.38 -20.44
C ALA P 13 38.14 -5.18 -19.96
N ALA P 14 37.03 -4.91 -20.64
CA ALA P 14 36.19 -3.78 -20.29
C ALA P 14 35.04 -4.10 -19.33
N HIS P 15 34.93 -5.36 -18.92
CA HIS P 15 33.91 -5.85 -17.99
C HIS P 15 32.48 -5.69 -18.51
N GLY P 16 32.36 -5.88 -19.72
CA GLY P 16 31.05 -5.79 -20.33
C GLY P 16 30.41 -4.43 -20.58
N VAL P 17 30.23 -3.63 -19.53
CA VAL P 17 29.58 -2.32 -19.67
C VAL P 17 30.43 -1.05 -19.64
N LEU P 18 31.75 -1.16 -19.63
CA LEU P 18 32.55 0.06 -19.58
C LEU P 18 33.04 0.52 -20.94
N ARG P 19 32.72 1.75 -21.30
CA ARG P 19 33.17 2.32 -22.55
C ARG P 19 34.23 3.30 -22.12
N LEU P 20 35.45 3.06 -22.55
CA LEU P 20 36.53 3.95 -22.18
C LEU P 20 36.99 4.65 -23.45
N VAL P 21 36.92 5.96 -23.46
CA VAL P 21 37.36 6.72 -24.61
C VAL P 21 38.80 7.05 -24.31
N MET P 22 39.68 6.48 -25.12
CA MET P 22 41.11 6.61 -24.90
C MET P 22 41.74 7.42 -26.02
N GLU P 23 42.55 8.40 -25.64
CA GLU P 23 43.37 9.14 -26.58
C GLU P 23 44.80 8.61 -26.48
N LEU P 24 45.34 8.13 -27.60
CA LEU P 24 46.59 7.42 -27.66
C LEU P 24 47.55 8.07 -28.64
N SER P 25 48.84 7.96 -28.33
CA SER P 25 49.91 8.28 -29.26
C SER P 25 50.72 7.01 -29.47
N GLY P 26 50.51 6.37 -30.61
CA GLY P 26 50.94 4.98 -30.72
C GLY P 26 50.13 4.16 -29.74
N GLU P 27 50.81 3.40 -28.89
CA GLU P 27 50.15 2.70 -27.79
C GLU P 27 50.29 3.45 -26.46
N MET P 28 51.00 4.58 -26.44
CA MET P 28 51.05 5.40 -25.23
C MET P 28 49.70 6.06 -25.01
N VAL P 29 49.23 6.02 -23.77
CA VAL P 29 47.90 6.51 -23.41
C VAL P 29 48.05 7.97 -23.03
N ARG P 30 47.57 8.86 -23.91
CA ARG P 30 47.60 10.29 -23.63
C ARG P 30 46.49 10.68 -22.67
N LYS P 31 45.32 10.05 -22.78
CA LYS P 31 44.21 10.41 -21.93
C LYS P 31 43.22 9.25 -21.81
N CYS P 32 42.67 9.08 -20.62
CA CYS P 32 41.61 8.12 -20.35
C CYS P 32 40.36 8.90 -19.95
N ASP P 33 39.23 8.60 -20.60
CA ASP P 33 37.94 9.19 -20.26
C ASP P 33 36.93 8.07 -20.14
N PRO P 34 36.66 7.59 -18.92
CA PRO P 34 35.68 6.52 -18.75
C PRO P 34 34.27 7.06 -18.92
N HIS P 35 33.49 6.41 -19.78
CA HIS P 35 32.07 6.68 -19.91
C HIS P 35 31.32 5.50 -19.29
N ILE P 36 30.48 5.81 -18.31
CA ILE P 36 29.74 4.86 -17.51
C ILE P 36 28.26 5.18 -17.67
N GLY P 37 27.40 4.46 -16.94
CA GLY P 37 25.97 4.57 -17.11
C GLY P 37 25.38 3.53 -18.04
N LEU P 38 26.20 2.71 -18.68
CA LEU P 38 25.70 1.59 -19.47
C LEU P 38 25.07 0.51 -18.59
N LEU P 39 25.26 0.59 -17.27
CA LEU P 39 24.54 -0.27 -16.34
C LEU P 39 23.83 0.56 -15.26
N HIS P 40 23.47 1.79 -15.58
CA HIS P 40 22.69 2.61 -14.65
C HIS P 40 21.22 2.25 -14.75
N GLY P 42 18.83 3.02 -12.26
CA GLY P 42 18.03 3.86 -11.39
C GLY P 42 17.63 3.21 -10.07
N THR P 43 18.58 2.49 -9.46
CA THR P 43 18.32 1.80 -8.19
C THR P 43 17.88 2.78 -7.11
N GLU P 44 18.55 3.93 -7.01
CA GLU P 44 18.29 4.86 -5.91
C GLU P 44 16.89 5.44 -5.99
N LYS P 45 16.37 5.65 -7.21
CA LYS P 45 14.99 6.09 -7.34
C LYS P 45 14.01 4.95 -7.10
N LEU P 46 14.34 3.75 -7.56
CA LEU P 46 13.44 2.60 -7.37
C LEU P 46 13.24 2.30 -5.90
N ILE P 47 14.29 2.47 -5.09
CA ILE P 47 14.21 2.20 -3.66
C ILE P 47 13.20 3.11 -2.97
N GLU P 48 12.98 4.30 -3.52
CA GLU P 48 12.04 5.24 -2.91
C GLU P 48 10.59 4.76 -3.01
N TYR P 49 10.32 3.73 -3.80
CA TYR P 49 8.99 3.15 -3.92
C TYR P 49 8.87 1.79 -3.24
N LYS P 50 9.84 1.41 -2.42
CA LYS P 50 9.84 0.12 -1.75
C LYS P 50 9.84 0.31 -0.24
N THR P 51 9.35 -0.70 0.46
CA THR P 51 9.61 -0.79 1.88
C THR P 51 11.08 -1.16 2.09
N TYR P 52 11.51 -1.07 3.36
CA TYR P 52 12.91 -1.36 3.65
C TYR P 52 13.24 -2.82 3.33
N LEU P 53 12.35 -3.75 3.69
CA LEU P 53 12.53 -5.14 3.29
C LEU P 53 12.50 -5.28 1.77
N GLN P 54 11.58 -4.58 1.10
CA GLN P 54 11.52 -4.65 -0.36
C GLN P 54 12.77 -4.06 -1.00
N ALA P 55 13.38 -3.07 -0.34
CA ALA P 55 14.60 -2.47 -0.86
C ALA P 55 15.83 -3.33 -0.62
N LEU P 56 15.79 -4.23 0.36
CA LEU P 56 16.97 -5.04 0.66
C LEU P 56 17.54 -5.79 -0.55
N PRO P 57 16.77 -6.50 -1.38
CA PRO P 57 17.39 -7.25 -2.49
C PRO P 57 18.11 -6.39 -3.51
N TYR P 58 17.83 -5.08 -3.59
CA TYR P 58 18.56 -4.22 -4.51
C TYR P 58 20.03 -4.15 -4.17
N PHE P 59 20.39 -4.45 -2.92
CA PHE P 59 21.78 -4.33 -2.51
C PHE P 59 22.59 -5.55 -2.91
N ASP P 60 21.92 -6.71 -3.05
CA ASP P 60 22.59 -7.89 -3.59
C ASP P 60 23.15 -7.60 -4.98
N ARG P 61 22.46 -6.77 -5.75
CA ARG P 61 22.77 -6.56 -7.15
C ARG P 61 23.63 -5.33 -7.41
N LEU P 62 24.13 -4.66 -6.37
CA LEU P 62 25.06 -3.56 -6.57
C LEU P 62 26.46 -4.09 -6.86
N ASP P 63 27.09 -4.69 -5.87
CA ASP P 63 28.38 -5.37 -6.07
C ASP P 63 28.06 -6.86 -6.03
N TYR P 64 27.78 -7.36 -7.29
CA TYR P 64 27.35 -8.74 -7.38
C TYR P 64 28.44 -9.78 -7.17
N VAL P 65 29.55 -9.36 -6.85
CA VAL P 65 30.58 -10.27 -6.39
C VAL P 65 30.63 -10.36 -4.87
N SER P 66 30.09 -9.37 -4.15
CA SER P 66 30.07 -9.36 -2.69
C SER P 66 28.65 -9.04 -2.21
N MET P 67 27.80 -10.06 -2.15
CA MET P 67 26.37 -9.85 -1.92
C MET P 67 26.08 -9.60 -0.43
N MET P 68 26.50 -10.54 0.43
CA MET P 68 26.15 -10.45 1.84
C MET P 68 26.81 -9.25 2.51
N CYS P 69 27.94 -8.78 1.97
CA CYS P 69 28.55 -7.56 2.51
C CYS P 69 27.66 -6.33 2.26
N ASN P 70 27.10 -6.23 1.05
CA ASN P 70 26.13 -5.16 0.78
C ASN P 70 24.91 -5.28 1.66
N GLU P 71 24.41 -6.53 1.82
CA GLU P 71 23.27 -6.75 2.71
C GLU P 71 23.59 -6.27 4.12
N GLN P 72 24.81 -6.56 4.60
CA GLN P 72 25.20 -6.18 5.95
C GLN P 72 25.30 -4.66 6.09
N ALA P 73 25.85 -3.98 5.10
CA ALA P 73 25.93 -2.52 5.17
C ALA P 73 24.53 -1.91 5.27
N TYR P 74 23.61 -2.35 4.40
CA TYR P 74 22.26 -1.82 4.44
C TYR P 74 21.55 -2.16 5.75
N SER P 75 21.74 -3.40 6.23
CA SER P 75 21.11 -3.82 7.48
C SER P 75 21.63 -3.00 8.65
N LEU P 76 22.94 -2.72 8.68
CA LEU P 76 23.49 -1.91 9.76
C LEU P 76 22.93 -0.50 9.72
N ALA P 77 22.80 0.09 8.52
CA ALA P 77 22.19 1.42 8.42
C ALA P 77 20.77 1.42 8.97
N VAL P 78 19.96 0.43 8.56
CA VAL P 78 18.58 0.39 9.00
C VAL P 78 18.48 0.12 10.50
N GLU P 79 19.35 -0.75 11.03
CA GLU P 79 19.33 -1.04 12.46
C GLU P 79 19.74 0.17 13.28
N LYS P 80 20.70 0.96 12.78
CA LYS P 80 21.06 2.21 13.44
C LYS P 80 19.88 3.18 13.44
N LEU P 81 19.15 3.28 12.33
CA LEU P 81 18.00 4.17 12.29
C LEU P 81 16.86 3.66 13.17
N LEU P 82 16.75 2.35 13.35
CA LEU P 82 15.70 1.78 14.18
C LEU P 82 16.04 1.78 15.66
N ASN P 83 17.29 2.03 16.02
CA ASN P 83 17.76 1.99 17.41
C ASN P 83 17.55 0.60 18.02
N ILE P 84 17.82 -0.44 17.25
CA ILE P 84 17.71 -1.82 17.71
C ILE P 84 19.06 -2.51 17.53
N GLN P 85 19.19 -3.69 18.13
CA GLN P 85 20.43 -4.45 18.16
C GLN P 85 20.19 -5.86 17.63
N PRO P 86 21.01 -6.34 16.69
CA PRO P 86 20.88 -7.74 16.27
C PRO P 86 21.38 -8.67 17.36
N PRO P 87 20.86 -9.90 17.41
CA PRO P 87 21.31 -10.86 18.43
C PRO P 87 22.73 -11.32 18.14
N PRO P 88 23.46 -11.75 19.18
CA PRO P 88 24.90 -12.08 18.98
C PRO P 88 25.17 -13.17 17.95
N ARG P 89 24.37 -14.23 17.93
CA ARG P 89 24.60 -15.31 16.98
C ARG P 89 24.42 -14.81 15.54
N ALA P 90 23.45 -13.92 15.33
CA ALA P 90 23.29 -13.30 14.03
C ALA P 90 24.52 -12.49 13.63
N GLN P 91 25.12 -11.78 14.59
CA GLN P 91 26.34 -11.01 14.30
C GLN P 91 27.50 -11.93 13.94
N TRP P 92 27.64 -13.06 14.65
CA TRP P 92 28.70 -14.00 14.31
C TRP P 92 28.49 -14.63 12.94
N ILE P 93 27.25 -15.00 12.62
CA ILE P 93 26.95 -15.52 11.28
C ILE P 93 27.25 -14.46 10.22
N ARG P 94 26.91 -13.20 10.52
CA ARG P 94 27.17 -12.11 9.59
C ARG P 94 28.66 -11.97 9.32
N VAL P 95 29.49 -12.01 10.36
CA VAL P 95 30.92 -11.86 10.15
C VAL P 95 31.49 -13.06 9.41
N LEU P 96 31.05 -14.26 9.75
CA LEU P 96 31.52 -15.46 9.05
C LEU P 96 31.21 -15.38 7.56
N PHE P 97 29.97 -15.06 7.21
CA PHE P 97 29.61 -15.01 5.80
C PHE P 97 30.19 -13.79 5.10
N GLY P 98 30.45 -12.70 5.83
CA GLY P 98 31.19 -11.61 5.25
C GLY P 98 32.60 -11.98 4.87
N GLU P 99 33.27 -12.80 5.69
CA GLU P 99 34.61 -13.24 5.32
C GLU P 99 34.58 -14.26 4.19
N ILE P 100 33.58 -15.14 4.16
CA ILE P 100 33.40 -16.02 3.00
C ILE P 100 33.22 -15.19 1.75
N THR P 101 32.43 -14.10 1.86
CA THR P 101 32.20 -13.22 0.74
C THR P 101 33.46 -12.51 0.30
N ARG P 102 34.30 -12.10 1.27
CA ARG P 102 35.58 -11.49 0.92
C ARG P 102 36.47 -12.48 0.18
N LEU P 103 36.44 -13.75 0.59
CA LEU P 103 37.16 -14.79 -0.15
C LEU P 103 36.67 -14.86 -1.59
N LEU P 104 35.35 -14.92 -1.78
CA LEU P 104 34.79 -14.97 -3.13
C LEU P 104 35.25 -13.77 -3.96
N ASN P 105 35.16 -12.57 -3.39
CA ASN P 105 35.50 -11.36 -4.13
C ASN P 105 36.97 -11.32 -4.48
N HIS P 106 37.86 -11.68 -3.54
CA HIS P 106 39.28 -11.61 -3.82
C HIS P 106 39.69 -12.66 -4.84
N ILE P 107 39.05 -13.84 -4.81
CA ILE P 107 39.28 -14.81 -5.86
C ILE P 107 38.91 -14.22 -7.21
N MET P 108 37.72 -13.64 -7.32
CA MET P 108 37.30 -13.07 -8.59
C MET P 108 38.26 -11.98 -9.05
N ALA P 109 38.61 -11.07 -8.16
CA ALA P 109 39.47 -9.95 -8.51
C ALA P 109 40.84 -10.43 -8.98
N VAL P 110 41.50 -11.26 -8.19
CA VAL P 110 42.85 -11.69 -8.52
C VAL P 110 42.85 -12.50 -9.81
N THR P 111 41.92 -13.44 -9.96
CA THR P 111 41.98 -14.32 -11.13
C THR P 111 41.57 -13.59 -12.40
N THR P 112 40.58 -12.69 -12.35
CA THR P 112 40.23 -11.95 -13.55
C THR P 112 41.32 -10.94 -13.91
N HIS P 113 41.97 -10.36 -12.89
CA HIS P 113 43.12 -9.50 -13.15
C HIS P 113 44.23 -10.28 -13.86
N ALA P 114 44.51 -11.49 -13.39
CA ALA P 114 45.52 -12.34 -14.04
C ALA P 114 45.09 -12.73 -15.45
N LEU P 115 43.80 -12.99 -15.65
CA LEU P 115 43.31 -13.35 -16.99
C LEU P 115 43.49 -12.19 -17.96
N ASP P 116 43.22 -10.83 -17.51
CA ASP P 116 43.45 -9.65 -18.35
C ASP P 116 44.93 -9.59 -18.72
N ILE P 117 45.78 -9.87 -17.66
CA ILE P 117 47.22 -9.82 -17.91
C ILE P 117 47.64 -10.92 -18.86
N GLY P 118 47.02 -12.10 -18.75
CA GLY P 118 47.30 -13.17 -19.70
C GLY P 118 47.41 -14.55 -19.10
N ALA P 119 47.44 -14.64 -17.77
CA ALA P 119 47.49 -15.92 -17.08
C ALA P 119 46.07 -16.42 -16.86
N MET P 120 45.67 -17.39 -17.67
CA MET P 120 44.26 -17.80 -17.71
C MET P 120 43.99 -18.96 -16.76
N THR P 121 45.00 -19.76 -16.45
CA THR P 121 44.79 -21.00 -15.71
C THR P 121 44.28 -20.81 -14.28
N PRO P 122 44.82 -19.90 -13.45
CA PRO P 122 44.35 -19.84 -12.05
C PRO P 122 42.87 -19.54 -11.90
N PHE P 123 42.27 -18.86 -12.88
CA PHE P 123 40.83 -18.63 -12.88
C PHE P 123 40.07 -19.94 -12.71
N PHE P 124 40.44 -20.96 -13.49
CA PHE P 124 39.74 -22.24 -13.44
C PHE P 124 39.96 -22.95 -12.11
N TRP P 125 41.18 -22.91 -11.58
CA TRP P 125 41.43 -23.55 -10.28
C TRP P 125 40.61 -22.91 -9.18
N MET P 126 40.51 -21.58 -9.19
CA MET P 126 39.89 -20.90 -8.06
C MET P 126 38.37 -20.82 -8.19
N PHE P 127 37.84 -20.98 -9.41
CA PHE P 127 36.40 -20.87 -9.54
C PHE P 127 35.67 -22.11 -9.06
N GLU P 128 36.37 -23.24 -8.92
CA GLU P 128 35.76 -24.39 -8.24
C GLU P 128 35.59 -24.11 -6.75
N GLU P 129 36.57 -23.44 -6.13
CA GLU P 129 36.41 -22.99 -4.75
C GLU P 129 35.24 -22.01 -4.64
N ARG P 130 35.15 -21.09 -5.60
CA ARG P 130 33.99 -20.20 -5.66
C ARG P 130 32.69 -20.99 -5.75
N GLU P 131 32.71 -22.10 -6.50
CA GLU P 131 31.53 -22.95 -6.63
C GLU P 131 31.13 -23.57 -5.29
N LYS P 132 32.13 -24.06 -4.56
CA LYS P 132 31.89 -24.67 -3.25
C LYS P 132 31.34 -23.63 -2.29
N MET P 133 31.88 -22.42 -2.36
CA MET P 133 31.42 -21.29 -1.55
C MET P 133 29.97 -20.92 -1.89
N PHE P 134 29.63 -21.02 -3.18
CA PHE P 134 28.27 -20.76 -3.67
C PHE P 134 27.28 -21.73 -3.02
N GLU P 135 27.69 -22.98 -2.86
CA GLU P 135 26.86 -24.00 -2.21
C GLU P 135 26.59 -23.59 -0.76
N PHE P 136 27.58 -23.03 -0.07
CA PHE P 136 27.38 -22.59 1.30
C PHE P 136 26.31 -21.51 1.27
N TYR P 137 26.38 -20.62 0.28
CA TYR P 137 25.34 -19.60 0.13
C TYR P 137 23.97 -20.24 -0.07
N GLU P 138 23.88 -21.17 -1.02
CA GLU P 138 22.61 -21.77 -1.36
C GLU P 138 22.05 -22.61 -0.22
N ARG P 139 22.92 -23.31 0.51
CA ARG P 139 22.46 -24.09 1.64
C ARG P 139 21.89 -23.19 2.74
N VAL P 140 22.51 -22.04 2.96
CA VAL P 140 21.98 -21.17 4.00
C VAL P 140 20.72 -20.42 3.55
N SER P 141 20.58 -20.10 2.26
CA SER P 141 19.49 -19.23 1.83
C SER P 141 18.63 -19.79 0.71
N GLY P 142 19.12 -20.73 -0.09
CA GLY P 142 18.40 -21.19 -1.25
C GLY P 142 18.80 -20.51 -2.54
N ALA P 143 19.72 -19.56 -2.51
CA ALA P 143 20.22 -18.88 -3.68
C ALA P 143 21.74 -18.89 -3.67
N ARG P 144 22.33 -19.06 -4.85
CA ARG P 144 23.79 -19.21 -4.93
C ARG P 144 24.52 -17.89 -4.69
N MET P 145 24.01 -16.78 -5.20
CA MET P 145 24.64 -15.50 -4.92
C MET P 145 23.71 -14.46 -4.31
N HIS P 146 22.54 -14.20 -4.89
CA HIS P 146 21.65 -13.15 -4.39
C HIS P 146 20.84 -13.69 -3.21
N ALA P 147 21.53 -13.83 -2.08
CA ALA P 147 20.95 -14.57 -0.95
C ALA P 147 19.78 -13.81 -0.31
N ALA P 148 19.92 -12.49 -0.14
CA ALA P 148 19.02 -11.70 0.70
C ALA P 148 18.94 -12.28 2.11
N TYR P 149 20.05 -12.87 2.56
CA TYR P 149 20.07 -13.58 3.83
C TYR P 149 20.17 -12.61 5.00
N ILE P 150 20.99 -11.56 4.87
CA ILE P 150 21.23 -10.64 5.97
C ILE P 150 20.22 -9.50 5.86
N ARG P 151 19.41 -9.35 6.89
CA ARG P 151 18.32 -8.39 6.94
C ARG P 151 18.46 -7.51 8.17
N PRO P 152 17.88 -6.32 8.16
CA PRO P 152 17.82 -5.52 9.40
C PRO P 152 17.13 -6.30 10.50
N GLY P 153 17.84 -6.44 11.63
CA GLY P 153 17.38 -7.25 12.73
C GLY P 153 18.10 -8.56 12.93
N GLY P 154 18.91 -9.00 11.96
CA GLY P 154 19.65 -10.23 12.07
C GLY P 154 19.83 -10.94 10.76
N VAL P 155 19.46 -12.23 10.71
CA VAL P 155 19.47 -13.01 9.48
C VAL P 155 18.09 -13.63 9.31
N HIS P 156 17.79 -14.07 8.09
CA HIS P 156 16.46 -14.59 7.80
C HIS P 156 16.23 -15.95 8.45
N GLN P 157 17.21 -16.85 8.36
CA GLN P 157 17.07 -18.20 8.90
C GLN P 157 18.34 -18.61 9.61
N ASP P 158 18.21 -19.59 10.51
CA ASP P 158 19.34 -20.18 11.18
C ASP P 158 20.09 -21.14 10.25
N LEU P 159 21.34 -21.43 10.61
CA LEU P 159 22.15 -22.33 9.80
C LEU P 159 21.57 -23.75 9.86
N PRO P 160 21.51 -24.45 8.73
CA PRO P 160 21.11 -25.85 8.77
C PRO P 160 22.15 -26.70 9.48
N LEU P 161 21.69 -27.78 10.10
CA LEU P 161 22.60 -28.68 10.78
C LEU P 161 23.60 -29.28 9.81
N GLY P 162 24.88 -29.23 10.18
CA GLY P 162 25.94 -29.74 9.35
C GLY P 162 26.66 -28.73 8.48
N LEU P 163 26.21 -27.47 8.45
CA LEU P 163 26.86 -26.47 7.61
C LEU P 163 28.24 -26.10 8.15
N LEU P 164 28.37 -25.97 9.48
CA LEU P 164 29.63 -25.55 10.07
C LEU P 164 30.75 -26.55 9.78
N ASP P 165 30.43 -27.84 9.82
CA ASP P 165 31.44 -28.86 9.53
C ASP P 165 31.93 -28.77 8.10
N ASP P 166 31.02 -28.56 7.15
CA ASP P 166 31.43 -28.45 5.75
C ASP P 166 32.23 -27.18 5.50
N ILE P 167 31.86 -26.07 6.14
CA ILE P 167 32.64 -24.84 6.03
C ILE P 167 34.04 -25.07 6.60
N TYR P 168 34.14 -25.79 7.71
CA TYR P 168 35.44 -26.11 8.27
C TYR P 168 36.26 -26.97 7.31
N GLU P 169 35.63 -27.95 6.67
CA GLU P 169 36.33 -28.81 5.73
C GLU P 169 36.87 -28.01 4.54
N PHE P 170 36.08 -27.08 4.02
CA PHE P 170 36.56 -26.22 2.94
C PHE P 170 37.69 -25.31 3.40
N SER P 171 37.56 -24.76 4.61
CA SER P 171 38.52 -23.78 5.10
C SER P 171 39.86 -24.41 5.42
N LYS P 172 39.87 -25.68 5.82
CA LYS P 172 41.13 -26.34 6.12
C LYS P 172 41.91 -26.71 4.86
N ASN P 173 41.32 -26.52 3.67
CA ASN P 173 42.00 -26.82 2.41
C ASN P 173 42.25 -25.60 1.55
N PHE P 174 41.54 -24.48 1.76
CA PHE P 174 41.68 -23.33 0.87
C PHE P 174 43.11 -22.76 0.83
N SER P 175 43.88 -22.93 1.90
CA SER P 175 45.22 -22.35 1.96
C SER P 175 46.12 -22.95 0.88
N PHE P 176 45.95 -24.23 0.57
CA PHE P 176 46.76 -24.84 -0.48
C PHE P 176 46.42 -24.30 -1.86
N ARG P 177 45.15 -23.98 -2.11
CA ARG P 177 44.80 -23.32 -3.36
C ARG P 177 45.45 -21.95 -3.45
N ILE P 178 45.45 -21.20 -2.34
CA ILE P 178 46.17 -19.93 -2.33
C ILE P 178 47.65 -20.14 -2.64
N ASP P 179 48.24 -21.19 -2.06
CA ASP P 179 49.65 -21.48 -2.30
C ASP P 179 49.92 -21.79 -3.76
N GLU P 180 49.02 -22.54 -4.41
CA GLU P 180 49.19 -22.83 -5.82
C GLU P 180 49.09 -21.57 -6.69
N LEU P 181 48.13 -20.69 -6.37
CA LEU P 181 48.01 -19.44 -7.10
C LEU P 181 49.29 -18.61 -6.97
N GLU P 182 49.83 -18.54 -5.74
CA GLU P 182 51.04 -17.78 -5.52
C GLU P 182 52.25 -18.42 -6.19
N GLU P 183 52.26 -19.75 -6.27
CA GLU P 183 53.31 -20.44 -7.01
C GLU P 183 53.24 -20.11 -8.49
N MET P 184 52.02 -19.88 -9.01
CA MET P 184 51.91 -19.49 -10.40
C MET P 184 52.27 -18.03 -10.64
N LEU P 185 52.00 -17.14 -9.69
CA LEU P 185 52.12 -15.71 -10.00
C LEU P 185 53.18 -14.95 -9.23
N THR P 186 53.34 -15.20 -7.93
CA THR P 186 54.02 -14.24 -7.05
C THR P 186 55.46 -14.00 -7.47
N ASN P 187 56.22 -15.06 -7.73
CA ASN P 187 57.63 -14.92 -8.06
C ASN P 187 57.90 -14.95 -9.56
N ASN P 188 56.87 -15.10 -10.39
CA ASN P 188 57.06 -15.13 -11.83
C ASN P 188 57.58 -13.79 -12.34
N ARG P 189 58.61 -13.84 -13.17
CA ARG P 189 59.23 -12.60 -13.64
C ARG P 189 58.36 -11.89 -14.68
N ILE P 190 57.60 -12.63 -15.48
CA ILE P 190 56.67 -11.99 -16.41
C ILE P 190 55.57 -11.27 -15.64
N TRP P 191 55.02 -11.90 -14.60
CA TRP P 191 53.98 -11.27 -13.80
C TRP P 191 54.50 -10.00 -13.13
N ARG P 192 55.71 -10.07 -12.57
CA ARG P 192 56.30 -8.89 -11.95
C ARG P 192 56.57 -7.79 -12.97
N ASN P 193 57.05 -8.15 -14.16
CA ASN P 193 57.24 -7.18 -15.22
C ASN P 193 55.93 -6.52 -15.61
N ARG P 194 54.82 -7.26 -15.53
CA ARG P 194 53.53 -6.69 -15.86
C ARG P 194 52.90 -5.90 -14.72
N THR P 195 53.37 -6.09 -13.48
CA THR P 195 52.71 -5.46 -12.34
C THR P 195 53.57 -4.48 -11.55
N VAL P 196 54.89 -4.64 -11.52
CA VAL P 196 55.72 -3.81 -10.66
C VAL P 196 55.84 -2.41 -11.25
N ASP P 197 55.62 -1.40 -10.40
CA ASP P 197 55.70 0.02 -10.76
C ASP P 197 54.68 0.41 -11.81
N ILE P 198 53.53 -0.25 -11.86
CA ILE P 198 52.45 0.10 -12.76
C ILE P 198 51.30 0.68 -11.94
N GLY P 199 50.83 1.86 -12.32
CA GLY P 199 49.78 2.51 -11.57
C GLY P 199 50.18 2.91 -10.17
N VAL P 200 51.35 3.51 -10.03
CA VAL P 200 51.83 3.98 -8.74
C VAL P 200 51.03 5.20 -8.32
N VAL P 201 50.48 5.15 -7.11
CA VAL P 201 49.71 6.27 -6.54
C VAL P 201 50.29 6.61 -5.18
N THR P 202 50.44 7.90 -4.92
CA THR P 202 50.93 8.36 -3.63
C THR P 202 49.83 8.31 -2.58
N ALA P 203 50.24 8.30 -1.32
CA ALA P 203 49.27 8.25 -0.23
C ALA P 203 48.39 9.50 -0.20
N GLU P 204 49.01 10.67 -0.39
CA GLU P 204 48.26 11.92 -0.37
C GLU P 204 47.25 11.98 -1.50
N ASP P 205 47.66 11.59 -2.71
CA ASP P 205 46.74 11.56 -3.83
C ASP P 205 45.64 10.54 -3.62
N ALA P 206 45.97 9.39 -3.04
CA ALA P 206 44.94 8.37 -2.78
C ALA P 206 43.90 8.90 -1.80
N LEU P 207 44.33 9.61 -0.77
CA LEU P 207 43.38 10.19 0.18
C LEU P 207 42.54 11.28 -0.48
N ASN P 208 43.17 12.15 -1.27
CA ASN P 208 42.43 13.26 -1.86
C ASN P 208 41.48 12.80 -2.95
N TYR P 209 41.79 11.68 -3.61
CA TYR P 209 40.95 11.17 -4.70
C TYR P 209 39.81 10.31 -4.19
N GLY P 210 39.66 10.15 -2.88
CA GLY P 210 38.56 9.39 -2.33
C GLY P 210 38.75 7.89 -2.32
N PHE P 211 39.98 7.41 -2.44
CA PHE P 211 40.25 5.98 -2.49
C PHE P 211 39.98 5.34 -1.12
N SER P 212 39.79 4.02 -1.13
CA SER P 212 39.56 3.28 0.09
C SER P 212 40.03 1.85 -0.10
N GLY P 213 40.21 1.16 1.03
CA GLY P 213 40.57 -0.25 0.97
C GLY P 213 42.01 -0.45 0.55
N VAL P 214 42.22 -1.46 -0.29
CA VAL P 214 43.56 -1.81 -0.76
C VAL P 214 44.18 -0.65 -1.54
N MET P 215 43.36 0.11 -2.28
CA MET P 215 43.86 1.27 -3.00
C MET P 215 44.51 2.29 -2.08
N LEU P 216 44.17 2.27 -0.79
CA LEU P 216 44.92 3.00 0.22
C LEU P 216 46.08 2.19 0.78
N ARG P 217 45.82 0.93 1.15
CA ARG P 217 46.79 0.17 1.93
C ARG P 217 47.99 -0.24 1.08
N GLY P 218 47.83 -0.29 -0.23
CA GLY P 218 48.96 -0.53 -1.10
C GLY P 218 49.96 0.61 -1.11
N SER P 219 49.52 1.81 -0.73
CA SER P 219 50.40 2.97 -0.70
C SER P 219 50.95 3.25 0.70
N GLY P 220 50.78 2.31 1.63
CA GLY P 220 51.35 2.44 2.95
C GLY P 220 50.41 3.01 4.00
N ILE P 221 49.19 3.40 3.63
CA ILE P 221 48.26 3.97 4.60
C ILE P 221 47.69 2.87 5.48
N GLN P 222 47.87 3.01 6.79
CA GLN P 222 47.45 2.00 7.75
C GLN P 222 46.02 2.29 8.17
N TRP P 223 45.07 1.76 7.41
CA TRP P 223 43.67 2.05 7.63
C TRP P 223 42.82 0.85 7.22
N ASP P 224 41.94 0.41 8.12
CA ASP P 224 40.99 -0.66 7.83
C ASP P 224 39.78 -0.45 8.73
N LEU P 225 38.61 -0.29 8.12
CA LEU P 225 37.42 0.04 8.89
C LEU P 225 37.08 -1.05 9.91
N ARG P 226 37.42 -2.31 9.63
CA ARG P 226 37.18 -3.36 10.59
C ARG P 226 38.00 -3.16 11.87
N LYS P 227 39.18 -2.56 11.76
CA LYS P 227 40.00 -2.25 12.91
C LYS P 227 39.63 -0.93 13.57
N THR P 228 39.47 0.13 12.76
CA THR P 228 39.30 1.46 13.33
C THR P 228 37.85 1.74 13.73
N GLN P 229 36.89 1.27 12.96
CA GLN P 229 35.47 1.50 13.22
C GLN P 229 34.71 0.19 13.15
N PRO P 230 34.95 -0.71 14.11
CA PRO P 230 34.38 -2.07 13.99
C PRO P 230 32.87 -2.09 14.10
N TYR P 231 32.27 -3.09 13.45
CA TYR P 231 30.85 -3.33 13.46
C TYR P 231 30.60 -4.81 13.71
N ASP P 232 29.41 -5.13 14.18
CA ASP P 232 29.02 -6.50 14.56
C ASP P 232 30.02 -6.97 15.61
N VAL P 233 30.73 -8.08 15.40
CA VAL P 233 31.67 -8.61 16.37
C VAL P 233 33.10 -8.62 15.83
N TYR P 234 33.44 -7.68 14.95
CA TYR P 234 34.79 -7.63 14.41
C TYR P 234 35.83 -7.26 15.46
N ASP P 235 35.42 -6.64 16.56
CA ASP P 235 36.34 -6.34 17.64
C ASP P 235 36.61 -7.56 18.53
N GLN P 236 36.21 -8.75 18.11
CA GLN P 236 36.45 -9.97 18.85
C GLN P 236 37.25 -11.00 18.06
N VAL P 237 37.72 -10.65 16.87
CA VAL P 237 38.50 -11.57 16.03
C VAL P 237 39.88 -10.97 15.81
N GLU P 238 40.88 -11.85 15.74
CA GLU P 238 42.26 -11.45 15.52
C GLU P 238 42.62 -11.62 14.05
N PHE P 239 43.21 -10.58 13.47
CA PHE P 239 43.73 -10.66 12.12
C PHE P 239 44.73 -9.52 11.91
N ASP P 240 45.50 -9.64 10.86
CA ASP P 240 46.47 -8.62 10.49
C ASP P 240 46.01 -7.87 9.24
N VAL P 241 46.47 -6.65 9.11
CA VAL P 241 46.17 -5.78 7.97
C VAL P 241 47.38 -5.77 7.05
N PRO P 242 47.29 -6.31 5.84
CA PRO P 242 48.43 -6.23 4.91
C PRO P 242 48.63 -4.81 4.42
N ILE P 243 49.90 -4.38 4.41
CA ILE P 243 50.28 -3.02 4.03
C ILE P 243 51.33 -3.09 2.95
N GLY P 244 51.10 -2.36 1.85
CA GLY P 244 52.06 -2.26 0.78
C GLY P 244 53.10 -1.17 1.03
N SER P 245 54.06 -1.10 0.11
CA SER P 245 55.14 -0.13 0.19
C SER P 245 55.36 0.69 -1.07
N ARG P 246 54.90 0.23 -2.24
CA ARG P 246 55.17 0.91 -3.50
C ARG P 246 53.96 1.58 -4.10
N GLY P 247 52.75 1.19 -3.70
CA GLY P 247 51.56 1.78 -4.28
C GLY P 247 51.30 1.38 -5.71
N ASP P 248 51.81 0.23 -6.14
CA ASP P 248 51.68 -0.23 -7.51
C ASP P 248 50.78 -1.47 -7.56
N CYS P 249 50.66 -2.03 -8.76
CA CYS P 249 49.77 -3.18 -8.97
C CYS P 249 50.27 -4.42 -8.22
N TYR P 250 51.59 -4.63 -8.21
CA TYR P 250 52.13 -5.82 -7.58
C TYR P 250 51.88 -5.84 -6.08
N ASP P 251 52.08 -4.69 -5.42
CA ASP P 251 51.84 -4.63 -3.98
C ASP P 251 50.37 -4.81 -3.65
N ARG P 252 49.48 -4.28 -4.50
CA ARG P 252 48.05 -4.45 -4.28
C ARG P 252 47.62 -5.91 -4.44
N TYR P 253 48.20 -6.60 -5.43
CA TYR P 253 47.95 -8.03 -5.60
C TYR P 253 48.43 -8.83 -4.39
N LEU P 254 49.63 -8.51 -3.89
CA LEU P 254 50.14 -9.16 -2.69
C LEU P 254 49.22 -8.91 -1.51
N CYS P 255 48.75 -7.67 -1.37
CA CYS P 255 47.84 -7.33 -0.28
C CYS P 255 46.56 -8.14 -0.36
N ARG P 256 45.99 -8.30 -1.56
CA ARG P 256 44.76 -9.07 -1.70
C ARG P 256 44.97 -10.55 -1.35
N VAL P 257 46.11 -11.12 -1.76
CA VAL P 257 46.38 -12.51 -1.40
C VAL P 257 46.50 -12.67 0.12
N GLU P 258 47.22 -11.75 0.76
CA GLU P 258 47.34 -11.83 2.21
C GLU P 258 46.00 -11.58 2.91
N GLU P 259 45.14 -10.74 2.33
CA GLU P 259 43.81 -10.55 2.88
C GLU P 259 43.00 -11.83 2.81
N MET P 260 43.18 -12.61 1.74
CA MET P 260 42.55 -13.93 1.68
C MET P 260 43.02 -14.82 2.82
N ARG P 261 44.34 -14.84 3.08
CA ARG P 261 44.85 -15.66 4.19
C ARG P 261 44.28 -15.20 5.55
N GLN P 262 44.24 -13.88 5.76
CA GLN P 262 43.69 -13.37 7.02
C GLN P 262 42.19 -13.64 7.13
N SER P 263 41.48 -13.66 6.00
CA SER P 263 40.07 -14.05 6.02
C SER P 263 39.91 -15.50 6.44
N LEU P 264 40.81 -16.37 5.98
CA LEU P 264 40.80 -17.75 6.48
C LEU P 264 40.97 -17.80 7.98
N ARG P 265 41.90 -17.01 8.51
CA ARG P 265 42.11 -16.93 9.96
C ARG P 265 40.83 -16.50 10.69
N ILE P 266 40.19 -15.44 10.20
CA ILE P 266 38.97 -14.94 10.82
C ILE P 266 37.86 -15.98 10.75
N ILE P 267 37.76 -16.69 9.63
CA ILE P 267 36.73 -17.72 9.47
C ILE P 267 36.93 -18.83 10.48
N SER P 268 38.19 -19.22 10.71
CA SER P 268 38.47 -20.22 11.74
C SER P 268 37.98 -19.75 13.10
N GLN P 269 38.31 -18.50 13.46
CA GLN P 269 37.86 -17.98 14.75
C GLN P 269 36.33 -17.95 14.84
N CYS P 270 35.66 -17.55 13.76
CA CYS P 270 34.20 -17.50 13.75
C CYS P 270 33.60 -18.89 13.92
N LEU P 271 34.18 -19.90 13.26
CA LEU P 271 33.69 -21.25 13.39
C LEU P 271 33.85 -21.76 14.82
N ASN P 272 34.93 -21.42 15.48
CA ASN P 272 35.14 -21.94 16.83
C ASN P 272 34.38 -21.18 17.90
N LYS P 273 33.85 -20.00 17.61
CA LYS P 273 33.24 -19.14 18.62
C LYS P 273 31.74 -18.92 18.40
N MET P 274 31.11 -19.67 17.52
CA MET P 274 29.69 -19.46 17.24
C MET P 274 28.85 -19.78 18.47
N PRO P 275 28.07 -18.83 18.99
CA PRO P 275 27.32 -19.08 20.22
C PRO P 275 25.92 -19.58 19.90
N PRO P 276 25.20 -20.09 20.88
CA PRO P 276 23.80 -20.47 20.68
C PRO P 276 22.90 -19.24 20.79
N GLY P 277 21.63 -19.44 20.47
CA GLY P 277 20.61 -18.43 20.67
C GLY P 277 19.81 -18.18 19.41
N GLU P 278 18.96 -17.15 19.50
CA GLU P 278 18.11 -16.76 18.40
C GLU P 278 18.93 -16.04 17.32
N ILE P 279 18.37 -16.00 16.12
CA ILE P 279 19.08 -15.46 14.96
C ILE P 279 18.48 -14.19 14.39
N LYS P 280 17.38 -13.67 14.94
CA LYS P 280 16.92 -12.32 14.62
C LYS P 280 16.39 -11.67 15.88
N VAL P 281 16.25 -10.35 15.84
CA VAL P 281 15.91 -9.59 17.04
C VAL P 281 14.52 -9.99 17.52
N ASP P 282 14.41 -10.21 18.84
CA ASP P 282 13.16 -10.64 19.45
C ASP P 282 12.23 -9.44 19.67
N ASP P 283 11.80 -8.85 18.55
CA ASP P 283 10.97 -7.66 18.53
C ASP P 283 10.09 -7.78 17.29
N ALA P 284 8.86 -8.26 17.47
CA ALA P 284 7.99 -8.58 16.34
C ALA P 284 7.46 -7.35 15.61
N LYS P 285 7.67 -6.15 16.13
CA LYS P 285 7.37 -4.96 15.35
C LYS P 285 8.46 -4.65 14.32
N VAL P 286 9.59 -5.35 14.38
CA VAL P 286 10.68 -5.21 13.42
C VAL P 286 10.91 -6.50 12.66
N SER P 287 11.25 -7.58 13.36
CA SER P 287 11.50 -8.87 12.74
C SER P 287 10.26 -9.75 12.80
N PRO P 288 9.95 -10.46 11.72
CA PRO P 288 8.71 -11.24 11.69
C PRO P 288 8.76 -12.39 12.69
N PRO P 289 7.63 -12.76 13.27
CA PRO P 289 7.62 -13.91 14.18
C PRO P 289 7.81 -15.21 13.43
N LYS P 290 8.14 -16.25 14.19
CA LYS P 290 8.26 -17.58 13.60
C LYS P 290 6.93 -18.05 13.05
N ARG P 291 7.00 -18.91 12.04
CA ARG P 291 5.79 -19.33 11.33
C ARG P 291 4.82 -20.07 12.24
N ALA P 292 5.34 -20.87 13.18
CA ALA P 292 4.46 -21.54 14.14
C ALA P 292 3.74 -20.54 15.04
N GLU P 293 4.43 -19.49 15.49
CA GLU P 293 3.80 -18.45 16.28
C GLU P 293 2.75 -17.71 15.47
N MET P 294 3.06 -17.44 14.19
CA MET P 294 2.12 -16.72 13.33
C MET P 294 0.81 -17.47 13.18
N LYS P 295 0.85 -18.79 13.19
CA LYS P 295 -0.33 -19.61 12.99
C LYS P 295 -1.03 -20.00 14.29
N THR P 296 -0.58 -19.48 15.43
CA THR P 296 -1.15 -19.85 16.72
C THR P 296 -1.65 -18.65 17.52
N SER P 297 -0.91 -17.54 17.53
CA SER P 297 -1.21 -16.42 18.39
C SER P 297 -1.61 -15.18 17.59
N MET P 298 -2.59 -14.45 18.13
CA MET P 298 -3.20 -13.33 17.42
C MET P 298 -2.21 -12.20 17.14
N GLU P 299 -1.40 -11.84 18.14
CA GLU P 299 -0.43 -10.76 17.96
C GLU P 299 0.60 -11.12 16.89
N SER P 300 1.05 -12.37 16.88
CA SER P 300 2.02 -12.80 15.87
C SER P 300 1.43 -12.71 14.47
N LEU P 301 0.16 -13.12 14.30
CA LEU P 301 -0.48 -13.00 12.99
C LEU P 301 -0.61 -11.55 12.57
N ILE P 302 -1.03 -10.67 13.49
CA ILE P 302 -1.17 -9.26 13.16
C ILE P 302 0.17 -8.67 12.75
N HIS P 303 1.24 -8.99 13.49
CA HIS P 303 2.53 -8.42 13.18
C HIS P 303 3.11 -8.99 11.90
N HIS P 304 2.89 -10.27 11.62
CA HIS P 304 3.27 -10.83 10.32
C HIS P 304 2.56 -10.10 9.18
N PHE P 305 1.24 -9.95 9.30
CA PHE P 305 0.45 -9.27 8.29
C PHE P 305 0.98 -7.86 8.04
N LYS P 306 1.19 -7.09 9.10
CA LYS P 306 1.61 -5.71 8.95
C LYS P 306 3.05 -5.58 8.45
N LEU P 307 3.97 -6.41 8.95
CA LEU P 307 5.35 -6.35 8.48
C LEU P 307 5.48 -6.76 7.03
N TYR P 308 4.60 -7.64 6.54
CA TYR P 308 4.71 -8.06 5.15
C TYR P 308 3.84 -7.23 4.20
N THR P 309 2.92 -6.41 4.70
CA THR P 309 2.17 -5.50 3.84
C THR P 309 2.70 -4.08 3.90
N GLU P 310 2.67 -3.46 5.08
CA GLU P 310 3.13 -2.09 5.24
C GLU P 310 4.62 -2.01 5.51
N GLY P 311 5.16 -2.94 6.29
CA GLY P 311 6.52 -2.85 6.75
C GLY P 311 6.62 -1.99 7.99
N TYR P 312 7.74 -2.13 8.69
CA TYR P 312 7.97 -1.36 9.91
C TYR P 312 8.24 0.11 9.57
N GLN P 313 7.69 1.01 10.38
CA GLN P 313 8.07 2.41 10.31
C GLN P 313 9.45 2.59 10.92
N VAL P 314 10.25 3.45 10.31
CA VAL P 314 11.57 3.82 10.81
C VAL P 314 11.50 5.25 11.31
N PRO P 315 12.03 5.56 12.50
CA PRO P 315 11.99 6.93 12.99
C PRO P 315 12.72 7.86 12.05
N PRO P 316 12.26 9.11 11.93
CA PRO P 316 12.89 10.04 10.99
C PRO P 316 14.34 10.33 11.37
N GLY P 317 15.16 10.55 10.36
CA GLY P 317 16.57 10.83 10.58
C GLY P 317 17.40 10.35 9.41
N ALA P 318 18.68 10.73 9.44
CA ALA P 318 19.60 10.38 8.36
C ALA P 318 20.88 9.82 8.95
N THR P 319 21.40 8.77 8.33
CA THR P 319 22.67 8.19 8.76
C THR P 319 23.55 7.89 7.56
N TYR P 320 24.85 8.08 7.73
CA TYR P 320 25.85 7.56 6.80
C TYR P 320 26.55 6.40 7.48
N THR P 321 26.30 5.19 7.01
CA THR P 321 26.85 3.97 7.57
C THR P 321 27.78 3.33 6.55
N ALA P 322 29.01 3.04 6.95
CA ALA P 322 30.01 2.50 6.05
C ALA P 322 30.61 1.23 6.63
N ILE P 323 31.00 0.31 5.75
CA ILE P 323 31.70 -0.91 6.14
C ILE P 323 32.91 -1.08 5.25
N GLU P 324 33.80 -1.97 5.69
CA GLU P 324 34.98 -2.38 4.93
C GLU P 324 34.57 -3.55 4.03
N ALA P 325 33.91 -3.23 2.92
CA ALA P 325 33.57 -4.22 1.93
C ALA P 325 34.84 -4.70 1.21
N PRO P 326 34.78 -5.85 0.55
CA PRO P 326 35.99 -6.38 -0.10
C PRO P 326 36.61 -5.43 -1.12
N LYS P 327 35.85 -4.51 -1.69
CA LYS P 327 36.37 -3.56 -2.67
C LYS P 327 36.71 -2.20 -2.07
N GLY P 328 36.61 -2.04 -0.76
CA GLY P 328 36.90 -0.78 -0.11
C GLY P 328 35.75 -0.36 0.77
N GLU P 329 35.67 0.93 1.07
CA GLU P 329 34.60 1.45 1.91
C GLU P 329 33.30 1.46 1.12
N PHE P 330 32.29 0.74 1.60
CA PHE P 330 30.96 0.75 1.00
C PHE P 330 30.01 1.41 1.98
N GLY P 331 29.30 2.44 1.53
CA GLY P 331 28.52 3.25 2.43
C GLY P 331 27.10 3.46 1.93
N VAL P 332 26.23 3.79 2.87
CA VAL P 332 24.85 4.17 2.59
C VAL P 332 24.55 5.45 3.34
N TYR P 333 24.03 6.45 2.62
CA TYR P 333 23.41 7.62 3.24
C TYR P 333 21.91 7.42 3.14
N LEU P 334 21.29 7.08 4.27
CA LEU P 334 19.88 6.70 4.33
C LEU P 334 19.11 7.77 5.07
N VAL P 335 18.09 8.33 4.43
CA VAL P 335 17.22 9.35 4.99
C VAL P 335 15.82 8.77 5.12
N SER P 336 15.34 8.72 6.35
CA SER P 336 14.00 8.28 6.71
C SER P 336 13.15 9.49 7.07
N ASP P 337 11.95 9.56 6.48
CA ASP P 337 10.99 10.61 6.78
C ASP P 337 9.98 10.19 7.85
N GLY P 338 10.18 9.02 8.46
CA GLY P 338 9.29 8.52 9.50
C GLY P 338 8.33 7.45 9.04
N SER P 339 8.18 7.24 7.73
CA SER P 339 7.23 6.28 7.20
C SER P 339 7.90 4.91 7.04
N SER P 340 7.20 3.99 6.35
CA SER P 340 7.73 2.65 6.18
C SER P 340 8.52 2.52 4.89
N ARG P 341 8.69 3.61 4.16
CA ARG P 341 9.52 3.58 2.97
C ARG P 341 10.63 4.61 3.10
N PRO P 342 11.85 4.28 2.70
CA PRO P 342 12.96 5.25 2.80
C PRO P 342 12.74 6.47 1.93
N TYR P 343 13.00 7.65 2.49
CA TYR P 343 12.88 8.86 1.71
C TYR P 343 14.00 8.99 0.69
N ARG P 344 15.24 8.74 1.11
CA ARG P 344 16.36 8.84 0.18
C ARG P 344 17.41 7.80 0.55
N CYS P 345 18.04 7.21 -0.46
CA CYS P 345 19.08 6.21 -0.22
C CYS P 345 20.20 6.44 -1.24
N LYS P 346 21.23 7.19 -0.84
CA LYS P 346 22.40 7.36 -1.66
C LYS P 346 23.39 6.24 -1.35
N ILE P 347 23.90 5.60 -2.37
CA ILE P 347 24.84 4.48 -2.21
C ILE P 347 26.22 4.95 -2.61
N LYS P 348 27.18 4.83 -1.69
CA LYS P 348 28.58 5.16 -1.93
C LYS P 348 29.33 3.88 -2.23
N ALA P 349 29.87 3.79 -3.45
CA ALA P 349 30.61 2.64 -3.92
C ALA P 349 32.08 3.01 -4.08
N PRO P 350 33.01 2.20 -3.56
CA PRO P 350 34.44 2.54 -3.71
C PRO P 350 34.89 2.59 -5.16
N GLY P 351 34.31 1.74 -6.01
CA GLY P 351 34.70 1.71 -7.40
C GLY P 351 34.44 3.00 -8.14
N PHE P 352 33.45 3.77 -7.68
CA PHE P 352 33.17 5.08 -8.29
C PHE P 352 34.40 5.98 -8.25
N ALA P 353 34.91 6.24 -7.04
CA ALA P 353 36.10 7.07 -6.89
C ALA P 353 37.32 6.40 -7.51
N HIS P 354 37.44 5.08 -7.36
CA HIS P 354 38.60 4.38 -7.90
C HIS P 354 38.68 4.54 -9.41
N LEU P 355 37.54 4.40 -10.11
CA LEU P 355 37.52 4.58 -11.56
C LEU P 355 37.68 6.04 -11.94
N ALA P 356 37.18 6.97 -11.12
CA ALA P 356 37.47 8.38 -11.35
C ALA P 356 38.96 8.68 -11.26
N GLY P 357 39.71 7.87 -10.53
CA GLY P 357 41.16 8.05 -10.47
C GLY P 357 41.96 7.36 -11.57
N LEU P 358 41.27 6.71 -12.51
CA LEU P 358 41.96 5.89 -13.51
C LEU P 358 42.82 6.74 -14.45
N ASP P 359 42.32 7.89 -14.89
CA ASP P 359 43.11 8.73 -15.78
C ASP P 359 44.38 9.24 -15.11
N LYS P 360 44.28 9.61 -13.83
CA LYS P 360 45.46 9.99 -13.07
C LYS P 360 46.44 8.82 -12.96
N MET P 361 45.92 7.62 -12.68
CA MET P 361 46.78 6.46 -12.49
C MET P 361 47.44 5.96 -13.77
N SER P 362 46.86 6.26 -14.93
CA SER P 362 47.36 5.74 -16.20
C SER P 362 48.39 6.65 -16.86
N LYS P 363 48.73 7.78 -16.25
CA LYS P 363 49.65 8.73 -16.87
C LYS P 363 51.01 8.08 -17.11
N GLY P 364 51.51 8.21 -18.33
CA GLY P 364 52.82 7.68 -18.69
C GLY P 364 52.87 6.19 -18.98
N HIS P 365 51.72 5.55 -19.21
CA HIS P 365 51.68 4.11 -19.41
C HIS P 365 51.16 3.77 -20.80
N MET P 366 51.14 2.47 -21.09
CA MET P 366 50.71 1.94 -22.38
C MET P 366 49.31 1.36 -22.29
N LEU P 367 48.87 0.71 -23.36
CA LEU P 367 47.55 0.06 -23.38
C LEU P 367 47.48 -1.12 -22.41
N ALA P 368 48.46 -2.01 -22.49
CA ALA P 368 48.47 -3.17 -21.59
C ALA P 368 48.56 -2.76 -20.14
N ASP P 369 49.33 -1.70 -19.86
CA ASP P 369 49.39 -1.17 -18.50
C ASP P 369 48.04 -0.68 -18.04
N VAL P 370 47.27 -0.03 -18.93
CA VAL P 370 45.93 0.41 -18.57
C VAL P 370 45.02 -0.78 -18.29
N VAL P 371 45.17 -1.87 -19.06
CA VAL P 371 44.41 -3.09 -18.77
C VAL P 371 44.73 -3.59 -17.37
N ALA P 372 46.02 -3.62 -17.03
CA ALA P 372 46.43 -4.04 -15.70
C ALA P 372 45.89 -3.12 -14.61
N ILE P 373 45.88 -1.82 -14.85
CA ILE P 373 45.40 -0.87 -13.83
C ILE P 373 43.89 -1.02 -13.62
N ILE P 374 43.14 -1.25 -14.71
CA ILE P 374 41.72 -1.54 -14.57
C ILE P 374 41.52 -2.78 -13.72
N GLY P 375 42.32 -3.82 -13.98
CA GLY P 375 42.23 -5.02 -13.15
C GLY P 375 42.59 -4.77 -11.70
N THR P 376 43.57 -3.89 -11.45
CA THR P 376 44.04 -3.65 -10.10
C THR P 376 43.10 -2.76 -9.30
N GLN P 377 42.23 -1.99 -9.95
CA GLN P 377 41.27 -1.18 -9.21
C GLN P 377 40.10 -1.98 -8.67
N ASP P 378 39.86 -3.20 -9.18
CA ASP P 378 38.79 -4.09 -8.72
C ASP P 378 37.43 -3.42 -8.84
N ILE P 379 37.05 -3.18 -10.09
CA ILE P 379 35.84 -2.44 -10.44
C ILE P 379 34.74 -3.42 -10.80
N VAL P 380 33.58 -3.26 -10.18
CA VAL P 380 32.33 -3.87 -10.64
C VAL P 380 31.35 -2.75 -10.91
N PHE P 381 30.71 -2.79 -12.08
CA PHE P 381 29.94 -1.64 -12.51
C PHE P 381 28.51 -1.64 -12.01
N GLY P 382 28.04 -2.73 -11.40
CA GLY P 382 26.76 -2.69 -10.72
C GLY P 382 26.75 -1.65 -9.60
N GLU P 383 27.84 -1.57 -8.84
CA GLU P 383 27.94 -0.56 -7.80
C GLU P 383 28.38 0.80 -8.35
N VAL P 384 29.15 0.83 -9.43
CA VAL P 384 29.57 2.10 -10.01
C VAL P 384 28.37 2.85 -10.58
N ASP P 385 27.49 2.15 -11.31
CA ASP P 385 26.37 2.80 -11.97
C ASP P 385 25.11 2.82 -11.11
N ARG P 386 24.88 1.78 -10.31
CA ARG P 386 23.72 1.68 -9.44
C ARG P 386 22.40 1.86 -10.20
N GLY Q 1 -14.03 -31.02 -12.30
CA GLY Q 1 -15.32 -30.67 -12.89
C GLY Q 1 -15.21 -29.87 -14.17
N VAL Q 2 -14.38 -30.34 -15.10
CA VAL Q 2 -14.18 -29.63 -16.36
C VAL Q 2 -15.46 -29.67 -17.19
N ARG Q 3 -15.55 -28.75 -18.14
CA ARG Q 3 -16.74 -28.58 -18.95
C ARG Q 3 -16.38 -27.82 -20.22
N THR Q 4 -17.04 -28.15 -21.32
CA THR Q 4 -16.73 -27.60 -22.62
C THR Q 4 -17.76 -26.55 -23.05
N SER Q 5 -17.29 -25.59 -23.84
CA SER Q 5 -18.11 -24.50 -24.34
C SER Q 5 -18.71 -24.87 -25.68
N PRO Q 6 -19.67 -24.08 -26.19
CA PRO Q 6 -20.20 -24.33 -27.53
C PRO Q 6 -19.15 -24.28 -28.63
N THR Q 7 -18.02 -23.61 -28.40
CA THR Q 7 -16.93 -23.55 -29.38
C THR Q 7 -16.00 -24.76 -29.28
N GLY Q 8 -16.17 -25.61 -28.28
CA GLY Q 8 -15.23 -26.70 -28.03
C GLY Q 8 -14.09 -26.34 -27.11
N GLU Q 9 -14.00 -25.08 -26.69
CA GLU Q 9 -12.97 -24.66 -25.74
C GLU Q 9 -13.33 -25.11 -24.33
N LYS Q 10 -12.38 -25.70 -23.64
CA LYS Q 10 -12.61 -26.11 -22.26
C LYS Q 10 -12.80 -24.88 -21.37
N VAL Q 11 -13.76 -24.97 -20.45
CA VAL Q 11 -14.01 -23.90 -19.49
C VAL Q 11 -13.20 -24.17 -18.23
N THR Q 12 -12.47 -23.15 -17.78
CA THR Q 12 -11.66 -23.30 -16.58
C THR Q 12 -12.51 -23.20 -15.32
N HIS Q 13 -11.87 -23.40 -14.18
CA HIS Q 13 -12.61 -23.32 -12.91
C HIS Q 13 -13.02 -21.90 -12.56
N THR Q 14 -12.45 -20.92 -13.25
CA THR Q 14 -12.80 -19.53 -13.03
C THR Q 14 -14.00 -19.13 -13.90
N GLY Q 15 -14.47 -20.08 -14.72
CA GLY Q 15 -15.60 -19.85 -15.59
C GLY Q 15 -15.26 -18.97 -16.78
N GLN Q 16 -13.98 -18.91 -17.14
CA GLN Q 16 -13.54 -18.07 -18.25
C GLN Q 16 -13.35 -18.84 -19.54
N ALA Q 17 -14.11 -18.45 -20.56
CA ALA Q 17 -14.02 -19.06 -21.88
C ALA Q 17 -14.18 -17.96 -22.92
N TYR Q 18 -13.42 -18.03 -24.01
CA TYR Q 18 -13.55 -17.03 -25.05
C TYR Q 18 -14.86 -17.20 -25.80
N ASP Q 19 -15.50 -16.09 -26.13
CA ASP Q 19 -16.76 -16.13 -26.86
C ASP Q 19 -16.56 -16.69 -28.27
N ASP Q 20 -17.68 -16.96 -28.95
CA ASP Q 20 -17.63 -17.47 -30.30
C ASP Q 20 -17.05 -16.46 -31.28
N GLY Q 21 -17.23 -15.17 -31.02
CA GLY Q 21 -16.74 -14.14 -31.92
C GLY Q 21 -15.48 -13.45 -31.46
N ASP Q 22 -14.76 -14.05 -30.51
CA ASP Q 22 -13.58 -13.41 -29.92
C ASP Q 22 -12.35 -13.79 -30.73
N TYR Q 23 -11.63 -12.77 -31.22
CA TYR Q 23 -10.43 -13.01 -32.02
C TYR Q 23 -9.32 -13.66 -31.21
N ARG Q 24 -9.27 -13.43 -29.90
CA ARG Q 24 -8.15 -13.89 -29.07
C ARG Q 24 -8.00 -15.40 -29.08
N ARG Q 25 -9.04 -16.14 -29.46
CA ARG Q 25 -8.94 -17.59 -29.58
C ARG Q 25 -7.84 -18.00 -30.55
N VAL Q 26 -7.48 -17.13 -31.48
CA VAL Q 26 -6.40 -17.42 -32.42
C VAL Q 26 -5.10 -17.76 -31.70
N ARG Q 27 -4.94 -17.34 -30.45
CA ARG Q 27 -3.71 -17.65 -29.73
C ARG Q 27 -3.57 -19.14 -29.43
N PHE Q 28 -4.66 -19.90 -29.50
CA PHE Q 28 -4.60 -21.33 -29.22
C PHE Q 28 -4.46 -22.18 -30.48
N SER Q 29 -4.43 -21.57 -31.66
CA SER Q 29 -4.28 -22.34 -32.89
C SER Q 29 -2.87 -22.94 -32.99
N ASP Q 30 -2.81 -24.20 -33.41
CA ASP Q 30 -1.57 -24.96 -33.51
C ASP Q 30 -0.95 -25.19 -32.13
N ARG Q 31 -1.66 -24.82 -31.08
CA ARG Q 31 -1.19 -24.96 -29.70
C ARG Q 31 -2.38 -25.40 -28.86
N GLN Q 32 -2.28 -25.28 -27.54
CA GLN Q 32 -3.32 -25.74 -26.64
C GLN Q 32 -3.61 -24.69 -25.58
N LYS Q 33 -4.71 -24.88 -24.87
CA LYS Q 33 -5.12 -24.01 -23.78
C LYS Q 33 -4.87 -24.75 -22.46
N GLU Q 34 -3.94 -24.22 -21.66
CA GLU Q 34 -3.60 -24.83 -20.39
C GLU Q 34 -4.79 -24.73 -19.43
N VAL Q 35 -5.28 -25.89 -18.95
CA VAL Q 35 -6.40 -25.96 -18.04
C VAL Q 35 -6.10 -26.97 -16.95
N ASN Q 36 -6.31 -26.58 -15.70
CA ASN Q 36 -6.14 -27.49 -14.56
C ASN Q 36 -7.41 -28.29 -14.36
N GLU Q 37 -7.29 -29.61 -14.29
CA GLU Q 37 -8.43 -30.51 -14.25
C GLU Q 37 -8.93 -30.83 -12.85
N ASN Q 38 -8.18 -30.47 -11.80
CA ASN Q 38 -8.57 -30.80 -10.43
C ASN Q 38 -9.26 -29.59 -9.82
N PHE Q 39 -10.57 -29.50 -10.02
CA PHE Q 39 -11.35 -28.38 -9.53
C PHE Q 39 -11.47 -28.45 -8.01
N ALA Q 40 -10.97 -27.42 -7.32
CA ALA Q 40 -10.93 -27.44 -5.87
C ALA Q 40 -12.32 -27.47 -5.24
N ILE Q 41 -13.29 -26.77 -5.84
CA ILE Q 41 -14.62 -26.69 -5.23
C ILE Q 41 -15.29 -28.07 -5.21
N ASP Q 42 -15.17 -28.82 -6.30
CA ASP Q 42 -15.72 -30.17 -6.32
C ASP Q 42 -14.97 -31.09 -5.36
N LEU Q 43 -13.65 -30.95 -5.28
CA LEU Q 43 -12.86 -31.80 -4.39
C LEU Q 43 -13.24 -31.56 -2.93
N ILE Q 44 -13.43 -30.31 -2.52
CA ILE Q 44 -13.84 -30.05 -1.15
C ILE Q 44 -15.31 -30.45 -0.95
N ALA Q 45 -16.11 -30.48 -2.02
CA ALA Q 45 -17.47 -30.96 -1.89
C ALA Q 45 -17.53 -32.45 -1.54
N GLU Q 46 -16.52 -33.23 -1.88
CA GLU Q 46 -16.52 -34.66 -1.57
C GLU Q 46 -16.11 -34.98 -0.15
N GLN Q 47 -15.62 -34.01 0.61
CA GLN Q 47 -15.23 -34.31 1.98
C GLN Q 47 -16.47 -34.46 2.86
N PRO Q 48 -16.47 -35.45 3.76
CA PRO Q 48 -17.63 -35.65 4.64
C PRO Q 48 -17.62 -34.70 5.83
N VAL Q 49 -18.82 -34.41 6.33
CA VAL Q 49 -18.98 -33.54 7.48
C VAL Q 49 -18.63 -34.32 8.75
N SER Q 50 -17.74 -33.76 9.56
CA SER Q 50 -17.29 -34.41 10.78
C SER Q 50 -18.28 -34.16 11.91
N GLU Q 51 -18.70 -35.23 12.56
CA GLU Q 51 -19.54 -35.15 13.75
C GLU Q 51 -18.66 -35.03 14.99
N VAL Q 52 -18.83 -33.93 15.73
CA VAL Q 52 -18.08 -33.72 16.97
C VAL Q 52 -19.07 -33.34 18.07
N GLY Q 53 -18.71 -33.68 19.30
CA GLY Q 53 -19.61 -33.50 20.43
C GLY Q 53 -19.31 -32.27 21.27
N SER Q 54 -19.00 -31.15 20.63
CA SER Q 54 -18.76 -29.90 21.34
C SER Q 54 -19.38 -28.76 20.55
N ARG Q 55 -19.66 -27.67 21.27
CA ARG Q 55 -20.24 -26.49 20.63
C ARG Q 55 -19.21 -25.70 19.83
N VAL Q 56 -17.93 -25.85 20.14
CA VAL Q 56 -16.86 -25.11 19.46
C VAL Q 56 -15.79 -26.12 19.07
N ILE Q 57 -15.43 -26.11 17.79
CA ILE Q 57 -14.40 -27.00 17.27
C ILE Q 57 -13.22 -26.16 16.82
N SER Q 58 -12.03 -26.76 16.80
CA SER Q 58 -10.82 -26.10 16.37
C SER Q 58 -10.31 -26.73 15.08
N CYS Q 59 -9.90 -25.90 14.13
CA CYS Q 59 -9.33 -26.37 12.88
C CYS Q 59 -8.07 -25.61 12.55
N ASP Q 60 -7.02 -26.33 12.18
CA ASP Q 60 -5.78 -25.73 11.68
C ASP Q 60 -5.39 -26.27 10.32
N GLY Q 61 -6.25 -27.06 9.67
CA GLY Q 61 -5.99 -27.59 8.36
C GLY Q 61 -5.16 -28.85 8.31
N GLY Q 62 -4.88 -29.47 9.45
CA GLY Q 62 -4.06 -30.67 9.48
C GLY Q 62 -2.58 -30.38 9.37
N GLY Q 63 -1.75 -31.27 9.90
CA GLY Q 63 -0.32 -31.11 9.82
C GLY Q 63 0.29 -30.14 10.80
N GLY Q 64 -0.47 -29.65 11.77
CA GLY Q 64 0.08 -28.73 12.76
C GLY Q 64 0.48 -27.42 12.11
N ALA Q 65 1.75 -27.06 12.28
CA ALA Q 65 2.30 -25.82 11.74
C ALA Q 65 2.42 -25.83 10.23
N LEU Q 66 2.20 -26.96 9.58
CA LEU Q 66 2.21 -27.05 8.12
C LEU Q 66 0.86 -26.69 7.49
N GLY Q 67 -0.15 -26.38 8.31
CA GLY Q 67 -1.48 -26.05 7.84
C GLY Q 67 -1.71 -24.56 7.77
N HIS Q 68 -2.88 -24.13 8.25
CA HIS Q 68 -3.27 -22.73 8.29
C HIS Q 68 -3.43 -22.26 9.73
N PRO Q 69 -3.55 -20.95 9.96
CA PRO Q 69 -3.74 -20.47 11.33
C PRO Q 69 -4.95 -21.11 11.99
N ARG Q 70 -4.79 -21.49 13.26
CA ARG Q 70 -5.81 -22.25 13.97
C ARG Q 70 -6.99 -21.34 14.30
N VAL Q 71 -8.18 -21.75 13.88
CA VAL Q 71 -9.39 -20.98 14.11
C VAL Q 71 -10.40 -21.85 14.85
N TYR Q 72 -11.34 -21.19 15.50
CA TYR Q 72 -12.39 -21.85 16.25
C TYR Q 72 -13.74 -21.59 15.58
N ILE Q 73 -14.55 -22.63 15.48
CA ILE Q 73 -15.77 -22.63 14.69
C ILE Q 73 -16.93 -22.99 15.61
N ASN Q 74 -17.95 -22.15 15.61
CA ASN Q 74 -19.15 -22.37 16.42
C ASN Q 74 -20.11 -23.29 15.69
N LEU Q 75 -20.73 -24.21 16.44
CA LEU Q 75 -21.61 -25.22 15.86
C LEU Q 75 -22.99 -25.20 16.48
N ASP Q 76 -23.41 -24.03 16.99
CA ASP Q 76 -24.72 -23.93 17.63
C ASP Q 76 -25.87 -24.12 16.66
N LYS Q 77 -25.73 -23.61 15.43
CA LYS Q 77 -26.81 -23.70 14.46
C LYS Q 77 -26.98 -25.14 13.99
N GLU Q 78 -28.21 -25.66 14.11
CA GLU Q 78 -28.52 -26.99 13.62
C GLU Q 78 -28.99 -26.99 12.17
N THR Q 79 -29.26 -25.81 11.59
CA THR Q 79 -29.71 -25.71 10.22
C THR Q 79 -28.58 -25.80 9.20
N LYS Q 80 -27.34 -25.64 9.64
CA LYS Q 80 -26.20 -25.65 8.73
C LYS Q 80 -25.00 -26.20 9.47
N THR Q 81 -23.96 -26.53 8.71
CA THR Q 81 -22.71 -27.03 9.27
C THR Q 81 -21.75 -25.87 9.50
N GLY Q 82 -20.72 -26.13 10.29
CA GLY Q 82 -19.65 -25.18 10.51
C GLY Q 82 -18.54 -25.40 9.50
N THR Q 83 -18.24 -24.35 8.74
CA THR Q 83 -17.24 -24.40 7.67
C THR Q 83 -16.01 -23.61 8.07
N CYS Q 84 -14.84 -24.17 7.75
CA CYS Q 84 -13.58 -23.48 8.01
C CYS Q 84 -13.31 -22.47 6.90
N GLY Q 85 -13.06 -21.22 7.29
CA GLY Q 85 -12.81 -20.16 6.33
C GLY Q 85 -11.48 -20.26 5.62
N TYR Q 86 -10.60 -21.17 6.05
CA TYR Q 86 -9.33 -21.42 5.36
C TYR Q 86 -9.38 -22.68 4.51
N CYS Q 87 -9.85 -23.79 5.08
CA CYS Q 87 -9.72 -25.12 4.51
C CYS Q 87 -10.97 -25.58 3.77
N GLY Q 88 -12.15 -25.16 4.22
CA GLY Q 88 -13.39 -25.66 3.67
C GLY Q 88 -13.94 -26.90 4.33
N LEU Q 89 -13.25 -27.45 5.33
CA LEU Q 89 -13.76 -28.61 6.03
C LEU Q 89 -14.98 -28.25 6.87
N GLN Q 90 -15.92 -29.18 6.94
CA GLN Q 90 -17.21 -28.95 7.57
C GLN Q 90 -17.34 -29.77 8.85
N PHE Q 91 -18.02 -29.21 9.84
CA PHE Q 91 -18.21 -29.82 11.14
C PHE Q 91 -19.65 -29.62 11.60
N ARG Q 92 -20.13 -30.54 12.43
CA ARG Q 92 -21.45 -30.39 13.01
C ARG Q 92 -21.53 -31.23 14.28
N GLN Q 93 -22.45 -30.84 15.14
CA GLN Q 93 -22.87 -31.61 16.30
C GLN Q 93 -23.87 -32.67 15.89
N PRO Q 94 -23.82 -33.86 16.50
CA PRO Q 94 -24.76 -34.92 16.11
C PRO Q 94 -26.21 -34.49 16.36
N HIS Q 95 -27.06 -34.74 15.39
CA HIS Q 95 -28.48 -34.40 15.48
C HIS Q 95 -29.28 -35.63 15.10
N HIS Q 96 -30.59 -35.45 14.94
CA HIS Q 96 -31.51 -36.53 14.59
C HIS Q 96 -31.48 -37.64 15.63
N ALA R 1 9.75 -31.99 24.30
CA ALA R 1 10.50 -31.87 25.56
C ALA R 1 11.96 -32.26 25.35
N SER R 2 12.42 -32.21 24.11
CA SER R 2 13.80 -32.54 23.80
C SER R 2 14.70 -31.34 24.06
N LYS R 3 16.01 -31.58 23.99
CA LYS R 3 16.98 -30.52 24.19
C LYS R 3 16.99 -29.58 22.98
N VAL R 4 17.45 -28.35 23.20
CA VAL R 4 17.67 -27.42 22.10
C VAL R 4 18.74 -27.98 21.19
N LYS R 5 18.45 -28.02 19.88
CA LYS R 5 19.37 -28.57 18.90
C LYS R 5 19.66 -27.51 17.85
N GLN R 6 20.93 -27.17 17.70
CA GLN R 6 21.35 -26.09 16.82
C GLN R 6 22.69 -26.48 16.19
N ASP R 7 22.99 -25.87 15.05
CA ASP R 7 24.28 -26.08 14.41
C ASP R 7 25.35 -25.39 15.24
N MET R 8 26.21 -26.19 15.85
CA MET R 8 27.26 -25.66 16.71
C MET R 8 28.56 -26.41 16.52
N PRO R 9 29.67 -25.79 16.91
CA PRO R 9 30.99 -26.42 16.83
C PRO R 9 31.07 -27.57 17.82
N PRO R 10 31.83 -28.62 17.49
CA PRO R 10 32.00 -29.79 18.36
C PRO R 10 32.75 -29.43 19.63
N PRO R 11 32.51 -30.16 20.73
CA PRO R 11 33.18 -29.84 21.99
C PRO R 11 34.70 -29.88 21.82
N GLY R 12 35.35 -28.85 22.37
CA GLY R 12 36.79 -28.69 22.26
C GLY R 12 37.19 -27.89 21.03
N GLY R 13 36.21 -27.51 20.22
CA GLY R 13 36.44 -26.72 19.02
C GLY R 13 36.88 -27.54 17.82
N TYR R 14 37.04 -26.85 16.69
CA TYR R 14 37.48 -27.48 15.46
C TYR R 14 39.00 -27.62 15.42
N GLY R 15 39.49 -28.47 14.51
CA GLY R 15 40.91 -28.68 14.33
C GLY R 15 41.57 -27.44 13.74
N PRO R 16 42.86 -27.24 14.01
CA PRO R 16 43.57 -26.05 13.53
C PRO R 16 43.58 -25.94 12.01
N ILE R 17 43.43 -24.71 11.52
CA ILE R 17 43.39 -24.42 10.09
C ILE R 17 44.61 -23.62 9.66
N ASP R 18 45.26 -24.07 8.60
CA ASP R 18 46.44 -23.40 8.07
C ASP R 18 46.01 -22.23 7.19
N TYR R 19 46.74 -21.12 7.32
CA TYR R 19 46.54 -19.98 6.43
C TYR R 19 47.82 -19.36 5.91
N LYS R 20 48.96 -19.56 6.56
CA LYS R 20 50.18 -18.85 6.19
C LYS R 20 50.75 -19.35 4.86
N ARG R 21 51.58 -18.50 4.26
CA ARG R 21 52.28 -18.85 3.04
C ARG R 21 53.12 -20.09 3.22
N ASN R 22 53.15 -20.94 2.19
CA ASN R 22 53.96 -22.16 2.18
C ASN R 22 54.51 -22.33 0.76
N LEU R 23 55.71 -21.81 0.54
CA LEU R 23 56.42 -21.92 -0.75
C LEU R 23 57.80 -22.49 -0.48
N PRO R 24 57.96 -23.81 -0.55
CA PRO R 24 59.25 -24.42 -0.19
C PRO R 24 60.37 -24.02 -1.14
N ARG R 25 61.60 -24.06 -0.61
CA ARG R 25 62.77 -23.62 -1.37
C ARG R 25 63.00 -24.50 -2.60
N ARG R 26 63.26 -25.79 -2.37
CA ARG R 26 63.16 -26.83 -3.40
C ARG R 26 64.01 -26.50 -4.63
N GLY R 27 65.33 -26.51 -4.43
CA GLY R 27 66.24 -26.28 -5.53
C GLY R 27 67.67 -26.57 -5.15
N LEU R 28 68.51 -26.70 -6.17
CA LEU R 28 69.94 -26.90 -5.98
C LEU R 28 70.64 -25.56 -5.76
N SER R 29 71.97 -25.61 -5.72
CA SER R 29 72.77 -24.42 -5.49
C SER R 29 72.71 -23.46 -6.68
#